data_6BB2
#
_entry.id   6BB2
#
_cell.length_a   65.183
_cell.length_b   158.561
_cell.length_c   264.978
_cell.angle_alpha   90.00
_cell.angle_beta   90.00
_cell.angle_gamma   90.00
#
_symmetry.space_group_name_H-M   'P 21 21 21'
#
loop_
_entity.id
_entity.type
_entity.pdbx_description
1 polymer 'L-lactate dehydrogenase A chain'
2 non-polymer NICOTINAMIDE-ADENINE-DINUCLEOTIDE
3 non-polymer 'SULFATE ION'
4 non-polymer 'LACTIC ACID'
5 non-polymer "(2S)-5-[(2-chlorophenyl)sulfanyl]-6'-(4-fluorophenoxy)-4-hydroxy-2-(thiophen-3-yl)-2,3-dihydro[2,2'-bipyridin]-6(1H)-one"
6 water water
#
_entity_poly.entity_id   1
_entity_poly.type   'polypeptide(L)'
_entity_poly.pdbx_seq_one_letter_code
;ATLKDQLIYNLLKEEQTPQNKITVVGVGAVGMACAISILMKDLADELALVDVIEDKLKGEMMDLQHGSLFLRTPKIVSGK
DYNVTANSKLVIITAGARQQEGESRLNLVQRNVNIFKFIIPNVVKYSPNCKLLIVSNPVDILTYVAWKISGFPKNRVIGS
GCNLDSARFRYLMGERLGVHPLSCHGWVLGEHGDSSVPVWSGMNVAGVSLKTLHPDLGTDKDKEQWKEVHKQVVESAYEV
IKLKGYTSWAIGLSVADLAESIMKNLRRVHPVSTMIKGLYGIKDDVFLSVPCILGQNGISDLVKVTLTSEEEARLKKSAD
TLWGIQKELQF
;
_entity_poly.pdbx_strand_id   A,B,C,D,E,F,G,H
#
loop_
_chem_comp.id
_chem_comp.type
_chem_comp.name
_chem_comp.formula
D4J non-polymer (2S)-5-[(2-chlorophenyl)sulfanyl]-6'-(4-fluorophenoxy)-4-hydroxy-2-(thiophen-3-yl)-2,3-dihydro[2,2'-bipyridin]-6(1H)-one 'C26 H18 Cl F N2 O3 S2'
LAC non-polymer 'LACTIC ACID' 'C3 H6 O3'
NAD non-polymer NICOTINAMIDE-ADENINE-DINUCLEOTIDE 'C21 H27 N7 O14 P2'
SO4 non-polymer 'SULFATE ION' 'O4 S -2'
#
# COMPACT_ATOMS: atom_id res chain seq x y z
N ALA A 1 -8.77 22.11 1.80
CA ALA A 1 -10.07 21.86 1.16
C ALA A 1 -10.50 20.39 1.30
N THR A 2 -11.08 20.04 2.46
CA THR A 2 -11.54 18.67 2.69
C THR A 2 -12.98 18.48 2.24
N LEU A 3 -13.36 17.21 1.98
CA LEU A 3 -14.72 16.85 1.61
C LEU A 3 -15.67 17.30 2.72
N LYS A 4 -15.31 17.06 4.00
CA LYS A 4 -16.06 17.47 5.19
C LYS A 4 -16.33 18.98 5.19
N ASP A 5 -15.30 19.81 4.88
CA ASP A 5 -15.41 21.28 4.82
C ASP A 5 -16.31 21.73 3.68
N GLN A 6 -16.22 21.06 2.53
CA GLN A 6 -17.03 21.32 1.33
C GLN A 6 -18.50 20.93 1.53
N LEU A 7 -18.76 19.90 2.36
CA LEU A 7 -20.09 19.36 2.59
C LEU A 7 -20.81 20.01 3.77
N ILE A 8 -20.06 20.20 4.88
CA ILE A 8 -20.60 20.69 6.14
C ILE A 8 -20.05 22.06 6.54
N TYR A 9 -20.98 22.96 6.94
CA TYR A 9 -20.67 24.27 7.47
C TYR A 9 -20.90 24.22 8.97
N ASN A 10 -19.83 24.40 9.75
CA ASN A 10 -19.88 24.37 11.21
C ASN A 10 -20.34 25.70 11.82
N LEU A 11 -21.31 25.61 12.75
CA LEU A 11 -21.89 26.74 13.49
C LEU A 11 -21.27 26.83 14.87
N LEU A 12 -20.96 25.67 15.51
CA LEU A 12 -20.43 25.63 16.88
C LEU A 12 -19.22 24.75 17.08
N LYS A 13 -18.36 25.15 18.04
CA LYS A 13 -17.22 24.35 18.47
C LYS A 13 -17.78 23.16 19.27
N GLU A 14 -17.09 22.00 19.26
CA GLU A 14 -17.48 20.77 19.96
C GLU A 14 -17.62 20.97 21.50
N GLU A 15 -18.88 21.13 21.97
CA GLU A 15 -19.23 21.34 23.38
C GLU A 15 -19.66 20.01 24.04
N GLN A 16 -18.67 19.11 24.21
CA GLN A 16 -18.86 17.78 24.76
C GLN A 16 -19.05 17.76 26.29
N THR A 17 -20.23 17.28 26.72
CA THR A 17 -20.67 17.09 28.11
C THR A 17 -21.84 16.12 28.01
N PRO A 18 -21.67 14.81 28.28
CA PRO A 18 -22.82 13.92 28.15
C PRO A 18 -23.82 14.07 29.30
N GLN A 19 -25.07 14.14 28.94
CA GLN A 19 -26.15 14.31 29.89
C GLN A 19 -26.68 13.01 30.49
N ASN A 20 -26.54 11.87 29.78
CA ASN A 20 -27.09 10.60 30.25
C ASN A 20 -26.10 9.47 30.06
N LYS A 21 -24.91 9.66 30.59
CA LYS A 21 -23.81 8.73 30.47
C LYS A 21 -23.92 7.56 31.44
N ILE A 22 -23.67 6.35 30.92
CA ILE A 22 -23.66 5.11 31.68
C ILE A 22 -22.29 4.44 31.47
N THR A 23 -21.71 3.90 32.54
CA THR A 23 -20.47 3.14 32.49
C THR A 23 -20.69 1.70 32.94
N VAL A 24 -20.10 0.77 32.22
CA VAL A 24 -20.10 -0.64 32.61
C VAL A 24 -18.63 -1.02 32.87
N VAL A 25 -18.33 -1.48 34.11
CA VAL A 25 -16.98 -1.93 34.51
C VAL A 25 -16.99 -3.47 34.48
N GLY A 26 -16.11 -4.04 33.66
CA GLY A 26 -16.04 -5.49 33.45
C GLY A 26 -16.82 -5.82 32.20
N VAL A 27 -16.13 -6.29 31.13
CA VAL A 27 -16.75 -6.59 29.85
C VAL A 27 -16.83 -8.11 29.58
N GLY A 28 -17.11 -8.88 30.62
CA GLY A 28 -17.30 -10.31 30.50
C GLY A 28 -18.71 -10.60 30.01
N ALA A 29 -19.22 -11.81 30.27
CA ALA A 29 -20.56 -12.22 29.88
C ALA A 29 -21.64 -11.33 30.47
N VAL A 30 -21.50 -10.97 31.77
CA VAL A 30 -22.47 -10.12 32.49
C VAL A 30 -22.41 -8.68 31.99
N GLY A 31 -21.24 -8.08 31.99
CA GLY A 31 -21.05 -6.72 31.54
C GLY A 31 -21.54 -6.46 30.15
N MET A 32 -21.22 -7.38 29.23
CA MET A 32 -21.67 -7.21 27.85
C MET A 32 -23.19 -7.39 27.70
N ALA A 33 -23.81 -8.27 28.51
CA ALA A 33 -25.27 -8.48 28.47
C ALA A 33 -25.99 -7.24 28.96
N CYS A 34 -25.44 -6.63 30.02
CA CYS A 34 -25.87 -5.36 30.58
C CYS A 34 -25.78 -4.28 29.51
N ALA A 35 -24.61 -4.12 28.87
CA ALA A 35 -24.33 -3.15 27.81
C ALA A 35 -25.33 -3.25 26.63
N ILE A 36 -25.53 -4.45 26.05
CA ILE A 36 -26.44 -4.66 24.92
C ILE A 36 -27.90 -4.32 25.32
N SER A 37 -28.31 -4.71 26.54
CA SER A 37 -29.66 -4.45 27.05
C SER A 37 -29.94 -2.97 27.20
N ILE A 38 -28.98 -2.25 27.78
CA ILE A 38 -29.04 -0.80 27.99
C ILE A 38 -29.05 -0.08 26.63
N LEU A 39 -28.22 -0.53 25.70
CA LEU A 39 -28.15 0.02 24.36
C LEU A 39 -29.46 -0.13 23.61
N MET A 40 -30.10 -1.29 23.72
CA MET A 40 -31.35 -1.54 23.03
C MET A 40 -32.59 -0.90 23.71
N LYS A 41 -32.44 -0.37 24.93
CA LYS A 41 -33.51 0.31 25.65
C LYS A 41 -33.38 1.83 25.61
N ASP A 42 -32.38 2.35 24.83
CA ASP A 42 -32.08 3.79 24.63
C ASP A 42 -31.96 4.56 25.95
N LEU A 43 -31.26 3.98 26.93
CA LEU A 43 -31.16 4.58 28.26
C LEU A 43 -30.03 5.63 28.38
N ALA A 44 -29.06 5.61 27.46
CA ALA A 44 -27.89 6.49 27.50
C ALA A 44 -27.55 7.20 26.20
N ASP A 45 -26.92 8.38 26.31
CA ASP A 45 -26.43 9.15 25.16
C ASP A 45 -24.92 8.85 24.98
N GLU A 46 -24.33 8.23 26.02
CA GLU A 46 -22.92 7.81 26.03
C GLU A 46 -22.75 6.55 26.87
N LEU A 47 -22.04 5.55 26.31
CA LEU A 47 -21.70 4.31 27.00
C LEU A 47 -20.19 4.16 27.08
N ALA A 48 -19.68 3.99 28.29
CA ALA A 48 -18.26 3.80 28.56
C ALA A 48 -18.04 2.39 29.09
N LEU A 49 -16.97 1.73 28.63
CA LEU A 49 -16.60 0.38 29.06
C LEU A 49 -15.19 0.36 29.61
N VAL A 50 -14.98 -0.28 30.76
CA VAL A 50 -13.67 -0.44 31.36
C VAL A 50 -13.42 -1.92 31.69
N ASP A 51 -12.17 -2.37 31.52
CA ASP A 51 -11.69 -3.70 31.86
C ASP A 51 -10.16 -3.65 32.01
N VAL A 52 -9.56 -4.73 32.56
CA VAL A 52 -8.12 -4.89 32.72
C VAL A 52 -7.51 -5.61 31.52
N ILE A 53 -8.32 -6.43 30.79
CA ILE A 53 -7.90 -7.12 29.57
C ILE A 53 -8.17 -6.13 28.42
N GLU A 54 -7.12 -5.46 27.97
CA GLU A 54 -7.15 -4.39 26.96
C GLU A 54 -7.59 -4.83 25.57
N ASP A 55 -7.21 -6.03 25.14
CA ASP A 55 -7.59 -6.52 23.81
C ASP A 55 -9.08 -6.84 23.74
N LYS A 56 -9.58 -7.58 24.73
CA LYS A 56 -10.97 -7.98 24.87
C LYS A 56 -11.87 -6.73 24.90
N LEU A 57 -11.46 -5.72 25.71
CA LEU A 57 -12.13 -4.44 25.87
C LEU A 57 -12.27 -3.70 24.53
N LYS A 58 -11.15 -3.59 23.75
CA LYS A 58 -11.15 -2.94 22.44
C LYS A 58 -12.07 -3.67 21.46
N GLY A 59 -12.01 -5.01 21.48
CA GLY A 59 -12.82 -5.86 20.61
C GLY A 59 -14.31 -5.73 20.87
N GLU A 60 -14.69 -5.73 22.16
CA GLU A 60 -16.08 -5.58 22.58
C GLU A 60 -16.64 -4.22 22.17
N MET A 61 -15.88 -3.13 22.46
CA MET A 61 -16.23 -1.76 22.10
C MET A 61 -16.46 -1.64 20.60
N MET A 62 -15.51 -2.15 19.78
CA MET A 62 -15.60 -2.13 18.31
C MET A 62 -16.83 -2.86 17.78
N ASP A 63 -17.13 -4.04 18.36
CA ASP A 63 -18.27 -4.88 17.98
C ASP A 63 -19.59 -4.10 18.18
N LEU A 64 -19.69 -3.41 19.34
CA LEU A 64 -20.82 -2.55 19.66
C LEU A 64 -20.88 -1.39 18.69
N GLN A 65 -19.76 -0.70 18.47
CA GLN A 65 -19.66 0.45 17.54
C GLN A 65 -20.08 0.08 16.12
N HIS A 66 -19.79 -1.16 15.68
CA HIS A 66 -20.18 -1.61 14.34
C HIS A 66 -21.71 -1.75 14.17
N GLY A 67 -22.43 -1.73 15.30
CA GLY A 67 -23.89 -1.82 15.35
C GLY A 67 -24.59 -0.47 15.52
N SER A 68 -23.80 0.63 15.53
CA SER A 68 -24.26 2.02 15.74
C SER A 68 -25.46 2.46 14.90
N LEU A 69 -25.54 2.00 13.65
CA LEU A 69 -26.62 2.29 12.71
C LEU A 69 -27.94 1.80 13.27
N PHE A 70 -27.91 0.70 14.05
CA PHE A 70 -29.11 0.11 14.60
C PHE A 70 -29.45 0.60 16.01
N LEU A 71 -28.61 1.48 16.56
CA LEU A 71 -28.81 1.99 17.92
C LEU A 71 -29.10 3.49 17.92
N ARG A 72 -29.41 4.05 19.10
CA ARG A 72 -29.68 5.48 19.32
C ARG A 72 -28.82 6.03 20.48
N THR A 73 -27.57 5.47 20.62
CA THR A 73 -26.53 5.86 21.59
C THR A 73 -25.35 6.29 20.72
N PRO A 74 -25.19 7.62 20.53
CA PRO A 74 -24.19 8.13 19.56
C PRO A 74 -22.71 8.00 19.91
N LYS A 75 -22.38 7.70 21.17
CA LYS A 75 -20.99 7.60 21.58
C LYS A 75 -20.74 6.41 22.46
N ILE A 76 -19.85 5.52 22.01
CA ILE A 76 -19.40 4.32 22.71
C ILE A 76 -17.89 4.42 22.87
N VAL A 77 -17.42 4.45 24.13
CA VAL A 77 -16.00 4.58 24.46
C VAL A 77 -15.55 3.47 25.39
N SER A 78 -14.24 3.23 25.43
CA SER A 78 -13.64 2.24 26.30
C SER A 78 -12.19 2.61 26.61
N GLY A 79 -11.66 2.01 27.67
CA GLY A 79 -10.29 2.21 28.11
C GLY A 79 -10.05 1.62 29.48
N LYS A 80 -8.78 1.28 29.77
CA LYS A 80 -8.30 0.72 31.03
C LYS A 80 -8.27 1.86 32.09
N ASP A 81 -8.01 3.10 31.61
CA ASP A 81 -7.97 4.32 32.41
C ASP A 81 -9.42 4.82 32.60
N TYR A 82 -9.77 5.19 33.85
CA TYR A 82 -11.11 5.62 34.24
C TYR A 82 -11.47 7.04 33.79
N ASN A 83 -10.56 7.74 33.07
CA ASN A 83 -10.88 9.08 32.55
C ASN A 83 -11.99 9.01 31.48
N VAL A 84 -12.19 7.82 30.85
CA VAL A 84 -13.25 7.56 29.85
C VAL A 84 -14.64 7.54 30.52
N THR A 85 -14.65 7.28 31.84
CA THR A 85 -15.76 7.15 32.81
C THR A 85 -16.33 8.49 33.32
N ALA A 86 -15.60 9.59 33.14
CA ALA A 86 -15.95 10.94 33.64
C ALA A 86 -17.38 11.39 33.36
N ASN A 87 -18.05 11.91 34.42
CA ASN A 87 -19.42 12.44 34.45
C ASN A 87 -20.53 11.41 34.06
N SER A 88 -20.39 10.13 34.49
CA SER A 88 -21.40 9.09 34.24
C SER A 88 -22.47 9.31 35.32
N LYS A 89 -23.75 9.18 34.96
CA LYS A 89 -24.89 9.32 35.87
C LYS A 89 -25.03 8.02 36.63
N LEU A 90 -24.68 6.91 35.96
CA LEU A 90 -24.77 5.56 36.49
C LEU A 90 -23.55 4.72 36.14
N VAL A 91 -22.96 4.08 37.15
CA VAL A 91 -21.79 3.21 36.95
C VAL A 91 -22.18 1.82 37.45
N ILE A 92 -22.15 0.84 36.53
CA ILE A 92 -22.49 -0.55 36.75
C ILE A 92 -21.23 -1.41 36.91
N ILE A 93 -21.06 -2.04 38.08
CA ILE A 93 -19.89 -2.89 38.37
C ILE A 93 -20.24 -4.36 38.21
N THR A 94 -19.64 -5.00 37.19
CA THR A 94 -19.82 -6.41 36.85
C THR A 94 -18.47 -7.16 36.86
N ALA A 95 -17.41 -6.48 37.29
CA ALA A 95 -16.06 -7.05 37.30
C ALA A 95 -15.86 -8.07 38.42
N GLY A 96 -15.11 -9.13 38.10
CA GLY A 96 -14.74 -10.11 39.10
C GLY A 96 -14.96 -11.56 38.80
N ALA A 97 -14.53 -12.37 39.80
CA ALA A 97 -14.64 -13.82 39.85
C ALA A 97 -16.12 -14.20 39.95
N ARG A 98 -16.51 -15.20 39.16
CA ARG A 98 -17.87 -15.77 39.15
C ARG A 98 -17.83 -17.19 39.71
N GLN A 99 -18.98 -17.70 40.24
CA GLN A 99 -19.02 -19.05 40.80
C GLN A 99 -18.81 -20.07 39.74
N GLN A 100 -18.08 -21.12 40.08
CA GLN A 100 -17.88 -22.30 39.25
C GLN A 100 -19.09 -23.16 39.60
N GLU A 101 -19.19 -24.35 38.99
CA GLU A 101 -20.26 -25.29 39.28
C GLU A 101 -20.22 -25.72 40.79
N GLY A 102 -21.35 -25.52 41.48
CA GLY A 102 -21.53 -25.88 42.88
C GLY A 102 -20.87 -24.97 43.90
N GLU A 103 -20.24 -23.89 43.44
CA GLU A 103 -19.58 -22.93 44.31
C GLU A 103 -20.57 -21.88 44.77
N SER A 104 -20.50 -21.54 46.06
CA SER A 104 -21.32 -20.54 46.70
C SER A 104 -20.82 -19.16 46.26
N ARG A 105 -21.75 -18.21 46.09
CA ARG A 105 -21.42 -16.81 45.77
C ARG A 105 -20.58 -16.20 46.92
N LEU A 106 -20.79 -16.70 48.16
CA LEU A 106 -20.09 -16.23 49.36
C LEU A 106 -18.61 -16.56 49.35
N ASN A 107 -18.23 -17.58 48.55
CA ASN A 107 -16.82 -17.96 48.39
C ASN A 107 -15.99 -16.96 47.56
N LEU A 108 -16.67 -16.01 46.91
CA LEU A 108 -16.08 -15.04 46.00
C LEU A 108 -15.72 -13.73 46.67
N VAL A 109 -16.16 -13.57 47.92
CA VAL A 109 -16.06 -12.36 48.69
C VAL A 109 -14.61 -11.79 48.75
N GLN A 110 -13.60 -12.58 49.14
CA GLN A 110 -12.25 -12.05 49.30
C GLN A 110 -11.64 -11.60 47.98
N ARG A 111 -11.87 -12.38 46.95
CA ARG A 111 -11.38 -12.08 45.61
C ARG A 111 -11.92 -10.77 45.05
N ASN A 112 -13.24 -10.58 45.12
CA ASN A 112 -13.86 -9.39 44.56
C ASN A 112 -13.77 -8.19 45.47
N VAL A 113 -13.59 -8.37 46.81
CA VAL A 113 -13.35 -7.25 47.75
C VAL A 113 -12.02 -6.58 47.34
N ASN A 114 -11.03 -7.43 47.06
CA ASN A 114 -9.68 -7.11 46.64
C ASN A 114 -9.66 -6.27 45.35
N ILE A 115 -10.53 -6.60 44.37
CA ILE A 115 -10.60 -5.81 43.13
C ILE A 115 -11.41 -4.50 43.34
N PHE A 116 -12.50 -4.54 44.16
CA PHE A 116 -13.33 -3.35 44.49
C PHE A 116 -12.48 -2.27 45.16
N LYS A 117 -11.43 -2.69 45.92
CA LYS A 117 -10.49 -1.77 46.59
C LYS A 117 -9.81 -0.85 45.60
N PHE A 118 -9.65 -1.33 44.35
CA PHE A 118 -9.05 -0.59 43.24
C PHE A 118 -10.10 0.13 42.37
N ILE A 119 -11.21 -0.53 42.03
CA ILE A 119 -12.26 -0.01 41.14
C ILE A 119 -13.03 1.18 41.72
N ILE A 120 -13.64 0.99 42.90
CA ILE A 120 -14.49 1.99 43.54
C ILE A 120 -13.79 3.38 43.65
N PRO A 121 -12.53 3.52 44.16
CA PRO A 121 -11.92 4.86 44.21
C PRO A 121 -11.75 5.51 42.83
N ASN A 122 -11.47 4.71 41.80
CA ASN A 122 -11.30 5.21 40.43
C ASN A 122 -12.60 5.72 39.81
N VAL A 123 -13.72 5.03 40.09
CA VAL A 123 -15.02 5.44 39.58
C VAL A 123 -15.46 6.75 40.28
N VAL A 124 -15.30 6.82 41.63
CA VAL A 124 -15.68 7.99 42.44
C VAL A 124 -14.88 9.24 42.05
N LYS A 125 -13.62 9.06 41.66
CA LYS A 125 -12.73 10.13 41.23
C LYS A 125 -13.26 10.84 39.97
N TYR A 126 -13.74 10.06 38.98
CA TYR A 126 -14.19 10.63 37.71
C TYR A 126 -15.69 10.90 37.64
N SER A 127 -16.50 10.22 38.47
CA SER A 127 -17.95 10.48 38.53
C SER A 127 -18.38 10.57 40.01
N PRO A 128 -18.01 11.68 40.70
CA PRO A 128 -18.35 11.78 42.15
C PRO A 128 -19.84 11.82 42.49
N ASN A 129 -20.68 12.24 41.54
CA ASN A 129 -22.12 12.33 41.74
C ASN A 129 -22.93 11.18 41.13
N CYS A 130 -22.26 10.13 40.64
CA CYS A 130 -22.94 8.98 40.03
C CYS A 130 -23.69 8.12 41.07
N LYS A 131 -24.53 7.23 40.55
CA LYS A 131 -25.19 6.20 41.34
C LYS A 131 -24.37 4.94 40.99
N LEU A 132 -24.11 4.12 42.01
CA LEU A 132 -23.38 2.88 41.83
C LEU A 132 -24.34 1.74 41.81
N LEU A 133 -24.26 0.93 40.76
CA LEU A 133 -25.08 -0.28 40.63
C LEU A 133 -24.16 -1.48 40.60
N ILE A 134 -24.13 -2.22 41.72
CA ILE A 134 -23.27 -3.38 41.95
C ILE A 134 -23.95 -4.66 41.46
N VAL A 135 -23.23 -5.46 40.66
CA VAL A 135 -23.74 -6.72 40.09
C VAL A 135 -22.84 -7.88 40.55
N SER A 136 -21.51 -7.64 40.65
CA SER A 136 -20.49 -8.62 41.05
C SER A 136 -20.89 -9.36 42.33
N ASN A 137 -20.64 -10.69 42.39
CA ASN A 137 -21.05 -11.49 43.54
C ASN A 137 -20.01 -11.63 44.67
N PRO A 138 -20.44 -11.78 45.96
CA PRO A 138 -21.82 -11.73 46.48
C PRO A 138 -22.30 -10.29 46.53
N VAL A 139 -23.31 -10.00 45.70
CA VAL A 139 -23.86 -8.68 45.42
C VAL A 139 -24.23 -7.90 46.71
N ASP A 140 -24.84 -8.55 47.72
CA ASP A 140 -25.21 -7.86 48.98
C ASP A 140 -24.01 -7.37 49.73
N ILE A 141 -23.01 -8.22 49.92
CA ILE A 141 -21.77 -7.89 50.60
C ILE A 141 -20.96 -6.84 49.81
N LEU A 142 -20.85 -7.02 48.48
CA LEU A 142 -20.12 -6.08 47.63
C LEU A 142 -20.78 -4.71 47.50
N THR A 143 -22.10 -4.59 47.76
CA THR A 143 -22.81 -3.29 47.77
C THR A 143 -22.38 -2.57 49.06
N TYR A 144 -22.27 -3.33 50.16
CA TYR A 144 -21.78 -2.81 51.45
C TYR A 144 -20.35 -2.32 51.29
N VAL A 145 -19.50 -3.13 50.63
CA VAL A 145 -18.10 -2.84 50.34
C VAL A 145 -17.98 -1.57 49.51
N ALA A 146 -18.76 -1.47 48.42
CA ALA A 146 -18.77 -0.27 47.54
C ALA A 146 -19.21 0.98 48.30
N TRP A 147 -20.19 0.84 49.19
CA TRP A 147 -20.68 1.95 50.02
C TRP A 147 -19.58 2.43 51.00
N LYS A 148 -18.88 1.48 51.64
CA LYS A 148 -17.80 1.77 52.58
C LYS A 148 -16.59 2.46 51.92
N ILE A 149 -16.12 1.92 50.79
CA ILE A 149 -14.98 2.47 50.04
C ILE A 149 -15.29 3.83 49.42
N SER A 150 -16.46 3.99 48.78
CA SER A 150 -16.86 5.24 48.12
C SER A 150 -17.07 6.42 49.05
N GLY A 151 -17.67 6.17 50.22
CA GLY A 151 -18.02 7.24 51.15
C GLY A 151 -19.30 7.96 50.73
N PHE A 152 -20.00 7.39 49.71
CA PHE A 152 -21.25 7.88 49.14
C PHE A 152 -22.38 7.73 50.16
N PRO A 153 -23.45 8.58 50.06
CA PRO A 153 -24.63 8.33 50.91
C PRO A 153 -25.29 7.04 50.42
N LYS A 154 -25.88 6.26 51.35
CA LYS A 154 -26.50 4.96 51.09
C LYS A 154 -27.51 4.94 49.91
N ASN A 155 -28.13 6.08 49.56
CA ASN A 155 -29.10 6.18 48.46
C ASN A 155 -28.46 5.98 47.09
N ARG A 156 -27.17 6.38 46.94
CA ARG A 156 -26.44 6.28 45.66
C ARG A 156 -25.64 4.96 45.50
N VAL A 157 -25.86 3.98 46.40
CA VAL A 157 -25.18 2.66 46.35
C VAL A 157 -26.26 1.57 46.33
N ILE A 158 -26.45 0.96 45.15
CA ILE A 158 -27.51 -0.02 44.89
C ILE A 158 -26.92 -1.31 44.37
N GLY A 159 -27.37 -2.43 44.90
CA GLY A 159 -26.97 -3.73 44.38
C GLY A 159 -28.12 -4.32 43.61
N SER A 160 -27.84 -4.98 42.49
CA SER A 160 -28.86 -5.64 41.68
C SER A 160 -29.80 -6.56 42.52
N GLY A 161 -29.23 -7.20 43.53
CA GLY A 161 -29.90 -8.01 44.53
C GLY A 161 -30.89 -9.04 44.03
N CYS A 162 -32.11 -9.03 44.62
CA CYS A 162 -33.17 -10.01 44.38
C CYS A 162 -34.13 -9.64 43.26
N ASN A 163 -33.79 -8.61 42.46
CA ASN A 163 -34.60 -8.21 41.34
C ASN A 163 -34.70 -9.39 40.35
N LEU A 164 -33.58 -10.10 40.13
CA LEU A 164 -33.50 -11.28 39.27
C LEU A 164 -34.21 -12.48 39.92
N ASP A 165 -34.01 -12.71 41.25
CA ASP A 165 -34.65 -13.79 42.00
C ASP A 165 -36.16 -13.67 41.95
N SER A 166 -36.66 -12.44 42.19
CA SER A 166 -38.08 -12.13 42.13
C SER A 166 -38.61 -12.39 40.72
N ALA A 167 -37.87 -11.92 39.65
CA ALA A 167 -38.18 -12.12 38.23
C ALA A 167 -38.28 -13.61 37.83
N ARG A 168 -37.37 -14.45 38.31
CA ARG A 168 -37.36 -15.90 38.09
C ARG A 168 -38.55 -16.56 38.82
N PHE A 169 -38.87 -16.07 40.03
CA PHE A 169 -39.99 -16.56 40.84
C PHE A 169 -41.32 -16.34 40.13
N ARG A 170 -41.48 -15.16 39.54
CA ARG A 170 -42.66 -14.76 38.79
C ARG A 170 -42.78 -15.56 37.49
N TYR A 171 -41.64 -15.91 36.88
CA TYR A 171 -41.60 -16.71 35.66
C TYR A 171 -42.17 -18.10 35.96
N LEU A 172 -41.73 -18.70 37.09
CA LEU A 172 -42.13 -20.03 37.51
C LEU A 172 -43.59 -20.07 37.95
N MET A 173 -44.02 -19.03 38.67
CA MET A 173 -45.40 -18.80 39.13
C MET A 173 -46.33 -18.72 37.91
N GLY A 174 -45.90 -17.94 36.92
CA GLY A 174 -46.60 -17.74 35.66
C GLY A 174 -46.79 -19.03 34.87
N GLU A 175 -45.75 -19.86 34.86
CA GLU A 175 -45.73 -21.13 34.17
C GLU A 175 -46.72 -22.11 34.84
N ARG A 176 -46.78 -22.11 36.19
CA ARG A 176 -47.69 -22.93 36.97
C ARG A 176 -49.16 -22.54 36.77
N LEU A 177 -49.45 -21.22 36.70
CA LEU A 177 -50.81 -20.65 36.58
C LEU A 177 -51.30 -20.34 35.14
N GLY A 178 -50.41 -20.36 34.15
CA GLY A 178 -50.74 -20.03 32.75
C GLY A 178 -51.04 -18.54 32.56
N VAL A 179 -50.32 -17.69 33.30
CA VAL A 179 -50.44 -16.24 33.28
C VAL A 179 -49.04 -15.62 32.99
N HIS A 180 -48.99 -14.48 32.26
CA HIS A 180 -47.72 -13.81 31.99
C HIS A 180 -47.07 -13.36 33.31
N PRO A 181 -45.73 -13.55 33.47
CA PRO A 181 -45.06 -13.08 34.71
C PRO A 181 -45.41 -11.65 35.16
N LEU A 182 -45.73 -10.75 34.19
CA LEU A 182 -46.11 -9.36 34.48
C LEU A 182 -47.35 -9.27 35.34
N SER A 183 -48.27 -10.23 35.18
CA SER A 183 -49.52 -10.31 35.93
C SER A 183 -49.43 -11.18 37.22
N CYS A 184 -48.30 -11.90 37.42
CA CYS A 184 -48.04 -12.75 38.58
C CYS A 184 -47.19 -11.97 39.54
N HIS A 185 -47.67 -11.71 40.75
CA HIS A 185 -46.91 -10.90 41.70
C HIS A 185 -46.44 -11.72 42.86
N GLY A 186 -45.16 -11.54 43.18
CA GLY A 186 -44.48 -12.29 44.22
C GLY A 186 -43.11 -11.69 44.49
N TRP A 187 -42.70 -11.70 45.74
CA TRP A 187 -41.44 -11.08 46.14
C TRP A 187 -40.48 -12.04 46.82
N VAL A 188 -39.22 -12.05 46.35
CA VAL A 188 -38.13 -12.81 46.94
C VAL A 188 -37.21 -11.75 47.52
N LEU A 189 -37.05 -11.76 48.84
CA LEU A 189 -36.23 -10.74 49.49
C LEU A 189 -35.02 -11.32 50.19
N GLY A 190 -34.20 -10.43 50.75
CA GLY A 190 -33.01 -10.83 51.49
C GLY A 190 -31.76 -11.03 50.64
N GLU A 191 -31.03 -12.11 50.93
CA GLU A 191 -29.80 -12.44 50.23
C GLU A 191 -30.04 -12.90 48.80
N HIS A 192 -29.25 -12.35 47.84
CA HIS A 192 -29.27 -12.84 46.48
C HIS A 192 -28.43 -14.13 46.55
N GLY A 193 -29.08 -15.24 46.86
CA GLY A 193 -28.39 -16.49 47.07
C GLY A 193 -29.22 -17.47 47.85
N ASP A 194 -28.52 -18.42 48.48
CA ASP A 194 -29.11 -19.54 49.24
C ASP A 194 -30.07 -19.16 50.37
N SER A 195 -29.89 -18.01 51.04
CA SER A 195 -30.77 -17.64 52.14
C SER A 195 -31.88 -16.60 51.78
N SER A 196 -32.24 -16.50 50.48
CA SER A 196 -33.35 -15.62 50.02
C SER A 196 -34.70 -16.04 50.63
N VAL A 197 -35.57 -15.06 50.86
CA VAL A 197 -36.85 -15.26 51.50
C VAL A 197 -38.06 -15.05 50.57
N PRO A 198 -38.85 -16.13 50.31
CA PRO A 198 -40.09 -15.95 49.53
C PRO A 198 -41.21 -15.41 50.42
N VAL A 199 -41.76 -14.24 50.07
CA VAL A 199 -42.84 -13.64 50.86
C VAL A 199 -44.17 -14.23 50.34
N TRP A 200 -44.59 -15.39 50.89
CA TRP A 200 -45.81 -16.10 50.49
C TRP A 200 -47.08 -15.25 50.66
N SER A 201 -47.13 -14.37 51.69
CA SER A 201 -48.26 -13.51 51.99
C SER A 201 -48.59 -12.47 50.91
N GLY A 202 -47.56 -11.98 50.22
CA GLY A 202 -47.69 -10.99 49.16
C GLY A 202 -47.95 -11.55 47.76
N MET A 203 -47.91 -12.89 47.61
CA MET A 203 -48.18 -13.58 46.34
C MET A 203 -49.63 -13.42 45.94
N ASN A 204 -49.82 -12.87 44.75
CA ASN A 204 -51.14 -12.59 44.23
C ASN A 204 -51.19 -12.47 42.71
N VAL A 205 -52.38 -12.64 42.18
CA VAL A 205 -52.76 -12.41 40.80
C VAL A 205 -54.02 -11.53 40.94
N ALA A 206 -54.01 -10.35 40.31
CA ALA A 206 -55.11 -9.38 40.33
C ALA A 206 -55.55 -8.96 41.75
N GLY A 207 -54.58 -8.90 42.68
CA GLY A 207 -54.81 -8.54 44.08
C GLY A 207 -55.46 -9.64 44.91
N VAL A 208 -55.63 -10.84 44.33
CA VAL A 208 -56.22 -12.00 45.01
C VAL A 208 -55.08 -12.76 45.69
N SER A 209 -55.07 -12.77 47.01
CA SER A 209 -54.09 -13.46 47.85
C SER A 209 -54.13 -14.97 47.64
N LEU A 210 -52.97 -15.52 47.26
CA LEU A 210 -52.81 -16.95 47.00
C LEU A 210 -52.80 -17.74 48.31
N LYS A 211 -52.22 -17.12 49.38
CA LYS A 211 -52.13 -17.68 50.72
C LYS A 211 -53.53 -17.80 51.36
N THR A 212 -54.42 -16.83 51.09
CA THR A 212 -55.78 -16.85 51.58
C THR A 212 -56.57 -17.98 50.93
N LEU A 213 -56.44 -18.13 49.60
CA LEU A 213 -57.08 -19.18 48.81
C LEU A 213 -56.56 -20.58 49.18
N HIS A 214 -55.24 -20.69 49.36
CA HIS A 214 -54.54 -21.94 49.66
C HIS A 214 -53.67 -21.70 50.91
N PRO A 215 -54.23 -21.96 52.13
CA PRO A 215 -53.47 -21.66 53.37
C PRO A 215 -52.18 -22.46 53.55
N ASP A 216 -52.02 -23.55 52.79
CA ASP A 216 -50.85 -24.42 52.81
C ASP A 216 -49.68 -23.87 51.99
N LEU A 217 -49.88 -22.73 51.29
CA LEU A 217 -48.88 -22.07 50.45
C LEU A 217 -47.54 -21.81 51.16
N GLY A 218 -46.46 -22.37 50.59
CA GLY A 218 -45.12 -22.23 51.17
C GLY A 218 -44.81 -23.09 52.38
N THR A 219 -45.73 -24.00 52.77
CA THR A 219 -45.51 -24.89 53.90
C THR A 219 -45.03 -26.26 53.40
N ASP A 220 -44.58 -27.15 54.32
CA ASP A 220 -44.09 -28.48 53.98
C ASP A 220 -45.23 -29.47 53.69
N LYS A 221 -46.41 -29.27 54.36
CA LYS A 221 -47.60 -30.10 54.18
C LYS A 221 -48.42 -29.69 52.95
N ASP A 222 -47.83 -28.87 52.04
CA ASP A 222 -48.46 -28.41 50.82
C ASP A 222 -48.47 -29.52 49.76
N LYS A 223 -49.67 -29.94 49.36
CA LYS A 223 -49.85 -30.99 48.33
C LYS A 223 -49.31 -30.53 46.99
N GLU A 224 -49.42 -29.21 46.70
CA GLU A 224 -48.94 -28.58 45.47
C GLU A 224 -47.46 -28.26 45.49
N GLN A 225 -46.82 -28.34 46.68
CA GLN A 225 -45.38 -28.12 46.94
C GLN A 225 -44.87 -26.78 46.36
N TRP A 226 -45.49 -25.67 46.76
CA TRP A 226 -45.12 -24.34 46.25
C TRP A 226 -43.76 -23.89 46.75
N LYS A 227 -43.28 -24.51 47.84
CA LYS A 227 -41.97 -24.25 48.43
C LYS A 227 -40.87 -24.63 47.40
N GLU A 228 -41.17 -25.60 46.50
CA GLU A 228 -40.28 -26.04 45.40
C GLU A 228 -40.02 -24.95 44.38
N VAL A 229 -40.99 -24.01 44.22
CA VAL A 229 -40.87 -22.86 43.31
C VAL A 229 -39.70 -21.98 43.83
N HIS A 230 -39.64 -21.73 45.16
CA HIS A 230 -38.54 -20.97 45.74
C HIS A 230 -37.23 -21.79 45.72
N LYS A 231 -37.32 -23.11 45.93
CA LYS A 231 -36.15 -23.99 45.84
C LYS A 231 -35.54 -23.86 44.43
N GLN A 232 -36.40 -23.88 43.38
CA GLN A 232 -36.01 -23.70 41.96
C GLN A 232 -35.34 -22.35 41.71
N VAL A 233 -35.80 -21.30 42.43
CA VAL A 233 -35.22 -19.96 42.35
C VAL A 233 -33.78 -19.98 42.90
N VAL A 234 -33.57 -20.59 44.09
CA VAL A 234 -32.26 -20.72 44.73
C VAL A 234 -31.28 -21.48 43.82
N GLU A 235 -31.71 -22.62 43.25
CA GLU A 235 -30.88 -23.48 42.40
C GLU A 235 -30.68 -22.96 40.97
N SER A 236 -31.61 -22.12 40.47
CA SER A 236 -31.60 -21.60 39.09
C SER A 236 -30.20 -21.24 38.56
N ALA A 237 -29.43 -20.43 39.31
CA ALA A 237 -28.08 -20.05 38.89
C ALA A 237 -27.15 -21.24 38.77
N TYR A 238 -27.14 -22.16 39.78
CA TYR A 238 -26.36 -23.40 39.77
C TYR A 238 -26.70 -24.26 38.53
N GLU A 239 -27.99 -24.47 38.29
CA GLU A 239 -28.47 -25.25 37.15
C GLU A 239 -28.03 -24.62 35.79
N VAL A 240 -28.15 -23.28 35.63
CA VAL A 240 -27.73 -22.57 34.41
C VAL A 240 -26.21 -22.64 34.27
N ILE A 241 -25.46 -22.47 35.39
CA ILE A 241 -23.98 -22.54 35.42
C ILE A 241 -23.56 -23.93 34.98
N LYS A 242 -24.21 -24.96 35.52
CA LYS A 242 -23.93 -26.35 35.17
C LYS A 242 -24.11 -26.57 33.66
N LEU A 243 -25.19 -26.02 33.08
CA LEU A 243 -25.53 -26.20 31.67
C LEU A 243 -24.74 -25.37 30.65
N LYS A 244 -24.58 -24.04 30.88
CA LYS A 244 -23.86 -23.17 29.92
C LYS A 244 -22.56 -22.52 30.47
N GLY A 245 -22.24 -22.76 31.74
CA GLY A 245 -20.99 -22.28 32.33
C GLY A 245 -21.05 -21.01 33.12
N TYR A 246 -22.12 -20.22 32.90
CA TYR A 246 -22.36 -18.91 33.54
C TYR A 246 -23.83 -18.50 33.25
N THR A 247 -24.27 -17.39 33.84
CA THR A 247 -25.58 -16.77 33.57
C THR A 247 -25.26 -15.35 33.00
N SER A 248 -26.04 -14.86 32.07
CA SER A 248 -25.77 -13.53 31.47
C SER A 248 -27.02 -12.75 31.03
N TRP A 249 -27.87 -13.36 30.17
CA TRP A 249 -29.03 -12.68 29.59
C TRP A 249 -30.05 -12.13 30.60
N ALA A 250 -30.52 -12.98 31.54
CA ALA A 250 -31.50 -12.61 32.56
C ALA A 250 -30.98 -11.48 33.46
N ILE A 251 -29.69 -11.53 33.88
CA ILE A 251 -29.10 -10.49 34.72
C ILE A 251 -28.92 -9.16 33.95
N GLY A 252 -28.49 -9.24 32.69
CA GLY A 252 -28.38 -8.06 31.84
C GLY A 252 -29.71 -7.36 31.67
N LEU A 253 -30.82 -8.15 31.56
CA LEU A 253 -32.20 -7.63 31.42
C LEU A 253 -32.70 -7.03 32.71
N SER A 254 -32.33 -7.65 33.83
CA SER A 254 -32.70 -7.20 35.17
C SER A 254 -31.97 -5.89 35.49
N VAL A 255 -30.69 -5.77 35.10
CA VAL A 255 -29.88 -4.57 35.29
C VAL A 255 -30.44 -3.42 34.45
N ALA A 256 -30.75 -3.69 33.17
CA ALA A 256 -31.34 -2.70 32.26
C ALA A 256 -32.66 -2.16 32.82
N ASP A 257 -33.45 -3.03 33.49
CA ASP A 257 -34.73 -2.68 34.14
C ASP A 257 -34.49 -1.69 35.30
N LEU A 258 -33.48 -1.97 36.16
CA LEU A 258 -33.09 -1.10 37.27
C LEU A 258 -32.56 0.23 36.76
N ALA A 259 -31.71 0.17 35.70
CA ALA A 259 -31.15 1.35 35.03
C ALA A 259 -32.27 2.23 34.46
N GLU A 260 -33.32 1.60 33.89
CA GLU A 260 -34.47 2.33 33.33
C GLU A 260 -35.15 3.19 34.39
N SER A 261 -35.42 2.60 35.57
CA SER A 261 -36.03 3.33 36.69
C SER A 261 -35.15 4.47 37.19
N ILE A 262 -33.82 4.28 37.24
CA ILE A 262 -32.86 5.30 37.69
C ILE A 262 -32.73 6.44 36.66
N MET A 263 -32.43 6.10 35.40
CA MET A 263 -32.24 7.06 34.32
C MET A 263 -33.48 7.87 33.96
N LYS A 264 -34.67 7.25 34.08
CA LYS A 264 -35.93 7.88 33.75
C LYS A 264 -36.70 8.41 34.96
N ASN A 265 -36.12 8.28 36.18
CA ASN A 265 -36.71 8.71 37.46
C ASN A 265 -38.15 8.18 37.62
N LEU A 266 -38.35 6.89 37.31
CA LEU A 266 -39.69 6.30 37.30
C LEU A 266 -40.34 6.17 38.69
N ARG A 267 -39.54 5.96 39.73
CA ARG A 267 -40.04 5.77 41.09
C ARG A 267 -40.84 4.47 41.17
N ARG A 268 -40.33 3.44 40.45
CA ARG A 268 -40.87 2.09 40.49
C ARG A 268 -40.24 1.42 41.70
N VAL A 269 -40.91 0.37 42.22
CA VAL A 269 -40.49 -0.39 43.38
C VAL A 269 -39.81 -1.67 42.89
N HIS A 270 -38.55 -1.86 43.31
CA HIS A 270 -37.74 -3.02 42.93
C HIS A 270 -37.12 -3.67 44.16
N PRO A 271 -36.96 -5.02 44.18
CA PRO A 271 -36.23 -5.63 45.31
C PRO A 271 -34.73 -5.53 45.01
N VAL A 272 -34.04 -4.59 45.65
CA VAL A 272 -32.59 -4.33 45.45
C VAL A 272 -31.81 -4.27 46.77
N SER A 273 -30.47 -4.55 46.74
CA SER A 273 -29.57 -4.52 47.92
C SER A 273 -29.41 -3.10 48.48
N THR A 274 -29.86 -2.89 49.72
CA THR A 274 -29.78 -1.61 50.44
C THR A 274 -29.55 -1.88 51.94
N MET A 275 -29.11 -0.85 52.67
CA MET A 275 -28.87 -0.99 54.09
C MET A 275 -30.19 -1.06 54.87
N ILE A 276 -30.42 -2.19 55.56
CA ILE A 276 -31.67 -2.46 56.31
C ILE A 276 -31.53 -2.33 57.84
N LYS A 277 -30.49 -1.64 58.31
CA LYS A 277 -30.28 -1.39 59.74
C LYS A 277 -31.49 -0.62 60.27
N GLY A 278 -32.05 -1.12 61.37
CA GLY A 278 -33.21 -0.54 62.03
C GLY A 278 -34.50 -1.27 61.74
N LEU A 279 -34.41 -2.29 60.88
CA LEU A 279 -35.55 -3.10 60.47
C LEU A 279 -35.40 -4.54 60.84
N TYR A 280 -36.54 -5.17 61.18
CA TYR A 280 -36.66 -6.60 61.52
C TYR A 280 -35.65 -7.04 62.61
N GLY A 281 -35.37 -6.12 63.55
CA GLY A 281 -34.44 -6.34 64.63
C GLY A 281 -32.97 -6.36 64.23
N ILE A 282 -32.65 -5.88 63.00
CA ILE A 282 -31.27 -5.81 62.50
C ILE A 282 -30.65 -4.51 63.02
N LYS A 283 -29.57 -4.64 63.77
CA LYS A 283 -28.88 -3.53 64.44
C LYS A 283 -27.55 -3.17 63.76
N ASP A 284 -27.10 -4.03 62.84
CA ASP A 284 -25.85 -3.89 62.10
C ASP A 284 -26.03 -3.27 60.69
N ASP A 285 -24.93 -2.77 60.08
CA ASP A 285 -24.87 -2.17 58.74
C ASP A 285 -25.01 -3.22 57.57
N VAL A 286 -26.01 -4.11 57.67
CA VAL A 286 -26.25 -5.17 56.70
C VAL A 286 -26.97 -4.63 55.46
N PHE A 287 -26.52 -5.07 54.29
CA PHE A 287 -27.15 -4.76 53.00
C PHE A 287 -27.83 -6.02 52.51
N LEU A 288 -29.11 -5.92 52.20
CA LEU A 288 -29.87 -7.01 51.59
C LEU A 288 -31.08 -6.48 50.87
N SER A 289 -31.71 -7.32 50.04
CA SER A 289 -32.85 -6.91 49.24
C SER A 289 -34.15 -6.76 50.02
N VAL A 290 -34.71 -5.59 49.86
CA VAL A 290 -36.01 -5.17 50.39
C VAL A 290 -36.62 -4.33 49.24
N PRO A 291 -37.96 -4.18 49.09
CA PRO A 291 -38.47 -3.37 47.97
C PRO A 291 -38.15 -1.89 48.15
N CYS A 292 -37.47 -1.28 47.15
CA CYS A 292 -37.05 0.13 47.18
C CYS A 292 -37.66 0.94 46.03
N ILE A 293 -37.84 2.26 46.27
CA ILE A 293 -38.30 3.22 45.26
C ILE A 293 -37.03 3.74 44.58
N LEU A 294 -36.91 3.43 43.28
CA LEU A 294 -35.75 3.73 42.43
C LEU A 294 -36.03 4.89 41.48
N GLY A 295 -35.18 5.92 41.56
CA GLY A 295 -35.31 7.10 40.73
C GLY A 295 -33.97 7.75 40.47
N GLN A 296 -34.01 9.01 40.02
CA GLN A 296 -32.82 9.80 39.65
C GLN A 296 -31.78 9.95 40.79
N ASN A 297 -32.17 9.73 42.07
CA ASN A 297 -31.23 9.81 43.19
C ASN A 297 -30.95 8.43 43.81
N GLY A 298 -31.22 7.38 43.03
CA GLY A 298 -31.08 5.99 43.46
C GLY A 298 -32.24 5.58 44.34
N ILE A 299 -31.95 5.00 45.52
CA ILE A 299 -32.96 4.56 46.50
C ILE A 299 -33.37 5.76 47.33
N SER A 300 -34.59 6.27 47.12
CA SER A 300 -35.10 7.42 47.86
C SER A 300 -35.94 7.00 49.07
N ASP A 301 -36.54 5.79 48.99
CA ASP A 301 -37.45 5.24 49.98
C ASP A 301 -37.38 3.72 49.98
N LEU A 302 -37.91 3.12 51.06
CA LEU A 302 -37.98 1.67 51.33
C LEU A 302 -39.42 1.27 51.62
N VAL A 303 -39.88 0.15 51.11
CA VAL A 303 -41.22 -0.34 51.41
C VAL A 303 -41.10 -1.24 52.64
N LYS A 304 -41.86 -0.92 53.70
CA LYS A 304 -41.86 -1.68 54.96
C LYS A 304 -42.84 -2.85 54.83
N VAL A 305 -42.31 -3.99 54.40
CA VAL A 305 -43.11 -5.21 54.18
C VAL A 305 -43.52 -5.83 55.50
N THR A 306 -44.82 -6.13 55.63
CA THR A 306 -45.36 -6.80 56.81
C THR A 306 -45.06 -8.30 56.62
N LEU A 307 -44.22 -8.85 57.49
CA LEU A 307 -43.82 -10.25 57.39
C LEU A 307 -44.40 -11.09 58.53
N THR A 308 -44.61 -12.39 58.28
CA THR A 308 -45.06 -13.31 59.33
C THR A 308 -43.84 -13.59 60.19
N SER A 309 -44.05 -14.15 61.39
CA SER A 309 -42.98 -14.49 62.34
C SER A 309 -41.94 -15.38 61.67
N GLU A 310 -42.42 -16.36 60.85
CA GLU A 310 -41.57 -17.29 60.09
C GLU A 310 -40.75 -16.54 59.03
N GLU A 311 -41.41 -15.68 58.23
CA GLU A 311 -40.80 -14.85 57.18
C GLU A 311 -39.73 -13.92 57.75
N GLU A 312 -40.04 -13.23 58.86
CA GLU A 312 -39.10 -12.32 59.53
C GLU A 312 -37.89 -13.07 60.07
N ALA A 313 -38.10 -14.28 60.63
CA ALA A 313 -37.03 -15.13 61.16
C ALA A 313 -36.05 -15.53 60.07
N ARG A 314 -36.58 -15.91 58.91
CA ARG A 314 -35.80 -16.28 57.71
C ARG A 314 -34.92 -15.10 57.22
N LEU A 315 -35.50 -13.89 57.21
CA LEU A 315 -34.82 -12.67 56.82
C LEU A 315 -33.72 -12.31 57.82
N LYS A 316 -34.00 -12.50 59.13
CA LYS A 316 -33.06 -12.24 60.20
C LYS A 316 -31.88 -13.22 60.10
N LYS A 317 -32.13 -14.49 59.72
CA LYS A 317 -31.09 -15.51 59.53
C LYS A 317 -30.15 -15.09 58.41
N SER A 318 -30.74 -14.62 57.28
CA SER A 318 -30.05 -14.10 56.08
C SER A 318 -29.11 -12.93 56.48
N ALA A 319 -29.68 -11.94 57.21
CA ALA A 319 -28.98 -10.76 57.70
C ALA A 319 -27.84 -11.14 58.65
N ASP A 320 -28.05 -12.16 59.50
CA ASP A 320 -27.04 -12.62 60.46
C ASP A 320 -25.86 -13.25 59.75
N THR A 321 -26.14 -14.08 58.74
CA THR A 321 -25.17 -14.76 57.88
C THR A 321 -24.33 -13.73 57.13
N LEU A 322 -25.00 -12.70 56.53
CA LEU A 322 -24.30 -11.64 55.81
C LEU A 322 -23.43 -10.80 56.73
N TRP A 323 -23.92 -10.44 57.93
CA TRP A 323 -23.14 -9.62 58.86
C TRP A 323 -21.88 -10.33 59.33
N GLY A 324 -21.98 -11.63 59.56
CA GLY A 324 -20.86 -12.48 59.95
C GLY A 324 -19.70 -12.43 58.99
N ILE A 325 -20.00 -12.43 57.67
CA ILE A 325 -19.03 -12.31 56.59
C ILE A 325 -18.49 -10.88 56.54
N GLN A 326 -19.39 -9.87 56.61
CA GLN A 326 -19.07 -8.42 56.58
C GLN A 326 -18.18 -7.98 57.73
N LYS A 327 -18.41 -8.57 58.91
CA LYS A 327 -17.67 -8.30 60.13
C LYS A 327 -16.19 -8.57 59.93
N GLU A 328 -15.86 -9.72 59.31
CA GLU A 328 -14.47 -10.16 59.10
C GLU A 328 -13.79 -9.49 57.91
N LEU A 329 -14.53 -8.63 57.17
CA LEU A 329 -13.95 -7.97 56.01
C LEU A 329 -12.78 -7.04 56.32
N GLN A 330 -11.69 -7.31 55.59
CA GLN A 330 -10.42 -6.60 55.65
C GLN A 330 -10.26 -5.80 54.34
N PHE A 331 -10.34 -4.45 54.47
CA PHE A 331 -10.21 -3.45 53.40
C PHE A 331 -10.08 -2.03 54.02
N ALA B 1 -59.24 -28.51 46.69
CA ALA B 1 -59.33 -27.79 45.41
C ALA B 1 -57.97 -27.20 45.08
N THR B 2 -57.48 -27.33 43.81
CA THR B 2 -56.18 -26.74 43.49
C THR B 2 -56.28 -25.23 43.56
N LEU B 3 -55.17 -24.58 43.90
CA LEU B 3 -55.06 -23.12 43.97
C LEU B 3 -55.43 -22.54 42.58
N LYS B 4 -54.91 -23.16 41.48
CA LYS B 4 -55.21 -22.76 40.10
C LYS B 4 -56.71 -22.79 39.80
N ASP B 5 -57.41 -23.87 40.25
CA ASP B 5 -58.86 -24.01 40.06
C ASP B 5 -59.66 -22.98 40.86
N GLN B 6 -59.18 -22.68 42.08
CA GLN B 6 -59.78 -21.69 42.98
C GLN B 6 -59.62 -20.27 42.46
N LEU B 7 -58.49 -19.99 41.79
CA LEU B 7 -58.11 -18.68 41.28
C LEU B 7 -58.64 -18.39 39.89
N ILE B 8 -58.55 -19.39 38.99
CA ILE B 8 -58.87 -19.23 37.58
C ILE B 8 -60.03 -20.10 37.16
N TYR B 9 -60.99 -19.47 36.43
CA TYR B 9 -62.11 -20.15 35.79
C TYR B 9 -61.77 -20.22 34.29
N ASN B 10 -61.59 -21.43 33.77
CA ASN B 10 -61.23 -21.64 32.37
C ASN B 10 -62.43 -21.61 31.45
N LEU B 11 -62.32 -20.87 30.32
CA LEU B 11 -63.33 -20.74 29.27
C LEU B 11 -63.04 -21.70 28.12
N LEU B 12 -61.76 -21.82 27.71
CA LEU B 12 -61.39 -22.72 26.62
C LEU B 12 -59.94 -23.26 26.73
N LYS B 13 -59.70 -24.39 26.01
CA LYS B 13 -58.42 -25.09 25.94
C LYS B 13 -57.41 -24.33 25.10
N THR B 17 -50.72 -22.45 18.90
CA THR B 17 -50.56 -22.08 17.48
C THR B 17 -49.90 -20.68 17.35
N PRO B 18 -48.58 -20.58 17.09
CA PRO B 18 -47.96 -19.24 17.06
C PRO B 18 -48.06 -18.52 15.72
N GLN B 19 -48.40 -17.24 15.82
CA GLN B 19 -48.60 -16.35 14.68
C GLN B 19 -47.34 -15.65 14.20
N ASN B 20 -46.34 -15.44 15.07
CA ASN B 20 -45.12 -14.73 14.69
C ASN B 20 -43.89 -15.43 15.25
N LYS B 21 -43.77 -16.71 14.96
CA LYS B 21 -42.69 -17.56 15.44
C LYS B 21 -41.41 -17.36 14.68
N ILE B 22 -40.30 -17.27 15.44
CA ILE B 22 -38.95 -17.16 14.90
C ILE B 22 -38.12 -18.29 15.52
N THR B 23 -37.29 -18.93 14.69
CA THR B 23 -36.34 -19.96 15.11
C THR B 23 -34.91 -19.51 14.88
N VAL B 24 -34.06 -19.75 15.88
CA VAL B 24 -32.61 -19.52 15.73
C VAL B 24 -31.91 -20.88 15.85
N VAL B 25 -31.18 -21.28 14.80
CA VAL B 25 -30.43 -22.54 14.77
C VAL B 25 -28.97 -22.22 15.06
N GLY B 26 -28.48 -22.75 16.17
CA GLY B 26 -27.12 -22.54 16.63
C GLY B 26 -27.10 -21.50 17.73
N VAL B 27 -26.81 -21.92 18.95
CA VAL B 27 -26.86 -21.04 20.13
C VAL B 27 -25.45 -20.61 20.61
N GLY B 28 -24.56 -20.35 19.67
CA GLY B 28 -23.24 -19.84 20.00
C GLY B 28 -23.31 -18.34 20.19
N ALA B 29 -22.16 -17.65 20.05
CA ALA B 29 -22.08 -16.20 20.21
C ALA B 29 -23.03 -15.45 19.23
N VAL B 30 -23.06 -15.88 17.96
CA VAL B 30 -23.89 -15.24 16.94
C VAL B 30 -25.38 -15.50 17.17
N GLY B 31 -25.75 -16.78 17.33
CA GLY B 31 -27.12 -17.17 17.58
C GLY B 31 -27.75 -16.52 18.77
N MET B 32 -26.99 -16.45 19.89
CA MET B 32 -27.50 -15.82 21.10
C MET B 32 -27.61 -14.30 20.97
N ALA B 33 -26.72 -13.65 20.17
CA ALA B 33 -26.78 -12.18 19.94
C ALA B 33 -28.02 -11.87 19.12
N CYS B 34 -28.33 -12.72 18.12
CA CYS B 34 -29.53 -12.62 17.28
C CYS B 34 -30.76 -12.77 18.17
N ALA B 35 -30.79 -13.83 19.01
CA ALA B 35 -31.90 -14.13 19.93
C ALA B 35 -32.22 -12.95 20.84
N ILE B 36 -31.20 -12.40 21.58
CA ILE B 36 -31.41 -11.28 22.49
C ILE B 36 -31.90 -10.02 21.76
N SER B 37 -31.35 -9.75 20.55
CA SER B 37 -31.73 -8.57 19.78
C SER B 37 -33.17 -8.66 19.30
N ILE B 38 -33.57 -9.85 18.83
CA ILE B 38 -34.94 -10.12 18.37
C ILE B 38 -35.94 -10.03 19.54
N LEU B 39 -35.58 -10.57 20.71
CA LEU B 39 -36.47 -10.53 21.88
C LEU B 39 -36.65 -9.09 22.37
N MET B 40 -35.57 -8.29 22.34
CA MET B 40 -35.63 -6.90 22.79
C MET B 40 -36.34 -5.98 21.79
N LYS B 41 -36.56 -6.44 20.56
CA LYS B 41 -37.27 -5.69 19.52
C LYS B 41 -38.73 -6.10 19.36
N ASP B 42 -39.22 -7.06 20.20
CA ASP B 42 -40.58 -7.59 20.22
C ASP B 42 -41.04 -8.08 18.83
N LEU B 43 -40.16 -8.81 18.14
CA LEU B 43 -40.45 -9.27 16.78
C LEU B 43 -41.20 -10.58 16.70
N ALA B 44 -41.19 -11.36 17.80
CA ALA B 44 -41.83 -12.67 17.85
C ALA B 44 -42.72 -12.93 19.06
N ASP B 45 -43.72 -13.80 18.89
CA ASP B 45 -44.60 -14.24 19.96
C ASP B 45 -44.10 -15.59 20.48
N GLU B 46 -43.19 -16.21 19.71
CA GLU B 46 -42.55 -17.48 20.05
C GLU B 46 -41.14 -17.52 19.50
N LEU B 47 -40.19 -17.92 20.36
CA LEU B 47 -38.80 -18.10 19.98
C LEU B 47 -38.38 -19.54 20.22
N ALA B 48 -37.90 -20.20 19.16
CA ALA B 48 -37.41 -21.56 19.25
C ALA B 48 -35.92 -21.57 19.03
N LEU B 49 -35.21 -22.40 19.80
CA LEU B 49 -33.74 -22.52 19.69
C LEU B 49 -33.36 -23.96 19.46
N VAL B 50 -32.44 -24.21 18.49
CA VAL B 50 -31.95 -25.54 18.21
C VAL B 50 -30.41 -25.55 18.20
N ASP B 51 -29.81 -26.64 18.71
CA ASP B 51 -28.36 -26.88 18.71
C ASP B 51 -28.10 -28.39 18.89
N VAL B 52 -26.86 -28.84 18.65
CA VAL B 52 -26.42 -30.21 18.83
C VAL B 52 -25.92 -30.45 20.27
N ILE B 53 -25.42 -29.37 20.94
CA ILE B 53 -24.94 -29.42 22.33
C ILE B 53 -26.16 -29.19 23.20
N GLU B 54 -26.74 -30.28 23.72
CA GLU B 54 -27.97 -30.28 24.52
C GLU B 54 -27.91 -29.51 25.85
N ASP B 55 -26.76 -29.56 26.54
CA ASP B 55 -26.62 -28.87 27.82
C ASP B 55 -26.61 -27.36 27.62
N LYS B 56 -25.76 -26.88 26.68
CA LYS B 56 -25.59 -25.48 26.33
C LYS B 56 -26.95 -24.90 25.90
N LEU B 57 -27.68 -25.64 25.04
CA LEU B 57 -28.99 -25.28 24.53
C LEU B 57 -29.99 -25.07 25.66
N LYS B 58 -30.08 -26.02 26.61
CA LYS B 58 -31.01 -25.95 27.76
C LYS B 58 -30.63 -24.76 28.65
N GLY B 59 -29.33 -24.55 28.88
CA GLY B 59 -28.82 -23.45 29.67
C GLY B 59 -29.12 -22.10 29.08
N GLU B 60 -28.96 -21.95 27.77
CA GLU B 60 -29.25 -20.71 27.04
C GLU B 60 -30.74 -20.36 27.08
N MET B 61 -31.59 -21.37 26.78
CA MET B 61 -33.04 -21.25 26.82
C MET B 61 -33.49 -20.80 28.22
N MET B 62 -33.01 -21.48 29.28
CA MET B 62 -33.34 -21.16 30.68
C MET B 62 -32.95 -19.72 31.06
N ASP B 63 -31.75 -19.29 30.65
CA ASP B 63 -31.23 -17.95 30.93
C ASP B 63 -32.15 -16.90 30.32
N LEU B 64 -32.60 -17.13 29.06
CA LEU B 64 -33.55 -16.27 28.37
C LEU B 64 -34.89 -16.29 29.09
N GLN B 65 -35.42 -17.48 29.43
CA GLN B 65 -36.68 -17.65 30.16
C GLN B 65 -36.68 -16.92 31.50
N HIS B 66 -35.55 -16.90 32.20
CA HIS B 66 -35.47 -16.19 33.48
C HIS B 66 -35.63 -14.66 33.36
N GLY B 67 -35.52 -14.13 32.12
CA GLY B 67 -35.68 -12.71 31.81
C GLY B 67 -37.05 -12.36 31.25
N SER B 68 -37.99 -13.35 31.20
CA SER B 68 -39.36 -13.23 30.65
C SER B 68 -40.16 -12.03 31.15
N LEU B 69 -39.99 -11.67 32.43
CA LEU B 69 -40.67 -10.52 33.05
C LEU B 69 -40.33 -9.24 32.33
N PHE B 70 -39.11 -9.18 31.76
CA PHE B 70 -38.62 -7.98 31.08
C PHE B 70 -38.83 -8.00 29.57
N LEU B 71 -39.40 -9.08 29.05
CA LEU B 71 -39.66 -9.25 27.63
C LEU B 71 -41.16 -9.33 27.33
N ARG B 72 -41.53 -9.33 26.03
CA ARG B 72 -42.93 -9.47 25.58
C ARG B 72 -43.05 -10.65 24.59
N THR B 73 -42.18 -11.67 24.74
CA THR B 73 -42.18 -12.90 23.94
C THR B 73 -42.59 -13.98 24.94
N PRO B 74 -43.88 -14.38 24.93
CA PRO B 74 -44.40 -15.25 25.99
C PRO B 74 -43.93 -16.70 25.98
N LYS B 75 -43.34 -17.18 24.88
CA LYS B 75 -42.94 -18.58 24.78
C LYS B 75 -41.57 -18.71 24.18
N ILE B 76 -40.66 -19.30 24.97
CA ILE B 76 -39.28 -19.59 24.56
C ILE B 76 -39.09 -21.09 24.70
N VAL B 77 -38.82 -21.76 23.58
CA VAL B 77 -38.64 -23.22 23.52
C VAL B 77 -37.29 -23.59 22.92
N SER B 78 -36.83 -24.81 23.20
CA SER B 78 -35.59 -25.32 22.64
C SER B 78 -35.61 -26.84 22.57
N GLY B 79 -34.75 -27.39 21.73
CA GLY B 79 -34.61 -28.82 21.53
C GLY B 79 -33.69 -29.17 20.39
N LYS B 80 -33.08 -30.38 20.49
CA LYS B 80 -32.21 -30.93 19.46
C LYS B 80 -33.08 -31.39 18.25
N ASP B 81 -34.32 -31.81 18.53
CA ASP B 81 -35.33 -32.23 17.55
C ASP B 81 -36.00 -30.99 16.96
N TYR B 82 -36.15 -30.95 15.63
CA TYR B 82 -36.73 -29.80 14.92
C TYR B 82 -38.25 -29.67 15.00
N ASN B 83 -38.93 -30.56 15.74
CA ASN B 83 -40.37 -30.42 15.93
C ASN B 83 -40.70 -29.15 16.76
N VAL B 84 -39.72 -28.64 17.55
CA VAL B 84 -39.86 -27.39 18.35
C VAL B 84 -39.91 -26.16 17.43
N THR B 85 -39.46 -26.33 16.18
CA THR B 85 -39.41 -25.26 15.18
C THR B 85 -40.65 -25.15 14.31
N ALA B 86 -41.60 -26.09 14.41
CA ALA B 86 -42.81 -26.13 13.59
C ALA B 86 -43.57 -24.79 13.48
N ASN B 87 -43.96 -24.43 12.25
CA ASN B 87 -44.70 -23.21 11.86
C ASN B 87 -44.00 -21.88 12.20
N SER B 88 -42.66 -21.83 11.99
CA SER B 88 -41.88 -20.62 12.15
C SER B 88 -42.06 -19.76 10.90
N LYS B 89 -42.26 -18.44 11.05
CA LYS B 89 -42.37 -17.50 9.92
C LYS B 89 -40.96 -17.25 9.37
N LEU B 90 -39.98 -17.26 10.27
CA LEU B 90 -38.59 -16.99 9.96
C LEU B 90 -37.65 -17.92 10.69
N VAL B 91 -36.72 -18.53 9.95
CA VAL B 91 -35.71 -19.43 10.51
C VAL B 91 -34.35 -18.84 10.19
N ILE B 92 -33.60 -18.51 11.25
CA ILE B 92 -32.26 -17.93 11.21
C ILE B 92 -31.18 -19.00 11.47
N ILE B 93 -30.30 -19.21 10.49
CA ILE B 93 -29.24 -20.22 10.58
C ILE B 93 -27.90 -19.57 10.90
N THR B 94 -27.37 -19.83 12.10
CA THR B 94 -26.09 -19.29 12.57
C THR B 94 -25.16 -20.45 13.03
N ALA B 95 -25.54 -21.71 12.75
CA ALA B 95 -24.77 -22.86 13.18
C ALA B 95 -23.53 -23.05 12.33
N GLY B 96 -22.46 -23.49 12.96
CA GLY B 96 -21.24 -23.80 12.22
C GLY B 96 -19.93 -23.27 12.73
N ALA B 97 -18.88 -23.71 12.03
CA ALA B 97 -17.50 -23.32 12.26
C ALA B 97 -17.32 -21.84 11.91
N ARG B 98 -16.57 -21.14 12.75
CA ARG B 98 -16.26 -19.73 12.54
C ARG B 98 -14.80 -19.59 12.17
N GLN B 99 -14.50 -18.55 11.38
CA GLN B 99 -13.16 -18.21 10.92
C GLN B 99 -12.23 -17.77 12.06
N GLN B 100 -11.01 -18.32 12.06
CA GLN B 100 -9.98 -17.99 13.03
C GLN B 100 -9.24 -16.74 12.61
N GLU B 101 -8.35 -16.25 13.49
CA GLU B 101 -7.49 -15.10 13.23
C GLU B 101 -6.73 -15.32 11.91
N GLY B 102 -6.93 -14.41 10.95
CA GLY B 102 -6.28 -14.45 9.63
C GLY B 102 -6.80 -15.47 8.62
N GLU B 103 -7.86 -16.23 9.01
CA GLU B 103 -8.48 -17.26 8.17
C GLU B 103 -9.59 -16.64 7.37
N SER B 104 -9.69 -17.07 6.10
CA SER B 104 -10.73 -16.64 5.19
C SER B 104 -12.04 -17.37 5.51
N ARG B 105 -13.18 -16.67 5.31
CA ARG B 105 -14.52 -17.22 5.48
C ARG B 105 -14.73 -18.37 4.45
N LEU B 106 -14.04 -18.30 3.30
CA LEU B 106 -14.12 -19.29 2.20
C LEU B 106 -13.49 -20.63 2.59
N ASN B 107 -12.63 -20.64 3.60
CA ASN B 107 -12.05 -21.85 4.16
C ASN B 107 -13.06 -22.65 5.03
N LEU B 108 -14.24 -22.07 5.34
CA LEU B 108 -15.26 -22.73 6.15
C LEU B 108 -16.24 -23.55 5.34
N VAL B 109 -16.23 -23.37 4.04
CA VAL B 109 -17.20 -23.90 3.09
C VAL B 109 -17.50 -25.41 3.27
N GLN B 110 -16.52 -26.34 3.23
CA GLN B 110 -16.85 -27.77 3.31
C GLN B 110 -17.40 -28.24 4.67
N ARG B 111 -16.87 -27.65 5.76
CA ARG B 111 -17.33 -27.90 7.12
C ARG B 111 -18.82 -27.51 7.30
N ASN B 112 -19.20 -26.28 6.89
CA ASN B 112 -20.56 -25.76 7.06
C ASN B 112 -21.53 -26.26 6.00
N VAL B 113 -21.02 -26.70 4.81
CA VAL B 113 -21.87 -27.33 3.78
C VAL B 113 -22.46 -28.64 4.36
N ASN B 114 -21.61 -29.45 5.03
CA ASN B 114 -21.97 -30.74 5.65
C ASN B 114 -22.97 -30.58 6.78
N ILE B 115 -22.87 -29.43 7.51
CA ILE B 115 -23.75 -29.06 8.60
C ILE B 115 -25.14 -28.71 8.04
N PHE B 116 -25.16 -27.94 6.93
CA PHE B 116 -26.38 -27.52 6.22
C PHE B 116 -27.12 -28.69 5.59
N LYS B 117 -26.37 -29.72 5.14
CA LYS B 117 -26.94 -30.93 4.53
C LYS B 117 -27.91 -31.62 5.48
N PHE B 118 -27.67 -31.46 6.79
CA PHE B 118 -28.51 -32.01 7.85
C PHE B 118 -29.58 -31.02 8.34
N ILE B 119 -29.21 -29.73 8.54
CA ILE B 119 -30.07 -28.67 9.08
C ILE B 119 -31.22 -28.28 8.15
N ILE B 120 -30.90 -27.84 6.92
CA ILE B 120 -31.90 -27.36 5.95
C ILE B 120 -33.07 -28.36 5.75
N PRO B 121 -32.89 -29.68 5.50
CA PRO B 121 -34.07 -30.56 5.34
C PRO B 121 -34.97 -30.63 6.58
N ASN B 122 -34.37 -30.55 7.77
CA ASN B 122 -35.10 -30.59 9.04
C ASN B 122 -35.95 -29.34 9.26
N VAL B 123 -35.40 -28.15 8.90
CA VAL B 123 -36.10 -26.87 9.01
C VAL B 123 -37.29 -26.83 8.03
N VAL B 124 -37.05 -27.21 6.76
CA VAL B 124 -38.08 -27.20 5.69
C VAL B 124 -39.24 -28.15 6.00
N LYS B 125 -38.94 -29.27 6.67
CA LYS B 125 -39.95 -30.25 7.04
C LYS B 125 -40.97 -29.67 8.03
N TYR B 126 -40.49 -28.90 9.03
CA TYR B 126 -41.36 -28.37 10.07
C TYR B 126 -41.89 -26.96 9.78
N SER B 127 -41.19 -26.17 8.96
CA SER B 127 -41.68 -24.86 8.55
C SER B 127 -41.55 -24.71 7.01
N PRO B 128 -42.41 -25.40 6.22
CA PRO B 128 -42.28 -25.33 4.74
C PRO B 128 -42.53 -23.95 4.13
N ASN B 129 -43.26 -23.06 4.83
CA ASN B 129 -43.57 -21.72 4.31
C ASN B 129 -42.72 -20.59 4.92
N CYS B 130 -41.71 -20.93 5.72
CA CYS B 130 -40.84 -19.94 6.33
C CYS B 130 -39.93 -19.22 5.33
N LYS B 131 -39.27 -18.21 5.82
CA LYS B 131 -38.23 -17.49 5.10
C LYS B 131 -36.97 -17.96 5.81
N LEU B 132 -35.92 -18.21 5.02
CA LEU B 132 -34.64 -18.65 5.54
C LEU B 132 -33.69 -17.48 5.54
N LEU B 133 -33.14 -17.19 6.70
CA LEU B 133 -32.14 -16.14 6.86
C LEU B 133 -30.84 -16.80 7.29
N ILE B 134 -29.88 -16.86 6.35
CA ILE B 134 -28.57 -17.50 6.52
C ILE B 134 -27.56 -16.50 7.06
N VAL B 135 -26.83 -16.89 8.11
CA VAL B 135 -25.81 -16.04 8.76
C VAL B 135 -24.44 -16.74 8.73
N SER B 136 -24.43 -18.08 8.89
CA SER B 136 -23.23 -18.94 8.88
C SER B 136 -22.32 -18.62 7.70
N ASN B 137 -20.99 -18.63 7.92
CA ASN B 137 -20.04 -18.29 6.86
C ASN B 137 -19.50 -19.47 6.03
N PRO B 138 -19.19 -19.30 4.71
CA PRO B 138 -19.33 -18.06 3.90
C PRO B 138 -20.78 -17.88 3.51
N VAL B 139 -21.39 -16.80 4.05
CA VAL B 139 -22.81 -16.48 3.96
C VAL B 139 -23.35 -16.53 2.51
N ASP B 140 -22.64 -15.96 1.52
CA ASP B 140 -23.08 -15.97 0.12
C ASP B 140 -23.20 -17.38 -0.44
N ILE B 141 -22.17 -18.22 -0.26
CA ILE B 141 -22.16 -19.62 -0.69
C ILE B 141 -23.21 -20.44 0.07
N LEU B 142 -23.28 -20.27 1.40
CA LEU B 142 -24.24 -21.02 2.22
C LEU B 142 -25.71 -20.64 1.96
N THR B 143 -25.97 -19.43 1.41
CA THR B 143 -27.32 -19.02 1.01
C THR B 143 -27.69 -19.81 -0.24
N TYR B 144 -26.73 -19.96 -1.16
CA TYR B 144 -26.88 -20.76 -2.37
C TYR B 144 -27.18 -22.21 -2.00
N VAL B 145 -26.39 -22.75 -1.05
CA VAL B 145 -26.48 -24.11 -0.53
C VAL B 145 -27.87 -24.33 0.06
N ALA B 146 -28.33 -23.41 0.93
CA ALA B 146 -29.66 -23.46 1.56
C ALA B 146 -30.78 -23.42 0.53
N TRP B 147 -30.61 -22.61 -0.53
CA TRP B 147 -31.58 -22.50 -1.62
C TRP B 147 -31.67 -23.82 -2.39
N LYS B 148 -30.51 -24.45 -2.68
CA LYS B 148 -30.43 -25.70 -3.42
C LYS B 148 -31.04 -26.86 -2.67
N ILE B 149 -30.67 -27.04 -1.37
CA ILE B 149 -31.17 -28.12 -0.52
C ILE B 149 -32.66 -27.98 -0.23
N SER B 150 -33.14 -26.75 0.11
CA SER B 150 -34.56 -26.50 0.45
C SER B 150 -35.53 -26.70 -0.72
N GLY B 151 -35.15 -26.27 -1.92
CA GLY B 151 -36.03 -26.28 -3.07
C GLY B 151 -37.02 -25.12 -3.03
N PHE B 152 -36.79 -24.17 -2.10
CA PHE B 152 -37.60 -22.98 -1.89
C PHE B 152 -37.42 -22.00 -3.05
N PRO B 153 -38.44 -21.15 -3.35
CA PRO B 153 -38.23 -20.12 -4.37
C PRO B 153 -37.20 -19.13 -3.84
N LYS B 154 -36.38 -18.55 -4.73
CA LYS B 154 -35.27 -17.66 -4.39
C LYS B 154 -35.67 -16.47 -3.43
N ASN B 155 -36.95 -16.06 -3.41
CA ASN B 155 -37.44 -14.98 -2.56
C ASN B 155 -37.41 -15.31 -1.09
N ARG B 156 -37.60 -16.59 -0.74
CA ARG B 156 -37.64 -17.06 0.66
C ARG B 156 -36.27 -17.53 1.20
N VAL B 157 -35.17 -17.29 0.45
CA VAL B 157 -33.80 -17.66 0.86
C VAL B 157 -32.95 -16.37 0.83
N ILE B 158 -32.62 -15.86 2.02
CA ILE B 158 -31.90 -14.60 2.20
C ILE B 158 -30.65 -14.82 3.04
N GLY B 159 -29.54 -14.28 2.58
CA GLY B 159 -28.29 -14.28 3.31
C GLY B 159 -28.10 -12.91 3.95
N SER B 160 -27.63 -12.88 5.22
CA SER B 160 -27.39 -11.62 5.94
C SER B 160 -26.50 -10.66 5.11
N GLY B 161 -25.59 -11.25 4.35
CA GLY B 161 -24.71 -10.59 3.40
C GLY B 161 -24.02 -9.33 3.86
N CYS B 162 -24.19 -8.26 3.07
CA CYS B 162 -23.49 -6.99 3.22
C CYS B 162 -24.25 -5.96 4.00
N ASN B 163 -25.28 -6.39 4.72
CA ASN B 163 -26.04 -5.50 5.56
C ASN B 163 -25.11 -4.98 6.69
N LEU B 164 -24.29 -5.89 7.25
CA LEU B 164 -23.31 -5.59 8.29
C LEU B 164 -22.15 -4.72 7.74
N ASP B 165 -21.63 -5.08 6.54
CA ASP B 165 -20.52 -4.37 5.86
C ASP B 165 -20.94 -2.94 5.60
N SER B 166 -22.18 -2.75 5.10
CA SER B 166 -22.74 -1.42 4.85
C SER B 166 -22.93 -0.63 6.16
N ALA B 167 -23.42 -1.30 7.22
CA ALA B 167 -23.59 -0.71 8.54
C ALA B 167 -22.24 -0.23 9.13
N ARG B 168 -21.16 -1.03 8.98
CA ARG B 168 -19.81 -0.69 9.43
C ARG B 168 -19.23 0.46 8.61
N PHE B 169 -19.51 0.47 7.29
CA PHE B 169 -19.06 1.51 6.36
C PHE B 169 -19.64 2.87 6.74
N ARG B 170 -20.94 2.87 7.05
CA ARG B 170 -21.70 4.05 7.48
C ARG B 170 -21.23 4.54 8.83
N TYR B 171 -20.81 3.61 9.73
CA TYR B 171 -20.29 3.95 11.06
C TYR B 171 -18.99 4.74 10.90
N LEU B 172 -18.11 4.25 10.02
CA LEU B 172 -16.80 4.86 9.72
C LEU B 172 -16.94 6.19 9.00
N MET B 173 -17.89 6.26 8.06
CA MET B 173 -18.23 7.45 7.29
C MET B 173 -18.72 8.54 8.27
N GLY B 174 -19.61 8.13 9.19
CA GLY B 174 -20.18 8.98 10.23
C GLY B 174 -19.14 9.57 11.16
N GLU B 175 -18.15 8.74 11.52
CA GLU B 175 -17.06 9.09 12.39
C GLU B 175 -16.16 10.15 11.70
N ARG B 176 -15.92 9.98 10.37
CA ARG B 176 -15.13 10.89 9.56
C ARG B 176 -15.80 12.25 9.38
N LEU B 177 -17.15 12.25 9.19
CA LEU B 177 -17.92 13.45 8.92
C LEU B 177 -18.61 14.13 10.14
N GLY B 178 -18.64 13.47 11.29
CA GLY B 178 -19.29 14.00 12.49
C GLY B 178 -20.81 13.97 12.39
N VAL B 179 -21.35 12.97 11.67
CA VAL B 179 -22.79 12.77 11.41
C VAL B 179 -23.19 11.36 11.89
N HIS B 180 -24.42 11.20 12.42
CA HIS B 180 -24.92 9.88 12.82
C HIS B 180 -24.96 8.94 11.60
N PRO B 181 -24.52 7.65 11.75
CA PRO B 181 -24.60 6.69 10.62
C PRO B 181 -25.94 6.65 9.90
N LEU B 182 -27.06 6.94 10.61
CA LEU B 182 -28.42 6.95 10.03
C LEU B 182 -28.54 7.94 8.90
N SER B 183 -27.79 9.06 9.00
CA SER B 183 -27.82 10.17 8.04
C SER B 183 -26.71 10.08 7.00
N CYS B 184 -25.77 9.12 7.16
CA CYS B 184 -24.66 8.85 6.24
C CYS B 184 -25.07 7.71 5.35
N HIS B 185 -25.16 7.93 4.03
CA HIS B 185 -25.58 6.88 3.14
C HIS B 185 -24.45 6.40 2.26
N GLY B 186 -24.33 5.08 2.18
CA GLY B 186 -23.28 4.39 1.43
C GLY B 186 -23.57 2.91 1.37
N TRP B 187 -23.20 2.27 0.25
CA TRP B 187 -23.48 0.87 0.03
C TRP B 187 -22.23 0.05 -0.28
N VAL B 188 -22.10 -1.07 0.42
CA VAL B 188 -21.04 -2.07 0.20
C VAL B 188 -21.80 -3.28 -0.34
N LEU B 189 -21.51 -3.67 -1.58
CA LEU B 189 -22.22 -4.77 -2.22
C LEU B 189 -21.30 -5.95 -2.55
N GLY B 190 -21.89 -7.03 -3.07
CA GLY B 190 -21.15 -8.22 -3.47
C GLY B 190 -20.90 -9.22 -2.38
N GLU B 191 -19.65 -9.75 -2.31
CA GLU B 191 -19.27 -10.77 -1.34
C GLU B 191 -19.16 -10.18 0.05
N HIS B 192 -19.74 -10.87 1.06
CA HIS B 192 -19.55 -10.51 2.47
C HIS B 192 -18.15 -11.07 2.77
N GLY B 193 -17.15 -10.26 2.52
CA GLY B 193 -15.78 -10.69 2.69
C GLY B 193 -14.82 -9.82 1.94
N ASP B 194 -13.65 -10.38 1.63
CA ASP B 194 -12.52 -9.72 1.01
C ASP B 194 -12.81 -9.06 -0.35
N SER B 195 -13.75 -9.59 -1.15
CA SER B 195 -14.02 -9.01 -2.47
C SER B 195 -15.28 -8.11 -2.55
N SER B 196 -15.72 -7.55 -1.40
CA SER B 196 -16.86 -6.62 -1.34
C SER B 196 -16.58 -5.34 -2.13
N VAL B 197 -17.65 -4.73 -2.67
CA VAL B 197 -17.55 -3.56 -3.54
C VAL B 197 -18.16 -2.30 -2.91
N PRO B 198 -17.32 -1.27 -2.63
CA PRO B 198 -17.86 0.02 -2.15
C PRO B 198 -18.39 0.83 -3.35
N VAL B 199 -19.68 1.17 -3.33
CA VAL B 199 -20.30 1.94 -4.41
C VAL B 199 -20.10 3.43 -4.11
N TRP B 200 -18.92 3.98 -4.52
CA TRP B 200 -18.54 5.38 -4.28
C TRP B 200 -19.55 6.39 -4.83
N SER B 201 -20.19 6.05 -5.95
CA SER B 201 -21.15 6.91 -6.64
C SER B 201 -22.42 7.21 -5.84
N GLY B 202 -22.84 6.24 -5.03
CA GLY B 202 -24.06 6.33 -4.21
C GLY B 202 -23.87 6.97 -2.84
N MET B 203 -22.62 7.25 -2.45
CA MET B 203 -22.28 7.87 -1.19
C MET B 203 -22.77 9.29 -1.09
N ASN B 204 -23.57 9.56 -0.07
CA ASN B 204 -24.19 10.87 0.13
C ASN B 204 -24.63 11.14 1.57
N VAL B 205 -24.80 12.43 1.86
CA VAL B 205 -25.37 12.96 3.09
C VAL B 205 -26.43 13.96 2.55
N ALA B 206 -27.69 13.79 2.96
CA ALA B 206 -28.80 14.65 2.55
C ALA B 206 -28.97 14.76 1.01
N GLY B 207 -28.66 13.66 0.30
CA GLY B 207 -28.76 13.59 -1.15
C GLY B 207 -27.65 14.33 -1.89
N VAL B 208 -26.64 14.82 -1.15
CA VAL B 208 -25.49 15.53 -1.73
C VAL B 208 -24.43 14.46 -2.02
N SER B 209 -24.16 14.20 -3.33
CA SER B 209 -23.17 13.22 -3.78
C SER B 209 -21.76 13.62 -3.37
N LEU B 210 -21.09 12.73 -2.64
CA LEU B 210 -19.73 12.92 -2.13
C LEU B 210 -18.71 12.85 -3.28
N LYS B 211 -18.99 11.98 -4.28
CA LYS B 211 -18.18 11.78 -5.48
C LYS B 211 -18.21 13.03 -6.37
N THR B 212 -19.38 13.71 -6.44
CA THR B 212 -19.54 14.93 -7.23
C THR B 212 -18.73 16.07 -6.59
N LEU B 213 -18.79 16.20 -5.27
CA LEU B 213 -18.05 17.19 -4.50
C LEU B 213 -16.55 16.94 -4.51
N HIS B 214 -16.16 15.66 -4.41
CA HIS B 214 -14.77 15.23 -4.34
C HIS B 214 -14.58 14.13 -5.40
N PRO B 215 -14.24 14.50 -6.66
CA PRO B 215 -14.12 13.49 -7.74
C PRO B 215 -13.05 12.41 -7.53
N ASP B 216 -12.11 12.65 -6.62
CA ASP B 216 -11.04 11.72 -6.26
C ASP B 216 -11.50 10.62 -5.29
N LEU B 217 -12.77 10.69 -4.81
CA LEU B 217 -13.37 9.73 -3.86
C LEU B 217 -13.19 8.26 -4.26
N GLY B 218 -12.50 7.52 -3.39
CA GLY B 218 -12.26 6.10 -3.53
C GLY B 218 -11.17 5.70 -4.50
N THR B 219 -10.63 6.66 -5.27
CA THR B 219 -9.55 6.42 -6.22
C THR B 219 -8.20 6.51 -5.51
N ASP B 220 -7.14 6.13 -6.21
CA ASP B 220 -5.76 6.19 -5.71
C ASP B 220 -5.22 7.65 -5.73
N LYS B 221 -5.95 8.58 -6.42
CA LYS B 221 -5.65 10.03 -6.52
C LYS B 221 -6.00 10.78 -5.22
N ASP B 222 -7.06 10.32 -4.51
CA ASP B 222 -7.62 10.82 -3.23
C ASP B 222 -6.56 11.13 -2.16
N LYS B 223 -6.46 12.42 -1.79
CA LYS B 223 -5.56 12.91 -0.73
C LYS B 223 -6.10 12.51 0.65
N GLU B 224 -7.44 12.39 0.75
CA GLU B 224 -8.15 12.02 1.99
C GLU B 224 -8.17 10.50 2.24
N GLN B 225 -7.80 9.71 1.20
CA GLN B 225 -7.69 8.25 1.19
C GLN B 225 -8.97 7.56 1.68
N TRP B 226 -10.08 7.83 0.98
CA TRP B 226 -11.39 7.26 1.34
C TRP B 226 -11.46 5.77 1.07
N LYS B 227 -10.56 5.25 0.23
CA LYS B 227 -10.44 3.83 -0.10
C LYS B 227 -10.09 3.05 1.19
N GLU B 228 -9.40 3.71 2.16
CA GLU B 228 -9.03 3.16 3.48
C GLU B 228 -10.26 2.84 4.34
N VAL B 229 -11.37 3.56 4.13
CA VAL B 229 -12.65 3.34 4.83
C VAL B 229 -13.17 1.96 4.43
N HIS B 230 -13.13 1.61 3.13
CA HIS B 230 -13.55 0.30 2.69
C HIS B 230 -12.55 -0.80 3.11
N LYS B 231 -11.22 -0.50 3.12
CA LYS B 231 -10.21 -1.47 3.58
C LYS B 231 -10.55 -1.82 5.01
N GLN B 232 -10.85 -0.78 5.84
CA GLN B 232 -11.22 -0.92 7.25
C GLN B 232 -12.43 -1.82 7.39
N VAL B 233 -13.41 -1.71 6.47
CA VAL B 233 -14.62 -2.54 6.47
C VAL B 233 -14.26 -4.01 6.24
N VAL B 234 -13.47 -4.30 5.22
CA VAL B 234 -13.00 -5.66 4.89
C VAL B 234 -12.28 -6.30 6.08
N GLU B 235 -11.36 -5.56 6.66
CA GLU B 235 -10.50 -5.98 7.75
C GLU B 235 -11.16 -5.97 9.14
N SER B 236 -12.33 -5.30 9.31
CA SER B 236 -13.06 -5.14 10.59
C SER B 236 -13.29 -6.46 11.34
N ALA B 237 -13.80 -7.50 10.65
CA ALA B 237 -14.02 -8.82 11.28
C ALA B 237 -12.72 -9.41 11.82
N TYR B 238 -11.64 -9.34 11.02
CA TYR B 238 -10.30 -9.84 11.34
C TYR B 238 -9.77 -9.15 12.58
N GLU B 239 -10.00 -7.82 12.65
CA GLU B 239 -9.57 -6.98 13.75
C GLU B 239 -10.26 -7.35 15.05
N VAL B 240 -11.61 -7.52 15.01
CA VAL B 240 -12.46 -7.90 16.14
C VAL B 240 -12.14 -9.32 16.59
N ILE B 241 -11.98 -10.26 15.63
CA ILE B 241 -11.60 -11.65 15.91
C ILE B 241 -10.26 -11.68 16.63
N LYS B 242 -9.29 -10.88 16.15
CA LYS B 242 -7.96 -10.79 16.79
C LYS B 242 -8.09 -10.32 18.25
N LEU B 243 -8.96 -9.31 18.51
CA LEU B 243 -9.14 -8.71 19.82
C LEU B 243 -9.98 -9.52 20.82
N LYS B 244 -11.18 -10.03 20.41
CA LYS B 244 -12.09 -10.74 21.32
C LYS B 244 -12.36 -12.22 20.96
N GLY B 245 -11.79 -12.70 19.85
CA GLY B 245 -11.89 -14.09 19.44
C GLY B 245 -13.00 -14.43 18.47
N TYR B 246 -14.01 -13.54 18.34
CA TYR B 246 -15.20 -13.68 17.48
C TYR B 246 -15.91 -12.34 17.39
N THR B 247 -16.93 -12.26 16.54
CA THR B 247 -17.81 -11.09 16.40
C THR B 247 -19.22 -11.59 16.76
N SER B 248 -20.03 -10.75 17.41
CA SER B 248 -21.39 -11.17 17.82
C SER B 248 -22.44 -10.05 17.84
N TRP B 249 -22.21 -8.97 18.59
CA TRP B 249 -23.16 -7.88 18.80
C TRP B 249 -23.65 -7.20 17.51
N ALA B 250 -22.70 -6.73 16.65
CA ALA B 250 -23.00 -6.06 15.38
C ALA B 250 -23.84 -6.92 14.44
N ILE B 251 -23.50 -8.22 14.31
CA ILE B 251 -24.24 -9.15 13.45
C ILE B 251 -25.62 -9.47 14.03
N GLY B 252 -25.72 -9.58 15.37
CA GLY B 252 -26.98 -9.82 16.07
C GLY B 252 -27.97 -8.71 15.81
N LEU B 253 -27.46 -7.44 15.85
CA LEU B 253 -28.23 -6.21 15.58
C LEU B 253 -28.61 -6.09 14.10
N SER B 254 -27.70 -6.49 13.21
CA SER B 254 -27.93 -6.45 11.76
C SER B 254 -29.01 -7.47 11.37
N VAL B 255 -29.00 -8.66 12.01
CA VAL B 255 -29.97 -9.72 11.78
C VAL B 255 -31.35 -9.29 12.27
N ALA B 256 -31.41 -8.67 13.47
CA ALA B 256 -32.65 -8.18 14.06
C ALA B 256 -33.30 -7.12 13.15
N ASP B 257 -32.45 -6.28 12.49
CA ASP B 257 -32.87 -5.27 11.54
C ASP B 257 -33.54 -5.92 10.29
N LEU B 258 -32.93 -6.97 9.74
CA LEU B 258 -33.47 -7.73 8.61
C LEU B 258 -34.77 -8.43 9.00
N ALA B 259 -34.79 -9.06 10.21
CA ALA B 259 -35.96 -9.72 10.79
C ALA B 259 -37.12 -8.75 10.96
N GLU B 260 -36.83 -7.50 11.39
CA GLU B 260 -37.85 -6.45 11.55
C GLU B 260 -38.58 -6.16 10.22
N SER B 261 -37.85 -5.99 9.11
CA SER B 261 -38.41 -5.73 7.78
C SER B 261 -39.21 -6.93 7.27
N ILE B 262 -38.70 -8.15 7.52
CA ILE B 262 -39.46 -9.34 7.15
C ILE B 262 -40.76 -9.44 7.96
N MET B 263 -40.66 -9.54 9.32
CA MET B 263 -41.79 -9.73 10.24
C MET B 263 -42.86 -8.67 10.16
N LYS B 264 -42.44 -7.40 9.93
CA LYS B 264 -43.35 -6.26 9.87
C LYS B 264 -43.73 -5.86 8.44
N ASN B 265 -43.24 -6.60 7.42
CA ASN B 265 -43.48 -6.37 5.99
C ASN B 265 -43.19 -4.89 5.61
N LEU B 266 -42.08 -4.35 6.09
CA LEU B 266 -41.75 -2.94 5.93
C LEU B 266 -41.46 -2.51 4.49
N ARG B 267 -40.88 -3.41 3.67
CA ARG B 267 -40.50 -3.12 2.30
C ARG B 267 -39.39 -2.05 2.27
N ARG B 268 -38.46 -2.18 3.23
CA ARG B 268 -37.27 -1.38 3.30
C ARG B 268 -36.24 -2.07 2.41
N VAL B 269 -35.22 -1.30 1.97
CA VAL B 269 -34.17 -1.75 1.08
C VAL B 269 -32.93 -2.05 1.89
N HIS B 270 -32.44 -3.31 1.80
CA HIS B 270 -31.27 -3.80 2.52
C HIS B 270 -30.27 -4.48 1.57
N PRO B 271 -28.93 -4.38 1.79
CA PRO B 271 -27.99 -5.14 0.95
C PRO B 271 -27.88 -6.56 1.53
N VAL B 272 -28.55 -7.53 0.90
CA VAL B 272 -28.58 -8.92 1.36
C VAL B 272 -28.20 -9.89 0.24
N SER B 273 -27.68 -11.09 0.57
CA SER B 273 -27.29 -12.12 -0.41
C SER B 273 -28.52 -12.70 -1.07
N THR B 274 -28.58 -12.57 -2.41
CA THR B 274 -29.66 -13.05 -3.27
C THR B 274 -29.06 -13.52 -4.58
N MET B 275 -29.82 -14.28 -5.37
CA MET B 275 -29.36 -14.76 -6.66
C MET B 275 -29.35 -13.63 -7.68
N ILE B 276 -28.17 -13.29 -8.19
CA ILE B 276 -27.95 -12.19 -9.15
C ILE B 276 -27.75 -12.64 -10.59
N LYS B 277 -28.10 -13.91 -10.92
CA LYS B 277 -28.01 -14.43 -12.28
C LYS B 277 -28.88 -13.56 -13.19
N GLY B 278 -28.29 -13.09 -14.28
CA GLY B 278 -28.94 -12.22 -15.26
C GLY B 278 -28.56 -10.76 -15.15
N LEU B 279 -27.79 -10.42 -14.12
CA LEU B 279 -27.34 -9.06 -13.86
C LEU B 279 -25.86 -8.95 -13.94
N TYR B 280 -25.37 -7.80 -14.45
CA TYR B 280 -23.96 -7.44 -14.57
C TYR B 280 -23.14 -8.51 -15.33
N GLY B 281 -23.77 -9.16 -16.30
CA GLY B 281 -23.15 -10.21 -17.12
C GLY B 281 -22.90 -11.52 -16.39
N ILE B 282 -23.55 -11.73 -15.23
CA ILE B 282 -23.43 -12.97 -14.45
C ILE B 282 -24.44 -13.96 -15.02
N LYS B 283 -23.93 -15.10 -15.50
CA LYS B 283 -24.71 -16.14 -16.17
C LYS B 283 -24.93 -17.36 -15.27
N ASP B 284 -24.21 -17.42 -14.15
CA ASP B 284 -24.26 -18.51 -13.17
C ASP B 284 -25.19 -18.24 -11.96
N ASP B 285 -25.59 -19.31 -11.24
CA ASP B 285 -26.47 -19.27 -10.06
C ASP B 285 -25.74 -18.72 -8.80
N VAL B 286 -25.09 -17.57 -8.93
CA VAL B 286 -24.32 -16.93 -7.87
C VAL B 286 -25.22 -16.09 -6.94
N PHE B 287 -24.97 -16.21 -5.64
CA PHE B 287 -25.64 -15.42 -4.62
C PHE B 287 -24.64 -14.40 -4.08
N LEU B 288 -25.02 -13.14 -4.08
CA LEU B 288 -24.22 -12.07 -3.48
C LEU B 288 -25.12 -10.86 -3.16
N SER B 289 -24.59 -9.92 -2.40
CA SER B 289 -25.36 -8.78 -1.95
C SER B 289 -25.58 -7.69 -2.98
N VAL B 290 -26.86 -7.36 -3.14
CA VAL B 290 -27.38 -6.28 -3.95
C VAL B 290 -28.54 -5.67 -3.12
N PRO B 291 -28.98 -4.40 -3.30
CA PRO B 291 -30.05 -3.87 -2.45
C PRO B 291 -31.40 -4.52 -2.80
N CYS B 292 -32.06 -5.12 -1.78
CA CYS B 292 -33.32 -5.83 -1.96
C CYS B 292 -34.44 -5.22 -1.13
N ILE B 293 -35.69 -5.33 -1.63
CA ILE B 293 -36.89 -4.91 -0.92
C ILE B 293 -37.32 -6.13 -0.09
N LEU B 294 -37.27 -5.97 1.24
CA LEU B 294 -37.51 -7.01 2.25
C LEU B 294 -38.85 -6.86 2.92
N GLY B 295 -39.58 -7.97 2.96
CA GLY B 295 -40.92 -7.99 3.50
C GLY B 295 -41.42 -9.36 3.91
N GLN B 296 -42.75 -9.48 4.08
CA GLN B 296 -43.36 -10.72 4.54
C GLN B 296 -43.13 -11.94 3.63
N ASN B 297 -42.70 -11.70 2.36
CA ASN B 297 -42.38 -12.80 1.42
C ASN B 297 -40.90 -12.86 1.11
N GLY B 298 -40.07 -12.27 2.00
CA GLY B 298 -38.63 -12.18 1.85
C GLY B 298 -38.28 -11.11 0.84
N ILE B 299 -37.43 -11.48 -0.14
CA ILE B 299 -36.98 -10.59 -1.22
C ILE B 299 -38.05 -10.58 -2.29
N SER B 300 -38.79 -9.46 -2.42
CA SER B 300 -39.86 -9.34 -3.42
C SER B 300 -39.35 -8.66 -4.69
N ASP B 301 -38.33 -7.81 -4.54
CA ASP B 301 -37.76 -6.99 -5.60
C ASP B 301 -36.28 -6.75 -5.34
N LEU B 302 -35.57 -6.32 -6.39
CA LEU B 302 -34.15 -6.01 -6.42
C LEU B 302 -33.98 -4.61 -6.95
N VAL B 303 -33.09 -3.81 -6.33
CA VAL B 303 -32.79 -2.48 -6.84
C VAL B 303 -31.66 -2.66 -7.85
N LYS B 304 -31.85 -2.14 -9.09
CA LYS B 304 -30.89 -2.22 -10.18
C LYS B 304 -29.92 -1.05 -10.07
N VAL B 305 -28.82 -1.27 -9.34
CA VAL B 305 -27.81 -0.24 -9.08
C VAL B 305 -27.00 0.08 -10.31
N THR B 306 -26.88 1.38 -10.61
CA THR B 306 -26.07 1.87 -11.72
C THR B 306 -24.64 1.88 -11.22
N LEU B 307 -23.79 1.03 -11.82
CA LEU B 307 -22.39 0.91 -11.41
C LEU B 307 -21.48 1.43 -12.49
N THR B 308 -20.28 1.90 -12.10
CA THR B 308 -19.26 2.31 -13.06
C THR B 308 -18.68 1.02 -13.64
N SER B 309 -17.97 1.11 -14.79
CA SER B 309 -17.35 -0.06 -15.41
C SER B 309 -16.39 -0.77 -14.45
N GLU B 310 -15.66 0.01 -13.64
CA GLU B 310 -14.75 -0.51 -12.62
C GLU B 310 -15.54 -1.25 -11.52
N GLU B 311 -16.62 -0.61 -10.97
CA GLU B 311 -17.52 -1.17 -9.95
C GLU B 311 -18.16 -2.48 -10.43
N GLU B 312 -18.67 -2.52 -11.68
CA GLU B 312 -19.29 -3.69 -12.28
C GLU B 312 -18.26 -4.83 -12.46
N ALA B 313 -17.02 -4.49 -12.85
CA ALA B 313 -15.92 -5.46 -13.03
C ALA B 313 -15.56 -6.14 -11.71
N ARG B 314 -15.49 -5.34 -10.63
CA ARG B 314 -15.21 -5.80 -9.27
C ARG B 314 -16.27 -6.79 -8.79
N LEU B 315 -17.55 -6.48 -9.10
CA LEU B 315 -18.68 -7.33 -8.75
C LEU B 315 -18.65 -8.65 -9.53
N LYS B 316 -18.24 -8.58 -10.81
CA LYS B 316 -18.08 -9.74 -11.69
C LYS B 316 -16.94 -10.65 -11.19
N LYS B 317 -15.85 -10.05 -10.68
CA LYS B 317 -14.70 -10.78 -10.12
C LYS B 317 -15.15 -11.56 -8.86
N SER B 318 -15.93 -10.88 -7.99
CA SER B 318 -16.53 -11.42 -6.76
C SER B 318 -17.41 -12.65 -7.12
N ALA B 319 -18.32 -12.47 -8.09
CA ALA B 319 -19.22 -13.52 -8.60
C ALA B 319 -18.44 -14.71 -9.18
N ASP B 320 -17.34 -14.45 -9.92
CA ASP B 320 -16.51 -15.49 -10.54
C ASP B 320 -15.84 -16.35 -9.48
N THR B 321 -15.30 -15.69 -8.44
CA THR B 321 -14.64 -16.31 -7.29
C THR B 321 -15.63 -17.23 -6.54
N LEU B 322 -16.86 -16.70 -6.30
CA LEU B 322 -17.92 -17.45 -5.60
C LEU B 322 -18.39 -18.65 -6.41
N TRP B 323 -18.58 -18.48 -7.73
CA TRP B 323 -19.03 -19.59 -8.58
C TRP B 323 -18.03 -20.74 -8.65
N GLY B 324 -16.74 -20.40 -8.67
CA GLY B 324 -15.64 -21.36 -8.69
C GLY B 324 -15.70 -22.32 -7.52
N ILE B 325 -16.01 -21.78 -6.33
CA ILE B 325 -16.17 -22.54 -5.09
C ILE B 325 -17.46 -23.38 -5.17
N GLN B 326 -18.59 -22.76 -5.61
CA GLN B 326 -19.93 -23.35 -5.75
C GLN B 326 -20.01 -24.52 -6.70
N LYS B 327 -19.27 -24.47 -7.82
CA LYS B 327 -19.26 -25.53 -8.84
C LYS B 327 -18.74 -26.85 -8.25
N GLU B 328 -17.81 -26.72 -7.32
CA GLU B 328 -17.09 -27.79 -6.63
C GLU B 328 -17.88 -28.44 -5.46
N LEU B 329 -19.21 -28.23 -5.41
CA LEU B 329 -20.03 -28.76 -4.32
C LEU B 329 -20.98 -29.86 -4.79
N GLN B 330 -21.01 -30.99 -4.04
CA GLN B 330 -21.93 -32.11 -4.30
C GLN B 330 -22.91 -32.24 -3.12
N PHE B 331 -24.20 -32.34 -3.45
CA PHE B 331 -25.31 -32.40 -2.48
C PHE B 331 -25.90 -33.81 -2.38
N ALA C 1 -38.30 1.56 -20.52
CA ALA C 1 -39.53 1.48 -19.73
C ALA C 1 -39.61 2.63 -18.68
N THR C 2 -40.58 2.54 -17.74
CA THR C 2 -40.78 3.50 -16.64
C THR C 2 -39.55 3.58 -15.74
N LEU C 3 -39.40 4.69 -14.99
CA LEU C 3 -38.31 4.89 -14.05
C LEU C 3 -38.32 3.76 -13.02
N LYS C 4 -39.54 3.41 -12.50
CA LYS C 4 -39.76 2.31 -11.55
C LYS C 4 -39.23 0.98 -12.09
N ASP C 5 -39.52 0.67 -13.38
CA ASP C 5 -39.06 -0.57 -14.03
C ASP C 5 -37.56 -0.57 -14.23
N GLN C 6 -36.96 0.59 -14.54
CA GLN C 6 -35.53 0.75 -14.74
C GLN C 6 -34.75 0.62 -13.42
N LEU C 7 -35.37 1.07 -12.30
CA LEU C 7 -34.78 1.08 -10.97
C LEU C 7 -34.99 -0.22 -10.19
N ILE C 8 -36.20 -0.79 -10.26
CA ILE C 8 -36.58 -1.98 -9.50
C ILE C 8 -36.89 -3.17 -10.42
N TYR C 9 -36.33 -4.35 -10.10
CA TYR C 9 -36.58 -5.59 -10.79
C TYR C 9 -37.48 -6.41 -9.88
N ASN C 10 -38.71 -6.70 -10.33
CA ASN C 10 -39.68 -7.48 -9.56
C ASN C 10 -39.45 -8.99 -9.62
N LEU C 11 -39.44 -9.66 -8.44
CA LEU C 11 -39.28 -11.11 -8.30
C LEU C 11 -40.62 -11.77 -8.08
N LEU C 12 -41.48 -11.15 -7.23
CA LEU C 12 -42.78 -11.71 -6.85
C LEU C 12 -44.00 -10.89 -7.26
N LYS C 13 -44.94 -11.53 -7.97
CA LYS C 13 -46.18 -10.91 -8.42
C LYS C 13 -47.31 -11.02 -7.41
N GLN C 16 -50.45 -11.55 -0.66
CA GLN C 16 -50.70 -12.36 0.54
C GLN C 16 -51.74 -11.72 1.50
N THR C 17 -52.59 -12.58 2.13
CA THR C 17 -53.62 -12.25 3.12
C THR C 17 -52.99 -11.49 4.29
N PRO C 18 -53.65 -10.45 4.87
CA PRO C 18 -53.04 -9.72 6.02
C PRO C 18 -52.75 -10.60 7.24
N GLN C 19 -51.51 -10.44 7.81
CA GLN C 19 -51.12 -11.29 8.93
C GLN C 19 -51.39 -10.70 10.32
N ASN C 20 -51.25 -9.38 10.50
CA ASN C 20 -51.49 -8.78 11.82
C ASN C 20 -52.31 -7.52 11.67
N LYS C 21 -53.44 -7.67 10.98
CA LYS C 21 -54.35 -6.59 10.65
C LYS C 21 -55.26 -6.21 11.81
N ILE C 22 -55.38 -4.88 12.01
CA ILE C 22 -56.26 -4.30 13.00
C ILE C 22 -57.16 -3.31 12.27
N THR C 23 -58.46 -3.33 12.59
CA THR C 23 -59.44 -2.37 12.09
C THR C 23 -59.95 -1.49 13.23
N VAL C 24 -60.06 -0.19 13.01
CA VAL C 24 -60.69 0.72 13.94
C VAL C 24 -61.96 1.23 13.24
N VAL C 25 -63.15 0.99 13.85
CA VAL C 25 -64.44 1.47 13.34
C VAL C 25 -64.83 2.73 14.13
N GLY C 26 -64.96 3.84 13.43
CA GLY C 26 -65.27 5.13 14.03
C GLY C 26 -63.96 5.88 14.16
N VAL C 27 -63.81 7.00 13.42
CA VAL C 27 -62.57 7.78 13.40
C VAL C 27 -62.73 9.11 14.11
N GLY C 28 -63.47 9.11 15.21
CA GLY C 28 -63.66 10.29 16.05
C GLY C 28 -62.46 10.45 16.95
N ALA C 29 -62.63 11.20 18.05
CA ALA C 29 -61.56 11.44 19.01
C ALA C 29 -61.02 10.12 19.61
N VAL C 30 -61.92 9.16 19.94
CA VAL C 30 -61.53 7.88 20.54
C VAL C 30 -60.81 7.00 19.53
N GLY C 31 -61.44 6.79 18.38
CA GLY C 31 -60.91 5.97 17.31
C GLY C 31 -59.54 6.38 16.87
N MET C 32 -59.34 7.70 16.69
CA MET C 32 -58.04 8.24 16.28
C MET C 32 -56.99 8.13 17.37
N ALA C 33 -57.36 8.25 18.66
CA ALA C 33 -56.42 8.09 19.77
C ALA C 33 -55.96 6.62 19.86
N CYS C 34 -56.89 5.68 19.59
CA CYS C 34 -56.62 4.24 19.56
C CYS C 34 -55.66 3.97 18.40
N ALA C 35 -55.98 4.51 17.20
CA ALA C 35 -55.17 4.36 16.00
C ALA C 35 -53.73 4.82 16.21
N ILE C 36 -53.50 6.06 16.73
CA ILE C 36 -52.15 6.60 16.96
C ILE C 36 -51.38 5.77 17.98
N SER C 37 -52.06 5.32 19.05
CA SER C 37 -51.45 4.51 20.11
C SER C 37 -50.99 3.17 19.59
N ILE C 38 -51.86 2.50 18.79
CA ILE C 38 -51.59 1.22 18.14
C ILE C 38 -50.42 1.36 17.15
N LEU C 39 -50.44 2.45 16.35
CA LEU C 39 -49.39 2.75 15.38
C LEU C 39 -48.03 2.96 16.04
N MET C 40 -47.99 3.67 17.15
CA MET C 40 -46.75 3.93 17.85
C MET C 40 -46.24 2.74 18.70
N LYS C 41 -47.08 1.70 18.87
CA LYS C 41 -46.70 0.50 19.60
C LYS C 41 -46.32 -0.68 18.69
N ASP C 42 -46.32 -0.45 17.36
CA ASP C 42 -45.98 -1.45 16.33
C ASP C 42 -46.80 -2.76 16.49
N LEU C 43 -48.10 -2.64 16.75
CA LEU C 43 -48.95 -3.82 16.98
C LEU C 43 -49.50 -4.48 15.71
N ALA C 44 -49.51 -3.75 14.60
CA ALA C 44 -50.09 -4.21 13.33
C ALA C 44 -49.22 -3.96 12.12
N ASP C 45 -49.38 -4.82 11.09
CA ASP C 45 -48.71 -4.67 9.79
C ASP C 45 -49.67 -3.97 8.84
N GLU C 46 -50.96 -3.93 9.21
CA GLU C 46 -52.03 -3.27 8.46
C GLU C 46 -53.05 -2.64 9.39
N LEU C 47 -53.34 -1.35 9.17
CA LEU C 47 -54.40 -0.63 9.89
C LEU C 47 -55.51 -0.20 8.90
N ALA C 48 -56.76 -0.61 9.20
CA ALA C 48 -57.93 -0.25 8.40
C ALA C 48 -58.81 0.68 9.23
N LEU C 49 -59.39 1.69 8.58
CA LEU C 49 -60.29 2.65 9.24
C LEU C 49 -61.62 2.69 8.51
N VAL C 50 -62.72 2.63 9.26
CA VAL C 50 -64.08 2.72 8.70
C VAL C 50 -64.86 3.79 9.47
N ASP C 51 -65.67 4.56 8.76
CA ASP C 51 -66.59 5.58 9.28
C ASP C 51 -67.69 5.83 8.23
N VAL C 52 -68.74 6.56 8.65
CA VAL C 52 -69.87 6.94 7.78
C VAL C 52 -69.63 8.34 7.17
N ILE C 53 -68.81 9.17 7.83
CA ILE C 53 -68.44 10.51 7.34
C ILE C 53 -67.20 10.29 6.46
N GLU C 54 -67.41 10.26 5.14
CA GLU C 54 -66.41 9.94 4.13
C GLU C 54 -65.25 10.94 4.02
N ASP C 55 -65.52 12.26 4.19
CA ASP C 55 -64.48 13.28 4.10
C ASP C 55 -63.52 13.17 5.27
N LYS C 56 -64.08 13.10 6.50
CA LYS C 56 -63.34 12.98 7.75
C LYS C 56 -62.43 11.74 7.71
N LEU C 57 -63.01 10.60 7.27
CA LEU C 57 -62.33 9.31 7.12
C LEU C 57 -61.12 9.40 6.19
N LYS C 58 -61.29 10.03 5.01
CA LYS C 58 -60.19 10.22 4.03
C LYS C 58 -59.10 11.11 4.60
N GLY C 59 -59.49 12.20 5.26
CA GLY C 59 -58.59 13.15 5.88
C GLY C 59 -57.75 12.55 7.00
N GLU C 60 -58.40 11.72 7.85
CA GLU C 60 -57.73 11.03 8.96
C GLU C 60 -56.71 10.02 8.45
N MET C 61 -57.12 9.20 7.45
CA MET C 61 -56.26 8.21 6.80
C MET C 61 -55.02 8.87 6.23
N MET C 62 -55.22 9.94 5.44
CA MET C 62 -54.12 10.70 4.80
C MET C 62 -53.15 11.28 5.82
N ASP C 63 -53.67 11.86 6.91
CA ASP C 63 -52.86 12.46 7.97
C ASP C 63 -51.93 11.39 8.59
N LEU C 64 -52.47 10.19 8.85
CA LEU C 64 -51.71 9.06 9.37
C LEU C 64 -50.68 8.63 8.36
N GLN C 65 -51.08 8.45 7.08
CA GLN C 65 -50.19 8.06 5.97
C GLN C 65 -49.01 9.03 5.80
N HIS C 66 -49.23 10.34 6.04
CA HIS C 66 -48.16 11.35 5.93
C HIS C 66 -47.09 11.22 7.04
N GLY C 67 -47.38 10.42 8.06
CA GLY C 67 -46.44 10.15 9.14
C GLY C 67 -45.74 8.81 9.03
N SER C 68 -45.98 8.07 7.92
CA SER C 68 -45.43 6.74 7.58
C SER C 68 -43.93 6.61 7.78
N LEU C 69 -43.16 7.66 7.48
CA LEU C 69 -41.71 7.66 7.62
C LEU C 69 -41.30 7.43 9.06
N PHE C 70 -42.15 7.85 10.01
CA PHE C 70 -41.86 7.74 11.43
C PHE C 70 -42.51 6.51 12.07
N LEU C 71 -43.23 5.69 11.25
CA LEU C 71 -43.91 4.50 11.75
C LEU C 71 -43.35 3.21 11.14
N ARG C 72 -43.82 2.04 11.62
CA ARG C 72 -43.42 0.72 11.12
C ARG C 72 -44.68 -0.15 10.83
N THR C 73 -45.76 0.48 10.35
CA THR C 73 -47.03 -0.11 9.90
C THR C 73 -47.12 0.28 8.42
N PRO C 74 -46.74 -0.65 7.52
CA PRO C 74 -46.59 -0.29 6.11
C PRO C 74 -47.87 -0.01 5.31
N LYS C 75 -49.02 -0.44 5.79
CA LYS C 75 -50.27 -0.25 5.06
C LYS C 75 -51.37 0.32 5.94
N ILE C 76 -51.85 1.52 5.59
CA ILE C 76 -52.95 2.20 6.24
C ILE C 76 -54.05 2.41 5.17
N VAL C 77 -55.23 1.78 5.38
CA VAL C 77 -56.36 1.85 4.46
C VAL C 77 -57.61 2.37 5.15
N SER C 78 -58.57 2.86 4.35
CA SER C 78 -59.86 3.34 4.85
C SER C 78 -60.95 3.20 3.80
N GLY C 79 -62.19 3.22 4.25
CA GLY C 79 -63.37 3.11 3.40
C GLY C 79 -64.64 2.91 4.19
N LYS C 80 -65.77 3.40 3.62
CA LYS C 80 -67.11 3.27 4.17
C LYS C 80 -67.57 1.80 4.02
N ASP C 81 -67.08 1.12 2.97
CA ASP C 81 -67.32 -0.29 2.66
C ASP C 81 -66.38 -1.15 3.53
N TYR C 82 -66.94 -2.19 4.16
CA TYR C 82 -66.21 -3.08 5.08
C TYR C 82 -65.27 -4.08 4.38
N ASN C 83 -65.17 -4.04 3.03
CA ASN C 83 -64.24 -4.92 2.32
C ASN C 83 -62.76 -4.56 2.67
N VAL C 84 -62.51 -3.30 3.11
CA VAL C 84 -61.19 -2.80 3.53
C VAL C 84 -60.75 -3.47 4.86
N THR C 85 -61.72 -4.02 5.58
CA THR C 85 -61.58 -4.62 6.88
C THR C 85 -61.21 -6.11 6.82
N ALA C 86 -61.43 -6.77 5.69
CA ALA C 86 -61.23 -8.21 5.49
C ALA C 86 -59.97 -8.78 6.15
N ASN C 87 -60.14 -9.91 6.85
CA ASN C 87 -59.12 -10.70 7.58
C ASN C 87 -58.37 -9.90 8.67
N SER C 88 -59.12 -9.12 9.45
CA SER C 88 -58.58 -8.38 10.59
C SER C 88 -58.52 -9.38 11.76
N LYS C 89 -57.41 -9.36 12.52
CA LYS C 89 -57.25 -10.23 13.69
C LYS C 89 -58.05 -9.62 14.82
N LEU C 90 -58.09 -8.28 14.84
CA LEU C 90 -58.77 -7.49 15.86
C LEU C 90 -59.57 -6.34 15.24
N VAL C 91 -60.83 -6.25 15.65
CA VAL C 91 -61.71 -5.18 15.22
C VAL C 91 -62.13 -4.36 16.43
N ILE C 92 -61.72 -3.08 16.47
CA ILE C 92 -62.00 -2.15 17.57
C ILE C 92 -63.17 -1.22 17.21
N ILE C 93 -64.27 -1.30 17.97
CA ILE C 93 -65.47 -0.50 17.74
C ILE C 93 -65.51 0.71 18.68
N THR C 94 -65.35 1.90 18.10
CA THR C 94 -65.35 3.19 18.81
C THR C 94 -66.46 4.11 18.25
N ALA C 95 -67.31 3.57 17.36
CA ALA C 95 -68.37 4.34 16.71
C ALA C 95 -69.55 4.63 17.62
N GLY C 96 -70.11 5.82 17.49
CA GLY C 96 -71.30 6.17 18.25
C GLY C 96 -71.34 7.48 19.01
N ALA C 97 -72.52 7.72 19.63
CA ALA C 97 -72.83 8.88 20.44
C ALA C 97 -72.04 8.83 21.74
N ARG C 98 -71.50 9.97 22.13
CA ARG C 98 -70.74 10.12 23.37
C ARG C 98 -71.55 10.97 24.39
N GLN C 99 -71.15 10.92 25.69
CA GLN C 99 -71.83 11.69 26.74
C GLN C 99 -71.64 13.19 26.58
N GLN C 100 -72.70 13.93 26.85
CA GLN C 100 -72.67 15.37 26.95
C GLN C 100 -72.42 15.58 28.44
N GLU C 101 -71.91 16.75 28.83
CA GLU C 101 -71.66 17.13 30.23
C GLU C 101 -72.89 16.74 31.08
N GLY C 102 -72.64 15.94 32.11
CA GLY C 102 -73.63 15.48 33.07
C GLY C 102 -74.52 14.35 32.64
N GLU C 103 -74.29 13.81 31.43
CA GLU C 103 -75.09 12.73 30.89
C GLU C 103 -74.51 11.37 31.26
N SER C 104 -75.39 10.42 31.62
CA SER C 104 -75.03 9.03 31.92
C SER C 104 -74.72 8.29 30.64
N ARG C 105 -73.76 7.35 30.69
CA ARG C 105 -73.41 6.49 29.56
C ARG C 105 -74.62 5.60 29.18
N LEU C 106 -75.47 5.28 30.18
CA LEU C 106 -76.68 4.45 30.00
C LEU C 106 -77.75 5.16 29.15
N ASN C 107 -77.67 6.49 29.05
CA ASN C 107 -78.57 7.28 28.20
C ASN C 107 -78.19 7.16 26.69
N LEU C 108 -77.10 6.44 26.36
CA LEU C 108 -76.67 6.30 24.96
C LEU C 108 -77.13 4.99 24.38
N VAL C 109 -77.61 4.09 25.23
CA VAL C 109 -77.92 2.72 24.88
C VAL C 109 -78.75 2.54 23.56
N GLN C 110 -80.00 3.06 23.47
CA GLN C 110 -80.88 2.87 22.30
C GLN C 110 -80.29 3.40 20.96
N ARG C 111 -79.64 4.57 20.96
CA ARG C 111 -79.08 5.12 19.72
C ARG C 111 -77.78 4.44 19.29
N ASN C 112 -77.02 3.85 20.25
CA ASN C 112 -75.78 3.14 19.93
C ASN C 112 -76.04 1.67 19.61
N VAL C 113 -77.17 1.10 20.08
CA VAL C 113 -77.60 -0.26 19.78
C VAL C 113 -77.97 -0.33 18.28
N ASN C 114 -78.66 0.72 17.76
CA ASN C 114 -79.06 0.82 16.35
C ASN C 114 -77.85 0.90 15.41
N ILE C 115 -76.76 1.55 15.86
CA ILE C 115 -75.50 1.70 15.14
C ILE C 115 -74.82 0.31 15.04
N PHE C 116 -74.81 -0.45 16.13
CA PHE C 116 -74.23 -1.78 16.22
C PHE C 116 -74.98 -2.81 15.37
N LYS C 117 -76.32 -2.63 15.23
CA LYS C 117 -77.18 -3.48 14.41
C LYS C 117 -76.73 -3.49 12.95
N PHE C 118 -76.08 -2.39 12.50
CA PHE C 118 -75.53 -2.23 11.15
C PHE C 118 -74.04 -2.62 11.06
N ILE C 119 -73.21 -2.19 12.05
CA ILE C 119 -71.77 -2.41 12.08
C ILE C 119 -71.38 -3.89 12.26
N ILE C 120 -71.86 -4.52 13.35
CA ILE C 120 -71.48 -5.89 13.71
C ILE C 120 -71.70 -6.89 12.55
N PRO C 121 -72.85 -6.95 11.82
CA PRO C 121 -72.95 -7.92 10.71
C PRO C 121 -71.94 -7.70 9.59
N ASN C 122 -71.58 -6.43 9.32
CA ASN C 122 -70.60 -6.07 8.30
C ASN C 122 -69.18 -6.49 8.68
N VAL C 123 -68.81 -6.35 9.97
CA VAL C 123 -67.49 -6.72 10.46
C VAL C 123 -67.36 -8.24 10.40
N VAL C 124 -68.38 -8.99 10.88
CA VAL C 124 -68.41 -10.47 10.94
C VAL C 124 -68.34 -11.09 9.55
N LYS C 125 -68.93 -10.42 8.55
CA LYS C 125 -68.92 -10.86 7.15
C LYS C 125 -67.49 -10.88 6.58
N TYR C 126 -66.68 -9.82 6.86
CA TYR C 126 -65.34 -9.71 6.31
C TYR C 126 -64.22 -10.27 7.22
N SER C 127 -64.45 -10.35 8.54
CA SER C 127 -63.48 -10.94 9.44
C SER C 127 -64.21 -11.91 10.38
N PRO C 128 -64.67 -13.09 9.87
CA PRO C 128 -65.41 -14.04 10.75
C PRO C 128 -64.63 -14.61 11.93
N ASN C 129 -63.28 -14.61 11.86
CA ASN C 129 -62.43 -15.14 12.93
C ASN C 129 -61.77 -14.07 13.80
N CYS C 130 -62.18 -12.80 13.66
CA CYS C 130 -61.59 -11.71 14.45
C CYS C 130 -62.02 -11.74 15.91
N LYS C 131 -61.32 -10.93 16.74
CA LYS C 131 -61.70 -10.67 18.11
C LYS C 131 -62.33 -9.28 18.05
N LEU C 132 -63.42 -9.08 18.77
CA LEU C 132 -64.10 -7.81 18.83
C LEU C 132 -63.75 -7.11 20.12
N LEU C 133 -63.24 -5.88 20.00
CA LEU C 133 -62.92 -5.04 21.13
C LEU C 133 -63.83 -3.82 21.08
N ILE C 134 -64.83 -3.81 22.00
CA ILE C 134 -65.87 -2.77 22.10
C ILE C 134 -65.41 -1.66 23.03
N VAL C 135 -65.52 -0.41 22.56
CA VAL C 135 -65.13 0.79 23.32
C VAL C 135 -66.36 1.70 23.50
N SER C 136 -67.24 1.80 22.47
CA SER C 136 -68.47 2.60 22.44
C SER C 136 -69.30 2.43 23.70
N ASN C 137 -69.88 3.53 24.23
CA ASN C 137 -70.65 3.47 25.48
C ASN C 137 -72.16 3.25 25.31
N PRO C 138 -72.86 2.57 26.28
CA PRO C 138 -72.32 1.93 27.49
C PRO C 138 -71.64 0.61 27.13
N VAL C 139 -70.29 0.59 27.31
CA VAL C 139 -69.37 -0.47 26.92
C VAL C 139 -69.85 -1.86 27.37
N ASP C 140 -70.32 -2.03 28.63
CA ASP C 140 -70.77 -3.35 29.12
C ASP C 140 -71.96 -3.88 28.35
N ILE C 141 -72.99 -3.02 28.15
CA ILE C 141 -74.20 -3.38 27.39
C ILE C 141 -73.88 -3.61 25.92
N LEU C 142 -73.06 -2.71 25.30
CA LEU C 142 -72.69 -2.84 23.90
C LEU C 142 -71.79 -4.04 23.59
N THR C 143 -71.07 -4.58 24.61
CA THR C 143 -70.26 -5.80 24.44
C THR C 143 -71.25 -6.98 24.33
N TYR C 144 -72.30 -6.95 25.19
CA TYR C 144 -73.38 -7.93 25.18
C TYR C 144 -74.07 -7.91 23.81
N VAL C 145 -74.39 -6.71 23.33
CA VAL C 145 -75.05 -6.45 22.05
C VAL C 145 -74.21 -7.01 20.90
N ALA C 146 -72.89 -6.70 20.88
CA ALA C 146 -71.95 -7.19 19.86
C ALA C 146 -71.87 -8.70 19.88
N TRP C 147 -71.88 -9.31 21.07
CA TRP C 147 -71.83 -10.76 21.24
C TRP C 147 -73.11 -11.41 20.68
N LYS C 148 -74.28 -10.81 20.96
CA LYS C 148 -75.58 -11.31 20.50
C LYS C 148 -75.72 -11.24 18.98
N ILE C 149 -75.38 -10.07 18.37
CA ILE C 149 -75.48 -9.86 16.92
C ILE C 149 -74.48 -10.72 16.14
N SER C 150 -73.21 -10.78 16.60
CA SER C 150 -72.14 -11.55 15.93
C SER C 150 -72.35 -13.07 15.93
N GLY C 151 -72.83 -13.62 17.04
CA GLY C 151 -72.96 -15.06 17.21
C GLY C 151 -71.62 -15.72 17.52
N PHE C 152 -70.61 -14.88 17.81
CA PHE C 152 -69.25 -15.27 18.17
C PHE C 152 -69.23 -15.92 19.54
N PRO C 153 -68.26 -16.84 19.82
CA PRO C 153 -68.16 -17.39 21.18
C PRO C 153 -67.70 -16.24 22.10
N LYS C 154 -68.18 -16.25 23.36
CA LYS C 154 -67.93 -15.20 24.36
C LYS C 154 -66.44 -14.78 24.52
N ASN C 155 -65.49 -15.70 24.19
CA ASN C 155 -64.06 -15.41 24.29
C ASN C 155 -63.57 -14.36 23.29
N ARG C 156 -64.20 -14.30 22.09
CA ARG C 156 -63.83 -13.36 21.03
C ARG C 156 -64.59 -12.02 21.08
N VAL C 157 -65.31 -11.74 22.19
CA VAL C 157 -66.07 -10.48 22.36
C VAL C 157 -65.63 -9.85 23.68
N ILE C 158 -64.84 -8.77 23.58
CA ILE C 158 -64.22 -8.08 24.73
C ILE C 158 -64.61 -6.62 24.76
N GLY C 159 -64.99 -6.14 25.93
CA GLY C 159 -65.28 -4.72 26.13
C GLY C 159 -64.11 -4.10 26.87
N SER C 160 -63.72 -2.87 26.48
CA SER C 160 -62.59 -2.16 27.11
C SER C 160 -62.76 -2.09 28.64
N GLY C 161 -64.01 -2.05 29.09
CA GLY C 161 -64.38 -2.12 30.49
C GLY C 161 -63.66 -1.23 31.47
N CYS C 162 -63.33 -1.81 32.59
CA CYS C 162 -62.70 -1.11 33.72
C CYS C 162 -61.19 -1.03 33.65
N ASN C 163 -60.60 -1.30 32.47
CA ASN C 163 -59.14 -1.23 32.29
C ASN C 163 -58.69 0.21 32.51
N LEU C 164 -59.48 1.16 31.98
CA LEU C 164 -59.24 2.60 32.12
C LEU C 164 -59.52 3.05 33.57
N ASP C 165 -60.63 2.58 34.19
CA ASP C 165 -61.03 2.91 35.57
C ASP C 165 -59.93 2.48 36.53
N SER C 166 -59.40 1.27 36.35
CA SER C 166 -58.30 0.73 37.14
C SER C 166 -57.02 1.53 36.91
N ALA C 167 -56.70 1.90 35.64
CA ALA C 167 -55.54 2.72 35.28
C ALA C 167 -55.60 4.09 35.96
N ARG C 168 -56.79 4.73 36.00
CA ARG C 168 -57.02 6.04 36.65
C ARG C 168 -56.86 5.90 38.18
N PHE C 169 -57.36 4.78 38.75
CA PHE C 169 -57.29 4.49 40.17
C PHE C 169 -55.84 4.38 40.63
N ARG C 170 -55.03 3.67 39.84
CA ARG C 170 -53.60 3.46 40.08
C ARG C 170 -52.81 4.77 39.93
N TYR C 171 -53.25 5.65 39.00
CA TYR C 171 -52.63 6.96 38.80
C TYR C 171 -52.79 7.79 40.07
N LEU C 172 -54.03 7.81 40.63
CA LEU C 172 -54.38 8.55 41.83
C LEU C 172 -53.70 8.00 43.06
N MET C 173 -53.64 6.66 43.18
CA MET C 173 -52.97 5.91 44.24
C MET C 173 -51.48 6.27 44.24
N GLY C 174 -50.88 6.26 43.05
CA GLY C 174 -49.48 6.61 42.84
C GLY C 174 -49.14 8.04 43.24
N GLU C 175 -50.05 8.96 42.91
CA GLU C 175 -49.92 10.37 43.23
C GLU C 175 -49.95 10.58 44.77
N ARG C 176 -50.84 9.83 45.47
CA ARG C 176 -50.99 9.88 46.92
C ARG C 176 -49.76 9.33 47.65
N LEU C 177 -49.17 8.22 47.11
CA LEU C 177 -48.06 7.49 47.72
C LEU C 177 -46.65 7.88 47.25
N GLY C 178 -46.54 8.63 46.14
CA GLY C 178 -45.25 9.01 45.58
C GLY C 178 -44.52 7.83 44.94
N VAL C 179 -45.32 6.91 44.32
CA VAL C 179 -44.86 5.69 43.64
C VAL C 179 -45.42 5.70 42.21
N HIS C 180 -44.67 5.16 41.25
CA HIS C 180 -45.15 5.04 39.86
C HIS C 180 -46.42 4.17 39.80
N PRO C 181 -47.46 4.56 39.04
CA PRO C 181 -48.67 3.69 38.90
C PRO C 181 -48.38 2.21 38.60
N LEU C 182 -47.25 1.92 37.89
CA LEU C 182 -46.85 0.54 37.55
C LEU C 182 -46.63 -0.32 38.79
N SER C 183 -46.16 0.32 39.88
CA SER C 183 -45.86 -0.32 41.14
C SER C 183 -47.01 -0.26 42.16
N CYS C 184 -48.08 0.50 41.83
CA CYS C 184 -49.29 0.64 42.64
C CYS C 184 -50.34 -0.30 42.09
N HIS C 185 -50.79 -1.28 42.89
CA HIS C 185 -51.77 -2.25 42.41
C HIS C 185 -53.11 -2.07 43.07
N GLY C 186 -54.16 -2.09 42.25
CA GLY C 186 -55.54 -1.87 42.68
C GLY C 186 -56.51 -2.16 41.56
N TRP C 187 -57.69 -2.71 41.90
CA TRP C 187 -58.68 -3.13 40.90
C TRP C 187 -60.05 -2.51 41.08
N VAL C 188 -60.58 -1.96 39.99
CA VAL C 188 -61.91 -1.38 39.90
C VAL C 188 -62.65 -2.32 38.97
N LEU C 189 -63.70 -2.99 39.47
CA LEU C 189 -64.44 -3.96 38.68
C LEU C 189 -65.92 -3.59 38.47
N GLY C 190 -66.63 -4.40 37.70
CA GLY C 190 -68.05 -4.20 37.42
C GLY C 190 -68.37 -3.31 36.24
N GLU C 191 -69.31 -2.38 36.45
CA GLU C 191 -69.75 -1.45 35.41
C GLU C 191 -68.71 -0.39 35.13
N HIS C 192 -68.41 -0.13 33.82
CA HIS C 192 -67.58 0.99 33.46
C HIS C 192 -68.52 2.20 33.58
N GLY C 193 -68.56 2.77 34.77
CA GLY C 193 -69.49 3.86 35.03
C GLY C 193 -69.72 4.06 36.51
N ASP C 194 -70.86 4.63 36.83
CA ASP C 194 -71.26 5.01 38.18
C ASP C 194 -71.30 3.87 39.19
N SER C 195 -71.62 2.62 38.78
CA SER C 195 -71.71 1.52 39.75
C SER C 195 -70.46 0.60 39.82
N SER C 196 -69.27 1.14 39.43
CA SER C 196 -67.99 0.41 39.50
C SER C 196 -67.61 0.09 40.94
N VAL C 197 -66.94 -1.03 41.13
CA VAL C 197 -66.59 -1.54 42.47
C VAL C 197 -65.07 -1.49 42.77
N PRO C 198 -64.64 -0.65 43.74
CA PRO C 198 -63.22 -0.66 44.14
C PRO C 198 -62.96 -1.85 45.09
N VAL C 199 -62.07 -2.75 44.70
CA VAL C 199 -61.73 -3.91 45.54
C VAL C 199 -60.59 -3.47 46.51
N TRP C 200 -60.97 -2.91 47.68
CA TRP C 200 -60.04 -2.41 48.69
C TRP C 200 -59.04 -3.45 49.21
N SER C 201 -59.48 -4.71 49.30
CA SER C 201 -58.66 -5.86 49.77
C SER C 201 -57.45 -6.15 48.88
N GLY C 202 -57.56 -5.91 47.58
CA GLY C 202 -56.51 -6.16 46.60
C GLY C 202 -55.50 -5.06 46.44
N MET C 203 -55.76 -3.90 47.03
CA MET C 203 -54.86 -2.73 46.97
C MET C 203 -53.56 -2.97 47.70
N ASN C 204 -52.44 -2.84 46.97
CA ASN C 204 -51.11 -3.10 47.49
C ASN C 204 -49.99 -2.45 46.71
N VAL C 205 -48.86 -2.30 47.41
CA VAL C 205 -47.57 -1.87 46.90
C VAL C 205 -46.61 -2.95 47.39
N ALA C 206 -45.87 -3.59 46.46
CA ALA C 206 -44.90 -4.65 46.76
C ALA C 206 -45.52 -5.84 47.56
N GLY C 207 -46.79 -6.11 47.27
CA GLY C 207 -47.53 -7.19 47.93
C GLY C 207 -47.98 -6.88 49.36
N VAL C 208 -47.75 -5.64 49.83
CA VAL C 208 -48.13 -5.18 51.17
C VAL C 208 -49.54 -4.63 51.07
N SER C 209 -50.50 -5.35 51.70
CA SER C 209 -51.91 -4.98 51.73
C SER C 209 -52.11 -3.67 52.45
N LEU C 210 -52.75 -2.73 51.76
CA LEU C 210 -53.06 -1.38 52.28
C LEU C 210 -54.18 -1.47 53.33
N LYS C 211 -55.13 -2.39 53.13
CA LYS C 211 -56.26 -2.65 54.02
C LYS C 211 -55.76 -3.23 55.35
N THR C 212 -54.74 -4.10 55.31
CA THR C 212 -54.18 -4.71 56.50
C THR C 212 -53.46 -3.65 57.34
N LEU C 213 -52.68 -2.78 56.69
CA LEU C 213 -51.94 -1.69 57.32
C LEU C 213 -52.87 -0.61 57.85
N HIS C 214 -53.93 -0.28 57.11
CA HIS C 214 -54.92 0.75 57.42
C HIS C 214 -56.31 0.10 57.33
N PRO C 215 -56.83 -0.50 58.44
CA PRO C 215 -58.13 -1.20 58.35
C PRO C 215 -59.35 -0.32 58.00
N ASP C 216 -59.18 1.00 58.11
CA ASP C 216 -60.20 1.99 57.80
C ASP C 216 -60.32 2.26 56.28
N LEU C 217 -59.41 1.67 55.46
CA LEU C 217 -59.36 1.85 53.99
C LEU C 217 -60.71 1.61 53.28
N GLY C 218 -61.21 2.66 52.61
CA GLY C 218 -62.47 2.62 51.87
C GLY C 218 -63.70 2.44 52.74
N THR C 219 -63.64 3.06 53.92
CA THR C 219 -64.66 3.07 54.94
C THR C 219 -64.94 4.53 55.15
N ASP C 220 -66.18 4.86 55.56
CA ASP C 220 -66.65 6.22 55.77
C ASP C 220 -65.85 6.92 56.87
N LYS C 221 -65.48 6.17 57.93
CA LYS C 221 -64.71 6.62 59.11
C LYS C 221 -63.29 7.07 58.75
N ASP C 222 -62.67 6.36 57.78
CA ASP C 222 -61.32 6.60 57.22
C ASP C 222 -60.94 8.07 57.16
N LYS C 223 -60.03 8.49 58.03
CA LYS C 223 -59.53 9.85 58.18
C LYS C 223 -58.80 10.35 56.94
N GLU C 224 -58.19 9.42 56.18
CA GLU C 224 -57.49 9.72 54.93
C GLU C 224 -58.42 9.77 53.71
N GLN C 225 -59.69 9.33 53.89
CA GLN C 225 -60.76 9.36 52.89
C GLN C 225 -60.34 8.72 51.57
N TRP C 226 -59.95 7.43 51.60
CA TRP C 226 -59.53 6.71 50.42
C TRP C 226 -60.67 6.40 49.49
N LYS C 227 -61.92 6.48 49.99
CA LYS C 227 -63.14 6.33 49.19
C LYS C 227 -63.15 7.40 48.10
N GLU C 228 -62.59 8.60 48.40
CA GLU C 228 -62.52 9.74 47.48
C GLU C 228 -61.73 9.42 46.21
N VAL C 229 -60.75 8.51 46.29
CA VAL C 229 -59.96 8.09 45.14
C VAL C 229 -60.93 7.39 44.18
N HIS C 230 -61.79 6.47 44.70
CA HIS C 230 -62.77 5.80 43.84
C HIS C 230 -63.81 6.77 43.30
N LYS C 231 -64.25 7.74 44.13
CA LYS C 231 -65.22 8.73 43.70
C LYS C 231 -64.63 9.57 42.56
N GLN C 232 -63.33 9.91 42.66
CA GLN C 232 -62.59 10.63 41.62
C GLN C 232 -62.54 9.81 40.33
N VAL C 233 -62.44 8.47 40.45
CA VAL C 233 -62.43 7.56 39.31
C VAL C 233 -63.79 7.60 38.58
N VAL C 234 -64.89 7.53 39.34
CA VAL C 234 -66.26 7.57 38.81
C VAL C 234 -66.49 8.87 38.03
N GLU C 235 -66.10 9.98 38.65
CA GLU C 235 -66.28 11.32 38.16
C GLU C 235 -65.28 11.77 37.11
N SER C 236 -64.18 11.02 36.92
CA SER C 236 -63.06 11.41 36.02
C SER C 236 -63.50 11.77 34.61
N ALA C 237 -64.34 10.94 33.98
CA ALA C 237 -64.84 11.18 32.63
C ALA C 237 -65.64 12.47 32.60
N TYR C 238 -66.56 12.64 33.58
CA TYR C 238 -67.41 13.82 33.75
C TYR C 238 -66.55 15.09 33.83
N GLU C 239 -65.46 15.06 34.62
CA GLU C 239 -64.50 16.15 34.84
C GLU C 239 -63.79 16.56 33.56
N VAL C 240 -63.28 15.56 32.81
CA VAL C 240 -62.56 15.75 31.56
C VAL C 240 -63.51 16.26 30.47
N ILE C 241 -64.73 15.68 30.39
CA ILE C 241 -65.78 16.09 29.44
C ILE C 241 -66.11 17.56 29.68
N LYS C 242 -66.29 17.96 30.96
CA LYS C 242 -66.57 19.34 31.33
C LYS C 242 -65.47 20.27 30.85
N LEU C 243 -64.20 19.87 31.00
CA LEU C 243 -63.04 20.69 30.64
C LEU C 243 -62.68 20.74 29.13
N LYS C 244 -62.64 19.59 28.41
CA LYS C 244 -62.23 19.57 27.00
C LYS C 244 -63.32 19.05 26.02
N GLY C 245 -64.47 18.65 26.54
CA GLY C 245 -65.61 18.25 25.73
C GLY C 245 -65.78 16.76 25.47
N TYR C 246 -64.70 15.98 25.72
CA TYR C 246 -64.64 14.53 25.49
C TYR C 246 -63.37 14.01 26.13
N THR C 247 -63.18 12.67 26.14
CA THR C 247 -61.97 12.00 26.63
C THR C 247 -61.41 11.23 25.43
N SER C 248 -60.09 11.15 25.28
CA SER C 248 -59.50 10.45 24.13
C SER C 248 -58.16 9.75 24.41
N TRP C 249 -57.17 10.48 24.91
CA TRP C 249 -55.80 9.96 25.12
C TRP C 249 -55.69 8.73 26.03
N ALA C 250 -56.25 8.81 27.24
CA ALA C 250 -56.23 7.73 28.23
C ALA C 250 -56.90 6.45 27.72
N ILE C 251 -58.06 6.58 27.04
CA ILE C 251 -58.76 5.44 26.48
C ILE C 251 -57.97 4.83 25.29
N GLY C 252 -57.28 5.66 24.50
CA GLY C 252 -56.46 5.21 23.39
C GLY C 252 -55.32 4.34 23.90
N LEU C 253 -54.68 4.81 24.96
CA LEU C 253 -53.58 4.11 25.62
C LEU C 253 -54.05 2.80 26.26
N SER C 254 -55.25 2.82 26.86
CA SER C 254 -55.84 1.66 27.49
C SER C 254 -56.17 0.60 26.45
N VAL C 255 -56.72 1.01 25.29
CA VAL C 255 -57.08 0.13 24.20
C VAL C 255 -55.84 -0.50 23.59
N ALA C 256 -54.79 0.32 23.33
CA ALA C 256 -53.53 -0.14 22.79
C ALA C 256 -52.89 -1.18 23.70
N ASP C 257 -53.05 -1.01 25.03
CA ASP C 257 -52.56 -1.97 26.05
C ASP C 257 -53.28 -3.34 25.90
N LEU C 258 -54.61 -3.31 25.75
CA LEU C 258 -55.45 -4.52 25.55
C LEU C 258 -55.11 -5.17 24.23
N ALA C 259 -54.93 -4.38 23.16
CA ALA C 259 -54.55 -4.83 21.82
C ALA C 259 -53.17 -5.50 21.87
N GLU C 260 -52.23 -4.97 22.66
CA GLU C 260 -50.89 -5.54 22.82
C GLU C 260 -50.99 -6.97 23.36
N SER C 261 -51.83 -7.19 24.42
CA SER C 261 -52.01 -8.53 25.00
C SER C 261 -52.61 -9.49 24.01
N ILE C 262 -53.59 -9.01 23.21
CA ILE C 262 -54.28 -9.84 22.24
C ILE C 262 -53.37 -10.20 21.06
N MET C 263 -52.75 -9.18 20.43
CA MET C 263 -51.89 -9.36 19.25
C MET C 263 -50.64 -10.15 19.53
N LYS C 264 -50.08 -9.99 20.76
CA LYS C 264 -48.84 -10.65 21.13
C LYS C 264 -49.06 -11.90 21.97
N ASN C 265 -50.33 -12.28 22.23
CA ASN C 265 -50.73 -13.45 23.01
C ASN C 265 -50.00 -13.48 24.39
N LEU C 266 -49.97 -12.33 25.06
CA LEU C 266 -49.22 -12.16 26.29
C LEU C 266 -49.76 -12.93 27.48
N ARG C 267 -51.10 -13.09 27.57
CA ARG C 267 -51.77 -13.79 28.67
C ARG C 267 -51.59 -13.02 29.96
N ARG C 268 -51.72 -11.71 29.83
CA ARG C 268 -51.73 -10.79 30.94
C ARG C 268 -53.16 -10.71 31.46
N VAL C 269 -53.29 -10.25 32.71
CA VAL C 269 -54.58 -10.10 33.37
C VAL C 269 -55.02 -8.65 33.32
N HIS C 270 -56.21 -8.40 32.71
CA HIS C 270 -56.79 -7.07 32.55
C HIS C 270 -58.24 -7.03 33.02
N PRO C 271 -58.73 -5.92 33.64
CA PRO C 271 -60.16 -5.84 33.97
C PRO C 271 -60.93 -5.38 32.72
N VAL C 272 -61.58 -6.33 32.06
CA VAL C 272 -62.32 -6.08 30.81
C VAL C 272 -63.76 -6.62 30.89
N SER C 273 -64.70 -6.06 30.11
CA SER C 273 -66.10 -6.52 30.08
C SER C 273 -66.20 -7.90 29.41
N THR C 274 -66.77 -8.84 30.16
CA THR C 274 -66.95 -10.21 29.71
C THR C 274 -68.21 -10.76 30.35
N MET C 275 -68.71 -11.90 29.83
CA MET C 275 -69.89 -12.53 30.39
C MET C 275 -69.55 -13.22 31.70
N ILE C 276 -70.14 -12.75 32.80
CA ILE C 276 -69.88 -13.24 34.16
C ILE C 276 -70.91 -14.20 34.70
N LYS C 277 -71.78 -14.77 33.81
CA LYS C 277 -72.78 -15.75 34.18
C LYS C 277 -72.07 -16.96 34.82
N GLY C 278 -72.47 -17.31 36.02
CA GLY C 278 -71.84 -18.40 36.77
C GLY C 278 -70.98 -17.97 37.94
N LEU C 279 -70.74 -16.66 38.14
CA LEU C 279 -69.95 -16.17 39.27
C LEU C 279 -70.75 -15.19 40.09
N TYR C 280 -70.57 -15.21 41.43
CA TYR C 280 -71.22 -14.30 42.40
C TYR C 280 -72.75 -14.41 42.39
N GLY C 281 -73.23 -15.61 42.07
CA GLY C 281 -74.66 -15.88 42.00
C GLY C 281 -75.38 -15.23 40.83
N ILE C 282 -74.61 -14.81 39.80
CA ILE C 282 -75.19 -14.22 38.59
C ILE C 282 -75.58 -15.37 37.67
N LYS C 283 -76.88 -15.40 37.32
CA LYS C 283 -77.51 -16.45 36.51
C LYS C 283 -77.87 -15.95 35.12
N ASP C 284 -77.78 -14.62 34.89
CA ASP C 284 -78.10 -13.99 33.62
C ASP C 284 -76.87 -13.75 32.73
N ASP C 285 -77.10 -13.54 31.40
CA ASP C 285 -76.10 -13.26 30.36
C ASP C 285 -75.51 -11.81 30.47
N VAL C 286 -75.11 -11.40 31.69
CA VAL C 286 -74.59 -10.05 31.98
C VAL C 286 -73.12 -9.95 31.66
N PHE C 287 -72.73 -8.83 31.04
CA PHE C 287 -71.35 -8.50 30.72
C PHE C 287 -70.90 -7.37 31.65
N LEU C 288 -69.79 -7.56 32.35
CA LEU C 288 -69.17 -6.53 33.18
C LEU C 288 -67.71 -6.87 33.42
N SER C 289 -66.94 -5.91 33.96
CA SER C 289 -65.52 -6.08 34.17
C SER C 289 -65.13 -6.91 35.37
N VAL C 290 -64.32 -7.93 35.09
CA VAL C 290 -63.70 -8.86 36.03
C VAL C 290 -62.28 -9.07 35.45
N PRO C 291 -61.24 -9.45 36.25
CA PRO C 291 -59.90 -9.64 35.66
C PRO C 291 -59.86 -10.86 34.74
N CYS C 292 -59.46 -10.66 33.47
CA CYS C 292 -59.39 -11.71 32.44
C CYS C 292 -57.98 -11.91 31.89
N ILE C 293 -57.69 -13.14 31.47
CA ILE C 293 -56.42 -13.51 30.82
C ILE C 293 -56.67 -13.28 29.31
N LEU C 294 -55.92 -12.32 28.76
CA LEU C 294 -56.03 -11.83 27.38
C LEU C 294 -54.90 -12.30 26.51
N GLY C 295 -55.26 -12.98 25.42
CA GLY C 295 -54.28 -13.51 24.45
C GLY C 295 -54.81 -13.53 23.02
N GLN C 296 -54.23 -14.39 22.20
CA GLN C 296 -54.59 -14.53 20.79
C GLN C 296 -56.02 -15.03 20.54
N ASN C 297 -56.69 -15.63 21.54
CA ASN C 297 -58.08 -16.09 21.40
C ASN C 297 -59.02 -15.23 22.23
N GLY C 298 -58.58 -14.02 22.58
CA GLY C 298 -59.32 -13.08 23.41
C GLY C 298 -59.24 -13.48 24.86
N ILE C 299 -60.42 -13.53 25.53
CA ILE C 299 -60.54 -13.94 26.93
C ILE C 299 -60.54 -15.45 27.00
N SER C 300 -59.45 -16.04 27.50
CA SER C 300 -59.35 -17.50 27.62
C SER C 300 -59.78 -17.98 29.01
N ASP C 301 -59.57 -17.12 30.01
CA ASP C 301 -59.81 -17.42 31.42
C ASP C 301 -60.25 -16.17 32.16
N LEU C 302 -60.85 -16.39 33.33
CA LEU C 302 -61.37 -15.37 34.25
C LEU C 302 -60.75 -15.59 35.65
N VAL C 303 -60.34 -14.51 36.30
CA VAL C 303 -59.78 -14.60 37.65
C VAL C 303 -60.96 -14.47 38.61
N LYS C 304 -61.11 -15.46 39.51
CA LYS C 304 -62.13 -15.53 40.55
C LYS C 304 -61.67 -14.72 41.77
N VAL C 305 -62.02 -13.43 41.77
CA VAL C 305 -61.66 -12.50 42.87
C VAL C 305 -62.49 -12.81 44.12
N THR C 306 -61.82 -12.88 45.28
CA THR C 306 -62.47 -13.11 46.56
C THR C 306 -62.99 -11.75 46.99
N LEU C 307 -64.31 -11.61 47.06
CA LEU C 307 -64.95 -10.36 47.43
C LEU C 307 -65.60 -10.44 48.78
N THR C 308 -65.69 -9.30 49.48
CA THR C 308 -66.39 -9.21 50.76
C THR C 308 -67.88 -9.24 50.43
N SER C 309 -68.73 -9.54 51.43
CA SER C 309 -70.19 -9.59 51.26
C SER C 309 -70.70 -8.26 50.68
N GLU C 310 -70.13 -7.10 51.13
CA GLU C 310 -70.47 -5.78 50.62
C GLU C 310 -70.04 -5.65 49.14
N GLU C 311 -68.78 -6.00 48.82
CA GLU C 311 -68.21 -5.95 47.46
C GLU C 311 -69.03 -6.80 46.49
N GLU C 312 -69.39 -8.04 46.89
CA GLU C 312 -70.19 -8.97 46.07
C GLU C 312 -71.58 -8.44 45.83
N ALA C 313 -72.21 -7.82 46.87
CA ALA C 313 -73.56 -7.23 46.78
C ALA C 313 -73.57 -6.08 45.77
N ARG C 314 -72.54 -5.22 45.82
CA ARG C 314 -72.36 -4.07 44.92
C ARG C 314 -72.24 -4.53 43.47
N LEU C 315 -71.49 -5.64 43.24
CA LEU C 315 -71.30 -6.23 41.92
C LEU C 315 -72.60 -6.79 41.40
N LYS C 316 -73.37 -7.44 42.29
CA LYS C 316 -74.67 -8.04 41.96
C LYS C 316 -75.68 -6.95 41.61
N LYS C 317 -75.62 -5.78 42.29
CA LYS C 317 -76.50 -4.62 42.03
C LYS C 317 -76.19 -4.06 40.64
N SER C 318 -74.88 -3.87 40.33
CA SER C 318 -74.34 -3.41 39.04
C SER C 318 -74.90 -4.36 37.94
N ALA C 319 -74.77 -5.68 38.19
CA ALA C 319 -75.19 -6.76 37.32
C ALA C 319 -76.68 -6.75 37.05
N ASP C 320 -77.49 -6.49 38.11
CA ASP C 320 -78.96 -6.42 38.06
C ASP C 320 -79.41 -5.27 37.20
N THR C 321 -78.79 -4.09 37.39
CA THR C 321 -79.04 -2.86 36.66
C THR C 321 -78.75 -3.08 35.16
N LEU C 322 -77.59 -3.71 34.85
CA LEU C 322 -77.19 -3.97 33.46
C LEU C 322 -78.13 -4.98 32.79
N TRP C 323 -78.54 -6.05 33.50
CA TRP C 323 -79.44 -7.06 32.94
C TRP C 323 -80.81 -6.50 32.59
N GLY C 324 -81.32 -5.60 33.44
CA GLY C 324 -82.59 -4.92 33.22
C GLY C 324 -82.66 -4.19 31.90
N ILE C 325 -81.56 -3.48 31.57
CA ILE C 325 -81.41 -2.73 30.33
C ILE C 325 -81.28 -3.72 29.15
N GLN C 326 -80.40 -4.74 29.29
CA GLN C 326 -80.08 -5.75 28.27
C GLN C 326 -81.29 -6.47 27.70
N LYS C 327 -82.12 -7.06 28.59
CA LYS C 327 -83.31 -7.85 28.23
C LYS C 327 -84.37 -7.04 27.47
N GLU C 328 -84.41 -5.71 27.68
CA GLU C 328 -85.35 -4.78 27.05
C GLU C 328 -84.99 -4.39 25.59
N LEU C 329 -83.75 -4.70 25.14
CA LEU C 329 -83.28 -4.32 23.80
C LEU C 329 -83.88 -5.17 22.67
N ALA D 1 -49.19 6.54 62.42
CA ALA D 1 -49.04 7.62 61.43
C ALA D 1 -49.87 7.32 60.18
N THR D 2 -49.69 8.13 59.11
CA THR D 2 -50.40 7.95 57.82
C THR D 2 -50.10 6.59 57.20
N LEU D 3 -50.98 6.12 56.30
CA LEU D 3 -50.78 4.88 55.57
C LEU D 3 -49.44 4.94 54.82
N LYS D 4 -49.15 6.08 54.14
CA LYS D 4 -47.90 6.32 53.40
C LYS D 4 -46.67 6.16 54.31
N ASP D 5 -46.73 6.73 55.54
CA ASP D 5 -45.63 6.62 56.51
C ASP D 5 -45.45 5.19 57.02
N GLN D 6 -46.56 4.46 57.19
CA GLN D 6 -46.57 3.06 57.66
C GLN D 6 -46.03 2.13 56.58
N LEU D 7 -46.29 2.45 55.29
CA LEU D 7 -45.89 1.65 54.13
C LEU D 7 -44.49 1.95 53.63
N ILE D 8 -44.12 3.23 53.57
CA ILE D 8 -42.85 3.68 53.00
C ILE D 8 -41.98 4.37 54.03
N TYR D 9 -40.69 3.99 54.09
CA TYR D 9 -39.69 4.65 54.94
C TYR D 9 -38.85 5.52 54.01
N ASN D 10 -38.89 6.83 54.25
CA ASN D 10 -38.17 7.82 53.46
C ASN D 10 -36.72 7.96 53.85
N LEU D 11 -35.83 7.95 52.84
CA LEU D 11 -34.37 8.10 52.98
C LEU D 11 -33.93 9.56 52.66
N LEU D 12 -34.51 10.19 51.61
CA LEU D 12 -34.17 11.55 51.16
C LEU D 12 -35.32 12.55 51.31
N THR D 17 -35.43 18.17 40.56
CA THR D 17 -35.37 18.87 39.27
C THR D 17 -35.48 17.94 38.03
N PRO D 18 -36.23 18.36 36.97
CA PRO D 18 -36.31 17.52 35.76
C PRO D 18 -35.08 17.63 34.87
N GLN D 19 -34.51 16.47 34.51
CA GLN D 19 -33.28 16.38 33.72
C GLN D 19 -33.53 16.36 32.22
N ASN D 20 -34.73 15.90 31.82
CA ASN D 20 -35.10 15.81 30.42
C ASN D 20 -36.50 16.35 30.18
N LYS D 21 -36.71 17.58 30.64
CA LYS D 21 -38.00 18.25 30.53
C LYS D 21 -38.28 18.83 29.14
N ILE D 22 -39.50 18.62 28.67
CA ILE D 22 -40.00 19.17 27.41
C ILE D 22 -41.29 19.95 27.71
N THR D 23 -41.43 21.12 27.06
CA THR D 23 -42.63 21.97 27.13
C THR D 23 -43.28 22.10 25.75
N VAL D 24 -44.60 21.98 25.73
CA VAL D 24 -45.37 22.23 24.52
C VAL D 24 -46.28 23.43 24.82
N VAL D 25 -46.13 24.53 24.03
CA VAL D 25 -46.94 25.76 24.17
C VAL D 25 -48.02 25.72 23.08
N GLY D 26 -49.28 25.75 23.48
CA GLY D 26 -50.43 25.64 22.59
C GLY D 26 -50.88 24.19 22.58
N VAL D 27 -52.11 23.92 23.10
CA VAL D 27 -52.65 22.56 23.24
C VAL D 27 -53.78 22.31 22.27
N GLY D 28 -53.62 22.87 21.07
CA GLY D 28 -54.57 22.64 19.98
C GLY D 28 -54.30 21.29 19.36
N ALA D 29 -54.79 21.06 18.13
CA ALA D 29 -54.57 19.77 17.48
C ALA D 29 -53.08 19.43 17.24
N VAL D 30 -52.28 20.45 16.89
CA VAL D 30 -50.85 20.27 16.64
C VAL D 30 -50.10 19.97 17.94
N GLY D 31 -50.28 20.82 18.95
CA GLY D 31 -49.65 20.68 20.25
C GLY D 31 -49.94 19.36 20.93
N MET D 32 -51.19 18.91 20.90
CA MET D 32 -51.56 17.64 21.49
C MET D 32 -51.01 16.44 20.73
N ALA D 33 -50.89 16.54 19.39
CA ALA D 33 -50.31 15.44 18.60
C ALA D 33 -48.81 15.33 18.90
N CYS D 34 -48.16 16.47 19.13
CA CYS D 34 -46.74 16.54 19.48
C CYS D 34 -46.56 15.89 20.86
N ALA D 35 -47.41 16.27 21.83
CA ALA D 35 -47.42 15.76 23.20
C ALA D 35 -47.55 14.23 23.25
N ILE D 36 -48.57 13.65 22.57
CA ILE D 36 -48.80 12.21 22.57
C ILE D 36 -47.61 11.44 21.92
N SER D 37 -47.05 11.99 20.83
CA SER D 37 -45.94 11.39 20.12
C SER D 37 -44.68 11.39 20.95
N ILE D 38 -44.43 12.50 21.66
CA ILE D 38 -43.27 12.64 22.57
C ILE D 38 -43.41 11.68 23.76
N LEU D 39 -44.64 11.59 24.31
CA LEU D 39 -44.94 10.69 25.43
C LEU D 39 -44.75 9.24 25.06
N MET D 40 -45.16 8.83 23.85
CA MET D 40 -45.03 7.44 23.41
C MET D 40 -43.62 7.09 22.95
N LYS D 41 -42.73 8.08 22.76
CA LYS D 41 -41.34 7.85 22.37
C LYS D 41 -40.37 7.93 23.53
N ASP D 42 -40.88 8.11 24.79
CA ASP D 42 -40.12 8.21 26.04
C ASP D 42 -38.98 9.24 25.96
N LEU D 43 -39.26 10.42 25.40
CA LEU D 43 -38.25 11.43 25.20
C LEU D 43 -38.00 12.33 26.40
N ALA D 44 -38.99 12.37 27.33
CA ALA D 44 -38.95 13.25 28.49
C ALA D 44 -39.28 12.59 29.83
N ASP D 45 -38.71 13.12 30.92
CA ASP D 45 -39.01 12.68 32.28
C ASP D 45 -40.08 13.61 32.86
N GLU D 46 -40.32 14.74 32.18
CA GLU D 46 -41.32 15.73 32.54
C GLU D 46 -41.87 16.41 31.31
N LEU D 47 -43.22 16.48 31.23
CA LEU D 47 -43.92 17.16 30.15
C LEU D 47 -44.76 18.29 30.73
N ALA D 48 -44.51 19.52 30.23
CA ALA D 48 -45.25 20.71 30.64
C ALA D 48 -46.09 21.22 29.46
N LEU D 49 -47.34 21.62 29.74
CA LEU D 49 -48.24 22.15 28.73
C LEU D 49 -48.71 23.56 29.12
N VAL D 50 -48.68 24.52 28.18
CA VAL D 50 -49.15 25.89 28.41
C VAL D 50 -50.15 26.27 27.31
N ASP D 51 -51.21 27.01 27.67
CA ASP D 51 -52.24 27.57 26.79
C ASP D 51 -52.95 28.73 27.50
N VAL D 52 -53.73 29.53 26.75
CA VAL D 52 -54.51 30.65 27.26
C VAL D 52 -55.94 30.20 27.63
N ILE D 53 -56.43 29.10 26.99
CA ILE D 53 -57.74 28.51 27.29
C ILE D 53 -57.51 27.53 28.44
N GLU D 54 -57.80 27.99 29.67
CA GLU D 54 -57.54 27.26 30.93
C GLU D 54 -58.31 25.95 31.08
N ASP D 55 -59.57 25.89 30.63
CA ASP D 55 -60.40 24.69 30.73
C ASP D 55 -59.83 23.57 29.86
N LYS D 56 -59.59 23.87 28.56
CA LYS D 56 -59.05 22.97 27.55
C LYS D 56 -57.71 22.41 28.03
N LEU D 57 -56.83 23.31 28.53
CA LEU D 57 -55.51 22.98 29.05
C LEU D 57 -55.59 21.96 30.21
N LYS D 58 -56.46 22.21 31.23
CA LYS D 58 -56.64 21.31 32.37
C LYS D 58 -57.19 19.96 31.92
N GLY D 59 -58.15 19.98 31.00
CA GLY D 59 -58.77 18.77 30.45
C GLY D 59 -57.79 17.90 29.69
N GLU D 60 -56.94 18.52 28.87
CA GLU D 60 -55.91 17.84 28.08
C GLU D 60 -54.88 17.17 29.00
N MET D 61 -54.35 17.94 29.97
CA MET D 61 -53.39 17.47 30.98
C MET D 61 -53.95 16.25 31.72
N MET D 62 -55.20 16.35 32.24
CA MET D 62 -55.86 15.27 32.97
C MET D 62 -56.00 13.99 32.15
N ASP D 63 -56.40 14.14 30.87
CA ASP D 63 -56.59 13.03 29.94
C ASP D 63 -55.27 12.28 29.76
N LEU D 64 -54.17 13.02 29.60
CA LEU D 64 -52.83 12.47 29.49
C LEU D 64 -52.43 11.79 30.79
N GLN D 65 -52.63 12.45 31.94
CA GLN D 65 -52.33 11.91 33.28
C GLN D 65 -53.03 10.60 33.55
N HIS D 66 -54.26 10.44 33.05
CA HIS D 66 -55.03 9.21 33.23
C HIS D 66 -54.43 8.01 32.49
N GLY D 67 -53.49 8.28 31.58
CA GLY D 67 -52.80 7.26 30.81
C GLY D 67 -51.40 6.95 31.32
N SER D 68 -51.02 7.53 32.48
CA SER D 68 -49.70 7.37 33.14
C SER D 68 -49.21 5.92 33.30
N LEU D 69 -50.15 4.98 33.58
CA LEU D 69 -49.84 3.55 33.71
C LEU D 69 -49.22 3.00 32.42
N PHE D 70 -49.60 3.55 31.27
CA PHE D 70 -49.14 3.09 29.97
C PHE D 70 -47.95 3.87 29.44
N LEU D 71 -47.46 4.84 30.22
CA LEU D 71 -46.34 5.66 29.82
C LEU D 71 -45.13 5.51 30.75
N ARG D 72 -44.00 6.14 30.39
CA ARG D 72 -42.76 6.14 31.18
C ARG D 72 -42.24 7.59 31.37
N THR D 73 -43.19 8.56 31.51
CA THR D 73 -42.98 9.99 31.76
C THR D 73 -43.71 10.22 33.10
N PRO D 74 -42.94 10.25 34.20
CA PRO D 74 -43.56 10.29 35.55
C PRO D 74 -44.29 11.57 35.96
N LYS D 75 -44.06 12.70 35.28
CA LYS D 75 -44.66 13.96 35.65
C LYS D 75 -45.18 14.71 34.46
N ILE D 76 -46.50 14.98 34.47
CA ILE D 76 -47.20 15.78 33.47
C ILE D 76 -47.83 16.99 34.19
N VAL D 77 -47.40 18.20 33.81
CA VAL D 77 -47.89 19.44 34.39
C VAL D 77 -48.46 20.39 33.32
N SER D 78 -49.29 21.34 33.75
CA SER D 78 -49.87 22.35 32.88
C SER D 78 -50.22 23.60 33.66
N GLY D 79 -50.37 24.70 32.95
CA GLY D 79 -50.69 25.98 33.54
C GLY D 79 -50.54 27.12 32.56
N LYS D 80 -51.31 28.20 32.79
CA LYS D 80 -51.29 29.44 32.01
C LYS D 80 -49.98 30.19 32.36
N ASP D 81 -49.48 30.02 33.62
CA ASP D 81 -48.25 30.62 34.14
C ASP D 81 -47.06 29.76 33.68
N TYR D 82 -46.00 30.42 33.19
CA TYR D 82 -44.80 29.78 32.66
C TYR D 82 -43.84 29.22 33.72
N ASN D 83 -44.20 29.32 35.01
CA ASN D 83 -43.37 28.73 36.06
C ASN D 83 -43.35 27.18 35.95
N VAL D 84 -44.41 26.61 35.32
CA VAL D 84 -44.56 25.17 35.06
C VAL D 84 -43.52 24.68 34.00
N THR D 85 -43.00 25.61 33.20
CA THR D 85 -42.05 25.52 32.09
C THR D 85 -40.56 25.49 32.52
N ALA D 86 -40.26 25.89 33.77
CA ALA D 86 -38.90 26.02 34.32
C ALA D 86 -37.99 24.83 34.07
N ASN D 87 -36.75 25.12 33.59
CA ASN D 87 -35.66 24.18 33.29
C ASN D 87 -36.02 23.13 32.22
N SER D 88 -36.72 23.55 31.16
CA SER D 88 -37.06 22.70 30.03
C SER D 88 -35.83 22.68 29.11
N LYS D 89 -35.45 21.46 28.62
CA LYS D 89 -34.32 21.31 27.69
C LYS D 89 -34.81 21.77 26.30
N LEU D 90 -36.10 21.52 26.02
CA LEU D 90 -36.73 21.83 24.75
C LEU D 90 -38.12 22.42 24.95
N VAL D 91 -38.39 23.55 24.26
CA VAL D 91 -39.69 24.21 24.29
C VAL D 91 -40.20 24.27 22.86
N ILE D 92 -41.35 23.64 22.64
CA ILE D 92 -42.03 23.53 21.34
C ILE D 92 -43.21 24.52 21.28
N ILE D 93 -43.18 25.46 20.31
CA ILE D 93 -44.21 26.46 20.12
C ILE D 93 -45.14 26.08 18.97
N THR D 94 -46.40 25.77 19.32
CA THR D 94 -47.46 25.38 18.39
C THR D 94 -48.66 26.34 18.52
N ALA D 95 -48.51 27.40 19.33
CA ALA D 95 -49.58 28.38 19.59
C ALA D 95 -49.85 29.32 18.41
N GLY D 96 -51.10 29.63 18.17
CA GLY D 96 -51.39 30.55 17.09
C GLY D 96 -52.82 30.96 16.95
N ALA D 97 -53.01 32.12 16.30
CA ALA D 97 -54.28 32.74 15.99
C ALA D 97 -54.93 32.03 14.82
N ARG D 98 -56.25 31.77 14.91
CA ARG D 98 -57.01 31.13 13.85
C ARG D 98 -57.41 32.22 12.85
N GLN D 99 -56.89 32.11 11.61
CA GLN D 99 -57.13 33.06 10.51
C GLN D 99 -58.63 33.31 10.22
N GLN D 100 -58.98 34.60 9.94
CA GLN D 100 -60.33 35.07 9.64
C GLN D 100 -60.51 35.16 8.12
N GLU D 101 -61.77 35.22 7.63
CA GLU D 101 -62.12 35.24 6.20
C GLU D 101 -61.40 36.31 5.36
N GLY D 102 -61.50 37.58 5.78
CA GLY D 102 -60.92 38.71 5.07
C GLY D 102 -59.41 38.76 5.00
N GLU D 103 -58.80 38.53 6.16
CA GLU D 103 -57.36 38.56 6.51
C GLU D 103 -56.34 38.62 5.37
N SER D 104 -55.47 39.63 5.44
CA SER D 104 -54.35 39.78 4.55
C SER D 104 -53.20 38.98 5.18
N ARG D 105 -52.09 38.79 4.42
CA ARG D 105 -50.91 38.03 4.89
C ARG D 105 -50.28 38.71 6.10
N LEU D 106 -50.01 40.02 5.98
CA LEU D 106 -49.43 40.85 7.02
C LEU D 106 -50.30 40.86 8.27
N ASN D 107 -51.63 40.93 8.10
CA ASN D 107 -52.59 40.90 9.22
C ASN D 107 -52.40 39.62 10.03
N LEU D 108 -52.40 38.47 9.35
CA LEU D 108 -52.19 37.17 9.97
C LEU D 108 -50.81 37.02 10.58
N VAL D 109 -49.78 37.55 9.92
CA VAL D 109 -48.44 37.38 10.48
C VAL D 109 -48.26 38.27 11.71
N GLN D 110 -48.83 39.48 11.70
CA GLN D 110 -48.68 40.40 12.83
C GLN D 110 -49.42 39.86 14.09
N ARG D 111 -50.59 39.24 13.89
CA ARG D 111 -51.34 38.63 14.99
C ARG D 111 -50.50 37.56 15.70
N ASN D 112 -49.76 36.74 14.91
CA ASN D 112 -48.91 35.68 15.45
C ASN D 112 -47.68 36.24 16.12
N VAL D 113 -47.10 37.33 15.56
CA VAL D 113 -45.97 38.08 16.17
C VAL D 113 -46.43 38.57 17.54
N ASN D 114 -47.67 39.12 17.63
CA ASN D 114 -48.23 39.64 18.89
C ASN D 114 -48.34 38.54 19.94
N ILE D 115 -48.66 37.29 19.52
CA ILE D 115 -48.73 36.10 20.38
C ILE D 115 -47.30 35.75 20.87
N PHE D 116 -46.33 35.76 19.94
CA PHE D 116 -44.93 35.46 20.22
C PHE D 116 -44.27 36.52 21.11
N LYS D 117 -44.70 37.79 20.99
CA LYS D 117 -44.19 38.91 21.79
C LYS D 117 -44.42 38.67 23.29
N PHE D 118 -45.47 37.90 23.63
CA PHE D 118 -45.83 37.53 24.98
C PHE D 118 -45.21 36.20 25.41
N ILE D 119 -45.26 35.16 24.53
CA ILE D 119 -44.78 33.81 24.80
C ILE D 119 -43.26 33.73 24.96
N ILE D 120 -42.50 34.17 23.94
CA ILE D 120 -41.04 34.04 23.91
C ILE D 120 -40.36 34.63 25.19
N PRO D 121 -40.65 35.87 25.68
CA PRO D 121 -39.98 36.33 26.90
C PRO D 121 -40.28 35.48 28.14
N ASN D 122 -41.51 34.92 28.22
CA ASN D 122 -41.92 34.07 29.34
C ASN D 122 -41.18 32.73 29.33
N VAL D 123 -40.97 32.14 28.14
CA VAL D 123 -40.24 30.87 27.98
C VAL D 123 -38.77 31.08 28.35
N VAL D 124 -38.13 32.15 27.83
CA VAL D 124 -36.70 32.48 28.05
C VAL D 124 -36.42 32.77 29.53
N LYS D 125 -37.39 33.36 30.25
CA LYS D 125 -37.28 33.67 31.67
C LYS D 125 -37.14 32.39 32.51
N TYR D 126 -37.95 31.35 32.22
CA TYR D 126 -37.95 30.13 33.00
C TYR D 126 -37.01 29.04 32.46
N SER D 127 -36.65 29.06 31.16
CA SER D 127 -35.72 28.10 30.59
C SER D 127 -34.71 28.86 29.71
N PRO D 128 -33.77 29.63 30.32
CA PRO D 128 -32.82 30.42 29.50
C PRO D 128 -31.86 29.63 28.61
N ASN D 129 -31.60 28.35 28.94
CA ASN D 129 -30.70 27.48 28.18
C ASN D 129 -31.43 26.47 27.28
N CYS D 130 -32.75 26.60 27.11
CA CYS D 130 -33.52 25.70 26.28
C CYS D 130 -33.25 25.89 24.78
N LYS D 131 -33.71 24.90 23.99
CA LYS D 131 -33.73 24.99 22.54
C LYS D 131 -35.17 25.30 22.21
N LEU D 132 -35.39 26.18 21.25
CA LEU D 132 -36.73 26.55 20.80
C LEU D 132 -37.05 25.86 19.50
N LEU D 133 -38.18 25.16 19.49
CA LEU D 133 -38.65 24.49 18.28
C LEU D 133 -40.00 25.12 17.88
N ILE D 134 -39.99 25.92 16.80
CA ILE D 134 -41.13 26.68 16.30
C ILE D 134 -41.91 25.87 15.26
N VAL D 135 -43.24 25.74 15.45
CA VAL D 135 -44.12 24.98 14.55
C VAL D 135 -45.18 25.93 13.95
N SER D 136 -45.65 26.91 14.76
CA SER D 136 -46.65 27.92 14.39
C SER D 136 -46.37 28.58 13.04
N ASN D 137 -47.41 28.78 12.22
CA ASN D 137 -47.25 29.35 10.87
C ASN D 137 -47.40 30.89 10.79
N PRO D 138 -46.68 31.60 9.87
CA PRO D 138 -45.67 31.08 8.92
C PRO D 138 -44.37 30.78 9.65
N VAL D 139 -44.04 29.47 9.70
CA VAL D 139 -42.94 28.88 10.47
C VAL D 139 -41.61 29.61 10.21
N ASP D 140 -41.29 29.95 8.95
CA ASP D 140 -40.02 30.61 8.63
C ASP D 140 -39.89 31.98 9.28
N ILE D 141 -40.94 32.82 9.12
CA ILE D 141 -41.03 34.16 9.72
C ILE D 141 -41.06 34.07 11.26
N LEU D 142 -41.89 33.17 11.81
CA LEU D 142 -42.02 33.02 13.27
C LEU D 142 -40.76 32.47 13.95
N THR D 143 -39.89 31.74 13.22
CA THR D 143 -38.63 31.24 13.77
C THR D 143 -37.71 32.45 13.89
N TYR D 144 -37.73 33.33 12.87
CA TYR D 144 -36.96 34.57 12.87
C TYR D 144 -37.40 35.44 14.05
N VAL D 145 -38.73 35.57 14.24
CA VAL D 145 -39.38 36.34 15.30
C VAL D 145 -38.92 35.83 16.67
N ALA D 146 -38.99 34.49 16.89
CA ALA D 146 -38.56 33.85 18.13
C ALA D 146 -37.10 34.08 18.39
N TRP D 147 -36.27 34.03 17.33
CA TRP D 147 -34.82 34.27 17.44
C TRP D 147 -34.54 35.72 17.87
N LYS D 148 -35.26 36.69 17.28
CA LYS D 148 -35.11 38.10 17.57
C LYS D 148 -35.52 38.47 18.98
N ILE D 149 -36.72 38.00 19.42
CA ILE D 149 -37.24 38.29 20.77
C ILE D 149 -36.40 37.62 21.86
N SER D 150 -36.03 36.33 21.68
CA SER D 150 -35.25 35.57 22.66
C SER D 150 -33.84 36.09 22.89
N GLY D 151 -33.15 36.50 21.81
CA GLY D 151 -31.76 36.92 21.85
C GLY D 151 -30.81 35.72 21.92
N PHE D 152 -31.39 34.52 21.69
CA PHE D 152 -30.68 33.25 21.72
C PHE D 152 -29.73 33.15 20.52
N PRO D 153 -28.63 32.38 20.63
CA PRO D 153 -27.79 32.18 19.44
C PRO D 153 -28.59 31.34 18.43
N LYS D 154 -28.37 31.58 17.13
CA LYS D 154 -29.13 30.94 16.05
C LYS D 154 -29.20 29.38 16.13
N ASN D 155 -28.23 28.72 16.80
CA ASN D 155 -28.23 27.27 16.97
C ASN D 155 -29.38 26.73 17.84
N ARG D 156 -29.85 27.54 18.84
CA ARG D 156 -30.90 27.17 19.77
C ARG D 156 -32.30 27.58 19.32
N VAL D 157 -32.46 28.06 18.07
CA VAL D 157 -33.76 28.47 17.49
C VAL D 157 -33.98 27.67 16.19
N ILE D 158 -34.89 26.71 16.24
CA ILE D 158 -35.17 25.78 15.14
C ILE D 158 -36.64 25.86 14.72
N GLY D 159 -36.88 25.93 13.42
CA GLY D 159 -38.22 25.92 12.84
C GLY D 159 -38.53 24.57 12.22
N SER D 160 -39.69 23.95 12.56
CA SER D 160 -40.03 22.60 12.04
C SER D 160 -39.81 22.55 10.53
N GLY D 161 -40.05 23.70 9.88
CA GLY D 161 -39.89 24.04 8.48
C GLY D 161 -40.37 23.03 7.48
N CYS D 162 -39.43 22.50 6.67
CA CYS D 162 -39.71 21.53 5.60
C CYS D 162 -39.63 20.01 6.02
N ASN D 163 -39.43 19.65 7.33
CA ASN D 163 -39.34 18.25 7.78
C ASN D 163 -40.62 17.50 7.39
N LEU D 164 -41.80 18.13 7.57
CA LEU D 164 -43.10 17.58 7.18
C LEU D 164 -43.30 17.46 5.64
N ASP D 165 -42.91 18.51 4.89
CA ASP D 165 -42.94 18.53 3.41
C ASP D 165 -42.11 17.37 2.85
N SER D 166 -40.88 17.18 3.39
CA SER D 166 -39.97 16.10 3.01
C SER D 166 -40.57 14.74 3.38
N ALA D 167 -41.19 14.63 4.57
CA ALA D 167 -41.84 13.41 5.03
C ALA D 167 -42.98 12.99 4.10
N ARG D 168 -43.79 13.96 3.66
CA ARG D 168 -44.90 13.74 2.72
C ARG D 168 -44.40 13.35 1.33
N PHE D 169 -43.30 13.99 0.89
CA PHE D 169 -42.65 13.74 -0.39
C PHE D 169 -42.16 12.29 -0.47
N ARG D 170 -41.53 11.83 0.62
CA ARG D 170 -40.98 10.47 0.75
C ARG D 170 -42.11 9.44 0.81
N TYR D 171 -43.25 9.82 1.42
CA TYR D 171 -44.42 8.96 1.51
C TYR D 171 -44.96 8.68 0.08
N LEU D 172 -45.07 9.76 -0.72
CA LEU D 172 -45.58 9.72 -2.09
C LEU D 172 -44.63 9.00 -3.03
N MET D 173 -43.32 9.24 -2.86
CA MET D 173 -42.24 8.61 -3.61
C MET D 173 -42.31 7.09 -3.36
N GLY D 174 -42.48 6.73 -2.08
CA GLY D 174 -42.60 5.35 -1.60
C GLY D 174 -43.79 4.63 -2.19
N GLU D 175 -44.91 5.36 -2.32
CA GLU D 175 -46.16 4.85 -2.86
C GLU D 175 -46.00 4.62 -4.36
N ARG D 176 -45.29 5.55 -5.06
CA ARG D 176 -45.02 5.42 -6.51
C ARG D 176 -44.15 4.18 -6.79
N LEU D 177 -43.08 3.95 -5.96
CA LEU D 177 -42.08 2.91 -6.14
C LEU D 177 -42.31 1.56 -5.40
N GLY D 178 -43.26 1.49 -4.47
CA GLY D 178 -43.51 0.30 -3.65
C GLY D 178 -42.39 -0.01 -2.65
N VAL D 179 -41.80 1.06 -2.09
CA VAL D 179 -40.68 1.03 -1.13
C VAL D 179 -41.10 1.84 0.12
N HIS D 180 -40.70 1.38 1.32
CA HIS D 180 -40.97 2.10 2.57
C HIS D 180 -40.35 3.52 2.51
N PRO D 181 -41.08 4.58 2.96
CA PRO D 181 -40.49 5.94 2.96
C PRO D 181 -39.09 6.04 3.58
N LEU D 182 -38.74 5.15 4.53
CA LEU D 182 -37.41 5.12 5.17
C LEU D 182 -36.30 4.87 4.16
N SER D 183 -36.61 4.09 3.11
CA SER D 183 -35.66 3.71 2.07
C SER D 183 -35.73 4.62 0.83
N CYS D 184 -36.71 5.55 0.80
CA CYS D 184 -36.90 6.52 -0.28
C CYS D 184 -36.30 7.82 0.18
N HIS D 185 -35.28 8.31 -0.50
CA HIS D 185 -34.64 9.55 -0.07
C HIS D 185 -34.91 10.69 -1.03
N GLY D 186 -35.29 11.82 -0.45
CA GLY D 186 -35.65 13.03 -1.18
C GLY D 186 -35.78 14.20 -0.24
N TRP D 187 -35.36 15.39 -0.73
CA TRP D 187 -35.36 16.59 0.09
C TRP D 187 -36.14 17.74 -0.50
N VAL D 188 -37.05 18.29 0.31
CA VAL D 188 -37.86 19.46 0.01
C VAL D 188 -37.29 20.55 0.92
N LEU D 189 -36.76 21.63 0.32
CA LEU D 189 -36.14 22.70 1.09
C LEU D 189 -36.80 24.07 0.89
N GLY D 190 -36.24 25.07 1.58
CA GLY D 190 -36.69 26.45 1.49
C GLY D 190 -37.82 26.86 2.40
N GLU D 191 -38.78 27.55 1.80
CA GLU D 191 -39.95 28.09 2.48
C GLU D 191 -40.98 27.00 2.67
N HIS D 192 -41.45 26.78 3.94
CA HIS D 192 -42.44 25.77 4.26
C HIS D 192 -43.77 26.23 3.70
N GLY D 193 -44.31 25.40 2.82
CA GLY D 193 -45.61 25.61 2.19
C GLY D 193 -45.57 25.61 0.68
N ASP D 194 -46.33 26.53 0.08
CA ASP D 194 -46.50 26.72 -1.35
C ASP D 194 -45.20 26.93 -2.16
N SER D 195 -44.20 27.62 -1.57
CA SER D 195 -42.96 27.96 -2.26
C SER D 195 -41.75 27.02 -1.96
N SER D 196 -42.03 25.80 -1.50
CA SER D 196 -40.97 24.83 -1.18
C SER D 196 -40.28 24.35 -2.45
N VAL D 197 -39.01 23.97 -2.30
CA VAL D 197 -38.17 23.55 -3.41
C VAL D 197 -37.81 22.05 -3.37
N PRO D 198 -38.30 21.26 -4.35
CA PRO D 198 -37.90 19.84 -4.44
C PRO D 198 -36.50 19.74 -5.05
N VAL D 199 -35.52 19.17 -4.31
CA VAL D 199 -34.16 19.04 -4.84
C VAL D 199 -34.10 17.69 -5.58
N TRP D 200 -34.40 17.72 -6.91
CA TRP D 200 -34.47 16.53 -7.76
C TRP D 200 -33.16 15.74 -7.82
N SER D 201 -32.02 16.45 -7.71
CA SER D 201 -30.67 15.87 -7.76
C SER D 201 -30.38 14.88 -6.59
N GLY D 202 -30.96 15.16 -5.43
CA GLY D 202 -30.79 14.36 -4.23
C GLY D 202 -31.67 13.12 -4.12
N MET D 203 -32.70 13.02 -4.97
CA MET D 203 -33.64 11.91 -4.98
C MET D 203 -32.99 10.59 -5.36
N ASN D 204 -33.13 9.60 -4.46
CA ASN D 204 -32.51 8.30 -4.64
C ASN D 204 -33.14 7.20 -3.82
N VAL D 205 -32.92 5.97 -4.27
CA VAL D 205 -33.24 4.72 -3.59
C VAL D 205 -31.92 3.94 -3.64
N ALA D 206 -31.43 3.53 -2.48
CA ALA D 206 -30.18 2.77 -2.33
C ALA D 206 -28.95 3.45 -2.98
N GLY D 207 -28.95 4.79 -2.94
CA GLY D 207 -27.88 5.63 -3.49
C GLY D 207 -27.91 5.76 -4.99
N VAL D 208 -28.95 5.21 -5.66
CA VAL D 208 -29.13 5.25 -7.10
C VAL D 208 -29.88 6.54 -7.42
N SER D 209 -29.19 7.51 -8.03
CA SER D 209 -29.75 8.81 -8.40
C SER D 209 -30.85 8.64 -9.45
N LEU D 210 -32.04 9.15 -9.13
CA LEU D 210 -33.22 9.09 -9.98
C LEU D 210 -33.06 10.04 -11.19
N LYS D 211 -32.38 11.18 -10.97
CA LYS D 211 -32.10 12.20 -11.97
C LYS D 211 -31.09 11.67 -13.00
N THR D 212 -30.12 10.87 -12.55
CA THR D 212 -29.11 10.28 -13.43
C THR D 212 -29.76 9.24 -14.33
N LEU D 213 -30.65 8.41 -13.77
CA LEU D 213 -31.39 7.37 -14.50
C LEU D 213 -32.41 7.97 -15.46
N HIS D 214 -33.08 9.05 -15.04
CA HIS D 214 -34.14 9.72 -15.78
C HIS D 214 -33.80 11.22 -15.79
N PRO D 215 -33.03 11.70 -16.79
CA PRO D 215 -32.60 13.12 -16.80
C PRO D 215 -33.72 14.15 -16.89
N ASP D 216 -34.93 13.73 -17.27
CA ASP D 216 -36.05 14.67 -17.37
C ASP D 216 -36.83 14.77 -16.06
N LEU D 217 -36.34 14.13 -14.97
CA LEU D 217 -36.93 14.17 -13.62
C LEU D 217 -37.15 15.60 -13.11
N GLY D 218 -38.41 15.88 -12.74
CA GLY D 218 -38.82 17.17 -12.18
C GLY D 218 -38.95 18.33 -13.14
N THR D 219 -38.52 18.13 -14.40
CA THR D 219 -38.64 19.14 -15.47
C THR D 219 -40.00 18.94 -16.15
N ASP D 220 -40.37 19.88 -17.01
CA ASP D 220 -41.65 19.84 -17.72
C ASP D 220 -41.66 18.80 -18.85
N LYS D 221 -40.45 18.48 -19.39
CA LYS D 221 -40.22 17.50 -20.49
C LYS D 221 -40.12 16.01 -20.01
N ASP D 222 -40.86 15.66 -18.92
CA ASP D 222 -40.91 14.33 -18.30
C ASP D 222 -42.27 13.67 -18.55
N LYS D 223 -42.26 12.49 -19.24
CA LYS D 223 -43.46 11.70 -19.55
C LYS D 223 -44.11 11.13 -18.28
N GLU D 224 -43.28 10.84 -17.24
CA GLU D 224 -43.71 10.30 -15.95
C GLU D 224 -44.25 11.37 -15.01
N GLN D 225 -43.96 12.66 -15.32
CA GLN D 225 -44.40 13.85 -14.59
C GLN D 225 -44.12 13.76 -13.08
N TRP D 226 -42.82 13.65 -12.72
CA TRP D 226 -42.42 13.56 -11.33
C TRP D 226 -42.59 14.88 -10.57
N LYS D 227 -42.74 15.98 -11.32
CA LYS D 227 -43.02 17.33 -10.80
C LYS D 227 -44.37 17.30 -10.05
N GLU D 228 -45.28 16.40 -10.47
CA GLU D 228 -46.59 16.18 -9.86
C GLU D 228 -46.49 15.65 -8.45
N VAL D 229 -45.38 14.95 -8.10
CA VAL D 229 -45.12 14.44 -6.74
C VAL D 229 -44.96 15.64 -5.80
N HIS D 230 -44.20 16.68 -6.22
CA HIS D 230 -44.05 17.89 -5.42
C HIS D 230 -45.33 18.70 -5.40
N LYS D 231 -46.05 18.74 -6.53
CA LYS D 231 -47.35 19.42 -6.64
C LYS D 231 -48.29 18.80 -5.63
N GLN D 232 -48.33 17.44 -5.55
CA GLN D 232 -49.13 16.65 -4.61
C GLN D 232 -48.76 16.95 -3.16
N VAL D 233 -47.48 17.25 -2.86
CA VAL D 233 -47.00 17.63 -1.53
C VAL D 233 -47.68 18.94 -1.14
N VAL D 234 -47.60 19.95 -2.03
CA VAL D 234 -48.20 21.28 -1.85
C VAL D 234 -49.76 21.14 -1.76
N GLU D 235 -50.35 20.21 -2.57
CA GLU D 235 -51.78 19.87 -2.80
C GLU D 235 -52.51 19.03 -1.74
N SER D 236 -51.83 17.99 -1.22
CA SER D 236 -52.31 17.07 -0.20
C SER D 236 -52.52 17.85 1.11
N ALA D 237 -51.65 18.85 1.36
CA ALA D 237 -51.72 19.74 2.53
C ALA D 237 -53.07 20.50 2.56
N TYR D 238 -53.54 20.97 1.39
CA TYR D 238 -54.85 21.60 1.24
C TYR D 238 -55.96 20.55 1.34
N GLU D 239 -55.71 19.32 0.85
CA GLU D 239 -56.68 18.23 0.84
C GLU D 239 -57.09 17.77 2.26
N VAL D 240 -56.11 17.69 3.19
CA VAL D 240 -56.35 17.30 4.59
C VAL D 240 -57.23 18.35 5.30
N ILE D 241 -56.97 19.65 5.09
CA ILE D 241 -57.72 20.77 5.66
C ILE D 241 -59.16 20.74 5.20
N LYS D 242 -59.39 20.61 3.90
CA LYS D 242 -60.73 20.53 3.36
C LYS D 242 -61.49 19.31 3.98
N LEU D 243 -60.84 18.12 4.05
CA LEU D 243 -61.42 16.86 4.53
C LEU D 243 -61.64 16.73 6.06
N LYS D 244 -60.63 17.08 6.91
CA LYS D 244 -60.81 16.97 8.37
C LYS D 244 -60.72 18.33 9.13
N GLY D 245 -60.42 19.43 8.42
CA GLY D 245 -60.40 20.77 8.99
C GLY D 245 -59.10 21.28 9.58
N TYR D 246 -58.11 20.39 9.73
CA TYR D 246 -56.77 20.69 10.28
C TYR D 246 -55.88 19.48 10.01
N THR D 247 -54.57 19.61 10.27
CA THR D 247 -53.60 18.51 10.17
C THR D 247 -53.03 18.38 11.57
N SER D 248 -52.78 17.15 12.02
CA SER D 248 -52.24 16.96 13.37
C SER D 248 -51.23 15.80 13.51
N TRP D 249 -51.64 14.57 13.15
CA TRP D 249 -50.82 13.36 13.33
C TRP D 249 -49.43 13.41 12.67
N ALA D 250 -49.36 13.73 11.37
CA ALA D 250 -48.12 13.84 10.59
C ALA D 250 -47.15 14.85 11.18
N ILE D 251 -47.64 16.05 11.55
CA ILE D 251 -46.79 17.12 12.13
C ILE D 251 -46.33 16.71 13.54
N GLY D 252 -47.20 16.03 14.31
CA GLY D 252 -46.91 15.51 15.64
C GLY D 252 -45.75 14.53 15.64
N LEU D 253 -45.80 13.61 14.67
CA LEU D 253 -44.77 12.58 14.42
C LEU D 253 -43.49 13.20 13.93
N SER D 254 -43.58 14.22 13.05
CA SER D 254 -42.44 14.93 12.51
C SER D 254 -41.70 15.68 13.64
N VAL D 255 -42.46 16.33 14.54
CA VAL D 255 -41.91 17.10 15.66
C VAL D 255 -41.22 16.17 16.65
N ALA D 256 -41.87 15.03 16.99
CA ALA D 256 -41.32 14.02 17.90
C ALA D 256 -39.98 13.48 17.38
N ASP D 257 -39.86 13.34 16.05
CA ASP D 257 -38.64 12.90 15.36
C ASP D 257 -37.50 13.91 15.58
N LEU D 258 -37.81 15.22 15.40
CA LEU D 258 -36.86 16.33 15.64
C LEU D 258 -36.43 16.36 17.11
N ALA D 259 -37.41 16.22 18.02
CA ALA D 259 -37.21 16.18 19.47
C ALA D 259 -36.29 15.02 19.86
N GLU D 260 -36.45 13.85 19.23
CA GLU D 260 -35.60 12.67 19.49
C GLU D 260 -34.11 12.96 19.25
N SER D 261 -33.76 13.57 18.09
CA SER D 261 -32.38 13.94 17.77
C SER D 261 -31.83 14.93 18.79
N ILE D 262 -32.63 15.96 19.15
CA ILE D 262 -32.21 16.98 20.09
C ILE D 262 -31.97 16.39 21.48
N MET D 263 -33.00 15.70 22.04
CA MET D 263 -32.94 15.11 23.39
C MET D 263 -31.85 14.04 23.54
N LYS D 264 -31.63 13.23 22.50
CA LYS D 264 -30.69 12.12 22.54
C LYS D 264 -29.33 12.48 21.93
N ASN D 265 -29.14 13.75 21.47
CA ASN D 265 -27.91 14.25 20.84
C ASN D 265 -27.45 13.32 19.68
N LEU D 266 -28.38 12.93 18.84
CA LEU D 266 -28.14 11.98 17.77
C LEU D 266 -27.22 12.48 16.66
N ARG D 267 -27.28 13.78 16.34
CA ARG D 267 -26.51 14.35 15.24
C ARG D 267 -27.00 13.78 13.89
N ARG D 268 -28.33 13.61 13.78
CA ARG D 268 -29.00 13.22 12.56
C ARG D 268 -29.25 14.49 11.77
N VAL D 269 -29.42 14.34 10.44
CA VAL D 269 -29.63 15.43 9.49
C VAL D 269 -31.10 15.53 9.17
N HIS D 270 -31.70 16.73 9.44
CA HIS D 270 -33.12 17.01 9.19
C HIS D 270 -33.31 18.30 8.39
N PRO D 271 -34.36 18.42 7.50
CA PRO D 271 -34.59 19.71 6.83
C PRO D 271 -35.42 20.61 7.74
N VAL D 272 -34.75 21.55 8.44
CA VAL D 272 -35.38 22.43 9.39
C VAL D 272 -35.06 23.88 9.11
N SER D 273 -35.95 24.80 9.52
CA SER D 273 -35.74 26.21 9.32
C SER D 273 -34.65 26.73 10.23
N THR D 274 -33.68 27.41 9.61
CA THR D 274 -32.51 28.00 10.25
C THR D 274 -32.13 29.27 9.49
N MET D 275 -31.24 30.10 10.08
CA MET D 275 -30.79 31.31 9.43
C MET D 275 -29.80 30.98 8.33
N ILE D 276 -30.15 31.32 7.10
CA ILE D 276 -29.35 31.03 5.90
C ILE D 276 -28.62 32.26 5.34
N LYS D 277 -28.48 33.35 6.13
CA LYS D 277 -27.74 34.54 5.70
C LYS D 277 -26.30 34.11 5.41
N GLY D 278 -25.81 34.45 4.23
CA GLY D 278 -24.46 34.12 3.79
C GLY D 278 -24.41 32.98 2.78
N LEU D 279 -25.57 32.36 2.50
CA LEU D 279 -25.69 31.25 1.60
C LEU D 279 -26.67 31.56 0.48
N TYR D 280 -26.38 31.03 -0.72
CA TYR D 280 -27.18 31.19 -1.95
C TYR D 280 -27.46 32.67 -2.31
N GLY D 281 -26.50 33.53 -1.96
CA GLY D 281 -26.57 34.96 -2.20
C GLY D 281 -27.56 35.70 -1.32
N ILE D 282 -27.99 35.08 -0.20
CA ILE D 282 -28.92 35.71 0.74
C ILE D 282 -28.12 36.57 1.70
N LYS D 283 -28.50 37.86 1.74
CA LYS D 283 -27.77 38.86 2.51
C LYS D 283 -28.51 39.30 3.77
N ASP D 284 -29.81 38.96 3.87
CA ASP D 284 -30.67 39.34 5.01
C ASP D 284 -30.83 38.23 6.06
N ASP D 285 -31.27 38.59 7.29
CA ASP D 285 -31.52 37.67 8.40
C ASP D 285 -32.84 36.94 8.10
N VAL D 286 -32.77 36.00 7.15
CA VAL D 286 -33.89 35.17 6.72
C VAL D 286 -33.69 33.70 7.19
N PHE D 287 -34.78 33.11 7.65
CA PHE D 287 -34.84 31.73 8.11
C PHE D 287 -35.56 30.92 7.04
N LEU D 288 -34.86 29.86 6.55
CA LEU D 288 -35.31 28.88 5.56
C LEU D 288 -34.80 27.46 5.88
N SER D 289 -35.51 26.42 5.32
CA SER D 289 -35.13 25.00 5.52
C SER D 289 -34.03 24.55 4.61
N VAL D 290 -32.99 24.01 5.24
CA VAL D 290 -31.78 23.41 4.66
C VAL D 290 -31.48 22.18 5.55
N PRO D 291 -30.77 21.13 5.10
CA PRO D 291 -30.49 19.98 5.98
C PRO D 291 -29.50 20.36 7.09
N CYS D 292 -29.91 20.16 8.37
CA CYS D 292 -29.12 20.53 9.55
C CYS D 292 -28.81 19.34 10.44
N ILE D 293 -27.66 19.40 11.12
CA ILE D 293 -27.23 18.39 12.10
C ILE D 293 -27.84 18.83 13.42
N LEU D 294 -28.77 18.02 13.93
CA LEU D 294 -29.53 18.28 15.15
C LEU D 294 -29.02 17.44 16.28
N GLY D 295 -28.66 18.09 17.38
CA GLY D 295 -28.17 17.45 18.60
C GLY D 295 -28.49 18.27 19.83
N GLN D 296 -27.84 17.94 20.97
CA GLN D 296 -28.07 18.58 22.27
C GLN D 296 -27.92 20.12 22.29
N ASN D 297 -27.27 20.72 21.28
CA ASN D 297 -27.15 22.18 21.22
C ASN D 297 -27.96 22.75 20.06
N GLY D 298 -28.95 21.99 19.61
CA GLY D 298 -29.80 22.34 18.47
C GLY D 298 -29.07 22.11 17.16
N ILE D 299 -29.08 23.12 16.28
CA ILE D 299 -28.40 23.09 14.98
C ILE D 299 -26.92 23.41 15.21
N SER D 300 -26.03 22.41 15.07
CA SER D 300 -24.58 22.60 15.26
C SER D 300 -23.89 22.84 13.94
N ASP D 301 -24.45 22.29 12.87
CA ASP D 301 -23.88 22.33 11.52
C ASP D 301 -25.00 22.31 10.48
N LEU D 302 -24.63 22.61 9.24
CA LEU D 302 -25.56 22.50 8.15
C LEU D 302 -24.90 21.84 6.98
N VAL D 303 -25.71 21.17 6.17
CA VAL D 303 -25.25 20.52 4.95
C VAL D 303 -25.36 21.52 3.81
N LYS D 304 -24.25 21.76 3.08
CA LYS D 304 -24.20 22.71 1.98
C LYS D 304 -24.65 22.03 0.69
N VAL D 305 -25.95 22.08 0.41
CA VAL D 305 -26.53 21.45 -0.76
C VAL D 305 -26.18 22.23 -2.04
N THR D 306 -25.71 21.50 -3.06
CA THR D 306 -25.41 22.05 -4.38
C THR D 306 -26.76 22.16 -5.10
N LEU D 307 -27.17 23.39 -5.40
CA LEU D 307 -28.44 23.67 -6.05
C LEU D 307 -28.24 24.16 -7.47
N THR D 308 -29.23 23.92 -8.33
CA THR D 308 -29.19 24.39 -9.70
C THR D 308 -29.49 25.88 -9.66
N SER D 309 -29.18 26.61 -10.74
CA SER D 309 -29.43 28.05 -10.88
C SER D 309 -30.92 28.36 -10.63
N GLU D 310 -31.83 27.50 -11.13
CA GLU D 310 -33.27 27.61 -10.91
C GLU D 310 -33.62 27.40 -9.41
N GLU D 311 -33.06 26.34 -8.77
CA GLU D 311 -33.27 26.01 -7.36
C GLU D 311 -32.77 27.15 -6.44
N GLU D 312 -31.61 27.74 -6.78
CA GLU D 312 -30.99 28.85 -6.07
C GLU D 312 -31.83 30.13 -6.17
N ALA D 313 -32.42 30.38 -7.37
CA ALA D 313 -33.26 31.53 -7.67
C ALA D 313 -34.55 31.48 -6.89
N ARG D 314 -35.18 30.28 -6.80
CA ARG D 314 -36.42 30.03 -6.07
C ARG D 314 -36.24 30.38 -4.61
N LEU D 315 -35.12 29.95 -4.03
CA LEU D 315 -34.77 30.15 -2.63
C LEU D 315 -34.54 31.63 -2.37
N LYS D 316 -33.88 32.33 -3.31
CA LYS D 316 -33.60 33.76 -3.26
C LYS D 316 -34.87 34.59 -3.29
N LYS D 317 -35.83 34.21 -4.16
CA LYS D 317 -37.11 34.87 -4.31
C LYS D 317 -37.88 34.76 -3.00
N SER D 318 -37.90 33.55 -2.41
CA SER D 318 -38.52 33.18 -1.15
C SER D 318 -37.96 34.05 -0.04
N ALA D 319 -36.62 34.12 0.07
CA ALA D 319 -35.89 34.93 1.04
C ALA D 319 -36.20 36.43 0.93
N ASP D 320 -36.31 36.94 -0.32
CA ASP D 320 -36.62 38.34 -0.60
C ASP D 320 -38.03 38.71 -0.12
N THR D 321 -39.00 37.81 -0.42
CA THR D 321 -40.41 37.92 -0.04
C THR D 321 -40.54 37.89 1.49
N LEU D 322 -39.83 36.94 2.17
CA LEU D 322 -39.87 36.81 3.63
C LEU D 322 -39.29 38.05 4.30
N TRP D 323 -38.18 38.57 3.77
CA TRP D 323 -37.53 39.74 4.35
C TRP D 323 -38.38 41.02 4.28
N GLY D 324 -39.12 41.17 3.17
CA GLY D 324 -40.03 42.29 2.95
C GLY D 324 -41.11 42.37 4.02
N ILE D 325 -41.64 41.20 4.44
CA ILE D 325 -42.64 41.07 5.51
C ILE D 325 -41.96 41.40 6.85
N GLN D 326 -40.77 40.81 7.10
CA GLN D 326 -39.95 40.92 8.32
C GLN D 326 -39.52 42.35 8.68
N LYS D 327 -39.27 43.22 7.69
CA LYS D 327 -38.86 44.60 7.98
C LYS D 327 -40.07 45.51 8.42
N GLU D 328 -41.29 45.22 7.92
CA GLU D 328 -42.51 45.98 8.24
C GLU D 328 -43.24 45.47 9.50
N LEU D 329 -42.61 44.56 10.28
CA LEU D 329 -43.21 43.99 11.49
C LEU D 329 -42.89 44.79 12.75
N GLN D 330 -43.89 44.91 13.63
CA GLN D 330 -43.81 45.57 14.93
C GLN D 330 -43.48 44.51 15.99
N PHE D 331 -42.40 44.74 16.75
CA PHE D 331 -41.89 43.88 17.83
C PHE D 331 -42.07 44.55 19.21
N ALA E 1 64.97 21.21 -47.79
CA ALA E 1 65.40 20.63 -46.50
C ALA E 1 64.91 19.17 -46.37
N THR E 2 65.09 18.60 -45.17
CA THR E 2 64.70 17.23 -44.83
C THR E 2 63.19 17.06 -44.98
N LEU E 3 62.74 15.81 -45.18
CA LEU E 3 61.32 15.46 -45.27
C LEU E 3 60.61 15.92 -43.99
N LYS E 4 61.23 15.66 -42.80
CA LYS E 4 60.73 16.06 -41.49
C LYS E 4 60.50 17.58 -41.42
N ASP E 5 61.47 18.39 -41.92
CA ASP E 5 61.38 19.86 -41.93
C ASP E 5 60.29 20.35 -42.87
N GLN E 6 60.14 19.69 -44.02
CA GLN E 6 59.13 20.00 -45.02
C GLN E 6 57.70 19.65 -44.54
N LEU E 7 57.58 18.60 -43.70
CA LEU E 7 56.31 18.10 -43.19
C LEU E 7 55.88 18.74 -41.89
N ILE E 8 56.81 18.89 -40.96
CA ILE E 8 56.53 19.39 -39.63
C ILE E 8 57.19 20.73 -39.35
N TYR E 9 56.40 21.67 -38.81
CA TYR E 9 56.86 22.97 -38.36
C TYR E 9 56.90 22.91 -36.84
N ASN E 10 58.09 23.04 -36.27
CA ASN E 10 58.30 22.98 -34.83
C ASN E 10 57.99 24.30 -34.12
N LEU E 11 57.22 24.21 -33.01
CA LEU E 11 56.86 25.35 -32.17
C LEU E 11 57.64 25.29 -30.85
N LEU E 12 57.68 24.08 -30.26
CA LEU E 12 58.24 23.79 -28.93
C LEU E 12 59.45 22.88 -29.00
N LYS E 13 60.53 23.31 -28.37
CA LYS E 13 61.76 22.52 -28.33
C LYS E 13 61.81 21.68 -27.06
N GLU E 14 61.56 22.34 -25.90
CA GLU E 14 61.61 21.83 -24.53
C GLU E 14 61.20 20.36 -24.33
N GLU E 15 62.03 19.64 -23.54
CA GLU E 15 61.81 18.26 -23.13
C GLU E 15 61.38 18.29 -21.65
N GLN E 16 60.63 17.26 -21.23
CA GLN E 16 60.10 17.14 -19.88
C GLN E 16 60.23 15.72 -19.34
N THR E 17 60.12 15.59 -18.01
CA THR E 17 60.15 14.32 -17.29
C THR E 17 58.87 13.49 -17.55
N PRO E 18 58.98 12.15 -17.73
CA PRO E 18 57.77 11.33 -17.88
C PRO E 18 56.98 11.39 -16.57
N GLN E 19 55.67 11.50 -16.70
CA GLN E 19 54.76 11.63 -15.58
C GLN E 19 54.33 10.29 -14.94
N ASN E 20 54.35 9.19 -15.69
CA ASN E 20 53.89 7.91 -15.16
C ASN E 20 54.82 6.78 -15.60
N LYS E 21 56.09 6.95 -15.31
CA LYS E 21 57.13 5.98 -15.67
C LYS E 21 57.16 4.77 -14.74
N ILE E 22 57.31 3.60 -15.36
CA ILE E 22 57.43 2.30 -14.65
C ILE E 22 58.69 1.63 -15.15
N THR E 23 59.46 1.04 -14.21
CA THR E 23 60.66 0.26 -14.50
C THR E 23 60.49 -1.19 -14.08
N VAL E 24 60.91 -2.13 -14.94
CA VAL E 24 60.95 -3.54 -14.61
C VAL E 24 62.42 -3.96 -14.64
N VAL E 25 62.94 -4.47 -13.50
CA VAL E 25 64.33 -4.95 -13.36
C VAL E 25 64.31 -6.47 -13.43
N GLY E 26 65.00 -7.03 -14.42
CA GLY E 26 65.01 -8.46 -14.69
C GLY E 26 64.00 -8.74 -15.78
N VAL E 27 64.47 -9.16 -16.96
CA VAL E 27 63.63 -9.40 -18.13
C VAL E 27 63.48 -10.92 -18.43
N GLY E 28 63.42 -11.74 -17.36
CA GLY E 28 63.17 -13.16 -17.48
C GLY E 28 61.69 -13.38 -17.71
N ALA E 29 61.19 -14.59 -17.45
CA ALA E 29 59.77 -14.90 -17.67
C ALA E 29 58.82 -14.05 -16.84
N VAL E 30 59.17 -13.79 -15.56
CA VAL E 30 58.35 -12.98 -14.65
C VAL E 30 58.38 -11.52 -15.08
N GLY E 31 59.60 -10.98 -15.28
CA GLY E 31 59.77 -9.59 -15.70
C GLY E 31 59.05 -9.22 -16.98
N MET E 32 59.10 -10.09 -17.98
CA MET E 32 58.43 -9.85 -19.26
C MET E 32 56.91 -9.99 -19.16
N ALA E 33 56.42 -10.86 -18.30
CA ALA E 33 54.98 -10.99 -18.12
C ALA E 33 54.39 -9.78 -17.32
N CYS E 34 55.20 -9.12 -16.46
CA CYS E 34 54.77 -7.88 -15.76
C CYS E 34 54.76 -6.76 -16.78
N ALA E 35 55.79 -6.72 -17.66
CA ALA E 35 55.90 -5.73 -18.73
C ALA E 35 54.72 -5.74 -19.71
N ILE E 36 54.38 -6.91 -20.30
CA ILE E 36 53.29 -7.03 -21.25
C ILE E 36 51.94 -6.67 -20.62
N SER E 37 51.72 -7.13 -19.36
CA SER E 37 50.49 -6.88 -18.62
C SER E 37 50.31 -5.41 -18.32
N ILE E 38 51.38 -4.73 -17.89
CA ILE E 38 51.40 -3.29 -17.62
C ILE E 38 51.16 -2.50 -18.91
N LEU E 39 51.80 -2.93 -20.00
CA LEU E 39 51.63 -2.29 -21.31
C LEU E 39 50.20 -2.37 -21.81
N MET E 40 49.57 -3.54 -21.64
CA MET E 40 48.20 -3.73 -22.11
C MET E 40 47.14 -3.09 -21.20
N LYS E 41 47.53 -2.63 -20.00
CA LYS E 41 46.63 -2.00 -19.05
C LYS E 41 46.78 -0.47 -19.05
N ASP E 42 47.64 0.08 -19.96
CA ASP E 42 47.92 1.52 -20.15
C ASP E 42 48.28 2.22 -18.83
N LEU E 43 49.12 1.56 -18.00
CA LEU E 43 49.47 2.09 -16.69
C LEU E 43 50.61 3.08 -16.72
N ALA E 44 51.39 3.11 -17.82
CA ALA E 44 52.57 3.97 -17.94
C ALA E 44 52.69 4.73 -19.25
N ASP E 45 53.33 5.91 -19.20
CA ASP E 45 53.61 6.72 -20.38
C ASP E 45 55.06 6.40 -20.84
N GLU E 46 55.81 5.70 -19.98
CA GLU E 46 57.18 5.26 -20.24
C GLU E 46 57.47 3.96 -19.50
N LEU E 47 58.02 2.97 -20.25
CA LEU E 47 58.45 1.70 -19.68
C LEU E 47 59.95 1.52 -19.85
N ALA E 48 60.65 1.27 -18.75
CA ALA E 48 62.11 1.04 -18.76
C ALA E 48 62.39 -0.39 -18.34
N LEU E 49 63.32 -1.04 -19.03
CA LEU E 49 63.74 -2.42 -18.72
C LEU E 49 65.23 -2.47 -18.43
N VAL E 50 65.62 -3.17 -17.35
CA VAL E 50 67.04 -3.36 -17.00
C VAL E 50 67.31 -4.85 -16.76
N ASP E 51 68.48 -5.31 -17.21
CA ASP E 51 69.00 -6.67 -17.02
C ASP E 51 70.52 -6.63 -17.18
N VAL E 52 71.19 -7.74 -16.79
CA VAL E 52 72.64 -7.91 -16.90
C VAL E 52 73.00 -8.59 -18.24
N ILE E 53 72.05 -9.37 -18.83
CA ILE E 53 72.20 -10.02 -20.13
C ILE E 53 71.77 -8.99 -21.18
N GLU E 54 72.76 -8.28 -21.77
CA GLU E 54 72.54 -7.17 -22.71
C GLU E 54 71.85 -7.56 -24.02
N ASP E 55 72.13 -8.74 -24.56
CA ASP E 55 71.51 -9.16 -25.81
C ASP E 55 70.00 -9.45 -25.64
N LYS E 56 69.65 -10.24 -24.60
CA LYS E 56 68.29 -10.61 -24.24
C LYS E 56 67.48 -9.33 -24.00
N LEU E 57 68.05 -8.39 -23.22
CA LEU E 57 67.45 -7.11 -22.88
C LEU E 57 67.10 -6.29 -24.14
N LYS E 58 68.06 -6.16 -25.10
CA LYS E 58 67.85 -5.43 -26.36
C LYS E 58 66.77 -6.09 -27.22
N GLY E 59 66.80 -7.42 -27.28
CA GLY E 59 65.81 -8.21 -28.02
C GLY E 59 64.41 -8.08 -27.47
N GLU E 60 64.27 -8.11 -26.15
CA GLU E 60 62.97 -7.97 -25.46
C GLU E 60 62.37 -6.59 -25.71
N MET E 61 63.21 -5.54 -25.54
CA MET E 61 62.83 -4.14 -25.76
C MET E 61 62.33 -3.94 -27.18
N MET E 62 63.10 -4.42 -28.18
CA MET E 62 62.75 -4.33 -29.61
C MET E 62 61.42 -5.02 -29.95
N ASP E 63 61.20 -6.22 -29.39
CA ASP E 63 59.99 -7.01 -29.60
C ASP E 63 58.76 -6.21 -29.11
N LEU E 64 58.89 -5.56 -27.92
CA LEU E 64 57.85 -4.70 -27.34
C LEU E 64 57.65 -3.49 -28.20
N GLN E 65 58.73 -2.82 -28.62
CA GLN E 65 58.67 -1.62 -29.47
C GLN E 65 57.97 -1.90 -30.80
N HIS E 66 58.17 -3.09 -31.36
CA HIS E 66 57.53 -3.47 -32.62
C HIS E 66 55.99 -3.58 -32.52
N GLY E 67 55.48 -3.64 -31.30
CA GLY E 67 54.05 -3.69 -31.04
C GLY E 67 53.42 -2.37 -30.63
N SER E 68 54.22 -1.26 -30.70
CA SER E 68 53.83 0.12 -30.34
C SER E 68 52.52 0.61 -30.94
N LEU E 69 52.24 0.24 -32.20
CA LEU E 69 50.99 0.59 -32.89
C LEU E 69 49.76 0.08 -32.14
N PHE E 70 49.90 -1.05 -31.44
CA PHE E 70 48.80 -1.66 -30.71
C PHE E 70 48.76 -1.26 -29.24
N LEU E 71 49.69 -0.38 -28.80
CA LEU E 71 49.80 0.08 -27.42
C LEU E 71 49.58 1.57 -27.30
N ARG E 72 49.51 2.08 -26.05
CA ARG E 72 49.33 3.52 -25.76
C ARG E 72 50.38 3.99 -24.72
N THR E 73 51.62 3.41 -24.82
CA THR E 73 52.82 3.69 -24.04
C THR E 73 53.84 4.17 -25.10
N PRO E 74 53.99 5.51 -25.22
CA PRO E 74 54.79 6.06 -26.33
C PRO E 74 56.31 5.89 -26.27
N LYS E 75 56.85 5.44 -25.12
CA LYS E 75 58.29 5.29 -24.98
C LYS E 75 58.66 4.04 -24.21
N ILE E 76 59.41 3.15 -24.88
CA ILE E 76 59.95 1.93 -24.30
C ILE E 76 61.49 2.00 -24.39
N VAL E 77 62.16 1.97 -23.24
CA VAL E 77 63.61 2.03 -23.16
C VAL E 77 64.19 0.86 -22.36
N SER E 78 65.47 0.58 -22.60
CA SER E 78 66.18 -0.46 -21.88
C SER E 78 67.67 -0.15 -21.83
N GLY E 79 68.36 -0.81 -20.92
CA GLY E 79 69.80 -0.66 -20.74
C GLY E 79 70.27 -1.30 -19.45
N LYS E 80 71.55 -1.65 -19.42
CA LYS E 80 72.23 -2.21 -18.25
C LYS E 80 72.45 -1.07 -17.22
N ASP E 81 72.58 0.19 -17.72
CA ASP E 81 72.81 1.39 -16.92
C ASP E 81 71.48 1.99 -16.44
N TYR E 82 71.40 2.24 -15.13
CA TYR E 82 70.18 2.69 -14.47
C TYR E 82 69.78 4.13 -14.78
N ASN E 83 70.56 4.86 -15.61
CA ASN E 83 70.13 6.20 -16.04
C ASN E 83 68.81 6.15 -16.89
N VAL E 84 68.53 4.98 -17.51
CA VAL E 84 67.31 4.70 -18.28
C VAL E 84 66.06 4.66 -17.35
N THR E 85 66.27 4.44 -16.03
CA THR E 85 65.20 4.29 -15.02
C THR E 85 64.86 5.61 -14.29
N ALA E 86 65.58 6.71 -14.60
CA ALA E 86 65.37 8.03 -13.97
C ALA E 86 63.91 8.50 -13.95
N ASN E 87 63.45 8.96 -12.76
CA ASN E 87 62.12 9.51 -12.46
C ASN E 87 60.97 8.51 -12.66
N SER E 88 61.19 7.24 -12.27
CA SER E 88 60.16 6.19 -12.31
C SER E 88 59.28 6.37 -11.08
N LYS E 89 57.96 6.26 -11.25
CA LYS E 89 57.00 6.33 -10.14
C LYS E 89 57.00 5.00 -9.43
N LEU E 90 57.21 3.93 -10.19
CA LEU E 90 57.22 2.55 -9.69
C LEU E 90 58.35 1.74 -10.31
N VAL E 91 59.09 1.03 -9.45
CA VAL E 91 60.17 0.16 -9.87
C VAL E 91 59.85 -1.24 -9.36
N ILE E 92 59.71 -2.19 -10.31
CA ILE E 92 59.38 -3.60 -10.09
C ILE E 92 60.62 -4.47 -10.22
N ILE E 93 60.99 -5.16 -9.12
CA ILE E 93 62.17 -6.01 -9.07
C ILE E 93 61.78 -7.49 -9.22
N THR E 94 62.18 -8.08 -10.33
CA THR E 94 61.91 -9.49 -10.68
C THR E 94 63.24 -10.23 -10.95
N ALA E 95 64.39 -9.58 -10.69
CA ALA E 95 65.71 -10.13 -10.94
C ALA E 95 66.10 -11.20 -9.92
N GLY E 96 66.78 -12.24 -10.37
CA GLY E 96 67.21 -13.26 -9.44
C GLY E 96 67.99 -14.40 -10.01
N ALA E 97 68.59 -15.16 -9.07
CA ALA E 97 69.43 -16.32 -9.33
C ALA E 97 68.58 -17.59 -9.34
N ARG E 98 69.07 -18.61 -10.06
CA ARG E 98 68.45 -19.94 -10.13
C ARG E 98 69.29 -20.96 -9.29
N GLN E 99 68.61 -21.77 -8.45
CA GLN E 99 69.16 -22.80 -7.54
C GLN E 99 70.11 -23.82 -8.17
N LEU E 106 68.36 -21.11 0.81
CA LEU E 106 69.59 -21.49 1.48
C LEU E 106 70.66 -20.42 1.28
N ASN E 107 71.61 -20.72 0.37
CA ASN E 107 72.71 -19.87 -0.10
C ASN E 107 72.14 -19.04 -1.25
N LEU E 108 71.02 -19.51 -1.88
CA LEU E 108 70.30 -18.80 -2.94
C LEU E 108 69.80 -17.46 -2.36
N VAL E 109 69.31 -17.50 -1.10
CA VAL E 109 68.87 -16.36 -0.31
C VAL E 109 69.98 -15.33 -0.38
N GLN E 110 71.20 -15.72 0.05
CA GLN E 110 72.36 -14.84 0.06
C GLN E 110 72.70 -14.29 -1.32
N ARG E 111 72.58 -15.13 -2.36
CA ARG E 111 72.89 -14.79 -3.73
C ARG E 111 71.99 -13.68 -4.29
N ASN E 112 70.69 -13.74 -3.95
CA ASN E 112 69.71 -12.73 -4.32
C ASN E 112 69.88 -11.49 -3.49
N VAL E 113 70.39 -11.63 -2.25
CA VAL E 113 70.67 -10.50 -1.35
C VAL E 113 71.85 -9.71 -1.93
N ASN E 114 72.81 -10.44 -2.51
CA ASN E 114 73.98 -9.88 -3.17
C ASN E 114 73.61 -9.13 -4.44
N ILE E 115 72.60 -9.66 -5.19
CA ILE E 115 72.03 -9.06 -6.40
C ILE E 115 71.29 -7.76 -5.98
N PHE E 116 70.52 -7.83 -4.91
CA PHE E 116 69.81 -6.65 -4.38
C PHE E 116 70.75 -5.59 -3.85
N LYS E 117 71.86 -6.00 -3.20
CA LYS E 117 72.87 -5.05 -2.70
C LYS E 117 73.45 -4.18 -3.83
N PHE E 118 73.39 -4.65 -5.09
CA PHE E 118 73.83 -3.92 -6.28
C PHE E 118 72.66 -3.12 -6.95
N ILE E 119 71.49 -3.77 -7.10
CA ILE E 119 70.30 -3.22 -7.77
C ILE E 119 69.68 -2.03 -7.01
N ILE E 120 69.29 -2.25 -5.74
CA ILE E 120 68.59 -1.26 -4.93
C ILE E 120 69.32 0.12 -4.89
N PRO E 121 70.65 0.24 -4.62
CA PRO E 121 71.25 1.59 -4.63
C PRO E 121 71.16 2.29 -5.98
N ASN E 122 71.25 1.54 -7.09
CA ASN E 122 71.16 2.07 -8.45
C ASN E 122 69.76 2.60 -8.78
N VAL E 123 68.72 1.89 -8.32
CA VAL E 123 67.36 2.31 -8.56
C VAL E 123 67.03 3.60 -7.79
N VAL E 124 67.36 3.66 -6.49
CA VAL E 124 67.01 4.81 -5.66
C VAL E 124 67.85 6.04 -6.03
N LYS E 125 69.07 5.86 -6.62
CA LYS E 125 69.91 6.94 -7.13
C LYS E 125 69.16 7.71 -8.23
N TYR E 126 68.52 6.98 -9.19
CA TYR E 126 67.84 7.61 -10.31
C TYR E 126 66.34 7.91 -10.08
N SER E 127 65.69 7.21 -9.14
CA SER E 127 64.29 7.46 -8.80
C SER E 127 64.14 7.50 -7.26
N PRO E 128 64.65 8.58 -6.59
CA PRO E 128 64.55 8.63 -5.12
C PRO E 128 63.13 8.66 -4.51
N ASN E 129 62.13 9.09 -5.31
CA ASN E 129 60.73 9.14 -4.87
C ASN E 129 59.86 7.98 -5.33
N CYS E 130 60.45 6.93 -5.94
CA CYS E 130 59.70 5.77 -6.44
C CYS E 130 59.16 4.89 -5.33
N LYS E 131 58.22 4.02 -5.70
CA LYS E 131 57.71 2.96 -4.86
C LYS E 131 58.43 1.72 -5.38
N LEU E 132 58.85 0.86 -4.46
CA LEU E 132 59.51 -0.38 -4.81
C LEU E 132 58.54 -1.53 -4.69
N LEU E 133 58.40 -2.31 -5.77
CA LEU E 133 57.55 -3.49 -5.78
C LEU E 133 58.47 -4.71 -6.02
N ILE E 134 58.68 -5.51 -4.95
CA ILE E 134 59.57 -6.68 -4.94
C ILE E 134 58.80 -7.95 -5.30
N VAL E 135 59.31 -8.71 -6.28
CA VAL E 135 58.68 -9.96 -6.75
C VAL E 135 59.64 -11.15 -6.52
N SER E 136 60.95 -10.91 -6.68
CA SER E 136 62.04 -11.89 -6.53
C SER E 136 61.91 -12.68 -5.23
N ASN E 137 62.16 -13.99 -5.27
CA ASN E 137 62.01 -14.87 -4.10
C ASN E 137 63.29 -15.04 -3.26
N PRO E 138 63.19 -15.22 -1.91
CA PRO E 138 61.98 -15.20 -1.07
C PRO E 138 61.52 -13.77 -0.87
N VAL E 139 60.35 -13.47 -1.47
CA VAL E 139 59.72 -12.14 -1.56
C VAL E 139 59.67 -11.41 -0.18
N ASP E 140 59.30 -12.10 0.92
CA ASP E 140 59.21 -11.48 2.24
C ASP E 140 60.56 -10.96 2.74
N ILE E 141 61.61 -11.82 2.65
CA ILE E 141 62.97 -11.48 3.04
C ILE E 141 63.53 -10.39 2.13
N LEU E 142 63.35 -10.54 0.80
CA LEU E 142 63.88 -9.57 -0.17
C LEU E 142 63.20 -8.20 -0.10
N THR E 143 61.95 -8.12 0.41
CA THR E 143 61.27 -6.83 0.61
C THR E 143 61.95 -6.12 1.78
N TYR E 144 62.27 -6.90 2.84
CA TYR E 144 63.00 -6.41 4.02
C TYR E 144 64.36 -5.87 3.58
N VAL E 145 65.07 -6.65 2.75
CA VAL E 145 66.38 -6.35 2.19
C VAL E 145 66.34 -5.04 1.41
N ALA E 146 65.34 -4.90 0.50
CA ALA E 146 65.14 -3.70 -0.32
C ALA E 146 64.87 -2.48 0.57
N TRP E 147 64.08 -2.66 1.63
CA TRP E 147 63.76 -1.59 2.58
C TRP E 147 65.03 -1.13 3.34
N LYS E 148 65.86 -2.08 3.79
CA LYS E 148 67.10 -1.81 4.51
C LYS E 148 68.13 -1.08 3.66
N ILE E 149 68.37 -1.57 2.44
CA ILE E 149 69.34 -0.99 1.52
C ILE E 149 68.92 0.39 1.02
N SER E 150 67.63 0.56 0.62
CA SER E 150 67.11 1.84 0.11
C SER E 150 67.09 2.97 1.15
N GLY E 151 66.73 2.65 2.38
CA GLY E 151 66.55 3.65 3.43
C GLY E 151 65.22 4.40 3.27
N PHE E 152 64.34 3.86 2.41
CA PHE E 152 63.02 4.39 2.09
C PHE E 152 62.10 4.18 3.27
N PRO E 153 61.04 5.01 3.43
CA PRO E 153 60.06 4.73 4.50
C PRO E 153 59.30 3.46 4.10
N LYS E 154 58.89 2.64 5.09
CA LYS E 154 58.25 1.34 4.90
C LYS E 154 57.02 1.36 3.93
N ASN E 155 56.36 2.52 3.76
CA ASN E 155 55.21 2.67 2.87
C ASN E 155 55.56 2.52 1.39
N ARG E 156 56.79 2.92 1.01
CA ARG E 156 57.27 2.87 -0.38
C ARG E 156 57.99 1.57 -0.74
N VAL E 157 57.94 0.54 0.14
CA VAL E 157 58.58 -0.77 -0.08
C VAL E 157 57.50 -1.86 0.06
N ILE E 158 57.08 -2.43 -1.08
CA ILE E 158 56.00 -3.40 -1.16
C ILE E 158 56.49 -4.69 -1.79
N GLY E 159 56.13 -5.82 -1.19
CA GLY E 159 56.43 -7.14 -1.74
C GLY E 159 55.16 -7.69 -2.33
N SER E 160 55.23 -8.33 -3.52
CA SER E 160 54.05 -8.93 -4.19
C SER E 160 53.29 -9.88 -3.23
N GLY E 161 54.06 -10.52 -2.33
CA GLY E 161 53.59 -11.39 -1.25
C GLY E 161 52.52 -12.39 -1.58
N CYS E 162 51.45 -12.40 -0.77
CA CYS E 162 50.34 -13.34 -0.89
C CYS E 162 49.19 -12.91 -1.84
N ASN E 163 49.43 -11.94 -2.76
CA ASN E 163 48.44 -11.48 -3.73
C ASN E 163 48.14 -12.63 -4.72
N LEU E 164 49.20 -13.33 -5.18
CA LEU E 164 49.10 -14.47 -6.08
C LEU E 164 48.47 -15.71 -5.39
N ASP E 165 48.90 -15.98 -4.13
CA ASP E 165 48.40 -17.09 -3.28
C ASP E 165 46.90 -16.98 -3.17
N SER E 166 46.41 -15.75 -2.92
CA SER E 166 45.01 -15.42 -2.77
C SER E 166 44.29 -15.56 -4.10
N ALA E 167 44.84 -14.96 -5.18
CA ALA E 167 44.29 -15.05 -6.53
C ALA E 167 44.06 -16.53 -6.92
N ARG E 168 45.00 -17.42 -6.63
CA ARG E 168 44.90 -18.85 -6.92
C ARG E 168 43.84 -19.51 -6.04
N PHE E 169 43.76 -19.09 -4.76
CA PHE E 169 42.80 -19.59 -3.79
C PHE E 169 41.36 -19.28 -4.24
N ARG E 170 41.14 -18.03 -4.71
CA ARG E 170 39.87 -17.55 -5.20
C ARG E 170 39.48 -18.26 -6.51
N TYR E 171 40.49 -18.60 -7.35
CA TYR E 171 40.27 -19.32 -8.59
C TYR E 171 39.70 -20.70 -8.28
N LEU E 172 40.32 -21.39 -7.29
CA LEU E 172 39.94 -22.73 -6.87
C LEU E 172 38.60 -22.76 -6.18
N MET E 173 38.33 -21.75 -5.34
CA MET E 173 37.07 -21.53 -4.62
C MET E 173 35.95 -21.36 -5.66
N GLY E 174 36.20 -20.53 -6.68
CA GLY E 174 35.31 -20.24 -7.79
C GLY E 174 34.97 -21.47 -8.60
N GLU E 175 35.97 -22.33 -8.83
CA GLU E 175 35.83 -23.58 -9.57
C GLU E 175 34.94 -24.56 -8.78
N ARG E 176 35.08 -24.59 -7.44
CA ARG E 176 34.30 -25.44 -6.55
C ARG E 176 32.83 -25.01 -6.49
N LEU E 177 32.58 -23.69 -6.47
CA LEU E 177 31.25 -23.09 -6.33
C LEU E 177 30.53 -22.69 -7.64
N GLY E 178 31.23 -22.66 -8.78
CA GLY E 178 30.65 -22.25 -10.07
C GLY E 178 30.37 -20.74 -10.12
N VAL E 179 31.25 -19.95 -9.49
CA VAL E 179 31.17 -18.49 -9.38
C VAL E 179 32.51 -17.90 -9.86
N HIS E 180 32.48 -16.73 -10.52
CA HIS E 180 33.69 -16.05 -10.96
C HIS E 180 34.58 -15.70 -9.74
N PRO E 181 35.92 -15.92 -9.83
CA PRO E 181 36.81 -15.56 -8.70
C PRO E 181 36.60 -14.16 -8.11
N LEU E 182 36.15 -13.20 -8.92
CA LEU E 182 35.90 -11.82 -8.49
C LEU E 182 34.80 -11.74 -7.43
N SER E 183 33.85 -12.69 -7.47
CA SER E 183 32.73 -12.76 -6.54
C SER E 183 32.97 -13.74 -5.37
N CYS E 184 34.09 -14.49 -5.41
CA CYS E 184 34.52 -15.43 -4.36
C CYS E 184 35.54 -14.74 -3.52
N HIS E 185 35.27 -14.53 -2.24
CA HIS E 185 36.23 -13.81 -1.39
C HIS E 185 36.91 -14.73 -0.39
N GLY E 186 38.23 -14.60 -0.28
CA GLY E 186 39.08 -15.40 0.59
C GLY E 186 40.48 -14.84 0.64
N TRP E 187 41.13 -14.97 1.81
CA TRP E 187 42.46 -14.39 2.03
C TRP E 187 43.51 -15.39 2.48
N VAL E 188 44.67 -15.32 1.85
CA VAL E 188 45.82 -16.12 2.21
C VAL E 188 46.81 -15.09 2.74
N LEU E 189 47.24 -15.21 3.99
CA LEU E 189 48.16 -14.25 4.59
C LEU E 189 49.50 -14.87 5.06
N GLY E 190 50.44 -14.01 5.50
CA GLY E 190 51.75 -14.41 6.00
C GLY E 190 52.85 -14.55 4.96
N GLU E 191 53.66 -15.61 5.12
CA GLU E 191 54.80 -15.92 4.26
C GLU E 191 54.33 -16.43 2.92
N HIS E 192 54.82 -15.81 1.82
CA HIS E 192 54.52 -16.23 0.46
C HIS E 192 55.23 -17.55 0.22
N GLY E 193 54.42 -18.55 -0.08
CA GLY E 193 54.89 -19.88 -0.40
C GLY E 193 54.27 -20.95 0.47
N ASP E 194 55.09 -21.95 0.83
CA ASP E 194 54.74 -23.11 1.65
C ASP E 194 54.07 -22.80 3.00
N SER E 195 54.47 -21.70 3.68
CA SER E 195 54.00 -21.30 5.01
C SER E 195 52.83 -20.30 5.03
N SER E 196 52.11 -20.13 3.89
CA SER E 196 50.98 -19.20 3.82
C SER E 196 49.81 -19.67 4.70
N VAL E 197 49.03 -18.71 5.19
CA VAL E 197 47.91 -18.98 6.10
C VAL E 197 46.54 -18.71 5.45
N PRO E 198 45.70 -19.75 5.29
CA PRO E 198 44.33 -19.52 4.79
C PRO E 198 43.42 -19.00 5.92
N VAL E 199 42.85 -17.79 5.77
CA VAL E 199 41.95 -17.23 6.79
C VAL E 199 40.53 -17.72 6.49
N TRP E 200 40.18 -18.90 7.02
CA TRP E 200 38.88 -19.56 6.82
C TRP E 200 37.67 -18.71 7.24
N SER E 201 37.83 -17.88 8.29
CA SER E 201 36.80 -17.01 8.83
C SER E 201 36.30 -15.96 7.84
N GLY E 202 37.21 -15.47 6.99
CA GLY E 202 36.94 -14.41 6.01
C GLY E 202 36.35 -14.88 4.69
N MET E 203 36.32 -16.20 4.46
CA MET E 203 35.79 -16.80 3.25
C MET E 203 34.29 -16.59 3.09
N ASN E 204 33.89 -15.96 1.98
CA ASN E 204 32.49 -15.64 1.72
C ASN E 204 32.17 -15.41 0.25
N VAL E 205 30.87 -15.52 -0.05
CA VAL E 205 30.24 -15.19 -1.32
C VAL E 205 29.06 -14.33 -0.91
N ALA E 206 28.98 -13.09 -1.45
CA ALA E 206 27.93 -12.13 -1.17
C ALA E 206 27.75 -11.81 0.34
N GLY E 207 28.88 -11.81 1.07
CA GLY E 207 28.92 -11.55 2.50
C GLY E 207 28.43 -12.69 3.36
N VAL E 208 28.11 -13.85 2.76
CA VAL E 208 27.64 -15.04 3.46
C VAL E 208 28.86 -15.87 3.84
N SER E 209 29.16 -15.93 5.15
CA SER E 209 30.29 -16.65 5.72
C SER E 209 30.18 -18.14 5.47
N LEU E 210 31.21 -18.70 4.84
CA LEU E 210 31.34 -20.12 4.53
C LEU E 210 31.57 -20.95 5.81
N LYS E 211 32.30 -20.37 6.78
CA LYS E 211 32.61 -20.98 8.09
C LYS E 211 31.35 -21.08 8.96
N THR E 212 30.46 -20.06 8.89
CA THR E 212 29.22 -20.03 9.64
C THR E 212 28.27 -21.12 9.12
N LEU E 213 28.15 -21.24 7.78
CA LEU E 213 27.31 -22.24 7.12
C LEU E 213 27.85 -23.67 7.32
N HIS E 214 29.17 -23.81 7.24
CA HIS E 214 29.87 -25.08 7.34
C HIS E 214 30.97 -24.94 8.41
N PRO E 215 30.65 -25.22 9.70
CA PRO E 215 31.65 -25.03 10.77
C PRO E 215 32.90 -25.90 10.68
N ASP E 216 32.84 -26.97 9.87
CA ASP E 216 33.95 -27.89 9.61
C ASP E 216 34.98 -27.32 8.60
N LEU E 217 34.71 -26.14 8.01
CA LEU E 217 35.57 -25.47 7.02
C LEU E 217 37.04 -25.33 7.46
N GLY E 218 37.93 -26.00 6.71
CA GLY E 218 39.37 -26.01 6.96
C GLY E 218 39.82 -26.85 8.14
N THR E 219 39.13 -27.99 8.39
CA THR E 219 39.40 -28.96 9.45
C THR E 219 39.76 -30.30 8.77
N ASP E 220 40.51 -31.17 9.48
CA ASP E 220 40.89 -32.49 8.97
C ASP E 220 39.70 -33.47 9.04
N LYS E 221 38.69 -33.15 9.89
CA LYS E 221 37.48 -33.94 10.10
C LYS E 221 36.26 -33.34 9.34
N ASP E 222 36.49 -32.89 8.08
CA ASP E 222 35.47 -32.30 7.21
C ASP E 222 35.32 -33.13 5.92
N LYS E 223 34.06 -33.42 5.54
CA LYS E 223 33.74 -34.31 4.40
C LYS E 223 34.04 -33.71 3.05
N GLU E 224 33.94 -32.37 2.95
CA GLU E 224 34.20 -31.65 1.71
C GLU E 224 35.70 -31.34 1.46
N GLN E 225 36.56 -31.51 2.50
CA GLN E 225 38.01 -31.28 2.46
C GLN E 225 38.36 -29.91 1.89
N TRP E 226 37.93 -28.83 2.58
CA TRP E 226 38.25 -27.49 2.09
C TRP E 226 39.71 -27.09 2.36
N LYS E 227 40.36 -27.81 3.29
CA LYS E 227 41.79 -27.65 3.61
C LYS E 227 42.62 -27.99 2.36
N GLU E 228 42.08 -28.89 1.48
CA GLU E 228 42.68 -29.31 0.21
C GLU E 228 42.79 -28.15 -0.78
N VAL E 229 41.91 -27.13 -0.67
CA VAL E 229 41.93 -25.93 -1.51
C VAL E 229 43.22 -25.17 -1.23
N HIS E 230 43.58 -25.00 0.07
CA HIS E 230 44.83 -24.35 0.44
C HIS E 230 46.04 -25.23 0.09
N LYS E 231 45.89 -26.55 0.25
CA LYS E 231 46.90 -27.57 -0.07
C LYS E 231 47.22 -27.49 -1.56
N GLN E 232 46.18 -27.28 -2.40
CA GLN E 232 46.27 -27.13 -3.87
C GLN E 232 46.96 -25.82 -4.23
N VAL E 233 46.79 -24.76 -3.41
CA VAL E 233 47.41 -23.44 -3.62
C VAL E 233 48.92 -23.63 -3.55
N VAL E 234 49.40 -24.44 -2.59
CA VAL E 234 50.82 -24.73 -2.49
C VAL E 234 51.27 -25.65 -3.65
N GLU E 235 50.58 -26.78 -3.85
CA GLU E 235 50.85 -27.79 -4.88
C GLU E 235 50.84 -27.24 -6.32
N SER E 236 50.03 -26.19 -6.59
CA SER E 236 49.90 -25.54 -7.90
C SER E 236 51.20 -24.93 -8.43
N ALA E 237 51.95 -24.16 -7.61
CA ALA E 237 53.24 -23.58 -8.01
C ALA E 237 54.21 -24.67 -8.48
N TYR E 238 54.34 -25.72 -7.63
CA TYR E 238 55.17 -26.90 -7.84
C TYR E 238 54.74 -27.60 -9.11
N GLU E 239 53.41 -27.73 -9.33
CA GLU E 239 52.78 -28.34 -10.49
C GLU E 239 53.09 -27.54 -11.75
N VAL E 240 52.87 -26.22 -11.73
CA VAL E 240 53.13 -25.38 -12.90
C VAL E 240 54.63 -25.46 -13.25
N ILE E 241 55.53 -25.32 -12.25
CA ILE E 241 56.98 -25.43 -12.43
C ILE E 241 57.31 -26.81 -13.01
N LYS E 242 56.72 -27.87 -12.47
CA LYS E 242 56.93 -29.24 -12.95
C LYS E 242 56.53 -29.38 -14.42
N LEU E 243 55.39 -28.79 -14.79
CA LEU E 243 54.80 -28.86 -16.13
C LEU E 243 55.44 -27.95 -17.19
N LYS E 244 55.68 -26.64 -16.90
CA LYS E 244 56.25 -25.71 -17.89
C LYS E 244 57.65 -25.12 -17.53
N GLY E 245 58.17 -25.46 -16.36
CA GLY E 245 59.49 -25.03 -15.92
C GLY E 245 59.57 -23.78 -15.07
N TYR E 246 58.50 -22.98 -15.06
CA TYR E 246 58.39 -21.70 -14.36
C TYR E 246 56.92 -21.25 -14.38
N THR E 247 56.62 -20.16 -13.64
CA THR E 247 55.31 -19.51 -13.63
C THR E 247 55.56 -18.09 -14.14
N SER E 248 54.64 -17.55 -14.97
CA SER E 248 54.83 -16.19 -15.52
C SER E 248 53.55 -15.38 -15.66
N TRP E 249 52.55 -15.91 -16.38
CA TRP E 249 51.29 -15.20 -16.66
C TRP E 249 50.54 -14.71 -15.41
N ALA E 250 50.22 -15.61 -14.46
CA ALA E 250 49.48 -15.33 -13.23
C ALA E 250 50.19 -14.28 -12.36
N ILE E 251 51.53 -14.38 -12.19
CA ILE E 251 52.31 -13.42 -11.40
C ILE E 251 52.37 -12.05 -12.12
N GLY E 252 52.55 -12.06 -13.45
CA GLY E 252 52.55 -10.84 -14.26
C GLY E 252 51.24 -10.08 -14.14
N LEU E 253 50.09 -10.82 -14.17
CA LEU E 253 48.74 -10.25 -14.01
C LEU E 253 48.52 -9.74 -12.59
N SER E 254 49.05 -10.47 -11.58
CA SER E 254 48.96 -10.10 -10.16
C SER E 254 49.73 -8.81 -9.92
N VAL E 255 50.93 -8.69 -10.53
CA VAL E 255 51.79 -7.51 -10.42
C VAL E 255 51.13 -6.30 -11.09
N ALA E 256 50.58 -6.48 -12.32
CA ALA E 256 49.88 -5.42 -13.05
C ALA E 256 48.69 -4.88 -12.24
N ASP E 257 48.00 -5.77 -11.49
CA ASP E 257 46.88 -5.43 -10.62
C ASP E 257 47.36 -4.52 -9.47
N LEU E 258 48.49 -4.87 -8.81
CA LEU E 258 49.10 -4.06 -7.75
C LEU E 258 49.55 -2.71 -8.30
N ALA E 259 50.17 -2.71 -9.51
CA ALA E 259 50.64 -1.51 -10.20
C ALA E 259 49.47 -0.59 -10.51
N GLU E 260 48.31 -1.15 -10.92
CA GLU E 260 47.10 -0.38 -11.21
C GLU E 260 46.65 0.45 -9.99
N SER E 261 46.55 -0.16 -8.81
CA SER E 261 46.20 0.50 -7.56
C SER E 261 47.21 1.59 -7.16
N ILE E 262 48.49 1.33 -7.37
CA ILE E 262 49.54 2.30 -7.05
C ILE E 262 49.49 3.49 -8.02
N MET E 263 49.53 3.21 -9.34
CA MET E 263 49.56 4.25 -10.38
C MET E 263 48.29 5.11 -10.41
N LYS E 264 47.13 4.51 -10.12
CA LYS E 264 45.84 5.18 -10.17
C LYS E 264 45.34 5.66 -8.81
N ASN E 265 46.15 5.46 -7.74
CA ASN E 265 45.84 5.81 -6.35
C ASN E 265 44.48 5.28 -5.92
N LEU E 266 44.19 4.02 -6.26
CA LEU E 266 42.87 3.44 -6.06
C LEU E 266 42.45 3.25 -4.60
N ARG E 267 43.40 2.97 -3.73
CA ARG E 267 43.14 2.68 -2.31
C ARG E 267 42.33 1.39 -2.17
N ARG E 268 42.65 0.40 -3.02
CA ARG E 268 42.08 -0.93 -2.95
C ARG E 268 42.94 -1.71 -1.94
N VAL E 269 42.34 -2.77 -1.36
CA VAL E 269 42.98 -3.61 -0.36
C VAL E 269 43.55 -4.87 -1.02
N HIS E 270 44.87 -5.10 -0.85
CA HIS E 270 45.58 -6.24 -1.42
C HIS E 270 46.42 -6.96 -0.35
N PRO E 271 46.57 -8.31 -0.42
CA PRO E 271 47.47 -8.98 0.55
C PRO E 271 48.90 -8.91 0.02
N VAL E 272 49.70 -7.97 0.57
CA VAL E 272 51.08 -7.72 0.13
C VAL E 272 52.08 -7.73 1.32
N SER E 273 53.38 -8.03 1.06
CA SER E 273 54.44 -8.05 2.08
C SER E 273 54.73 -6.63 2.57
N THR E 274 54.58 -6.43 3.87
CA THR E 274 54.83 -5.17 4.58
C THR E 274 55.40 -5.47 5.96
N MET E 275 55.99 -4.46 6.60
CA MET E 275 56.54 -4.64 7.94
C MET E 275 55.43 -4.74 8.98
N ILE E 276 55.34 -5.91 9.63
CA ILE E 276 54.30 -6.22 10.62
C ILE E 276 54.77 -6.13 12.08
N LYS E 277 55.92 -5.45 12.35
CA LYS E 277 56.41 -5.27 13.71
C LYS E 277 55.34 -4.46 14.47
N GLY E 278 54.91 -4.98 15.63
CA GLY E 278 53.85 -4.37 16.43
C GLY E 278 52.50 -5.05 16.33
N LEU E 279 52.40 -6.10 15.48
CA LEU E 279 51.18 -6.87 15.24
C LEU E 279 51.42 -8.35 15.49
N TYR E 280 50.41 -9.03 16.04
CA TYR E 280 50.38 -10.47 16.34
C TYR E 280 51.58 -10.95 17.18
N GLY E 281 52.08 -10.07 18.06
CA GLY E 281 53.22 -10.39 18.91
C GLY E 281 54.52 -10.56 18.12
N ILE E 282 54.80 -9.61 17.22
CA ILE E 282 56.02 -9.61 16.42
C ILE E 282 56.80 -8.36 16.78
N LYS E 283 57.93 -8.57 17.46
CA LYS E 283 58.80 -7.52 17.96
C LYS E 283 59.95 -7.21 17.01
N ASP E 284 60.17 -8.07 16.00
CA ASP E 284 61.26 -7.89 15.05
C ASP E 284 60.84 -7.23 13.74
N ASP E 285 61.84 -6.68 13.00
CA ASP E 285 61.64 -6.06 11.70
C ASP E 285 61.42 -7.20 10.67
N VAL E 286 60.21 -7.77 10.69
CA VAL E 286 59.80 -8.83 9.77
C VAL E 286 58.73 -8.31 8.78
N PHE E 287 58.87 -8.70 7.53
CA PHE E 287 57.96 -8.38 6.44
C PHE E 287 57.18 -9.63 6.08
N LEU E 288 55.86 -9.54 6.04
CA LEU E 288 54.97 -10.61 5.57
C LEU E 288 53.60 -10.04 5.15
N SER E 289 52.80 -10.86 4.45
CA SER E 289 51.53 -10.42 3.87
C SER E 289 50.38 -10.31 4.83
N VAL E 290 49.76 -9.14 4.79
CA VAL E 290 48.60 -8.71 5.53
C VAL E 290 47.79 -7.82 4.53
N PRO E 291 46.44 -7.67 4.63
CA PRO E 291 45.73 -6.79 3.67
C PRO E 291 46.11 -5.32 3.85
N CYS E 292 46.60 -4.68 2.76
CA CYS E 292 47.05 -3.28 2.78
C CYS E 292 46.27 -2.41 1.81
N ILE E 293 46.15 -1.13 2.14
CA ILE E 293 45.52 -0.12 1.30
C ILE E 293 46.65 0.42 0.42
N LEU E 294 46.56 0.18 -0.90
CA LEU E 294 47.54 0.52 -1.92
C LEU E 294 47.13 1.75 -2.73
N GLY E 295 48.02 2.73 -2.80
CA GLY E 295 47.78 3.98 -3.52
C GLY E 295 49.05 4.64 -4.00
N GLN E 296 48.97 5.92 -4.38
CA GLN E 296 50.09 6.71 -4.92
C GLN E 296 51.30 6.82 -3.96
N ASN E 297 51.12 6.53 -2.65
CA ASN E 297 52.24 6.55 -1.70
C ASN E 297 52.56 5.14 -1.21
N GLY E 298 52.14 4.13 -1.97
CA GLY E 298 52.33 2.72 -1.63
C GLY E 298 51.34 2.28 -0.57
N ILE E 299 51.85 1.61 0.48
CA ILE E 299 51.04 1.14 1.61
C ILE E 299 50.80 2.30 2.57
N SER E 300 49.57 2.82 2.60
CA SER E 300 49.20 3.95 3.46
C SER E 300 48.60 3.47 4.79
N ASP E 301 47.91 2.30 4.73
CA ASP E 301 47.19 1.71 5.84
C ASP E 301 47.23 0.20 5.76
N LEU E 302 46.88 -0.44 6.86
CA LEU E 302 46.90 -1.88 7.09
C LEU E 302 45.55 -2.30 7.66
N VAL E 303 44.99 -3.42 7.18
CA VAL E 303 43.72 -3.91 7.73
C VAL E 303 44.12 -4.86 8.86
N LYS E 304 43.57 -4.61 10.09
CA LYS E 304 43.82 -5.43 11.27
C LYS E 304 42.86 -6.63 11.29
N VAL E 305 43.30 -7.74 10.70
CA VAL E 305 42.50 -8.96 10.61
C VAL E 305 42.48 -9.68 11.95
N THR E 306 41.30 -10.12 12.37
CA THR E 306 41.19 -10.90 13.60
C THR E 306 41.50 -12.36 13.26
N LEU E 307 42.52 -12.94 13.95
CA LEU E 307 42.97 -14.33 13.80
C LEU E 307 42.66 -15.16 15.05
N LEU E 315 50.92 -18.26 13.16
CA LEU E 315 51.59 -17.45 12.13
C LEU E 315 53.00 -17.05 12.53
N LYS E 316 53.20 -16.48 13.75
CA LYS E 316 54.48 -15.97 14.32
C LYS E 316 55.69 -16.91 14.11
N LYS E 317 55.42 -18.21 13.91
CA LYS E 317 56.42 -19.23 13.58
C LYS E 317 57.16 -18.76 12.32
N SER E 318 56.37 -18.31 11.30
CA SER E 318 56.81 -17.77 10.01
C SER E 318 57.72 -16.57 10.27
N ALA E 319 57.24 -15.60 11.07
CA ALA E 319 58.00 -14.40 11.42
C ALA E 319 59.34 -14.71 12.14
N ASP E 320 59.34 -15.73 13.04
CA ASP E 320 60.53 -16.15 13.79
C ASP E 320 61.57 -16.74 12.84
N THR E 321 61.12 -17.59 11.91
CA THR E 321 61.93 -18.26 10.88
C THR E 321 62.55 -17.20 9.95
N LEU E 322 61.74 -16.21 9.50
CA LEU E 322 62.22 -15.14 8.61
C LEU E 322 63.27 -14.27 9.30
N TRP E 323 63.03 -13.92 10.57
CA TRP E 323 63.96 -13.09 11.32
C TRP E 323 65.35 -13.75 11.56
N GLY E 324 65.32 -15.07 11.79
CA GLY E 324 66.52 -15.87 11.97
C GLY E 324 67.45 -15.81 10.78
N ILE E 325 66.88 -15.85 9.57
CA ILE E 325 67.59 -15.75 8.31
C ILE E 325 68.22 -14.36 8.18
N GLN E 326 67.49 -13.30 8.54
CA GLN E 326 67.93 -11.89 8.45
C GLN E 326 69.13 -11.53 9.35
N LYS E 327 69.30 -12.21 10.53
CA LYS E 327 70.42 -11.98 11.46
C LYS E 327 71.70 -12.45 10.77
N GLU E 328 71.72 -13.74 10.38
CA GLU E 328 72.82 -14.44 9.71
C GLU E 328 72.91 -14.07 8.19
N LEU E 329 72.58 -12.80 7.84
CA LEU E 329 72.54 -12.31 6.48
C LEU E 329 73.58 -11.20 6.30
N GLN E 330 74.51 -11.41 5.34
CA GLN E 330 75.58 -10.46 5.02
C GLN E 330 75.08 -9.35 4.09
N PHE E 331 74.70 -8.20 4.67
CA PHE E 331 74.22 -7.05 3.91
C PHE E 331 74.58 -5.72 4.56
N ALA F 1 23.06 -30.83 3.28
CA ALA F 1 23.68 -31.04 1.98
C ALA F 1 25.06 -30.37 1.90
N THR F 2 25.68 -30.38 0.69
CA THR F 2 26.99 -29.76 0.42
C THR F 2 26.96 -28.26 0.70
N LEU F 3 28.14 -27.65 0.94
CA LEU F 3 28.28 -26.22 1.18
C LEU F 3 27.72 -25.46 -0.03
N LYS F 4 28.04 -25.92 -1.25
CA LYS F 4 27.56 -25.35 -2.52
C LYS F 4 26.03 -25.33 -2.58
N ASP F 5 25.37 -26.45 -2.18
CA ASP F 5 23.90 -26.57 -2.16
C ASP F 5 23.28 -25.66 -1.11
N GLN F 6 23.94 -25.51 0.05
CA GLN F 6 23.51 -24.66 1.16
C GLN F 6 23.62 -23.17 0.80
N LEU F 7 24.65 -22.81 -0.01
CA LEU F 7 24.94 -21.44 -0.40
C LEU F 7 24.22 -20.99 -1.66
N ILE F 8 24.17 -21.86 -2.68
CA ILE F 8 23.61 -21.55 -3.99
C ILE F 8 22.37 -22.37 -4.33
N TYR F 9 21.31 -21.69 -4.82
CA TYR F 9 20.09 -22.30 -5.33
C TYR F 9 20.16 -22.22 -6.85
N ASN F 10 20.20 -23.39 -7.51
CA ASN F 10 20.27 -23.49 -8.96
C ASN F 10 18.92 -23.35 -9.65
N LEU F 11 18.86 -22.51 -10.70
CA LEU F 11 17.68 -22.25 -11.54
C LEU F 11 17.75 -23.07 -12.84
N LEU F 12 18.96 -23.18 -13.45
CA LEU F 12 19.18 -23.89 -14.73
C LEU F 12 20.36 -24.83 -14.71
N LYS F 13 20.18 -25.98 -15.38
CA LYS F 13 21.21 -27.00 -15.56
C LYS F 13 21.71 -26.96 -17.03
N GLU F 14 20.91 -26.33 -17.93
CA GLU F 14 21.15 -26.20 -19.37
C GLU F 14 22.50 -25.61 -19.75
N GLU F 15 23.40 -26.46 -20.29
CA GLU F 15 24.72 -26.04 -20.73
C GLU F 15 24.63 -25.54 -22.18
N GLN F 16 24.71 -24.21 -22.33
CA GLN F 16 24.60 -23.51 -23.60
C GLN F 16 25.90 -23.58 -24.43
N THR F 17 25.79 -23.32 -25.73
CA THR F 17 26.88 -23.32 -26.72
C THR F 17 27.90 -22.18 -26.44
N PRO F 18 29.22 -22.33 -26.76
CA PRO F 18 30.16 -21.21 -26.55
C PRO F 18 29.86 -20.11 -27.59
N GLN F 19 29.67 -18.84 -27.15
CA GLN F 19 29.28 -17.79 -28.09
C GLN F 19 30.43 -17.02 -28.75
N ASN F 20 31.54 -16.80 -28.02
CA ASN F 20 32.68 -16.07 -28.58
C ASN F 20 33.99 -16.79 -28.28
N LYS F 21 34.03 -18.06 -28.66
CA LYS F 21 35.15 -18.95 -28.43
C LYS F 21 36.30 -18.74 -29.40
N ILE F 22 37.51 -18.72 -28.85
CA ILE F 22 38.76 -18.63 -29.60
C ILE F 22 39.63 -19.82 -29.23
N THR F 23 40.29 -20.43 -30.23
CA THR F 23 41.26 -21.52 -30.03
C THR F 23 42.65 -21.09 -30.48
N VAL F 24 43.68 -21.43 -29.69
CA VAL F 24 45.06 -21.20 -30.07
C VAL F 24 45.72 -22.58 -30.15
N VAL F 25 46.25 -22.93 -31.34
CA VAL F 25 46.95 -24.19 -31.57
C VAL F 25 48.46 -23.92 -31.54
N GLY F 26 49.16 -24.59 -30.64
CA GLY F 26 50.59 -24.39 -30.40
C GLY F 26 50.73 -23.41 -29.25
N VAL F 27 51.28 -23.89 -28.13
CA VAL F 27 51.43 -23.08 -26.91
C VAL F 27 52.90 -22.68 -26.65
N GLY F 28 53.62 -22.39 -27.72
CA GLY F 28 54.99 -21.92 -27.62
C GLY F 28 55.00 -20.45 -27.31
N ALA F 29 56.12 -19.77 -27.62
CA ALA F 29 56.26 -18.33 -27.36
C ALA F 29 55.20 -17.50 -28.10
N VAL F 30 54.92 -17.84 -29.37
CA VAL F 30 53.95 -17.12 -30.20
C VAL F 30 52.52 -17.37 -29.71
N GLY F 31 52.13 -18.63 -29.57
CA GLY F 31 50.82 -19.03 -29.11
C GLY F 31 50.44 -18.42 -27.78
N MET F 32 51.39 -18.44 -26.83
CA MET F 32 51.14 -17.86 -25.50
C MET F 32 51.07 -16.34 -25.52
N ALA F 33 51.84 -15.68 -26.40
CA ALA F 33 51.76 -14.21 -26.55
C ALA F 33 50.40 -13.82 -27.15
N CYS F 34 49.89 -14.62 -28.13
CA CYS F 34 48.58 -14.40 -28.72
C CYS F 34 47.50 -14.58 -27.63
N ALA F 35 47.57 -15.69 -26.88
CA ALA F 35 46.66 -16.01 -25.79
C ALA F 35 46.56 -14.88 -24.75
N ILE F 36 47.69 -14.38 -24.24
CA ILE F 36 47.69 -13.31 -23.22
C ILE F 36 47.12 -12.00 -23.79
N SER F 37 47.48 -11.66 -25.04
CA SER F 37 47.02 -10.49 -25.75
C SER F 37 45.52 -10.51 -25.95
N ILE F 38 44.98 -11.66 -26.36
CA ILE F 38 43.53 -11.86 -26.56
C ILE F 38 42.79 -11.79 -25.20
N LEU F 39 43.36 -12.44 -24.17
CA LEU F 39 42.78 -12.44 -22.82
C LEU F 39 42.69 -11.04 -22.23
N MET F 40 43.71 -10.22 -22.42
CA MET F 40 43.71 -8.87 -21.86
C MET F 40 42.89 -7.86 -22.68
N LYS F 41 42.45 -8.26 -23.89
CA LYS F 41 41.62 -7.40 -24.73
C LYS F 41 40.12 -7.78 -24.68
N ASP F 42 39.77 -8.77 -23.81
CA ASP F 42 38.40 -9.29 -23.60
C ASP F 42 37.72 -9.69 -24.91
N LEU F 43 38.44 -10.40 -25.78
CA LEU F 43 37.90 -10.78 -27.09
C LEU F 43 37.09 -12.10 -27.10
N ALA F 44 37.27 -12.95 -26.06
CA ALA F 44 36.59 -14.22 -25.98
C ALA F 44 35.90 -14.51 -24.65
N ASP F 45 34.82 -15.33 -24.67
CA ASP F 45 34.14 -15.80 -23.46
C ASP F 45 34.71 -17.19 -23.11
N GLU F 46 35.43 -17.81 -24.07
CA GLU F 46 36.08 -19.10 -23.92
C GLU F 46 37.39 -19.15 -24.72
N LEU F 47 38.47 -19.61 -24.07
CA LEU F 47 39.76 -19.81 -24.73
C LEU F 47 40.16 -21.28 -24.62
N ALA F 48 40.43 -21.90 -25.77
CA ALA F 48 40.90 -23.29 -25.84
C ALA F 48 42.34 -23.32 -26.34
N LEU F 49 43.18 -24.18 -25.75
CA LEU F 49 44.59 -24.33 -26.11
C LEU F 49 44.89 -25.78 -26.48
N VAL F 50 45.59 -25.99 -27.60
CA VAL F 50 45.97 -27.33 -28.06
C VAL F 50 47.47 -27.36 -28.37
N ASP F 51 48.14 -28.47 -28.02
CA ASP F 51 49.55 -28.75 -28.29
C ASP F 51 49.77 -30.26 -28.24
N VAL F 52 50.93 -30.72 -28.73
CA VAL F 52 51.35 -32.12 -28.71
C VAL F 52 52.12 -32.45 -27.42
N ILE F 53 52.78 -31.44 -26.80
CA ILE F 53 53.51 -31.57 -25.54
C ILE F 53 52.47 -31.35 -24.44
N GLU F 54 51.97 -32.46 -23.87
CA GLU F 54 50.91 -32.50 -22.87
C GLU F 54 51.23 -31.80 -21.55
N ASP F 55 52.50 -31.91 -21.06
CA ASP F 55 52.90 -31.27 -19.82
C ASP F 55 52.90 -29.76 -19.94
N LYS F 56 53.57 -29.25 -20.99
CA LYS F 56 53.70 -27.83 -21.30
C LYS F 56 52.31 -27.20 -21.43
N LEU F 57 51.42 -27.88 -22.18
CA LEU F 57 50.03 -27.47 -22.42
C LEU F 57 49.25 -27.31 -21.10
N LYS F 58 49.33 -28.31 -20.20
CA LYS F 58 48.65 -28.28 -18.90
C LYS F 58 49.20 -27.16 -18.02
N GLY F 59 50.52 -26.98 -18.03
CA GLY F 59 51.21 -25.92 -17.28
C GLY F 59 50.81 -24.53 -17.72
N GLU F 60 50.74 -24.32 -19.05
CA GLU F 60 50.36 -23.04 -19.64
C GLU F 60 48.92 -22.68 -19.31
N MET F 61 47.98 -23.65 -19.49
CA MET F 61 46.57 -23.52 -19.17
C MET F 61 46.39 -23.12 -17.72
N MET F 62 47.03 -23.86 -16.79
CA MET F 62 46.98 -23.60 -15.34
C MET F 62 47.46 -22.21 -14.97
N ASP F 63 48.59 -21.77 -15.59
CA ASP F 63 49.18 -20.44 -15.35
C ASP F 63 48.18 -19.34 -15.73
N LEU F 64 47.50 -19.52 -16.87
CA LEU F 64 46.46 -18.60 -17.34
C LEU F 64 45.29 -18.63 -16.39
N GLN F 65 44.81 -19.82 -16.01
CA GLN F 65 43.69 -20.00 -15.08
C GLN F 65 43.95 -19.35 -13.73
N HIS F 66 45.20 -19.39 -13.24
CA HIS F 66 45.55 -18.75 -11.96
C HIS F 66 45.44 -17.23 -12.00
N GLY F 67 45.32 -16.65 -13.21
CA GLY F 67 45.16 -15.21 -13.42
C GLY F 67 43.73 -14.78 -13.65
N SER F 68 42.77 -15.74 -13.56
CA SER F 68 41.32 -15.56 -13.80
C SER F 68 40.69 -14.38 -13.09
N LEU F 69 41.15 -14.08 -11.86
CA LEU F 69 40.66 -12.98 -11.04
C LEU F 69 40.88 -11.65 -11.75
N PHE F 70 41.96 -11.57 -12.55
CA PHE F 70 42.33 -10.34 -13.25
C PHE F 70 41.78 -10.27 -14.66
N LEU F 71 41.10 -11.33 -15.11
CA LEU F 71 40.55 -11.41 -16.47
C LEU F 71 39.04 -11.43 -16.51
N ARG F 72 38.47 -11.31 -17.74
CA ARG F 72 37.02 -11.36 -18.00
C ARG F 72 36.68 -12.41 -19.07
N THR F 73 37.45 -13.52 -19.08
CA THR F 73 37.28 -14.71 -19.94
C THR F 73 37.05 -15.85 -18.93
N PRO F 74 35.78 -16.23 -18.72
CA PRO F 74 35.45 -17.16 -17.63
C PRO F 74 35.86 -18.63 -17.80
N LYS F 75 36.19 -19.06 -19.03
CA LYS F 75 36.54 -20.45 -19.27
C LYS F 75 37.79 -20.60 -20.11
N ILE F 76 38.82 -21.22 -19.54
CA ILE F 76 40.07 -21.53 -20.19
C ILE F 76 40.25 -23.07 -20.17
N VAL F 77 40.30 -23.69 -21.34
CA VAL F 77 40.42 -25.15 -21.50
C VAL F 77 41.61 -25.52 -22.37
N SER F 78 42.09 -26.74 -22.23
CA SER F 78 43.20 -27.26 -23.01
C SER F 78 43.10 -28.77 -23.18
N GLY F 79 43.82 -29.29 -24.16
CA GLY F 79 43.87 -30.72 -24.44
C GLY F 79 44.54 -31.02 -25.76
N LYS F 80 45.14 -32.23 -25.85
CA LYS F 80 45.80 -32.76 -27.03
C LYS F 80 44.72 -33.12 -28.07
N ASP F 81 43.52 -33.53 -27.57
CA ASP F 81 42.33 -33.88 -28.37
C ASP F 81 41.58 -32.57 -28.71
N TYR F 82 41.23 -32.42 -29.99
CA TYR F 82 40.58 -31.24 -30.52
C TYR F 82 39.09 -31.09 -30.14
N ASN F 83 38.54 -32.01 -29.32
CA ASN F 83 37.15 -31.88 -28.85
C ASN F 83 36.98 -30.64 -27.94
N VAL F 84 38.09 -30.17 -27.34
CA VAL F 84 38.15 -28.96 -26.50
C VAL F 84 37.95 -27.68 -27.35
N THR F 85 38.25 -27.82 -28.66
CA THR F 85 38.22 -26.89 -29.80
C THR F 85 36.80 -26.61 -30.35
N ALA F 86 35.81 -27.47 -30.05
CA ALA F 86 34.46 -27.42 -30.60
C ALA F 86 33.77 -26.04 -30.51
N ASN F 87 33.20 -25.60 -31.66
CA ASN F 87 32.46 -24.35 -31.87
C ASN F 87 33.26 -23.06 -31.61
N SER F 88 34.52 -23.01 -32.08
CA SER F 88 35.34 -21.78 -31.99
C SER F 88 34.97 -20.87 -33.16
N LYS F 89 34.80 -19.57 -32.86
CA LYS F 89 34.51 -18.58 -33.90
C LYS F 89 35.79 -18.33 -34.69
N LEU F 90 36.93 -18.38 -33.98
CA LEU F 90 38.25 -18.17 -34.52
C LEU F 90 39.27 -19.21 -34.01
N VAL F 91 40.04 -19.80 -34.94
CA VAL F 91 41.10 -20.74 -34.61
C VAL F 91 42.39 -20.18 -35.14
N ILE F 92 43.35 -19.93 -34.21
CA ILE F 92 44.68 -19.35 -34.46
C ILE F 92 45.74 -20.43 -34.46
N ILE F 93 46.43 -20.62 -35.62
CA ILE F 93 47.49 -21.63 -35.77
C ILE F 93 48.87 -21.02 -35.64
N THR F 94 49.58 -21.38 -34.54
CA THR F 94 50.93 -20.90 -34.22
C THR F 94 51.90 -22.10 -34.06
N ALA F 95 51.44 -23.31 -34.37
CA ALA F 95 52.24 -24.52 -34.21
C ALA F 95 53.30 -24.67 -35.28
N GLY F 96 54.45 -25.18 -34.88
CA GLY F 96 55.51 -25.48 -35.83
C GLY F 96 56.91 -25.00 -35.52
N ALA F 97 57.83 -25.42 -36.41
CA ALA F 97 59.24 -25.05 -36.42
C ALA F 97 59.39 -23.55 -36.71
N ARG F 98 60.29 -22.90 -35.98
CA ARG F 98 60.61 -21.48 -36.13
C ARG F 98 62.02 -21.35 -36.72
N GLN F 99 62.29 -20.25 -37.43
CA GLN F 99 63.62 -19.96 -38.00
C GLN F 99 64.64 -19.71 -36.90
N GLN F 100 65.73 -20.47 -36.93
CA GLN F 100 66.85 -20.36 -35.99
C GLN F 100 67.84 -19.41 -36.67
N GLU F 101 68.58 -18.58 -35.88
CA GLU F 101 69.50 -17.54 -36.35
C GLU F 101 70.05 -17.77 -37.79
N GLY F 102 69.68 -16.85 -38.69
CA GLY F 102 70.10 -16.80 -40.09
C GLY F 102 69.11 -17.40 -41.07
N GLU F 103 68.48 -18.52 -40.64
CA GLU F 103 67.51 -19.31 -41.43
C GLU F 103 66.33 -18.46 -41.96
N SER F 104 65.94 -18.74 -43.20
CA SER F 104 64.82 -18.13 -43.92
C SER F 104 63.53 -18.82 -43.48
N ARG F 105 62.41 -18.08 -43.49
CA ARG F 105 61.09 -18.62 -43.16
C ARG F 105 60.71 -19.72 -44.16
N LEU F 106 61.19 -19.58 -45.43
CA LEU F 106 60.93 -20.51 -46.54
C LEU F 106 61.58 -21.87 -46.33
N ASN F 107 62.64 -21.93 -45.47
CA ASN F 107 63.31 -23.19 -45.14
C ASN F 107 62.48 -24.07 -44.19
N LEU F 108 61.39 -23.52 -43.60
CA LEU F 108 60.50 -24.19 -42.66
C LEU F 108 59.33 -24.88 -43.33
N VAL F 109 59.06 -24.54 -44.60
CA VAL F 109 57.91 -25.00 -45.38
C VAL F 109 57.60 -26.52 -45.27
N GLN F 110 58.55 -27.42 -45.58
CA GLN F 110 58.29 -28.86 -45.57
C GLN F 110 57.83 -29.35 -44.17
N ARG F 111 58.60 -29.00 -43.11
CA ARG F 111 58.29 -29.37 -41.73
C ARG F 111 56.90 -28.89 -41.32
N ASN F 112 56.57 -27.65 -41.65
CA ASN F 112 55.32 -27.06 -41.20
C ASN F 112 54.09 -27.49 -42.03
N VAL F 113 54.30 -27.81 -43.32
CA VAL F 113 53.24 -28.34 -44.19
C VAL F 113 52.75 -29.67 -43.62
N ASN F 114 53.69 -30.53 -43.15
CA ASN F 114 53.40 -31.85 -42.58
C ASN F 114 52.62 -31.77 -41.26
N ILE F 115 52.88 -30.71 -40.48
CA ILE F 115 52.24 -30.42 -39.20
C ILE F 115 50.78 -29.99 -39.48
N PHE F 116 50.59 -29.15 -40.50
CA PHE F 116 49.28 -28.65 -40.93
C PHE F 116 48.40 -29.76 -41.46
N LYS F 117 49.01 -30.78 -42.10
CA LYS F 117 48.31 -31.95 -42.66
C LYS F 117 47.54 -32.71 -41.57
N PHE F 118 48.02 -32.61 -40.31
CA PHE F 118 47.38 -33.20 -39.14
C PHE F 118 46.45 -32.22 -38.39
N ILE F 119 46.88 -30.95 -38.21
CA ILE F 119 46.14 -29.92 -37.46
C ILE F 119 44.84 -29.46 -38.14
N ILE F 120 44.93 -28.98 -39.39
CA ILE F 120 43.80 -28.41 -40.11
C ILE F 120 42.58 -29.39 -40.15
N PRO F 121 42.70 -30.71 -40.50
CA PRO F 121 41.50 -31.57 -40.46
C PRO F 121 40.85 -31.68 -39.09
N ASN F 122 41.65 -31.67 -38.03
CA ASN F 122 41.15 -31.75 -36.65
C ASN F 122 40.39 -30.50 -36.23
N VAL F 123 40.87 -29.32 -36.64
CA VAL F 123 40.22 -28.06 -36.31
C VAL F 123 38.88 -27.95 -37.06
N VAL F 124 38.88 -28.28 -38.37
CA VAL F 124 37.70 -28.21 -39.26
C VAL F 124 36.59 -29.18 -38.79
N LYS F 125 36.98 -30.34 -38.24
CA LYS F 125 36.06 -31.35 -37.71
C LYS F 125 35.25 -30.80 -36.54
N TYR F 126 35.90 -30.06 -35.60
CA TYR F 126 35.21 -29.57 -34.41
C TYR F 126 34.66 -28.14 -34.53
N SER F 127 35.21 -27.33 -35.46
CA SER F 127 34.69 -25.98 -35.69
C SER F 127 34.57 -25.76 -37.21
N PRO F 128 33.58 -26.42 -37.89
CA PRO F 128 33.45 -26.27 -39.36
C PRO F 128 33.13 -24.85 -39.86
N ASN F 129 32.55 -23.99 -39.01
CA ASN F 129 32.19 -22.61 -39.38
C ASN F 129 33.17 -21.53 -38.88
N CYS F 130 34.32 -21.94 -38.33
CA CYS F 130 35.30 -21.00 -37.80
C CYS F 130 36.04 -20.23 -38.91
N LYS F 131 36.75 -19.17 -38.50
CA LYS F 131 37.67 -18.45 -39.36
C LYS F 131 39.04 -18.98 -38.92
N LEU F 132 39.92 -19.19 -39.89
CA LEU F 132 41.27 -19.65 -39.63
C LEU F 132 42.24 -18.51 -39.73
N LEU F 133 43.02 -18.31 -38.65
CA LEU F 133 44.05 -17.29 -38.62
C LEU F 133 45.41 -17.99 -38.48
N ILE F 134 46.18 -18.02 -39.59
CA ILE F 134 47.47 -18.67 -39.70
C ILE F 134 48.59 -17.70 -39.30
N VAL F 135 49.49 -18.17 -38.40
CA VAL F 135 50.64 -17.39 -37.91
C VAL F 135 51.94 -18.11 -38.24
N SER F 136 51.95 -19.48 -38.18
CA SER F 136 53.11 -20.35 -38.44
C SER F 136 53.77 -19.97 -39.76
N ASN F 137 55.12 -20.01 -39.78
CA ASN F 137 55.88 -19.61 -40.97
C ASN F 137 56.22 -20.75 -41.94
N PRO F 138 56.32 -20.48 -43.28
CA PRO F 138 56.06 -19.21 -43.99
C PRO F 138 54.56 -18.97 -44.10
N VAL F 139 54.08 -17.91 -43.37
CA VAL F 139 52.68 -17.57 -43.19
C VAL F 139 51.88 -17.51 -44.52
N ASP F 140 52.42 -16.90 -45.58
CA ASP F 140 51.73 -16.81 -46.88
C ASP F 140 51.47 -18.19 -47.50
N ILE F 141 52.51 -19.05 -47.57
CA ILE F 141 52.40 -20.40 -48.10
C ILE F 141 51.47 -21.26 -47.21
N LEU F 142 51.63 -21.16 -45.86
CA LEU F 142 50.83 -21.95 -44.92
C LEU F 142 49.36 -21.54 -44.88
N THR F 143 49.02 -20.31 -45.30
CA THR F 143 47.63 -19.85 -45.40
C THR F 143 47.01 -20.55 -46.62
N TYR F 144 47.79 -20.65 -47.72
CA TYR F 144 47.39 -21.37 -48.92
C TYR F 144 47.12 -22.82 -48.58
N VAL F 145 48.02 -23.41 -47.80
CA VAL F 145 47.97 -24.80 -47.37
C VAL F 145 46.73 -25.05 -46.49
N ALA F 146 46.50 -24.17 -45.51
CA ALA F 146 45.33 -24.27 -44.65
C ALA F 146 44.05 -24.16 -45.45
N TRP F 147 44.01 -23.29 -46.47
CA TRP F 147 42.87 -23.12 -47.34
C TRP F 147 42.60 -24.41 -48.17
N LYS F 148 43.68 -25.01 -48.72
CA LYS F 148 43.61 -26.23 -49.52
C LYS F 148 43.14 -27.43 -48.71
N ILE F 149 43.73 -27.65 -47.51
CA ILE F 149 43.37 -28.78 -46.63
C ILE F 149 41.96 -28.64 -46.05
N SER F 150 41.57 -27.43 -45.58
CA SER F 150 40.26 -27.21 -44.97
C SER F 150 39.07 -27.36 -45.93
N GLY F 151 39.23 -26.87 -47.17
CA GLY F 151 38.15 -26.82 -48.14
C GLY F 151 37.18 -25.68 -47.84
N PHE F 152 37.62 -24.75 -46.97
CA PHE F 152 36.89 -23.56 -46.56
C PHE F 152 36.86 -22.55 -47.71
N PRO F 153 35.86 -21.64 -47.77
CA PRO F 153 35.91 -20.56 -48.77
C PRO F 153 37.05 -19.60 -48.35
N LYS F 154 37.72 -18.99 -49.36
CA LYS F 154 38.90 -18.13 -49.16
C LYS F 154 38.71 -16.99 -48.11
N ASN F 155 37.46 -16.54 -47.84
CA ASN F 155 37.16 -15.48 -46.87
C ASN F 155 37.44 -15.90 -45.44
N ARG F 156 37.27 -17.20 -45.13
CA ARG F 156 37.48 -17.76 -43.78
C ARG F 156 38.91 -18.27 -43.52
N VAL F 157 39.86 -17.99 -44.44
CA VAL F 157 41.27 -18.39 -44.30
C VAL F 157 42.15 -17.12 -44.40
N ILE F 158 42.69 -16.69 -43.26
CA ILE F 158 43.47 -15.46 -43.13
C ILE F 158 44.84 -15.74 -42.57
N GLY F 159 45.85 -15.17 -43.18
CA GLY F 159 47.22 -15.25 -42.68
C GLY F 159 47.55 -13.93 -42.01
N SER F 160 48.25 -13.98 -40.84
CA SER F 160 48.67 -12.77 -40.10
C SER F 160 49.40 -11.76 -41.02
N GLY F 161 50.15 -12.31 -41.98
CA GLY F 161 50.86 -11.59 -43.01
C GLY F 161 51.69 -10.39 -42.60
N CYS F 162 51.51 -9.27 -43.34
CA CYS F 162 52.22 -7.99 -43.23
C CYS F 162 51.64 -7.02 -42.22
N ASN F 163 50.71 -7.47 -41.40
CA ASN F 163 50.15 -6.61 -40.36
C ASN F 163 51.28 -6.19 -39.40
N LEU F 164 52.17 -7.14 -39.06
CA LEU F 164 53.33 -6.94 -38.19
C LEU F 164 54.40 -6.09 -38.90
N ASP F 165 54.70 -6.40 -40.19
CA ASP F 165 55.66 -5.67 -41.01
C ASP F 165 55.24 -4.20 -41.11
N SER F 166 53.95 -3.95 -41.39
CA SER F 166 53.39 -2.60 -41.46
C SER F 166 53.46 -1.90 -40.10
N ALA F 167 53.15 -2.62 -39.00
CA ALA F 167 53.23 -2.09 -37.63
C ALA F 167 54.68 -1.68 -37.29
N ARG F 168 55.68 -2.48 -37.66
CA ARG F 168 57.11 -2.20 -37.43
C ARG F 168 57.56 -1.01 -38.29
N PHE F 169 57.07 -0.92 -39.54
CA PHE F 169 57.36 0.17 -40.47
C PHE F 169 56.88 1.52 -39.92
N ARG F 170 55.65 1.52 -39.38
CA ARG F 170 55.04 2.68 -38.75
C ARG F 170 55.76 3.09 -37.46
N TYR F 171 56.29 2.11 -36.72
CA TYR F 171 57.05 2.33 -35.49
C TYR F 171 58.33 3.10 -35.82
N LEU F 172 59.02 2.65 -36.88
CA LEU F 172 60.27 3.24 -37.36
C LEU F 172 60.07 4.62 -37.95
N MET F 173 58.98 4.79 -38.73
CA MET F 173 58.55 6.03 -39.36
C MET F 173 58.27 7.06 -38.26
N GLY F 174 57.57 6.62 -37.21
CA GLY F 174 57.22 7.42 -36.04
C GLY F 174 58.42 7.92 -35.28
N GLU F 175 59.45 7.05 -35.14
CA GLU F 175 60.66 7.43 -34.43
C GLU F 175 61.51 8.40 -35.25
N ARG F 176 61.45 8.30 -36.59
CA ARG F 176 62.14 9.21 -37.51
C ARG F 176 61.51 10.59 -37.50
N LEU F 177 60.14 10.66 -37.41
CA LEU F 177 59.37 11.91 -37.47
C LEU F 177 58.96 12.53 -36.13
N GLY F 178 59.08 11.79 -35.02
CA GLY F 178 58.67 12.26 -33.70
C GLY F 178 57.15 12.27 -33.52
N VAL F 179 56.46 11.34 -34.18
CA VAL F 179 55.00 11.20 -34.18
C VAL F 179 54.63 9.77 -33.70
N HIS F 180 53.49 9.62 -32.98
CA HIS F 180 53.01 8.29 -32.57
C HIS F 180 52.76 7.39 -33.81
N PRO F 181 53.14 6.08 -33.79
CA PRO F 181 52.85 5.20 -34.94
C PRO F 181 51.40 5.24 -35.43
N LEU F 182 50.44 5.53 -34.53
CA LEU F 182 49.01 5.62 -34.88
C LEU F 182 48.73 6.70 -35.91
N SER F 183 49.53 7.79 -35.86
CA SER F 183 49.41 8.94 -36.74
C SER F 183 50.32 8.89 -37.98
N CYS F 184 51.21 7.85 -38.04
CA CYS F 184 52.13 7.62 -39.16
C CYS F 184 51.53 6.55 -40.01
N HIS F 185 51.21 6.84 -41.27
CA HIS F 185 50.58 5.84 -42.13
C HIS F 185 51.51 5.36 -43.23
N GLY F 186 51.59 4.04 -43.39
CA GLY F 186 52.45 3.39 -44.37
C GLY F 186 52.10 1.93 -44.48
N TRP F 187 52.26 1.37 -45.70
CA TRP F 187 51.91 -0.01 -45.95
C TRP F 187 53.05 -0.84 -46.53
N VAL F 188 53.28 -2.02 -45.93
CA VAL F 188 54.23 -3.03 -46.39
C VAL F 188 53.35 -4.17 -46.86
N LEU F 189 53.45 -4.52 -48.14
CA LEU F 189 52.61 -5.56 -48.72
C LEU F 189 53.40 -6.75 -49.26
N GLY F 190 52.69 -7.77 -49.70
CA GLY F 190 53.30 -8.94 -50.29
C GLY F 190 53.68 -10.03 -49.31
N GLU F 191 54.88 -10.61 -49.50
CA GLU F 191 55.38 -11.68 -48.65
C GLU F 191 55.74 -11.16 -47.26
N HIS F 192 55.32 -11.91 -46.21
CA HIS F 192 55.77 -11.63 -44.86
C HIS F 192 57.18 -12.24 -44.81
N GLY F 193 58.15 -11.43 -45.19
CA GLY F 193 59.52 -11.89 -45.27
C GLY F 193 60.37 -11.01 -46.15
N ASP F 194 61.43 -11.60 -46.69
CA ASP F 194 62.46 -10.92 -47.47
C ASP F 194 61.95 -10.20 -48.72
N SER F 195 60.88 -10.68 -49.36
CA SER F 195 60.40 -10.04 -50.60
C SER F 195 59.19 -9.09 -50.40
N SER F 196 59.00 -8.56 -49.17
CA SER F 196 57.93 -7.59 -48.86
C SER F 196 58.12 -6.29 -49.63
N VAL F 197 57.00 -5.63 -49.96
CA VAL F 197 56.99 -4.40 -50.77
C VAL F 197 56.54 -3.15 -49.98
N PRO F 198 57.44 -2.17 -49.79
CA PRO F 198 57.02 -0.91 -49.16
C PRO F 198 56.31 0.00 -50.19
N VAL F 199 55.05 0.35 -49.92
CA VAL F 199 54.27 1.22 -50.82
C VAL F 199 54.57 2.67 -50.45
N TRP F 200 55.67 3.22 -51.01
CA TRP F 200 56.13 4.59 -50.77
C TRP F 200 55.09 5.67 -51.08
N SER F 201 54.25 5.43 -52.10
CA SER F 201 53.20 6.35 -52.54
C SER F 201 52.09 6.61 -51.49
N GLY F 202 51.77 5.60 -50.69
CA GLY F 202 50.74 5.68 -49.65
C GLY F 202 51.19 6.22 -48.31
N MET F 203 52.52 6.43 -48.14
CA MET F 203 53.12 6.96 -46.91
C MET F 203 52.70 8.38 -46.66
N ASN F 204 52.10 8.63 -45.50
CA ASN F 204 51.60 9.94 -45.13
C ASN F 204 51.45 10.16 -43.64
N VAL F 205 51.40 11.43 -43.26
CA VAL F 205 51.07 11.93 -41.94
C VAL F 205 49.98 12.96 -42.23
N ALA F 206 48.82 12.82 -41.58
CA ALA F 206 47.67 13.72 -41.72
C ALA F 206 47.20 13.92 -43.19
N GLY F 207 47.34 12.87 -44.01
CA GLY F 207 46.96 12.86 -45.42
C GLY F 207 47.97 13.57 -46.33
N VAL F 208 49.10 14.02 -45.77
CA VAL F 208 50.16 14.71 -46.52
C VAL F 208 51.12 13.66 -47.06
N SER F 209 51.12 13.45 -48.39
CA SER F 209 51.99 12.47 -49.08
C SER F 209 53.46 12.79 -48.88
N LEU F 210 54.21 11.82 -48.36
CA LEU F 210 55.65 11.94 -48.10
C LEU F 210 56.46 11.91 -49.40
N LYS F 211 55.96 11.13 -50.39
CA LYS F 211 56.56 10.99 -51.73
C LYS F 211 56.42 12.31 -52.51
N THR F 212 55.29 13.03 -52.32
CA THR F 212 55.06 14.31 -52.97
C THR F 212 56.03 15.37 -52.39
N LEU F 213 56.18 15.38 -51.07
CA LEU F 213 57.08 16.29 -50.36
C LEU F 213 58.55 16.00 -50.67
N HIS F 214 58.91 14.71 -50.75
CA HIS F 214 60.27 14.24 -50.97
C HIS F 214 60.22 13.23 -52.11
N PRO F 215 60.37 13.68 -53.38
CA PRO F 215 60.24 12.75 -54.52
C PRO F 215 61.28 11.62 -54.57
N ASP F 216 62.38 11.78 -53.83
CA ASP F 216 63.46 10.81 -53.73
C ASP F 216 63.14 9.64 -52.75
N LEU F 217 61.97 9.69 -52.07
CA LEU F 217 61.51 8.72 -51.07
C LEU F 217 61.56 7.27 -51.58
N GLY F 218 62.33 6.46 -50.83
CA GLY F 218 62.53 5.04 -51.08
C GLY F 218 63.29 4.70 -52.34
N THR F 219 64.14 5.64 -52.79
CA THR F 219 65.00 5.52 -53.96
C THR F 219 66.43 5.42 -53.45
N ASP F 220 67.34 4.98 -54.34
CA ASP F 220 68.76 4.87 -54.05
C ASP F 220 69.42 6.27 -54.01
N LYS F 221 68.80 7.24 -54.72
CA LYS F 221 69.21 8.65 -54.78
C LYS F 221 68.87 9.42 -53.48
N ASP F 222 67.89 8.91 -52.69
CA ASP F 222 67.41 9.47 -51.42
C ASP F 222 68.58 9.70 -50.47
N LYS F 223 68.83 10.97 -50.12
CA LYS F 223 69.92 11.36 -49.22
C LYS F 223 69.60 10.94 -47.77
N GLU F 224 68.30 10.86 -47.43
CA GLU F 224 67.80 10.46 -46.12
C GLU F 224 67.73 8.95 -45.93
N GLN F 225 67.89 8.20 -47.04
CA GLN F 225 67.91 6.74 -47.14
C GLN F 225 66.69 6.10 -46.46
N TRP F 226 65.49 6.45 -46.96
CA TRP F 226 64.25 5.93 -46.41
C TRP F 226 64.06 4.46 -46.73
N LYS F 227 64.80 3.96 -47.75
CA LYS F 227 64.80 2.55 -48.16
C LYS F 227 65.32 1.68 -46.98
N GLU F 228 66.18 2.27 -46.10
CA GLU F 228 66.74 1.62 -44.90
C GLU F 228 65.68 1.30 -43.85
N VAL F 229 64.58 2.09 -43.83
CA VAL F 229 63.43 1.87 -42.95
C VAL F 229 62.79 0.52 -43.33
N HIS F 230 62.59 0.27 -44.64
CA HIS F 230 62.06 -1.01 -45.10
C HIS F 230 63.09 -2.15 -44.90
N LYS F 231 64.39 -1.86 -45.09
CA LYS F 231 65.46 -2.84 -44.89
C LYS F 231 65.39 -3.30 -43.44
N GLN F 232 65.24 -2.34 -42.49
CA GLN F 232 65.12 -2.59 -41.05
C GLN F 232 63.92 -3.46 -40.74
N VAL F 233 62.81 -3.29 -41.50
CA VAL F 233 61.59 -4.07 -41.35
C VAL F 233 61.85 -5.54 -41.74
N VAL F 234 62.53 -5.76 -42.88
CA VAL F 234 62.90 -7.09 -43.38
C VAL F 234 63.75 -7.85 -42.36
N GLU F 235 64.80 -7.20 -41.84
CA GLU F 235 65.77 -7.77 -40.92
C GLU F 235 65.34 -7.79 -39.47
N SER F 236 64.17 -7.16 -39.17
CA SER F 236 63.59 -7.03 -37.84
C SER F 236 63.58 -8.33 -37.07
N ALA F 237 62.96 -9.35 -37.65
CA ALA F 237 62.87 -10.68 -37.06
C ALA F 237 64.25 -11.31 -36.79
N TYR F 238 65.15 -11.25 -37.80
CA TYR F 238 66.52 -11.77 -37.74
C TYR F 238 67.29 -11.14 -36.60
N GLU F 239 67.09 -9.83 -36.37
CA GLU F 239 67.76 -9.06 -35.32
C GLU F 239 67.27 -9.46 -33.92
N VAL F 240 65.94 -9.58 -33.75
CA VAL F 240 65.29 -9.97 -32.50
C VAL F 240 65.64 -11.45 -32.17
N ILE F 241 65.60 -12.35 -33.19
CA ILE F 241 65.97 -13.77 -33.05
C ILE F 241 67.41 -13.86 -32.54
N LYS F 242 68.34 -13.10 -33.14
CA LYS F 242 69.73 -13.08 -32.73
C LYS F 242 69.87 -12.67 -31.26
N LEU F 243 69.10 -11.65 -30.84
CA LEU F 243 69.16 -11.10 -29.48
C LEU F 243 68.45 -11.91 -28.39
N LYS F 244 67.18 -12.36 -28.60
CA LYS F 244 66.41 -13.09 -27.58
C LYS F 244 66.02 -14.55 -27.97
N GLY F 245 66.39 -14.97 -29.19
CA GLY F 245 66.17 -16.35 -29.63
C GLY F 245 64.92 -16.63 -30.43
N TYR F 246 63.92 -15.72 -30.38
CA TYR F 246 62.62 -15.80 -31.04
C TYR F 246 61.96 -14.42 -30.94
N THR F 247 60.81 -14.25 -31.62
CA THR F 247 59.96 -13.06 -31.54
C THR F 247 58.62 -13.54 -30.97
N SER F 248 57.98 -12.74 -30.11
CA SER F 248 56.70 -13.17 -29.52
C SER F 248 55.71 -12.02 -29.25
N TRP F 249 56.11 -11.00 -28.48
CA TRP F 249 55.22 -9.92 -28.06
C TRP F 249 54.56 -9.14 -29.20
N ALA F 250 55.35 -8.66 -30.18
CA ALA F 250 54.84 -7.90 -31.32
C ALA F 250 53.83 -8.70 -32.17
N ILE F 251 54.12 -9.98 -32.43
CA ILE F 251 53.22 -10.84 -33.21
C ILE F 251 51.94 -11.17 -32.40
N GLY F 252 52.07 -11.36 -31.08
CA GLY F 252 50.93 -11.58 -30.19
C GLY F 252 49.96 -10.42 -30.26
N LEU F 253 50.50 -9.19 -30.19
CA LEU F 253 49.76 -7.93 -30.26
C LEU F 253 49.12 -7.73 -31.62
N SER F 254 49.86 -8.07 -32.67
CA SER F 254 49.38 -7.98 -34.06
C SER F 254 48.21 -8.94 -34.30
N VAL F 255 48.33 -10.18 -33.76
CA VAL F 255 47.28 -11.22 -33.87
C VAL F 255 46.03 -10.79 -33.11
N ALA F 256 46.20 -10.27 -31.89
CA ALA F 256 45.09 -9.78 -31.06
C ALA F 256 44.33 -8.67 -31.77
N ASP F 257 45.06 -7.81 -32.51
CA ASP F 257 44.49 -6.71 -33.31
C ASP F 257 43.59 -7.26 -34.45
N LEU F 258 44.08 -8.28 -35.16
CA LEU F 258 43.33 -8.95 -36.23
C LEU F 258 42.11 -9.68 -35.65
N ALA F 259 42.29 -10.37 -34.51
CA ALA F 259 41.23 -11.05 -33.77
C ALA F 259 40.13 -10.04 -33.35
N GLU F 260 40.52 -8.82 -32.89
CA GLU F 260 39.59 -7.77 -32.50
C GLU F 260 38.65 -7.38 -33.65
N SER F 261 39.19 -7.16 -34.86
CA SER F 261 38.40 -6.82 -36.03
C SER F 261 37.47 -7.95 -36.46
N ILE F 262 37.91 -9.20 -36.29
CA ILE F 262 37.10 -10.37 -36.63
C ILE F 262 35.98 -10.57 -35.60
N MET F 263 36.33 -10.66 -34.31
CA MET F 263 35.37 -10.89 -33.22
C MET F 263 34.36 -9.78 -33.02
N LYS F 264 34.74 -8.53 -33.32
CA LYS F 264 33.86 -7.37 -33.12
C LYS F 264 33.26 -6.87 -34.41
N ASN F 265 33.54 -7.56 -35.55
CA ASN F 265 33.07 -7.22 -36.90
C ASN F 265 33.34 -5.72 -37.24
N LEU F 266 34.56 -5.26 -36.94
CA LEU F 266 34.91 -3.85 -37.09
C LEU F 266 34.95 -3.34 -38.52
N ARG F 267 35.33 -4.20 -39.48
CA ARG F 267 35.47 -3.81 -40.90
C ARG F 267 36.58 -2.78 -41.05
N ARG F 268 37.67 -3.00 -40.28
CA ARG F 268 38.87 -2.22 -40.37
C ARG F 268 39.70 -2.86 -41.48
N VAL F 269 40.63 -2.08 -42.03
CA VAL F 269 41.49 -2.48 -43.13
C VAL F 269 42.86 -2.88 -42.56
N HIS F 270 43.27 -4.14 -42.83
CA HIS F 270 44.54 -4.67 -42.35
C HIS F 270 45.32 -5.32 -43.50
N PRO F 271 46.68 -5.26 -43.49
CA PRO F 271 47.44 -5.98 -44.53
C PRO F 271 47.58 -7.44 -44.06
N VAL F 272 46.82 -8.37 -44.69
CA VAL F 272 46.79 -9.79 -44.33
C VAL F 272 46.95 -10.72 -45.54
N SER F 273 47.45 -11.93 -45.32
CA SER F 273 47.60 -12.89 -46.41
C SER F 273 46.25 -13.39 -46.88
N THR F 274 45.98 -13.18 -48.18
CA THR F 274 44.75 -13.61 -48.86
C THR F 274 45.10 -14.00 -50.30
N MET F 275 44.17 -14.68 -50.98
CA MET F 275 44.39 -15.09 -52.38
C MET F 275 44.25 -13.89 -53.32
N ILE F 276 45.33 -13.55 -54.01
CA ILE F 276 45.41 -12.38 -54.89
C ILE F 276 45.35 -12.72 -56.40
N LYS F 277 44.91 -13.95 -56.74
CA LYS F 277 44.73 -14.37 -58.14
C LYS F 277 43.75 -13.40 -58.80
N GLY F 278 44.15 -12.89 -59.96
CA GLY F 278 43.38 -11.95 -60.76
C GLY F 278 43.81 -10.51 -60.61
N LEU F 279 44.82 -10.29 -59.76
CA LEU F 279 45.33 -8.97 -59.48
C LEU F 279 46.78 -8.88 -59.84
N TYR F 280 47.21 -7.68 -60.29
CA TYR F 280 48.59 -7.34 -60.66
C TYR F 280 49.23 -8.36 -61.62
N GLY F 281 48.42 -8.93 -62.49
CA GLY F 281 48.84 -9.93 -63.47
C GLY F 281 49.15 -11.30 -62.91
N ILE F 282 48.72 -11.57 -61.65
CA ILE F 282 48.92 -12.87 -61.00
C ILE F 282 47.79 -13.80 -61.43
N LYS F 283 48.16 -14.92 -62.04
CA LYS F 283 47.24 -15.89 -62.62
C LYS F 283 47.11 -17.17 -61.78
N ASP F 284 47.99 -17.34 -60.80
CA ASP F 284 48.04 -18.51 -59.91
C ASP F 284 47.35 -18.30 -58.54
N ASP F 285 47.04 -19.40 -57.82
CA ASP F 285 46.40 -19.41 -56.48
C ASP F 285 47.36 -18.95 -55.34
N VAL F 286 48.04 -17.81 -55.53
CA VAL F 286 49.02 -17.26 -54.59
C VAL F 286 48.33 -16.47 -53.47
N PHE F 287 48.81 -16.67 -52.23
CA PHE F 287 48.37 -15.95 -51.06
C PHE F 287 49.49 -15.00 -50.64
N LEU F 288 49.17 -13.72 -50.48
CA LEU F 288 50.09 -12.71 -49.97
C LEU F 288 49.32 -11.52 -49.43
N SER F 289 50.03 -10.63 -48.70
CA SER F 289 49.41 -9.49 -48.05
C SER F 289 49.05 -8.33 -48.94
N VAL F 290 47.79 -7.96 -48.86
CA VAL F 290 47.13 -6.84 -49.53
C VAL F 290 46.16 -6.27 -48.46
N PRO F 291 45.79 -4.96 -48.48
CA PRO F 291 44.86 -4.47 -47.45
C PRO F 291 43.46 -5.07 -47.59
N CYS F 292 42.97 -5.73 -46.53
CA CYS F 292 41.67 -6.40 -46.51
C CYS F 292 40.74 -5.82 -45.46
N ILE F 293 39.43 -5.90 -45.72
CA ILE F 293 38.36 -5.50 -44.79
C ILE F 293 38.07 -6.75 -43.98
N LEU F 294 38.34 -6.68 -42.67
CA LEU F 294 38.23 -7.76 -41.70
C LEU F 294 37.02 -7.60 -40.82
N GLY F 295 36.19 -8.64 -40.77
CA GLY F 295 34.99 -8.66 -39.95
C GLY F 295 34.60 -10.05 -39.51
N GLN F 296 33.32 -10.20 -39.11
CA GLN F 296 32.76 -11.45 -38.61
C GLN F 296 32.81 -12.61 -39.62
N ASN F 297 33.00 -12.34 -40.94
CA ASN F 297 33.10 -13.42 -41.94
C ASN F 297 34.52 -13.51 -42.51
N GLY F 298 35.48 -12.97 -41.77
CA GLY F 298 36.89 -12.90 -42.15
C GLY F 298 37.11 -11.78 -43.16
N ILE F 299 37.75 -12.11 -44.29
CA ILE F 299 38.02 -11.16 -45.37
C ILE F 299 36.77 -11.07 -46.24
N SER F 300 36.06 -9.92 -46.16
CA SER F 300 34.86 -9.70 -46.97
C SER F 300 35.19 -8.98 -48.29
N ASP F 301 36.21 -8.13 -48.25
CA ASP F 301 36.62 -7.27 -49.36
C ASP F 301 38.14 -7.07 -49.36
N LEU F 302 38.66 -6.58 -50.49
CA LEU F 302 40.07 -6.27 -50.76
C LEU F 302 40.21 -4.82 -51.22
N VAL F 303 41.22 -4.10 -50.74
CA VAL F 303 41.46 -2.73 -51.20
C VAL F 303 42.40 -2.85 -52.41
N LYS F 304 41.97 -2.26 -53.55
CA LYS F 304 42.73 -2.24 -54.82
C LYS F 304 43.72 -1.06 -54.78
N VAL F 305 44.94 -1.34 -54.29
CA VAL F 305 46.00 -0.35 -54.16
C VAL F 305 46.58 0.00 -55.52
N THR F 306 46.69 1.31 -55.78
CA THR F 306 47.28 1.85 -56.99
C THR F 306 48.79 1.79 -56.76
N LEU F 307 49.49 0.97 -57.55
CA LEU F 307 50.94 0.78 -57.42
C LEU F 307 51.67 1.36 -58.61
N THR F 308 52.93 1.79 -58.40
CA THR F 308 53.77 2.24 -59.52
C THR F 308 54.20 0.97 -60.27
N SER F 309 54.69 1.13 -61.52
CA SER F 309 55.16 -0.01 -62.30
C SER F 309 56.27 -0.79 -61.57
N GLU F 310 57.16 -0.07 -60.84
CA GLU F 310 58.21 -0.66 -60.02
C GLU F 310 57.61 -1.47 -58.85
N GLU F 311 56.67 -0.86 -58.09
CA GLU F 311 55.95 -1.47 -56.97
C GLU F 311 55.18 -2.73 -57.39
N GLU F 312 54.46 -2.67 -58.52
CA GLU F 312 53.70 -3.80 -59.07
C GLU F 312 54.64 -4.95 -59.47
N ALA F 313 55.80 -4.62 -60.07
CA ALA F 313 56.80 -5.60 -60.51
C ALA F 313 57.38 -6.34 -59.30
N ARG F 314 57.67 -5.57 -58.21
CA ARG F 314 58.18 -6.08 -56.92
C ARG F 314 57.17 -7.11 -56.31
N LEU F 315 55.87 -6.82 -56.40
CA LEU F 315 54.81 -7.67 -55.88
C LEU F 315 54.69 -8.94 -56.71
N LYS F 316 54.85 -8.81 -58.04
CA LYS F 316 54.81 -9.91 -58.98
C LYS F 316 55.99 -10.85 -58.74
N LYS F 317 57.18 -10.32 -58.39
CA LYS F 317 58.35 -11.16 -58.11
C LYS F 317 58.16 -11.96 -56.80
N SER F 318 57.49 -11.36 -55.78
CA SER F 318 57.10 -11.97 -54.50
C SER F 318 56.14 -13.15 -54.78
N ALA F 319 55.07 -12.89 -55.58
CA ALA F 319 54.08 -13.90 -55.95
C ALA F 319 54.69 -15.04 -56.75
N ASP F 320 55.64 -14.74 -57.66
CA ASP F 320 56.32 -15.75 -58.49
C ASP F 320 57.11 -16.71 -57.62
N THR F 321 57.86 -16.14 -56.65
CA THR F 321 58.67 -16.86 -55.67
C THR F 321 57.78 -17.80 -54.84
N LEU F 322 56.64 -17.27 -54.33
CA LEU F 322 55.69 -18.04 -53.52
C LEU F 322 55.04 -19.16 -54.32
N TRP F 323 54.62 -18.88 -55.58
CA TRP F 323 53.98 -19.90 -56.41
C TRP F 323 54.92 -21.07 -56.74
N GLY F 324 56.20 -20.76 -56.96
CA GLY F 324 57.23 -21.76 -57.25
C GLY F 324 57.32 -22.81 -56.17
N ILE F 325 57.25 -22.37 -54.89
CA ILE F 325 57.29 -23.22 -53.71
C ILE F 325 55.96 -24.01 -53.62
N GLN F 326 54.82 -23.31 -53.80
CA GLN F 326 53.45 -23.87 -53.75
C GLN F 326 53.17 -24.92 -54.83
N LYS F 327 53.77 -24.72 -56.04
CA LYS F 327 53.66 -25.60 -57.21
C LYS F 327 54.32 -26.95 -56.92
N GLU F 328 55.58 -26.93 -56.43
CA GLU F 328 56.35 -28.14 -56.06
C GLU F 328 55.79 -28.83 -54.81
N LEU F 329 54.91 -28.15 -54.09
CA LEU F 329 54.29 -28.56 -52.84
C LEU F 329 53.24 -29.64 -52.99
N GLN F 330 52.66 -30.01 -51.83
CA GLN F 330 51.59 -30.97 -51.55
C GLN F 330 52.15 -32.29 -51.02
N ALA G 1 33.57 2.92 -63.18
CA ALA G 1 32.54 2.64 -62.18
C ALA G 1 32.67 3.61 -60.99
N THR G 2 31.87 3.38 -59.92
CA THR G 2 31.86 4.19 -58.70
C THR G 2 33.24 4.17 -58.02
N LEU G 3 33.51 5.19 -57.19
CA LEU G 3 34.74 5.29 -56.42
C LEU G 3 34.89 4.05 -55.53
N LYS G 4 33.76 3.63 -54.88
CA LYS G 4 33.70 2.44 -54.03
C LYS G 4 34.12 1.18 -54.80
N ASP G 5 33.64 1.02 -56.05
CA ASP G 5 33.96 -0.14 -56.91
C ASP G 5 35.41 -0.12 -57.35
N GLN G 6 35.95 1.08 -57.63
CA GLN G 6 37.33 1.29 -58.03
C GLN G 6 38.31 1.02 -56.88
N LEU G 7 37.90 1.36 -55.63
CA LEU G 7 38.70 1.23 -54.42
C LEU G 7 38.63 -0.14 -53.75
N ILE G 8 37.42 -0.70 -53.66
CA ILE G 8 37.17 -1.96 -52.97
C ILE G 8 36.70 -3.05 -53.93
N TYR G 9 37.30 -4.26 -53.84
CA TYR G 9 36.85 -5.44 -54.57
C TYR G 9 36.10 -6.32 -53.59
N ASN G 10 34.81 -6.54 -53.81
CA ASN G 10 33.98 -7.36 -52.93
C ASN G 10 34.14 -8.87 -53.16
N LEU G 11 34.35 -9.63 -52.07
CA LEU G 11 34.50 -11.10 -52.08
C LEU G 11 33.22 -11.77 -51.66
N LEU G 12 32.62 -11.27 -50.57
CA LEU G 12 31.44 -11.82 -49.98
C LEU G 12 30.50 -10.65 -49.70
N LYS G 13 29.42 -10.55 -50.49
CA LYS G 13 28.40 -9.50 -50.35
C LYS G 13 27.37 -9.95 -49.30
N GLU G 14 27.18 -11.29 -49.18
CA GLU G 14 26.25 -12.00 -48.30
C GLU G 14 26.45 -11.64 -46.82
N GLU G 15 25.81 -10.54 -46.38
CA GLU G 15 25.89 -10.07 -44.98
C GLU G 15 24.93 -10.86 -44.07
N GLN G 16 25.23 -10.88 -42.74
CA GLN G 16 24.46 -11.64 -41.75
C GLN G 16 24.31 -10.97 -40.35
N THR G 17 23.48 -11.61 -39.50
CA THR G 17 23.03 -11.30 -38.15
C THR G 17 24.11 -10.77 -37.17
N PRO G 18 23.82 -9.70 -36.35
CA PRO G 18 24.79 -9.24 -35.33
C PRO G 18 24.89 -10.27 -34.22
N GLN G 19 26.11 -10.52 -33.77
CA GLN G 19 26.41 -11.52 -32.76
C GLN G 19 26.30 -11.01 -31.32
N ASN G 20 26.47 -9.71 -31.08
CA ASN G 20 26.42 -9.18 -29.72
C ASN G 20 25.61 -7.90 -29.65
N LYS G 21 24.37 -7.96 -30.12
CA LYS G 21 23.48 -6.83 -30.17
C LYS G 21 22.82 -6.53 -28.83
N ILE G 22 22.73 -5.25 -28.47
CA ILE G 22 22.06 -4.80 -27.25
C ILE G 22 21.07 -3.74 -27.70
N THR G 23 19.88 -3.73 -27.12
CA THR G 23 18.87 -2.70 -27.38
C THR G 23 18.57 -1.94 -26.07
N VAL G 24 18.34 -0.64 -26.18
CA VAL G 24 17.90 0.17 -25.07
C VAL G 24 16.59 0.81 -25.50
N VAL G 25 15.50 0.57 -24.73
CA VAL G 25 14.16 1.13 -24.97
C VAL G 25 13.96 2.30 -24.02
N GLY G 26 13.72 3.48 -24.58
CA GLY G 26 13.60 4.72 -23.83
C GLY G 26 14.93 5.42 -23.85
N VAL G 27 15.00 6.59 -24.52
CA VAL G 27 16.24 7.36 -24.68
C VAL G 27 16.24 8.63 -23.79
N GLY G 28 15.69 8.50 -22.57
CA GLY G 28 15.69 9.58 -21.60
C GLY G 28 17.05 9.64 -20.94
N ALA G 29 17.16 10.30 -19.79
CA ALA G 29 18.43 10.40 -19.07
C ALA G 29 19.03 9.04 -18.69
N VAL G 30 18.19 8.10 -18.23
CA VAL G 30 18.62 6.75 -17.84
C VAL G 30 19.11 5.95 -19.07
N GLY G 31 18.26 5.84 -20.09
CA GLY G 31 18.55 5.12 -21.32
C GLY G 31 19.82 5.58 -21.98
N MET G 32 20.02 6.90 -22.08
CA MET G 32 21.22 7.44 -22.70
C MET G 32 22.48 7.19 -21.87
N ALA G 33 22.37 7.20 -20.53
CA ALA G 33 23.53 6.91 -19.65
C ALA G 33 23.95 5.44 -19.79
N CYS G 34 22.99 4.50 -19.98
CA CYS G 34 23.26 3.08 -20.22
C CYS G 34 23.94 2.94 -21.55
N ALA G 35 23.36 3.60 -22.59
CA ALA G 35 23.89 3.58 -23.95
C ALA G 35 25.36 3.98 -24.00
N ILE G 36 25.71 5.17 -23.44
CA ILE G 36 27.09 5.66 -23.45
C ILE G 36 28.04 4.72 -22.67
N SER G 37 27.56 4.19 -21.53
CA SER G 37 28.34 3.30 -20.68
C SER G 37 28.61 1.99 -21.39
N ILE G 38 27.60 1.42 -22.05
CA ILE G 38 27.73 0.19 -22.84
C ILE G 38 28.68 0.40 -24.02
N LEU G 39 28.54 1.54 -24.70
CA LEU G 39 29.41 1.89 -25.83
C LEU G 39 30.87 2.02 -25.45
N MET G 40 31.14 2.65 -24.31
CA MET G 40 32.51 2.83 -23.83
C MET G 40 33.12 1.58 -23.19
N LYS G 41 32.31 0.56 -22.93
CA LYS G 41 32.78 -0.72 -22.37
C LYS G 41 32.94 -1.82 -23.41
N ASP G 42 32.69 -1.49 -24.71
CA ASP G 42 32.78 -2.38 -25.89
C ASP G 42 32.01 -3.67 -25.68
N LEU G 43 30.78 -3.56 -25.14
CA LEU G 43 29.95 -4.74 -24.84
C LEU G 43 29.15 -5.27 -26.03
N ALA G 44 28.97 -4.43 -27.06
CA ALA G 44 28.15 -4.75 -28.23
C ALA G 44 28.80 -4.46 -29.58
N ASP G 45 28.41 -5.23 -30.62
CA ASP G 45 28.82 -4.99 -32.01
C ASP G 45 27.72 -4.18 -32.71
N GLU G 46 26.53 -4.11 -32.07
CA GLU G 46 25.38 -3.36 -32.55
C GLU G 46 24.57 -2.78 -31.39
N LEU G 47 24.22 -1.49 -31.48
CA LEU G 47 23.38 -0.82 -30.51
C LEU G 47 22.15 -0.27 -31.19
N ALA G 48 20.96 -0.69 -30.72
CA ALA G 48 19.66 -0.23 -31.22
C ALA G 48 19.01 0.61 -30.14
N LEU G 49 18.36 1.71 -30.52
CA LEU G 49 17.63 2.61 -29.62
C LEU G 49 16.17 2.75 -30.08
N VAL G 50 15.21 2.66 -29.16
CA VAL G 50 13.78 2.82 -29.47
C VAL G 50 13.19 3.83 -28.48
N ASP G 51 12.27 4.68 -28.97
CA ASP G 51 11.50 5.66 -28.20
C ASP G 51 10.25 6.04 -29.01
N VAL G 52 9.31 6.75 -28.36
CA VAL G 52 8.07 7.23 -28.98
C VAL G 52 8.25 8.67 -29.52
N ILE G 53 9.20 9.42 -28.93
CA ILE G 53 9.56 10.79 -29.34
C ILE G 53 10.61 10.63 -30.44
N GLU G 54 10.16 10.73 -31.69
CA GLU G 54 10.96 10.50 -32.90
C GLU G 54 12.11 11.47 -33.12
N ASP G 55 11.92 12.77 -32.79
CA ASP G 55 12.96 13.80 -32.94
C ASP G 55 14.13 13.53 -32.00
N LYS G 56 13.82 13.37 -30.70
CA LYS G 56 14.76 13.10 -29.62
C LYS G 56 15.57 11.84 -29.94
N LEU G 57 14.88 10.77 -30.37
CA LEU G 57 15.46 9.49 -30.75
C LEU G 57 16.49 9.63 -31.89
N LYS G 58 16.13 10.35 -32.98
CA LYS G 58 17.02 10.58 -34.12
C LYS G 58 18.22 11.42 -33.73
N GLY G 59 17.99 12.44 -32.92
CA GLY G 59 19.04 13.30 -32.42
C GLY G 59 20.06 12.59 -31.55
N GLU G 60 19.59 11.71 -30.65
CA GLU G 60 20.43 10.94 -29.75
C GLU G 60 21.28 9.97 -30.54
N MET G 61 20.66 9.22 -31.48
CA MET G 61 21.34 8.27 -32.36
C MET G 61 22.45 8.98 -33.15
N MET G 62 22.14 10.13 -33.79
CA MET G 62 23.11 10.91 -34.57
C MET G 62 24.31 11.37 -33.74
N ASP G 63 24.04 11.88 -32.51
CA ASP G 63 25.06 12.35 -31.58
C ASP G 63 26.03 11.21 -31.26
N LEU G 64 25.50 9.99 -31.01
CA LEU G 64 26.28 8.79 -30.74
C LEU G 64 27.08 8.42 -31.97
N GLN G 65 26.42 8.37 -33.17
CA GLN G 65 27.06 8.04 -34.45
C GLN G 65 28.22 8.96 -34.77
N HIS G 66 28.12 10.24 -34.41
CA HIS G 66 29.18 11.19 -34.66
C HIS G 66 30.45 10.89 -33.86
N GLY G 67 30.33 10.04 -32.83
CA GLY G 67 31.44 9.61 -31.97
C GLY G 67 32.03 8.26 -32.36
N SER G 68 31.55 7.65 -33.47
CA SER G 68 31.96 6.34 -34.01
C SER G 68 33.48 6.11 -34.12
N LEU G 69 34.23 7.16 -34.49
CA LEU G 69 35.69 7.11 -34.63
C LEU G 69 36.33 6.76 -33.30
N PHE G 70 35.70 7.16 -32.18
CA PHE G 70 36.26 6.94 -30.85
C PHE G 70 35.72 5.69 -30.19
N LEU G 71 34.82 4.96 -30.89
CA LEU G 71 34.21 3.76 -30.34
C LEU G 71 34.62 2.51 -31.13
N ARG G 72 34.21 1.33 -30.64
CA ARG G 72 34.47 0.04 -31.29
C ARG G 72 33.14 -0.75 -31.41
N THR G 73 32.03 -0.03 -31.65
CA THR G 73 30.66 -0.52 -31.89
C THR G 73 30.32 0.00 -33.29
N PRO G 74 30.49 -0.88 -34.32
CA PRO G 74 30.38 -0.42 -35.71
C PRO G 74 29.00 -0.03 -36.23
N LYS G 75 27.92 -0.41 -35.53
CA LYS G 75 26.57 -0.09 -35.99
C LYS G 75 25.69 0.42 -34.87
N ILE G 76 25.18 1.65 -35.06
CA ILE G 76 24.23 2.29 -34.15
C ILE G 76 22.96 2.60 -34.95
N VAL G 77 21.83 2.00 -34.52
CA VAL G 77 20.54 2.18 -35.19
C VAL G 77 19.48 2.66 -34.19
N SER G 78 18.42 3.27 -34.72
CA SER G 78 17.28 3.70 -33.92
C SER G 78 16.00 3.71 -34.77
N GLY G 79 14.86 3.71 -34.09
CA GLY G 79 13.56 3.75 -34.72
C GLY G 79 12.43 3.48 -33.75
N LYS G 80 11.24 4.00 -34.09
CA LYS G 80 9.99 3.82 -33.35
C LYS G 80 9.52 2.35 -33.54
N ASP G 81 9.83 1.75 -34.73
CA ASP G 81 9.50 0.37 -35.10
C ASP G 81 10.56 -0.56 -34.49
N TYR G 82 10.10 -1.65 -33.88
CA TYR G 82 10.95 -2.64 -33.20
C TYR G 82 11.73 -3.58 -34.13
N ASN G 83 11.61 -3.41 -35.47
CA ASN G 83 12.38 -4.23 -36.41
C ASN G 83 13.90 -3.90 -36.29
N VAL G 84 14.24 -2.70 -35.77
CA VAL G 84 15.61 -2.25 -35.52
C VAL G 84 16.27 -3.05 -34.36
N THR G 85 15.44 -3.67 -33.52
CA THR G 85 15.69 -4.44 -32.30
C THR G 85 16.00 -5.93 -32.57
N ALA G 86 15.71 -6.42 -33.77
CA ALA G 86 15.83 -7.84 -34.15
C ALA G 86 17.18 -8.48 -33.79
N ASN G 87 17.10 -9.69 -33.19
CA ASN G 87 18.22 -10.54 -32.74
C ASN G 87 19.14 -9.88 -31.70
N SER G 88 18.54 -9.13 -30.74
CA SER G 88 19.28 -8.53 -29.62
C SER G 88 19.51 -9.62 -28.57
N LYS G 89 20.74 -9.70 -28.03
CA LYS G 89 21.08 -10.68 -26.98
C LYS G 89 20.51 -10.15 -25.67
N LEU G 90 20.48 -8.81 -25.52
CA LEU G 90 20.02 -8.13 -24.35
C LEU G 90 19.17 -6.90 -24.70
N VAL G 91 17.99 -6.79 -24.08
CA VAL G 91 17.09 -5.63 -24.26
C VAL G 91 16.91 -4.98 -22.89
N ILE G 92 17.26 -3.69 -22.79
CA ILE G 92 17.22 -2.90 -21.55
C ILE G 92 16.09 -1.90 -21.60
N ILE G 93 15.09 -2.09 -20.72
CA ILE G 93 13.90 -1.25 -20.66
C ILE G 93 14.07 -0.14 -19.62
N THR G 94 14.15 1.09 -20.10
CA THR G 94 14.30 2.31 -19.30
C THR G 94 13.13 3.30 -19.59
N ALA G 95 12.12 2.86 -20.38
CA ALA G 95 10.97 3.69 -20.77
C ALA G 95 9.98 3.90 -19.63
N GLY G 96 9.42 5.09 -19.54
CA GLY G 96 8.43 5.35 -18.51
C GLY G 96 7.77 6.70 -18.55
N ALA G 97 6.59 6.81 -17.94
CA ALA G 97 5.79 8.02 -17.86
C ALA G 97 6.32 8.98 -16.78
N ARG G 98 6.11 10.30 -16.98
CA ARG G 98 6.55 11.34 -16.05
C ARG G 98 5.40 11.72 -15.11
N GLN G 99 5.59 11.51 -13.78
CA GLN G 99 4.72 11.69 -12.61
C GLN G 99 3.57 12.72 -12.74
N GLN G 100 3.84 13.87 -13.39
CA GLN G 100 2.92 15.01 -13.60
C GLN G 100 2.86 15.91 -12.35
N GLU G 101 1.73 15.88 -11.61
CA GLU G 101 1.50 16.67 -10.39
C GLU G 101 0.36 16.03 -9.62
N GLY G 102 0.67 15.58 -8.41
CA GLY G 102 -0.28 14.88 -7.56
C GLY G 102 -0.59 13.50 -8.09
N GLU G 103 0.34 12.54 -7.85
CA GLU G 103 0.23 11.13 -8.26
C GLU G 103 1.16 10.27 -7.39
N ASN G 107 -0.41 4.86 -8.66
CA ASN G 107 -0.97 5.76 -9.68
C ASN G 107 -0.20 5.63 -10.99
N LEU G 108 1.09 6.03 -10.95
CA LEU G 108 2.08 6.03 -12.03
C LEU G 108 2.42 4.58 -12.43
N VAL G 109 2.14 3.62 -11.53
CA VAL G 109 2.34 2.18 -11.73
C VAL G 109 1.49 1.63 -12.89
N GLN G 110 0.17 1.91 -12.89
CA GLN G 110 -0.68 1.41 -13.97
C GLN G 110 -0.32 2.08 -15.32
N ARG G 111 0.11 3.35 -15.27
CA ARG G 111 0.56 4.13 -16.44
C ARG G 111 1.76 3.50 -17.13
N ASN G 112 2.74 3.01 -16.35
CA ASN G 112 3.94 2.31 -16.81
C ASN G 112 3.63 0.86 -17.18
N VAL G 113 2.71 0.21 -16.43
CA VAL G 113 2.22 -1.14 -16.74
C VAL G 113 1.59 -1.11 -18.15
N ASN G 114 0.79 -0.05 -18.45
CA ASN G 114 0.16 0.15 -19.76
C ASN G 114 1.19 0.37 -20.86
N ILE G 115 2.34 0.99 -20.52
CA ILE G 115 3.48 1.23 -21.44
C ILE G 115 4.17 -0.12 -21.75
N PHE G 116 4.35 -0.97 -20.74
CA PHE G 116 4.95 -2.30 -20.86
C PHE G 116 4.06 -3.25 -21.68
N LYS G 117 2.72 -3.08 -21.59
CA LYS G 117 1.75 -3.89 -22.33
C LYS G 117 1.95 -3.74 -23.84
N PHE G 118 2.52 -2.58 -24.27
CA PHE G 118 2.85 -2.30 -25.65
C PHE G 118 4.30 -2.70 -26.02
N ILE G 119 5.28 -2.37 -25.13
CA ILE G 119 6.71 -2.60 -25.35
C ILE G 119 7.10 -4.09 -25.38
N ILE G 120 6.82 -4.82 -24.29
CA ILE G 120 7.21 -6.21 -24.12
C ILE G 120 6.78 -7.11 -25.30
N PRO G 121 5.53 -7.12 -25.82
CA PRO G 121 5.23 -7.99 -26.98
C PRO G 121 6.06 -7.67 -28.23
N ASN G 122 6.38 -6.38 -28.44
CA ASN G 122 7.17 -5.92 -29.58
C ASN G 122 8.62 -6.38 -29.49
N VAL G 123 9.21 -6.34 -28.28
CA VAL G 123 10.58 -6.77 -28.05
C VAL G 123 10.69 -8.28 -28.24
N VAL G 124 9.74 -9.06 -27.66
CA VAL G 124 9.73 -10.53 -27.73
C VAL G 124 9.54 -11.03 -29.17
N LYS G 125 8.79 -10.28 -29.99
CA LYS G 125 8.55 -10.60 -31.40
C LYS G 125 9.84 -10.58 -32.21
N TYR G 126 10.70 -9.56 -32.00
CA TYR G 126 11.94 -9.41 -32.77
C TYR G 126 13.17 -10.05 -32.12
N SER G 127 13.18 -10.25 -30.80
CA SER G 127 14.28 -10.93 -30.11
C SER G 127 13.72 -11.98 -29.13
N PRO G 128 13.16 -13.11 -29.65
CA PRO G 128 12.55 -14.10 -28.74
C PRO G 128 13.49 -14.79 -27.75
N ASN G 129 14.82 -14.82 -28.06
CA ASN G 129 15.80 -15.46 -27.20
C ASN G 129 16.63 -14.48 -26.35
N CYS G 130 16.23 -13.19 -26.30
CA CYS G 130 16.95 -12.18 -25.54
C CYS G 130 16.76 -12.33 -24.04
N LYS G 131 17.58 -11.59 -23.27
CA LYS G 131 17.47 -11.44 -21.84
C LYS G 131 16.87 -10.04 -21.69
N LEU G 132 15.94 -9.89 -20.76
CA LEU G 132 15.31 -8.62 -20.49
C LEU G 132 15.88 -8.04 -19.20
N LEU G 133 16.38 -6.80 -19.25
CA LEU G 133 16.88 -6.09 -18.08
C LEU G 133 15.97 -4.91 -17.91
N ILE G 134 15.16 -4.93 -16.84
CA ILE G 134 14.16 -3.90 -16.52
C ILE G 134 14.78 -2.88 -15.56
N VAL G 135 14.65 -1.58 -15.91
CA VAL G 135 15.20 -0.49 -15.11
C VAL G 135 14.05 0.42 -14.64
N SER G 136 13.01 0.61 -15.50
CA SER G 136 11.82 1.44 -15.25
C SER G 136 11.20 1.17 -13.88
N ASN G 137 10.75 2.22 -13.18
CA ASN G 137 10.19 2.08 -11.84
C ASN G 137 8.65 1.90 -11.78
N PRO G 138 8.10 1.15 -10.78
CA PRO G 138 8.78 0.38 -9.72
C PRO G 138 9.35 -0.90 -10.29
N VAL G 139 10.71 -0.96 -10.34
CA VAL G 139 11.53 -2.00 -10.97
C VAL G 139 11.08 -3.42 -10.58
N ASP G 140 10.80 -3.70 -9.29
CA ASP G 140 10.39 -5.03 -8.84
C ASP G 140 9.08 -5.47 -9.47
N ILE G 141 8.03 -4.60 -9.42
CA ILE G 141 6.72 -4.86 -10.03
C ILE G 141 6.83 -4.96 -11.56
N LEU G 142 7.57 -4.03 -12.19
CA LEU G 142 7.71 -4.02 -13.65
C LEU G 142 8.52 -5.20 -14.19
N THR G 143 9.39 -5.84 -13.36
CA THR G 143 10.13 -7.03 -13.75
C THR G 143 9.12 -8.18 -13.81
N TYR G 144 8.21 -8.22 -12.81
CA TYR G 144 7.15 -9.20 -12.73
C TYR G 144 6.23 -9.07 -13.97
N VAL G 145 5.86 -7.81 -14.29
CA VAL G 145 5.01 -7.43 -15.42
C VAL G 145 5.65 -7.91 -16.72
N ALA G 146 6.96 -7.61 -16.93
CA ALA G 146 7.72 -8.02 -18.12
C ALA G 146 7.77 -9.53 -18.25
N TRP G 147 7.94 -10.22 -17.11
CA TRP G 147 7.99 -11.69 -17.06
C TRP G 147 6.62 -12.29 -17.49
N LYS G 148 5.51 -11.71 -16.96
CA LYS G 148 4.16 -12.17 -17.26
C LYS G 148 3.76 -11.98 -18.72
N ILE G 149 4.00 -10.78 -19.28
CA ILE G 149 3.67 -10.45 -20.66
C ILE G 149 4.52 -11.26 -21.66
N SER G 150 5.85 -11.35 -21.42
CA SER G 150 6.78 -12.07 -22.31
C SER G 150 6.56 -13.57 -22.39
N GLY G 151 6.27 -14.20 -21.25
CA GLY G 151 6.12 -15.66 -21.15
C GLY G 151 7.47 -16.34 -21.11
N PHE G 152 8.54 -15.53 -20.94
CA PHE G 152 9.94 -15.96 -20.87
C PHE G 152 10.19 -16.74 -19.59
N PRO G 153 11.16 -17.68 -19.55
CA PRO G 153 11.48 -18.32 -18.28
C PRO G 153 12.11 -17.27 -17.36
N LYS G 154 11.86 -17.39 -16.05
CA LYS G 154 12.29 -16.44 -15.03
C LYS G 154 13.80 -16.05 -15.09
N ASN G 155 14.66 -16.94 -15.63
CA ASN G 155 16.10 -16.67 -15.75
C ASN G 155 16.44 -15.54 -16.74
N ARG G 156 15.61 -15.36 -17.81
CA ARG G 156 15.81 -14.34 -18.84
C ARG G 156 15.10 -13.00 -18.55
N VAL G 157 14.56 -12.83 -17.31
CA VAL G 157 13.88 -11.59 -16.90
C VAL G 157 14.57 -11.09 -15.62
N ILE G 158 15.34 -10.01 -15.76
CA ILE G 158 16.15 -9.44 -14.68
C ILE G 158 15.80 -7.99 -14.46
N GLY G 159 15.64 -7.61 -13.21
CA GLY G 159 15.39 -6.23 -12.83
C GLY G 159 16.68 -5.65 -12.28
N SER G 160 17.01 -4.39 -12.60
CA SER G 160 18.24 -3.74 -12.09
C SER G 160 18.30 -3.81 -10.56
N GLY G 161 17.11 -3.80 -9.92
CA GLY G 161 16.87 -3.93 -8.50
C GLY G 161 17.78 -3.15 -7.56
N CYS G 162 18.32 -3.86 -6.57
CA CYS G 162 19.16 -3.27 -5.55
C CYS G 162 20.68 -3.06 -5.93
N ASN G 163 21.10 -3.34 -7.22
CA ASN G 163 22.49 -3.20 -7.69
C ASN G 163 22.99 -1.76 -7.43
N LEU G 164 22.14 -0.76 -7.73
CA LEU G 164 22.46 0.66 -7.48
C LEU G 164 22.48 1.01 -5.97
N ASP G 165 21.54 0.43 -5.20
CA ASP G 165 21.42 0.62 -3.75
C ASP G 165 22.71 0.15 -3.11
N SER G 166 23.14 -1.07 -3.49
CA SER G 166 24.36 -1.69 -3.01
C SER G 166 25.58 -0.87 -3.41
N ALA G 167 25.64 -0.38 -4.66
CA ALA G 167 26.72 0.46 -5.17
C ALA G 167 26.85 1.74 -4.36
N ARG G 168 25.71 2.40 -4.01
CA ARG G 168 25.66 3.62 -3.20
C ARG G 168 26.13 3.36 -1.76
N PHE G 169 25.70 2.20 -1.21
CA PHE G 169 26.04 1.75 0.12
C PHE G 169 27.55 1.57 0.28
N ARG G 170 28.16 0.91 -0.72
CA ARG G 170 29.59 0.65 -0.78
C ARG G 170 30.38 1.95 -0.96
N TYR G 171 29.81 2.92 -1.69
CA TYR G 171 30.43 4.23 -1.91
C TYR G 171 30.56 4.96 -0.57
N LEU G 172 29.47 4.93 0.22
CA LEU G 172 29.38 5.59 1.51
C LEU G 172 30.26 4.92 2.54
N MET G 173 30.28 3.59 2.51
CA MET G 173 31.10 2.72 3.38
C MET G 173 32.58 3.06 3.13
N GLY G 174 32.94 3.15 1.85
CA GLY G 174 34.28 3.50 1.41
C GLY G 174 34.73 4.86 1.85
N GLU G 175 33.81 5.83 1.82
CA GLU G 175 34.04 7.21 2.22
C GLU G 175 34.28 7.28 3.76
N ARG G 176 33.51 6.48 4.53
CA ARG G 176 33.62 6.37 5.99
C ARG G 176 34.97 5.76 6.39
N LEU G 177 35.44 4.73 5.67
CA LEU G 177 36.64 3.97 5.99
C LEU G 177 37.95 4.38 5.25
N GLY G 178 37.85 5.20 4.21
CA GLY G 178 39.01 5.62 3.40
C GLY G 178 39.54 4.49 2.53
N VAL G 179 38.64 3.63 2.03
CA VAL G 179 38.92 2.45 1.20
C VAL G 179 38.09 2.56 -0.09
N HIS G 180 38.62 2.06 -1.23
CA HIS G 180 37.88 2.07 -2.49
C HIS G 180 36.60 1.21 -2.36
N PRO G 181 35.42 1.68 -2.88
CA PRO G 181 34.20 0.85 -2.82
C PRO G 181 34.37 -0.60 -3.27
N LEU G 182 35.32 -0.88 -4.20
CA LEU G 182 35.61 -2.22 -4.70
C LEU G 182 36.07 -3.16 -3.60
N SER G 183 36.76 -2.61 -2.57
CA SER G 183 37.28 -3.35 -1.44
C SER G 183 36.36 -3.34 -0.21
N CYS G 184 35.26 -2.55 -0.28
CA CYS G 184 34.24 -2.44 0.77
C CYS G 184 33.08 -3.32 0.38
N HIS G 185 32.77 -4.34 1.16
CA HIS G 185 31.68 -5.24 0.80
C HIS G 185 30.47 -5.07 1.71
N GLY G 186 29.30 -4.99 1.10
CA GLY G 186 28.01 -4.80 1.77
C GLY G 186 26.87 -4.99 0.80
N TRP G 187 25.75 -5.53 1.30
CA TRP G 187 24.60 -5.86 0.47
C TRP G 187 23.30 -5.23 0.93
N VAL G 188 22.61 -4.58 -0.01
CA VAL G 188 21.29 -3.99 0.18
C VAL G 188 20.36 -4.85 -0.67
N LEU G 189 19.40 -5.52 -0.02
CA LEU G 189 18.50 -6.45 -0.72
C LEU G 189 17.03 -6.07 -0.63
N GLY G 190 16.18 -6.87 -1.28
CA GLY G 190 14.73 -6.70 -1.29
C GLY G 190 14.20 -5.71 -2.32
N GLU G 191 13.28 -4.88 -1.87
CA GLU G 191 12.59 -3.88 -2.67
C GLU G 191 13.52 -2.73 -2.99
N HIS G 192 13.67 -2.40 -4.30
CA HIS G 192 14.50 -1.26 -4.69
C HIS G 192 13.79 0.01 -4.29
N GLY G 193 14.50 0.82 -3.50
CA GLY G 193 14.02 2.12 -3.08
C GLY G 193 14.03 2.35 -1.59
N ASP G 194 12.89 2.84 -1.09
CA ASP G 194 12.64 3.16 0.32
C ASP G 194 12.65 1.94 1.24
N SER G 195 12.15 0.79 0.72
CA SER G 195 11.96 -0.44 1.49
C SER G 195 13.08 -1.50 1.29
N SER G 196 14.32 -1.05 1.06
CA SER G 196 15.50 -1.90 0.86
C SER G 196 16.09 -2.32 2.20
N VAL G 197 16.60 -3.54 2.27
CA VAL G 197 17.14 -4.13 3.50
C VAL G 197 18.68 -4.17 3.54
N PRO G 198 19.33 -3.42 4.47
CA PRO G 198 20.79 -3.53 4.61
C PRO G 198 21.16 -4.79 5.41
N VAL G 199 21.92 -5.71 4.79
CA VAL G 199 22.34 -6.93 5.49
C VAL G 199 23.66 -6.63 6.26
N TRP G 200 23.52 -6.17 7.51
CA TRP G 200 24.64 -5.77 8.38
C TRP G 200 25.66 -6.88 8.64
N SER G 201 25.19 -8.14 8.69
CA SER G 201 26.01 -9.33 8.93
C SER G 201 27.07 -9.58 7.85
N GLY G 202 26.74 -9.24 6.60
CA GLY G 202 27.59 -9.42 5.43
C GLY G 202 28.63 -8.34 5.19
N MET G 203 28.52 -7.22 5.91
CA MET G 203 29.43 -6.09 5.80
C MET G 203 30.84 -6.43 6.26
N ASN G 204 31.81 -6.23 5.34
CA ASN G 204 33.20 -6.55 5.60
C ASN G 204 34.18 -5.83 4.69
N VAL G 205 35.42 -5.76 5.17
CA VAL G 205 36.60 -5.28 4.46
C VAL G 205 37.61 -6.40 4.70
N ALA G 206 38.17 -6.95 3.61
CA ALA G 206 39.14 -8.05 3.64
C ALA G 206 38.67 -9.30 4.41
N GLY G 207 37.36 -9.56 4.36
CA GLY G 207 36.74 -10.69 5.04
C GLY G 207 36.55 -10.50 6.53
N VAL G 208 36.87 -9.30 7.05
CA VAL G 208 36.75 -8.97 8.47
C VAL G 208 35.35 -8.41 8.69
N SER G 209 34.49 -9.19 9.39
CA SER G 209 33.11 -8.81 9.72
C SER G 209 33.08 -7.56 10.59
N LEU G 210 32.36 -6.54 10.11
CA LEU G 210 32.20 -5.25 10.77
C LEU G 210 31.29 -5.40 11.99
N LYS G 211 30.28 -6.28 11.89
CA LYS G 211 29.29 -6.59 12.93
C LYS G 211 29.98 -7.29 14.12
N THR G 212 30.97 -8.17 13.83
CA THR G 212 31.73 -8.89 14.85
C THR G 212 32.61 -7.91 15.63
N LEU G 213 33.29 -7.00 14.92
CA LEU G 213 34.14 -5.95 15.49
C LEU G 213 33.34 -4.93 16.30
N HIS G 214 32.18 -4.54 15.75
CA HIS G 214 31.30 -3.51 16.31
C HIS G 214 29.89 -4.11 16.40
N PRO G 215 29.54 -4.78 17.52
CA PRO G 215 28.21 -5.43 17.62
C PRO G 215 27.01 -4.48 17.55
N ASP G 216 27.25 -3.17 17.74
CA ASP G 216 26.22 -2.12 17.67
C ASP G 216 25.86 -1.73 16.23
N LEU G 217 26.58 -2.29 15.22
CA LEU G 217 26.44 -1.99 13.79
C LEU G 217 25.01 -2.03 13.26
N GLY G 218 24.39 -3.19 13.22
CA GLY G 218 23.04 -3.32 12.67
C GLY G 218 21.89 -2.62 13.33
N THR G 219 22.14 -1.89 14.42
CA THR G 219 21.04 -1.30 15.19
C THR G 219 21.27 0.13 15.69
N ASP G 220 20.18 0.69 16.27
CA ASP G 220 20.12 1.98 16.97
C ASP G 220 20.90 1.77 18.29
N LYS G 221 21.26 2.85 19.01
CA LYS G 221 22.10 2.76 20.20
C LYS G 221 23.49 2.25 19.76
N ASP G 222 24.02 2.94 18.73
CA ASP G 222 25.34 2.80 18.11
C ASP G 222 25.85 4.25 18.12
N LYS G 223 27.02 4.47 18.74
CA LYS G 223 27.57 5.83 18.85
C LYS G 223 28.03 6.35 17.49
N GLU G 224 28.49 5.44 16.61
CA GLU G 224 28.96 5.78 15.27
C GLU G 224 27.83 5.90 14.25
N GLN G 225 26.62 5.39 14.62
CA GLN G 225 25.37 5.44 13.85
C GLN G 225 25.53 4.93 12.42
N TRP G 226 25.91 3.65 12.28
CA TRP G 226 26.10 3.05 10.97
C TRP G 226 24.78 2.77 10.22
N LYS G 227 23.61 2.88 10.91
CA LYS G 227 22.25 2.79 10.35
C LYS G 227 22.01 4.00 9.41
N GLU G 228 22.71 5.14 9.69
CA GLU G 228 22.66 6.37 8.91
C GLU G 228 23.22 6.16 7.51
N VAL G 229 24.13 5.17 7.33
CA VAL G 229 24.70 4.85 6.01
C VAL G 229 23.56 4.35 5.10
N HIS G 230 22.68 3.45 5.61
CA HIS G 230 21.54 2.96 4.84
C HIS G 230 20.50 4.05 4.65
N LYS G 231 20.29 4.88 5.68
CA LYS G 231 19.37 6.01 5.63
C LYS G 231 19.83 6.93 4.49
N GLN G 232 21.16 7.25 4.42
CA GLN G 232 21.79 8.08 3.39
C GLN G 232 21.64 7.50 1.98
N VAL G 233 21.62 6.15 1.85
CA VAL G 233 21.43 5.45 0.58
C VAL G 233 20.02 5.80 0.09
N VAL G 234 19.02 5.65 0.97
CA VAL G 234 17.60 5.94 0.71
C VAL G 234 17.39 7.48 0.47
N GLU G 235 18.12 8.34 1.24
CA GLU G 235 18.11 9.82 1.25
C GLU G 235 18.72 10.48 0.02
N SER G 236 19.97 10.06 -0.36
CA SER G 236 20.75 10.59 -1.48
C SER G 236 19.99 10.54 -2.82
N ALA G 237 19.13 9.52 -3.01
CA ALA G 237 18.30 9.37 -4.21
C ALA G 237 17.41 10.61 -4.39
N TYR G 238 16.76 11.05 -3.28
CA TYR G 238 15.92 12.23 -3.20
C TYR G 238 16.76 13.48 -3.35
N GLU G 239 18.00 13.44 -2.82
CA GLU G 239 18.93 14.56 -2.89
C GLU G 239 19.38 14.87 -4.33
N VAL G 240 19.82 13.83 -5.09
CA VAL G 240 20.24 13.97 -6.48
C VAL G 240 19.07 14.49 -7.30
N ILE G 241 17.86 13.91 -7.13
CA ILE G 241 16.66 14.39 -7.80
C ILE G 241 16.40 15.86 -7.43
N LYS G 242 16.46 16.22 -6.15
CA LYS G 242 16.24 17.60 -5.70
C LYS G 242 17.26 18.54 -6.37
N LEU G 243 18.54 18.11 -6.46
CA LEU G 243 19.64 18.92 -6.98
C LEU G 243 19.73 19.04 -8.52
N LYS G 244 19.59 17.92 -9.26
CA LYS G 244 19.73 17.97 -10.73
C LYS G 244 18.44 17.55 -11.51
N GLY G 245 17.40 17.14 -10.79
CA GLY G 245 16.11 16.78 -11.37
C GLY G 245 15.87 15.31 -11.66
N TYR G 246 16.95 14.52 -11.70
CA TYR G 246 16.94 13.10 -12.05
C TYR G 246 18.29 12.49 -11.68
N THR G 247 18.39 11.17 -11.79
CA THR G 247 19.63 10.41 -11.60
C THR G 247 19.90 9.72 -12.94
N SER G 248 21.18 9.67 -13.37
CA SER G 248 21.57 9.04 -14.64
C SER G 248 22.90 8.27 -14.58
N TRP G 249 23.99 8.97 -14.32
CA TRP G 249 25.33 8.40 -14.36
C TRP G 249 25.51 7.09 -13.57
N ALA G 250 25.17 7.08 -12.27
CA ALA G 250 25.26 5.91 -11.40
C ALA G 250 24.44 4.71 -11.91
N ILE G 251 23.18 4.94 -12.34
CA ILE G 251 22.33 3.85 -12.82
C ILE G 251 22.86 3.33 -14.19
N GLY G 252 23.36 4.23 -15.05
CA GLY G 252 23.94 3.84 -16.34
C GLY G 252 25.12 2.89 -16.15
N LEU G 253 26.02 3.30 -15.22
CA LEU G 253 27.20 2.53 -14.86
C LEU G 253 26.84 1.19 -14.26
N SER G 254 25.81 1.17 -13.38
CA SER G 254 25.30 -0.03 -12.73
C SER G 254 24.71 -0.99 -13.78
N VAL G 255 23.97 -0.44 -14.79
CA VAL G 255 23.36 -1.24 -15.85
C VAL G 255 24.44 -1.85 -16.78
N ALA G 256 25.44 -1.02 -17.17
CA ALA G 256 26.57 -1.47 -17.99
C ALA G 256 27.33 -2.61 -17.31
N ASP G 257 27.45 -2.56 -15.93
CA ASP G 257 28.09 -3.59 -15.12
C ASP G 257 27.32 -4.92 -15.22
N LEU G 258 25.97 -4.86 -15.11
CA LEU G 258 25.10 -6.02 -15.24
C LEU G 258 25.22 -6.60 -16.63
N ALA G 259 25.20 -5.72 -17.67
CA ALA G 259 25.31 -6.07 -19.08
C ALA G 259 26.64 -6.78 -19.36
N GLU G 260 27.74 -6.31 -18.73
CA GLU G 260 29.06 -6.91 -18.87
C GLU G 260 29.03 -8.39 -18.45
N SER G 261 28.43 -8.69 -17.28
CA SER G 261 28.33 -10.07 -16.78
C SER G 261 27.46 -10.94 -17.66
N ILE G 262 26.34 -10.37 -18.21
CA ILE G 262 25.44 -11.10 -19.12
C ILE G 262 26.16 -11.40 -20.46
N MET G 263 26.69 -10.34 -21.13
CA MET G 263 27.32 -10.45 -22.45
C MET G 263 28.57 -11.31 -22.44
N LYS G 264 29.37 -11.25 -21.35
CA LYS G 264 30.62 -11.98 -21.24
C LYS G 264 30.52 -13.29 -20.47
N ASN G 265 29.28 -13.65 -20.01
CA ASN G 265 28.99 -14.88 -19.24
C ASN G 265 29.96 -15.01 -18.03
N LEU G 266 30.16 -13.91 -17.31
CA LEU G 266 31.12 -13.85 -16.21
C LEU G 266 30.78 -14.71 -15.00
N ARG G 267 29.48 -14.88 -14.70
CA ARG G 267 28.99 -15.62 -13.53
C ARG G 267 29.41 -14.89 -12.24
N ARG G 268 29.32 -13.55 -12.29
CA ARG G 268 29.57 -12.71 -11.14
C ARG G 268 28.23 -12.62 -10.38
N VAL G 269 28.31 -12.28 -9.09
CA VAL G 269 27.16 -12.18 -8.19
C VAL G 269 26.74 -10.73 -8.05
N HIS G 270 25.48 -10.43 -8.39
CA HIS G 270 24.92 -9.08 -8.32
C HIS G 270 23.56 -9.08 -7.59
N PRO G 271 23.20 -8.02 -6.83
CA PRO G 271 21.85 -7.98 -6.22
C PRO G 271 20.85 -7.45 -7.25
N VAL G 272 20.08 -8.35 -7.86
CA VAL G 272 19.12 -8.00 -8.91
C VAL G 272 17.72 -8.56 -8.61
N SER G 273 16.63 -7.93 -9.16
CA SER G 273 15.23 -8.38 -8.99
C SER G 273 15.02 -9.69 -9.73
N THR G 274 14.60 -10.71 -8.98
CA THR G 274 14.29 -12.05 -9.48
C THR G 274 13.10 -12.61 -8.72
N MET G 275 12.46 -13.66 -9.26
CA MET G 275 11.33 -14.30 -8.59
C MET G 275 11.82 -15.11 -7.39
N ILE G 276 11.38 -14.72 -6.20
CA ILE G 276 11.79 -15.32 -4.93
C ILE G 276 10.73 -16.22 -4.30
N LYS G 277 9.70 -16.65 -5.07
CA LYS G 277 8.66 -17.56 -4.58
C LYS G 277 9.36 -18.86 -4.14
N GLY G 278 9.08 -19.27 -2.90
CA GLY G 278 9.68 -20.47 -2.31
C GLY G 278 10.80 -20.19 -1.32
N LEU G 279 11.19 -18.91 -1.18
CA LEU G 279 12.26 -18.47 -0.28
C LEU G 279 11.70 -17.48 0.70
N TYR G 280 12.23 -17.52 1.95
CA TYR G 280 11.81 -16.64 3.06
C TYR G 280 10.28 -16.66 3.30
N GLY G 281 9.67 -17.83 3.08
CA GLY G 281 8.24 -18.05 3.24
C GLY G 281 7.35 -17.31 2.25
N ILE G 282 7.93 -16.83 1.11
CA ILE G 282 7.18 -16.12 0.07
C ILE G 282 6.46 -17.17 -0.77
N LYS G 283 5.13 -17.09 -0.81
CA LYS G 283 4.27 -18.05 -1.50
C LYS G 283 3.75 -17.50 -2.82
N ASP G 284 3.89 -16.18 -3.02
CA ASP G 284 3.40 -15.50 -4.21
C ASP G 284 4.47 -15.26 -5.27
N ASP G 285 4.01 -14.93 -6.50
CA ASP G 285 4.85 -14.63 -7.66
C ASP G 285 5.37 -13.20 -7.48
N VAL G 286 6.34 -13.04 -6.56
CA VAL G 286 6.96 -11.76 -6.26
C VAL G 286 8.42 -11.71 -6.69
N PHE G 287 8.80 -10.56 -7.27
CA PHE G 287 10.14 -10.27 -7.71
C PHE G 287 10.76 -9.26 -6.77
N LEU G 288 11.96 -9.56 -6.26
CA LEU G 288 12.76 -8.63 -5.45
C LEU G 288 14.24 -9.03 -5.46
N SER G 289 15.11 -8.12 -5.02
CA SER G 289 16.55 -8.32 -5.06
C SER G 289 17.14 -9.23 -4.01
N VAL G 290 17.90 -10.19 -4.51
CA VAL G 290 18.67 -11.19 -3.79
C VAL G 290 19.98 -11.36 -4.63
N PRO G 291 21.15 -11.76 -4.07
CA PRO G 291 22.36 -11.90 -4.90
C PRO G 291 22.23 -13.05 -5.89
N CYS G 292 22.40 -12.74 -7.19
CA CYS G 292 22.25 -13.71 -8.29
C CYS G 292 23.51 -13.86 -9.10
N ILE G 293 23.71 -15.06 -9.67
CA ILE G 293 24.81 -15.40 -10.56
C ILE G 293 24.29 -15.03 -11.98
N LEU G 294 24.96 -14.03 -12.61
CA LEU G 294 24.62 -13.44 -13.90
C LEU G 294 25.55 -13.91 -14.99
N GLY G 295 25.00 -14.56 -16.01
CA GLY G 295 25.75 -15.09 -17.15
C GLY G 295 25.00 -14.95 -18.45
N GLN G 296 25.40 -15.71 -19.48
CA GLN G 296 24.82 -15.69 -20.84
C GLN G 296 23.34 -16.12 -20.88
N ASN G 297 22.83 -16.78 -19.81
CA ASN G 297 21.43 -17.17 -19.74
C ASN G 297 20.70 -16.37 -18.67
N GLY G 298 21.23 -15.20 -18.31
CA GLY G 298 20.69 -14.33 -17.29
C GLY G 298 21.00 -14.87 -15.90
N ILE G 299 19.95 -14.97 -15.04
CA ILE G 299 20.07 -15.50 -13.68
C ILE G 299 20.06 -17.02 -13.74
N SER G 300 21.22 -17.66 -13.48
CA SER G 300 21.33 -19.12 -13.50
C SER G 300 21.17 -19.72 -12.11
N ASP G 301 21.56 -18.95 -11.08
CA ASP G 301 21.57 -19.36 -9.69
C ASP G 301 21.30 -18.17 -8.76
N LEU G 302 20.96 -18.46 -7.50
CA LEU G 302 20.63 -17.53 -6.42
C LEU G 302 21.51 -17.82 -5.21
N VAL G 303 22.01 -16.78 -4.53
CA VAL G 303 22.79 -16.98 -3.29
C VAL G 303 21.78 -16.93 -2.15
N LYS G 304 21.73 -17.99 -1.32
CA LYS G 304 20.81 -18.11 -0.17
C LYS G 304 21.42 -17.40 1.04
N VAL G 305 21.11 -16.12 1.19
CA VAL G 305 21.58 -15.29 2.30
C VAL G 305 20.86 -15.64 3.60
N THR G 306 21.64 -15.85 4.67
CA THR G 306 21.10 -16.11 6.00
C THR G 306 20.74 -14.74 6.59
N LEU G 307 19.45 -14.53 6.83
CA LEU G 307 18.91 -13.28 7.35
C LEU G 307 18.45 -13.41 8.79
N THR G 308 18.50 -12.30 9.54
CA THR G 308 17.99 -12.28 10.90
C THR G 308 16.47 -12.30 10.80
N SER G 309 15.78 -12.63 11.91
CA SER G 309 14.31 -12.68 11.95
C SER G 309 13.72 -11.33 11.51
N GLU G 310 14.34 -10.20 11.94
CA GLU G 310 13.95 -8.85 11.55
C GLU G 310 14.15 -8.61 10.03
N GLU G 311 15.34 -8.99 9.48
CA GLU G 311 15.70 -8.87 8.07
C GLU G 311 14.74 -9.67 7.17
N GLU G 312 14.44 -10.93 7.57
CA GLU G 312 13.51 -11.81 6.85
C GLU G 312 12.08 -11.26 6.88
N ALA G 313 11.65 -10.68 8.02
CA ALA G 313 10.32 -10.10 8.20
C ALA G 313 10.11 -8.90 7.28
N ARG G 314 11.15 -8.04 7.15
CA ARG G 314 11.17 -6.85 6.29
C ARG G 314 10.95 -7.27 4.84
N LEU G 315 11.62 -8.36 4.42
CA LEU G 315 11.54 -8.91 3.08
C LEU G 315 10.15 -9.48 2.78
N LYS G 316 9.56 -10.15 3.79
CA LYS G 316 8.21 -10.74 3.73
C LYS G 316 7.14 -9.65 3.60
N LYS G 317 7.30 -8.54 4.35
CA LYS G 317 6.38 -7.40 4.35
C LYS G 317 6.39 -6.76 2.96
N SER G 318 7.61 -6.56 2.40
CA SER G 318 7.91 -6.02 1.07
C SER G 318 7.19 -6.85 0.02
N ALA G 319 7.38 -8.18 0.06
CA ALA G 319 6.76 -9.14 -0.85
C ALA G 319 5.23 -9.11 -0.78
N ASP G 320 4.66 -8.97 0.43
CA ASP G 320 3.21 -8.90 0.64
C ASP G 320 2.60 -7.65 -0.01
N THR G 321 3.29 -6.52 0.18
CA THR G 321 2.93 -5.21 -0.35
C THR G 321 2.98 -5.23 -1.89
N LEU G 322 4.05 -5.83 -2.46
CA LEU G 322 4.22 -5.93 -3.91
C LEU G 322 3.11 -6.80 -4.54
N TRP G 323 2.77 -7.95 -3.94
CA TRP G 323 1.72 -8.82 -4.46
C TRP G 323 0.32 -8.19 -4.43
N GLY G 324 0.05 -7.39 -3.41
CA GLY G 324 -1.20 -6.66 -3.25
C GLY G 324 -1.48 -5.74 -4.43
N ILE G 325 -0.42 -5.08 -4.93
CA ILE G 325 -0.48 -4.20 -6.11
C ILE G 325 -0.69 -5.09 -7.35
N GLN G 326 0.04 -6.21 -7.44
CA GLN G 326 0.01 -7.14 -8.58
C GLN G 326 -1.31 -7.86 -8.77
N LYS G 327 -2.13 -7.94 -7.70
CA LYS G 327 -3.45 -8.56 -7.69
C LYS G 327 -4.42 -7.77 -8.60
N GLU G 328 -4.54 -6.45 -8.33
CA GLU G 328 -5.41 -5.52 -9.07
C GLU G 328 -4.81 -5.09 -10.44
N LEU G 329 -4.36 -6.09 -11.22
CA LEU G 329 -3.74 -5.92 -12.53
C LEU G 329 -4.35 -6.89 -13.53
N GLN G 330 -4.79 -6.38 -14.70
CA GLN G 330 -5.45 -7.20 -15.71
C GLN G 330 -4.48 -7.90 -16.72
N PHE G 331 -3.85 -7.13 -17.65
CA PHE G 331 -2.98 -7.57 -18.77
C PHE G 331 -3.54 -8.81 -19.49
N ALA H 1 39.49 3.22 19.12
CA ALA H 1 38.14 3.26 19.72
C ALA H 1 37.07 3.05 18.65
N THR H 2 37.06 3.93 17.61
CA THR H 2 36.13 3.87 16.48
C THR H 2 36.27 2.56 15.71
N LEU H 3 35.24 2.18 14.93
CA LEU H 3 35.26 0.97 14.10
C LEU H 3 36.43 1.08 13.12
N LYS H 4 36.59 2.27 12.48
CA LYS H 4 37.67 2.58 11.55
C LYS H 4 39.05 2.33 12.19
N ASP H 5 39.26 2.79 13.44
CA ASP H 5 40.53 2.61 14.17
C ASP H 5 40.77 1.15 14.52
N GLN H 6 39.70 0.40 14.86
CA GLN H 6 39.73 -1.01 15.20
C GLN H 6 40.06 -1.87 13.99
N LEU H 7 39.57 -1.45 12.81
CA LEU H 7 39.73 -2.18 11.54
C LEU H 7 41.00 -1.83 10.78
N ILE H 8 41.34 -0.54 10.72
CA ILE H 8 42.46 -0.04 9.93
C ILE H 8 43.55 0.58 10.81
N TYR H 9 44.82 0.23 10.57
CA TYR H 9 45.97 0.85 11.21
C TYR H 9 46.63 1.78 10.18
N ASN H 10 46.66 3.08 10.46
CA ASN H 10 47.26 4.06 9.56
C ASN H 10 48.80 4.13 9.66
N LEU H 11 49.48 4.13 8.50
CA LEU H 11 50.93 4.20 8.34
C LEU H 11 51.39 5.60 7.98
N LEU H 12 50.70 6.23 7.02
CA LEU H 12 51.11 7.51 6.47
C LEU H 12 50.60 8.76 7.22
N LYS H 13 50.71 9.92 6.56
CA LYS H 13 50.39 11.24 7.10
C LYS H 13 49.70 12.17 6.08
N GLU H 14 48.87 11.59 5.18
CA GLU H 14 48.12 12.29 4.13
C GLU H 14 49.05 12.72 2.99
N THR H 17 49.12 15.93 -2.80
CA THR H 17 49.92 15.73 -4.00
C THR H 17 49.08 15.21 -5.19
N PRO H 18 48.46 16.10 -6.02
CA PRO H 18 47.63 15.60 -7.14
C PRO H 18 48.52 15.24 -8.35
N GLN H 19 48.48 13.95 -8.83
CA GLN H 19 49.39 13.55 -9.89
C GLN H 19 48.81 13.60 -11.31
N ASN H 20 47.54 13.19 -11.51
CA ASN H 20 46.94 13.20 -12.86
C ASN H 20 45.55 13.79 -12.82
N LYS H 21 45.46 14.99 -12.27
CA LYS H 21 44.22 15.72 -12.05
C LYS H 21 43.74 16.40 -13.30
N ILE H 22 42.42 16.25 -13.53
CA ILE H 22 41.69 16.89 -14.62
C ILE H 22 40.53 17.69 -14.01
N THR H 23 40.30 18.90 -14.52
CA THR H 23 39.19 19.77 -14.13
C THR H 23 38.26 20.01 -15.31
N VAL H 24 36.96 19.93 -15.07
CA VAL H 24 35.94 20.26 -16.06
C VAL H 24 35.18 21.47 -15.50
N VAL H 25 35.21 22.61 -16.23
CA VAL H 25 34.49 23.83 -15.87
C VAL H 25 33.20 23.87 -16.72
N GLY H 26 32.06 23.91 -16.03
CA GLY H 26 30.73 23.89 -16.67
C GLY H 26 30.24 22.46 -16.66
N VAL H 27 29.16 22.19 -15.90
CA VAL H 27 28.61 20.83 -15.76
C VAL H 27 27.29 20.66 -16.52
N GLY H 28 27.20 21.27 -17.69
CA GLY H 28 26.02 21.11 -18.53
C GLY H 28 26.09 19.81 -19.30
N ALA H 29 25.37 19.70 -20.42
CA ALA H 29 25.38 18.51 -21.26
C ALA H 29 26.78 18.16 -21.78
N VAL H 30 27.55 19.18 -22.22
CA VAL H 30 28.90 19.00 -22.74
C VAL H 30 29.87 18.59 -21.66
N GLY H 31 29.93 19.37 -20.58
CA GLY H 31 30.82 19.11 -19.45
C GLY H 31 30.66 17.74 -18.87
N MET H 32 29.41 17.31 -18.70
CA MET H 32 29.13 15.99 -18.14
C MET H 32 29.47 14.86 -19.10
N ALA H 33 29.33 15.09 -20.43
CA ALA H 33 29.71 14.08 -21.43
C ALA H 33 31.22 13.90 -21.44
N CYS H 34 31.97 15.00 -21.28
CA CYS H 34 33.42 15.02 -21.17
C CYS H 34 33.84 14.25 -19.92
N ALA H 35 33.22 14.59 -18.77
CA ALA H 35 33.45 13.93 -17.49
C ALA H 35 33.27 12.41 -17.54
N ILE H 36 32.12 11.92 -18.04
CA ILE H 36 31.84 10.47 -18.14
C ILE H 36 32.82 9.77 -19.08
N SER H 37 33.18 10.41 -20.19
CA SER H 37 34.10 9.85 -21.17
C SER H 37 35.52 9.70 -20.61
N ILE H 38 36.04 10.74 -19.92
CA ILE H 38 37.35 10.74 -19.25
C ILE H 38 37.34 9.69 -18.13
N LEU H 39 36.23 9.63 -17.36
CA LEU H 39 36.10 8.67 -16.26
C LEU H 39 36.16 7.24 -16.76
N MET H 40 35.50 6.95 -17.87
CA MET H 40 35.48 5.60 -18.42
C MET H 40 36.76 5.24 -19.19
N LYS H 41 37.64 6.23 -19.45
CA LYS H 41 38.91 6.00 -20.14
C LYS H 41 40.11 5.95 -19.19
N ASP H 42 39.86 6.08 -17.86
CA ASP H 42 40.85 6.06 -16.77
C ASP H 42 42.00 7.05 -17.02
N LEU H 43 41.65 8.27 -17.42
CA LEU H 43 42.65 9.29 -17.75
C LEU H 43 43.15 10.11 -16.54
N ALA H 44 42.40 10.10 -15.44
CA ALA H 44 42.70 10.88 -14.25
C ALA H 44 42.60 10.12 -12.93
N ASP H 45 43.37 10.55 -11.92
CA ASP H 45 43.33 9.99 -10.57
C ASP H 45 42.44 10.91 -9.71
N GLU H 46 42.15 12.11 -10.24
CA GLU H 46 41.28 13.10 -9.63
C GLU H 46 40.51 13.89 -10.68
N LEU H 47 39.18 14.00 -10.47
CA LEU H 47 38.32 14.80 -11.32
C LEU H 47 37.69 15.92 -10.50
N ALA H 48 37.90 17.17 -10.96
CA ALA H 48 37.34 18.39 -10.34
C ALA H 48 36.24 19.00 -11.23
N LEU H 49 35.10 19.38 -10.63
CA LEU H 49 33.99 20.00 -11.38
C LEU H 49 33.67 21.37 -10.80
N VAL H 50 33.56 22.39 -11.66
CA VAL H 50 33.20 23.75 -11.24
C VAL H 50 32.02 24.25 -12.10
N ASP H 51 31.09 24.98 -11.47
CA ASP H 51 29.93 25.63 -12.09
C ASP H 51 29.46 26.76 -11.17
N VAL H 52 28.57 27.63 -11.70
CA VAL H 52 27.96 28.75 -10.98
C VAL H 52 26.64 28.33 -10.33
N ILE H 53 25.96 27.30 -10.91
CA ILE H 53 24.71 26.73 -10.38
C ILE H 53 25.15 25.65 -9.38
N GLU H 54 25.13 26.01 -8.09
CA GLU H 54 25.59 25.20 -6.97
C GLU H 54 24.82 23.88 -6.75
N ASP H 55 23.49 23.89 -6.95
CA ASP H 55 22.65 22.70 -6.78
C ASP H 55 22.97 21.64 -7.83
N LYS H 56 22.98 22.07 -9.11
CA LYS H 56 23.24 21.23 -10.27
C LYS H 56 24.63 20.59 -10.14
N LEU H 57 25.63 21.40 -9.75
CA LEU H 57 27.02 21.00 -9.52
C LEU H 57 27.12 19.89 -8.47
N LYS H 58 26.48 20.07 -7.31
CA LYS H 58 26.46 19.07 -6.24
C LYS H 58 25.78 17.77 -6.69
N GLY H 59 24.65 17.91 -7.38
CA GLY H 59 23.89 16.78 -7.90
C GLY H 59 24.66 15.94 -8.91
N GLU H 60 25.35 16.61 -9.84
CA GLU H 60 26.18 15.96 -10.86
C GLU H 60 27.36 15.20 -10.22
N MET H 61 28.09 15.88 -9.29
CA MET H 61 29.20 15.30 -8.55
C MET H 61 28.74 14.03 -7.82
N MET H 62 27.63 14.11 -7.06
CA MET H 62 27.05 12.98 -6.32
C MET H 62 26.69 11.79 -7.22
N ASP H 63 26.07 12.07 -8.38
CA ASP H 63 25.66 11.06 -9.34
C ASP H 63 26.89 10.29 -9.84
N LEU H 64 27.99 11.01 -10.13
CA LEU H 64 29.27 10.45 -10.54
C LEU H 64 29.85 9.62 -9.43
N GLN H 65 29.89 10.18 -8.19
CA GLN H 65 30.42 9.50 -7.00
C GLN H 65 29.68 8.21 -6.71
N HIS H 66 28.36 8.15 -6.97
CA HIS H 66 27.58 6.93 -6.74
C HIS H 66 27.96 5.79 -7.69
N GLY H 67 28.71 6.12 -8.75
CA GLY H 67 29.18 5.14 -9.73
C GLY H 67 30.63 4.74 -9.53
N SER H 68 31.26 5.22 -8.43
CA SER H 68 32.67 4.97 -8.04
C SER H 68 33.10 3.53 -8.09
N LEU H 69 32.20 2.62 -7.70
CA LEU H 69 32.43 1.17 -7.69
C LEU H 69 32.78 0.66 -9.06
N PHE H 70 32.22 1.29 -10.09
CA PHE H 70 32.43 0.89 -11.49
C PHE H 70 33.54 1.67 -12.19
N LEU H 71 34.17 2.62 -11.49
CA LEU H 71 35.25 3.44 -12.04
C LEU H 71 36.60 3.18 -11.36
N ARG H 72 37.68 3.78 -11.89
CA ARG H 72 39.04 3.70 -11.36
C ARG H 72 39.67 5.09 -11.20
N THR H 73 38.83 6.09 -10.85
CA THR H 73 39.18 7.48 -10.55
C THR H 73 38.71 7.64 -9.08
N PRO H 74 39.66 7.52 -8.12
CA PRO H 74 39.28 7.47 -6.70
C PRO H 74 38.73 8.75 -6.07
N LYS H 75 38.95 9.92 -6.68
CA LYS H 75 38.51 11.18 -6.09
C LYS H 75 37.79 12.05 -7.08
N ILE H 76 36.53 12.36 -6.79
CA ILE H 76 35.68 13.25 -7.55
C ILE H 76 35.27 14.39 -6.62
N VAL H 77 35.66 15.62 -6.97
CA VAL H 77 35.38 16.81 -6.17
C VAL H 77 34.66 17.87 -7.02
N SER H 78 33.96 18.79 -6.34
CA SER H 78 33.29 19.91 -6.99
C SER H 78 33.21 21.11 -6.04
N GLY H 79 32.95 22.29 -6.63
CA GLY H 79 32.81 23.53 -5.91
C GLY H 79 32.78 24.75 -6.81
N LYS H 80 32.14 25.82 -6.34
CA LYS H 80 32.02 27.10 -7.02
C LYS H 80 33.38 27.83 -6.96
N ASP H 81 34.12 27.56 -5.86
CA ASP H 81 35.48 28.10 -5.62
C ASP H 81 36.50 27.25 -6.35
N TYR H 82 37.42 27.90 -7.06
CA TYR H 82 38.46 27.26 -7.87
C TYR H 82 39.60 26.62 -7.05
N ASN H 83 39.54 26.65 -5.71
CA ASN H 83 40.55 25.97 -4.91
C ASN H 83 40.48 24.44 -5.09
N VAL H 84 39.32 23.92 -5.52
CA VAL H 84 39.06 22.49 -5.82
C VAL H 84 39.85 22.04 -7.07
N THR H 85 40.20 23.02 -7.92
CA THR H 85 40.89 22.98 -9.20
C THR H 85 42.44 22.89 -9.11
N ALA H 86 43.02 23.22 -7.94
CA ALA H 86 44.45 23.29 -7.69
C ALA H 86 45.25 22.08 -8.19
N ASN H 87 46.37 22.37 -8.89
CA ASN H 87 47.35 21.44 -9.46
C ASN H 87 46.75 20.46 -10.49
N SER H 88 45.86 20.97 -11.36
CA SER H 88 45.27 20.18 -12.44
C SER H 88 46.27 20.17 -13.59
N LYS H 89 46.50 18.99 -14.21
CA LYS H 89 47.40 18.86 -15.37
C LYS H 89 46.67 19.41 -16.58
N LEU H 90 45.34 19.22 -16.61
CA LEU H 90 44.46 19.63 -17.70
C LEU H 90 43.17 20.25 -17.17
N VAL H 91 42.81 21.41 -17.73
CA VAL H 91 41.57 22.09 -17.37
C VAL H 91 40.77 22.26 -18.65
N ILE H 92 39.58 21.66 -18.66
CA ILE H 92 38.64 21.63 -19.79
C ILE H 92 37.50 22.64 -19.56
N ILE H 93 37.39 23.64 -20.44
CA ILE H 93 36.36 24.69 -20.35
C ILE H 93 35.19 24.40 -21.29
N THR H 94 34.03 24.09 -20.70
CA THR H 94 32.78 23.80 -21.42
C THR H 94 31.65 24.76 -20.99
N ALA H 95 31.99 25.77 -20.19
CA ALA H 95 31.02 26.73 -19.66
C ALA H 95 30.55 27.75 -20.71
N GLY H 96 29.27 28.08 -20.66
CA GLY H 96 28.72 29.11 -21.53
C GLY H 96 27.46 28.82 -22.29
N ALA H 97 27.02 29.85 -23.01
CA ALA H 97 25.85 29.85 -23.87
C ALA H 97 26.08 28.94 -25.07
N ARG H 98 25.05 28.15 -25.41
CA ARG H 98 25.09 27.28 -26.57
C ARG H 98 24.16 27.87 -27.64
N GLN H 99 24.53 27.68 -28.91
CA GLN H 99 23.75 28.14 -30.07
C GLN H 99 22.37 27.46 -30.07
N GLN H 100 21.33 28.25 -30.34
CA GLN H 100 19.98 27.70 -30.44
C GLN H 100 19.73 27.35 -31.91
N GLU H 101 18.59 26.72 -32.20
CA GLU H 101 18.19 26.33 -33.55
C GLU H 101 18.24 27.57 -34.46
N GLY H 102 19.05 27.49 -35.53
CA GLY H 102 19.24 28.55 -36.52
C GLY H 102 20.16 29.70 -36.13
N GLU H 103 20.78 29.63 -34.96
CA GLU H 103 21.72 30.63 -34.45
C GLU H 103 23.16 30.14 -34.71
N SER H 104 24.03 31.03 -35.24
CA SER H 104 25.45 30.80 -35.55
C SER H 104 26.28 30.73 -34.25
N ARG H 105 27.40 29.96 -34.25
CA ARG H 105 28.30 29.87 -33.09
C ARG H 105 28.95 31.25 -32.82
N LEU H 106 29.11 32.06 -33.89
CA LEU H 106 29.70 33.40 -33.83
C LEU H 106 28.82 34.42 -33.08
N ASN H 107 27.52 34.11 -32.91
CA ASN H 107 26.54 34.94 -32.20
C ASN H 107 26.66 34.75 -30.65
N LEU H 108 27.72 34.01 -30.22
CA LEU H 108 27.98 33.69 -28.82
C LEU H 108 29.22 34.41 -28.30
N VAL H 109 30.09 34.89 -29.22
CA VAL H 109 31.35 35.59 -28.92
C VAL H 109 31.32 36.38 -27.57
N GLN H 110 30.65 37.55 -27.48
CA GLN H 110 30.69 38.38 -26.26
C GLN H 110 30.02 37.79 -25.00
N ARG H 111 28.93 37.04 -25.15
CA ARG H 111 28.25 36.40 -24.02
C ARG H 111 29.22 35.44 -23.30
N ASN H 112 30.06 34.71 -24.07
CA ASN H 112 31.02 33.75 -23.54
C ASN H 112 32.41 34.34 -23.31
N VAL H 113 32.75 35.48 -23.98
CA VAL H 113 34.01 36.21 -23.74
C VAL H 113 33.96 36.77 -22.30
N ASN H 114 32.80 37.30 -21.87
CA ASN H 114 32.56 37.85 -20.54
C ASN H 114 32.65 36.81 -19.44
N ILE H 115 32.25 35.56 -19.76
CA ILE H 115 32.30 34.40 -18.86
C ILE H 115 33.78 33.98 -18.67
N PHE H 116 34.56 33.98 -19.77
CA PHE H 116 35.98 33.64 -19.80
C PHE H 116 36.83 34.64 -19.03
N LYS H 117 36.39 35.93 -19.03
CA LYS H 117 37.08 37.02 -18.32
C LYS H 117 37.13 36.75 -16.83
N PHE H 118 36.17 35.95 -16.31
CA PHE H 118 36.11 35.53 -14.91
C PHE H 118 36.77 34.14 -14.66
N ILE H 119 36.52 33.16 -15.55
CA ILE H 119 36.99 31.78 -15.43
C ILE H 119 38.51 31.62 -15.57
N ILE H 120 39.07 32.08 -16.71
CA ILE H 120 40.49 31.93 -17.03
C ILE H 120 41.41 32.44 -15.90
N PRO H 121 41.27 33.67 -15.32
CA PRO H 121 42.17 34.07 -14.21
C PRO H 121 42.10 33.15 -12.98
N ASN H 122 40.91 32.60 -12.68
CA ASN H 122 40.71 31.70 -11.56
C ASN H 122 41.39 30.36 -11.76
N VAL H 123 41.33 29.83 -13.00
CA VAL H 123 41.96 28.55 -13.32
C VAL H 123 43.49 28.69 -13.25
N VAL H 124 44.05 29.78 -13.84
CA VAL H 124 45.49 30.05 -13.91
C VAL H 124 46.09 30.26 -12.51
N LYS H 125 45.30 30.83 -11.58
CA LYS H 125 45.69 31.07 -10.19
C LYS H 125 45.98 29.73 -9.47
N TYR H 126 45.10 28.74 -9.64
CA TYR H 126 45.23 27.47 -8.93
C TYR H 126 45.99 26.38 -9.71
N SER H 127 46.06 26.48 -11.04
CA SER H 127 46.83 25.52 -11.86
C SER H 127 47.68 26.30 -12.89
N PRO H 128 48.76 27.00 -12.43
CA PRO H 128 49.58 27.80 -13.37
C PRO H 128 50.32 27.01 -14.45
N ASN H 129 50.53 25.70 -14.24
CA ASN H 129 51.24 24.85 -15.21
C ASN H 129 50.32 23.94 -16.02
N CYS H 130 49.00 24.21 -15.99
CA CYS H 130 48.01 23.40 -16.69
C CYS H 130 47.94 23.63 -18.18
N LYS H 131 47.43 22.64 -18.88
CA LYS H 131 47.12 22.81 -20.29
C LYS H 131 45.62 23.18 -20.28
N LEU H 132 45.26 24.14 -21.13
CA LEU H 132 43.87 24.56 -21.25
C LEU H 132 43.26 23.95 -22.49
N LEU H 133 42.14 23.26 -22.31
CA LEU H 133 41.39 22.67 -23.41
C LEU H 133 40.01 23.34 -23.49
N ILE H 134 39.83 24.20 -24.50
CA ILE H 134 38.64 25.02 -24.72
C ILE H 134 37.64 24.27 -25.59
N VAL H 135 36.38 24.18 -25.13
CA VAL H 135 35.28 23.52 -25.84
C VAL H 135 34.16 24.52 -26.17
N SER H 136 33.90 25.49 -25.25
CA SER H 136 32.87 26.53 -25.37
C SER H 136 32.92 27.23 -26.73
N ASN H 137 31.75 27.52 -27.33
CA ASN H 137 31.68 28.13 -28.66
C ASN H 137 31.61 29.66 -28.68
N PRO H 138 32.19 30.35 -29.73
CA PRO H 138 32.95 29.82 -30.87
C PRO H 138 34.36 29.43 -30.41
N VAL H 139 34.63 28.11 -30.44
CA VAL H 139 35.83 27.46 -29.92
C VAL H 139 37.13 28.13 -30.42
N ASP H 140 37.26 28.46 -31.71
CA ASP H 140 38.46 29.11 -32.25
C ASP H 140 38.74 30.46 -31.61
N ILE H 141 37.72 31.34 -31.55
CA ILE H 141 37.82 32.67 -30.95
C ILE H 141 38.08 32.56 -29.44
N LEU H 142 37.34 31.67 -28.74
CA LEU H 142 37.49 31.49 -27.30
C LEU H 142 38.82 30.87 -26.89
N THR H 143 39.51 30.14 -27.80
CA THR H 143 40.85 29.60 -27.53
C THR H 143 41.82 30.79 -27.55
N TYR H 144 41.64 31.71 -28.52
CA TYR H 144 42.42 32.94 -28.61
C TYR H 144 42.24 33.77 -27.33
N VAL H 145 40.98 33.92 -26.89
CA VAL H 145 40.58 34.65 -25.69
C VAL H 145 41.25 34.03 -24.46
N ALA H 146 41.14 32.69 -24.31
CA ALA H 146 41.77 31.90 -23.25
C ALA H 146 43.31 32.10 -23.20
N TRP H 147 43.94 32.17 -24.37
CA TRP H 147 45.38 32.40 -24.52
C TRP H 147 45.76 33.82 -24.08
N LYS H 148 44.97 34.83 -24.50
CA LYS H 148 45.21 36.23 -24.17
C LYS H 148 45.07 36.54 -22.68
N ILE H 149 43.99 36.06 -22.04
CA ILE H 149 43.72 36.27 -20.62
C ILE H 149 44.73 35.52 -19.73
N SER H 150 45.04 34.25 -20.06
CA SER H 150 45.97 33.42 -19.26
C SER H 150 47.43 33.92 -19.27
N GLY H 151 47.90 34.35 -20.44
CA GLY H 151 49.29 34.74 -20.65
C GLY H 151 50.18 33.53 -20.85
N PHE H 152 49.56 32.34 -20.96
CA PHE H 152 50.22 31.06 -21.15
C PHE H 152 50.89 31.00 -22.51
N PRO H 153 51.98 30.20 -22.67
CA PRO H 153 52.56 30.06 -24.02
C PRO H 153 51.54 29.31 -24.88
N LYS H 154 51.48 29.65 -26.18
CA LYS H 154 50.52 29.11 -27.14
C LYS H 154 50.40 27.56 -27.16
N ASN H 155 51.46 26.84 -26.75
CA ASN H 155 51.46 25.38 -26.72
C ASN H 155 50.51 24.79 -25.67
N ARG H 156 50.30 25.51 -24.52
CA ARG H 156 49.43 25.08 -23.43
C ARG H 156 47.96 25.57 -23.55
N VAL H 157 47.58 26.12 -24.72
CA VAL H 157 46.22 26.60 -24.98
C VAL H 157 45.70 25.90 -26.24
N ILE H 158 44.77 24.95 -26.04
CA ILE H 158 44.24 24.09 -27.11
C ILE H 158 42.73 24.21 -27.19
N GLY H 159 42.21 24.34 -28.40
CA GLY H 159 40.78 24.34 -28.65
C GLY H 159 40.41 23.01 -29.25
N SER H 160 39.25 22.45 -28.83
CA SER H 160 38.77 21.17 -29.35
C SER H 160 38.69 21.17 -30.91
N GLY H 161 38.43 22.34 -31.46
CA GLY H 161 38.39 22.64 -32.89
C GLY H 161 37.69 21.65 -33.79
N CYS H 162 38.41 21.24 -34.87
CA CYS H 162 37.91 20.38 -35.94
C CYS H 162 38.12 18.91 -35.71
N ASN H 163 38.47 18.51 -34.49
CA ASN H 163 38.66 17.11 -34.15
C ASN H 163 37.31 16.37 -34.32
N LEU H 164 36.21 17.02 -33.90
CA LEU H 164 34.85 16.52 -34.03
C LEU H 164 34.38 16.55 -35.49
N ASP H 165 34.70 17.65 -36.22
CA ASP H 165 34.35 17.82 -37.64
C ASP H 165 34.98 16.71 -38.47
N SER H 166 36.28 16.44 -38.22
CA SER H 166 37.02 15.37 -38.88
C SER H 166 36.44 14.00 -38.51
N ALA H 167 36.09 13.80 -37.23
CA ALA H 167 35.47 12.55 -36.74
C ALA H 167 34.14 12.26 -37.45
N ARG H 168 33.30 13.30 -37.63
CA ARG H 168 32.00 13.21 -38.30
C ARG H 168 32.19 12.93 -39.79
N PHE H 169 33.20 13.57 -40.41
CA PHE H 169 33.54 13.40 -41.82
C PHE H 169 33.94 11.95 -42.12
N ARG H 170 34.78 11.37 -41.23
CA ARG H 170 35.25 9.99 -41.31
C ARG H 170 34.12 8.98 -41.08
N TYR H 171 33.15 9.35 -40.22
CA TYR H 171 31.97 8.53 -39.95
C TYR H 171 31.15 8.40 -41.22
N LEU H 172 30.95 9.54 -41.92
CA LEU H 172 30.16 9.62 -43.15
C LEU H 172 30.85 8.92 -44.30
N MET H 173 32.18 9.11 -44.40
CA MET H 173 33.05 8.48 -45.39
C MET H 173 32.97 6.96 -45.24
N GLY H 174 33.06 6.50 -43.99
CA GLY H 174 32.97 5.09 -43.63
C GLY H 174 31.65 4.46 -43.98
N GLU H 175 30.57 5.22 -43.78
CA GLU H 175 29.21 4.80 -44.06
C GLU H 175 29.03 4.62 -45.59
N ARG H 176 29.62 5.55 -46.37
CA ARG H 176 29.56 5.52 -47.83
C ARG H 176 30.32 4.34 -48.42
N LEU H 177 31.51 4.02 -47.84
CA LEU H 177 32.42 2.98 -48.32
C LEU H 177 32.28 1.58 -47.66
N GLY H 178 31.55 1.47 -46.56
CA GLY H 178 31.40 0.22 -45.83
C GLY H 178 32.66 -0.19 -45.10
N VAL H 179 33.41 0.80 -44.60
CA VAL H 179 34.69 0.62 -43.89
C VAL H 179 34.58 1.35 -42.53
N HIS H 180 35.21 0.81 -41.48
CA HIS H 180 35.22 1.46 -40.17
C HIS H 180 35.86 2.85 -40.27
N PRO H 181 35.27 3.90 -39.61
CA PRO H 181 35.89 5.24 -39.63
C PRO H 181 37.39 5.27 -39.30
N LEU H 182 37.86 4.31 -38.47
CA LEU H 182 39.29 4.20 -38.09
C LEU H 182 40.20 4.00 -39.29
N SER H 183 39.68 3.30 -40.31
CA SER H 183 40.41 2.99 -41.54
C SER H 183 40.12 3.98 -42.69
N CYS H 184 39.21 4.95 -42.47
CA CYS H 184 38.86 6.01 -43.44
C CYS H 184 39.57 7.24 -43.03
N HIS H 185 40.47 7.76 -43.86
CA HIS H 185 41.24 8.94 -43.50
C HIS H 185 40.85 10.17 -44.30
N GLY H 186 40.65 11.28 -43.58
CA GLY H 186 40.20 12.55 -44.15
C GLY H 186 40.27 13.65 -43.11
N TRP H 187 40.60 14.88 -43.56
CA TRP H 187 40.82 16.01 -42.68
C TRP H 187 39.96 17.23 -42.99
N VAL H 188 39.29 17.76 -41.97
CA VAL H 188 38.48 18.97 -42.04
C VAL H 188 39.24 19.96 -41.19
N LEU H 189 39.71 21.06 -41.80
CA LEU H 189 40.51 22.06 -41.10
C LEU H 189 39.85 23.44 -41.04
N GLY H 190 40.50 24.38 -40.35
CA GLY H 190 40.03 25.75 -40.20
C GLY H 190 39.05 26.01 -39.07
N GLU H 191 37.98 26.75 -39.38
CA GLU H 191 36.96 27.11 -38.42
C GLU H 191 36.10 25.93 -38.04
N HIS H 192 35.86 25.74 -36.72
CA HIS H 192 34.91 24.75 -36.24
C HIS H 192 33.55 25.44 -36.47
N GLY H 193 33.00 25.26 -37.66
CA GLY H 193 31.78 25.93 -38.04
C GLY H 193 31.60 25.95 -39.53
N ASP H 194 30.82 26.93 -39.99
CA ASP H 194 30.41 27.12 -41.39
C ASP H 194 31.56 27.24 -42.42
N SER H 195 32.70 27.83 -42.04
CA SER H 195 33.80 28.02 -43.00
C SER H 195 34.91 26.93 -42.93
N SER H 196 34.60 25.72 -42.38
CA SER H 196 35.57 24.62 -42.31
C SER H 196 35.99 24.15 -43.72
N VAL H 197 37.24 23.67 -43.84
CA VAL H 197 37.82 23.26 -45.11
C VAL H 197 38.07 21.74 -45.23
N PRO H 198 37.35 21.06 -46.16
CA PRO H 198 37.62 19.64 -46.40
C PRO H 198 38.86 19.48 -47.31
N VAL H 199 39.90 18.80 -46.81
CA VAL H 199 41.10 18.59 -47.61
C VAL H 199 40.90 17.32 -48.46
N TRP H 200 40.29 17.47 -49.66
CA TRP H 200 39.98 16.37 -50.58
C TRP H 200 41.20 15.56 -51.01
N SER H 201 42.37 16.24 -51.14
CA SER H 201 43.63 15.64 -51.55
C SER H 201 44.16 14.56 -50.59
N GLY H 202 43.92 14.76 -49.29
CA GLY H 202 44.37 13.87 -48.22
C GLY H 202 43.46 12.69 -47.92
N MET H 203 42.27 12.64 -48.54
CA MET H 203 41.30 11.58 -48.37
C MET H 203 41.79 10.28 -48.95
N ASN H 204 41.85 9.25 -48.09
CA ASN H 204 42.35 7.93 -48.46
C ASN H 204 41.86 6.81 -47.58
N VAL H 205 41.94 5.60 -48.13
CA VAL H 205 41.72 4.32 -47.47
C VAL H 205 42.96 3.51 -47.87
N ALA H 206 43.69 3.00 -46.86
CA ALA H 206 44.92 2.21 -47.03
C ALA H 206 45.99 2.90 -47.88
N GLY H 207 46.06 4.23 -47.76
CA GLY H 207 47.01 5.08 -48.50
C GLY H 207 46.66 5.31 -49.96
N VAL H 208 45.50 4.83 -50.40
CA VAL H 208 45.01 4.98 -51.77
C VAL H 208 44.21 6.27 -51.85
N SER H 209 44.74 7.27 -52.57
CA SER H 209 44.12 8.58 -52.76
C SER H 209 42.80 8.47 -53.51
N LEU H 210 41.75 8.99 -52.89
CA LEU H 210 40.39 9.01 -53.42
C LEU H 210 40.26 10.00 -54.58
N LYS H 211 41.00 11.13 -54.49
CA LYS H 211 41.06 12.19 -55.50
C LYS H 211 41.75 11.67 -56.79
N THR H 212 42.77 10.81 -56.64
CA THR H 212 43.48 10.21 -57.77
C THR H 212 42.55 9.26 -58.51
N LEU H 213 41.82 8.40 -57.76
CA LEU H 213 40.86 7.44 -58.29
C LEU H 213 39.65 8.12 -58.94
N HIS H 214 39.17 9.19 -58.30
CA HIS H 214 37.99 9.93 -58.71
C HIS H 214 38.37 11.41 -58.76
N PRO H 215 38.86 11.91 -59.93
CA PRO H 215 39.31 13.32 -60.00
C PRO H 215 38.22 14.37 -59.76
N ASP H 216 36.95 13.96 -59.85
CA ASP H 216 35.77 14.80 -59.63
C ASP H 216 35.48 15.03 -58.12
N LEU H 217 36.23 14.35 -57.21
CA LEU H 217 36.08 14.42 -55.76
C LEU H 217 36.08 15.85 -55.19
N GLY H 218 35.01 16.20 -54.50
CA GLY H 218 34.89 17.53 -53.89
C GLY H 218 34.66 18.69 -54.84
N THR H 219 34.38 18.40 -56.12
CA THR H 219 34.03 19.39 -57.15
C THR H 219 32.52 19.34 -57.35
N ASP H 220 31.98 20.38 -58.00
CA ASP H 220 30.55 20.52 -58.24
C ASP H 220 30.09 19.59 -59.39
N LYS H 221 31.04 19.20 -60.28
CA LYS H 221 30.83 18.29 -61.42
C LYS H 221 30.52 16.84 -61.01
N ASP H 222 31.02 16.40 -59.82
CA ASP H 222 30.90 15.08 -59.20
C ASP H 222 29.52 14.44 -59.25
N LYS H 223 29.42 13.27 -59.89
CA LYS H 223 28.18 12.50 -59.98
C LYS H 223 27.80 11.88 -58.63
N GLU H 224 28.81 11.54 -57.82
CA GLU H 224 28.63 10.94 -56.49
C GLU H 224 28.39 11.99 -55.40
N GLN H 225 28.63 13.28 -55.74
CA GLN H 225 28.42 14.47 -54.88
C GLN H 225 29.06 14.34 -53.51
N TRP H 226 30.40 14.18 -53.50
CA TRP H 226 31.17 14.03 -52.26
C TRP H 226 31.23 15.32 -51.47
N LYS H 227 30.95 16.46 -52.13
CA LYS H 227 30.91 17.78 -51.50
C LYS H 227 29.77 17.81 -50.45
N GLU H 228 28.71 16.97 -50.65
CA GLU H 228 27.57 16.81 -49.73
C GLU H 228 28.00 16.24 -48.38
N VAL H 229 29.09 15.42 -48.37
CA VAL H 229 29.67 14.82 -47.16
C VAL H 229 30.17 15.95 -46.26
N HIS H 230 30.86 16.96 -46.85
CA HIS H 230 31.33 18.12 -46.09
C HIS H 230 30.18 19.04 -45.66
N LYS H 231 29.18 19.22 -46.53
CA LYS H 231 27.98 20.00 -46.23
C LYS H 231 27.31 19.38 -45.00
N GLN H 232 27.17 18.03 -44.99
CA GLN H 232 26.60 17.28 -43.86
C GLN H 232 27.38 17.52 -42.58
N VAL H 233 28.72 17.65 -42.68
CA VAL H 233 29.59 17.95 -41.54
C VAL H 233 29.29 19.34 -40.95
N VAL H 234 29.17 20.37 -41.83
CA VAL H 234 28.85 21.74 -41.46
C VAL H 234 27.51 21.82 -40.74
N GLU H 235 26.51 21.18 -41.32
CA GLU H 235 25.13 21.16 -40.86
C GLU H 235 24.83 20.20 -39.70
N SER H 236 25.77 19.29 -39.37
CA SER H 236 25.58 18.23 -38.35
C SER H 236 25.09 18.72 -37.00
N ALA H 237 25.75 19.77 -36.46
CA ALA H 237 25.38 20.37 -35.18
C ALA H 237 23.97 20.92 -35.20
N TYR H 238 23.64 21.73 -36.23
CA TYR H 238 22.30 22.31 -36.38
C TYR H 238 21.22 21.23 -36.48
N GLU H 239 21.53 20.12 -37.17
CA GLU H 239 20.60 19.01 -37.32
C GLU H 239 20.31 18.36 -35.97
N VAL H 240 21.35 18.07 -35.18
CA VAL H 240 21.26 17.45 -33.86
C VAL H 240 20.59 18.40 -32.88
N ILE H 241 20.95 19.71 -32.92
CA ILE H 241 20.34 20.76 -32.08
C ILE H 241 18.86 20.80 -32.34
N LYS H 242 18.45 20.83 -33.63
CA LYS H 242 17.05 20.82 -34.02
C LYS H 242 16.30 19.63 -33.41
N LEU H 243 16.92 18.42 -33.48
CA LEU H 243 16.33 17.16 -33.05
C LEU H 243 16.28 16.92 -31.52
N LYS H 244 17.40 17.15 -30.79
CA LYS H 244 17.45 16.88 -29.34
C LYS H 244 17.75 18.12 -28.46
N GLY H 245 17.92 19.28 -29.09
CA GLY H 245 18.13 20.55 -28.39
C GLY H 245 19.56 20.99 -28.15
N TYR H 246 20.52 20.05 -28.27
CA TYR H 246 21.97 20.27 -28.04
C TYR H 246 22.72 19.04 -28.56
N THR H 247 24.04 19.11 -28.56
CA THR H 247 24.94 18.01 -28.90
C THR H 247 25.75 17.77 -27.64
N SER H 248 25.98 16.51 -27.31
CA SER H 248 26.71 16.21 -26.08
C SER H 248 27.70 15.07 -26.22
N TRP H 249 27.25 13.85 -26.63
CA TRP H 249 28.02 12.60 -26.69
C TRP H 249 29.27 12.61 -27.56
N ALA H 250 29.15 13.01 -28.84
CA ALA H 250 30.26 13.05 -29.81
C ALA H 250 31.36 14.01 -29.38
N ILE H 251 30.99 15.18 -28.82
CA ILE H 251 31.98 16.14 -28.34
C ILE H 251 32.71 15.63 -27.09
N GLY H 252 31.97 14.95 -26.20
CA GLY H 252 32.55 14.36 -24.99
C GLY H 252 33.59 13.31 -25.33
N LEU H 253 33.30 12.49 -26.36
CA LEU H 253 34.19 11.45 -26.87
C LEU H 253 35.41 12.06 -27.56
N SER H 254 35.19 13.14 -28.30
CA SER H 254 36.26 13.88 -29.00
C SER H 254 37.21 14.53 -28.00
N VAL H 255 36.66 15.10 -26.92
CA VAL H 255 37.45 15.74 -25.84
C VAL H 255 38.28 14.69 -25.10
N ALA H 256 37.66 13.53 -24.77
CA ALA H 256 38.34 12.44 -24.08
C ALA H 256 39.52 11.94 -24.91
N ASP H 257 39.37 11.93 -26.26
CA ASP H 257 40.41 11.52 -27.22
C ASP H 257 41.60 12.47 -27.16
N LEU H 258 41.33 13.80 -27.16
CA LEU H 258 42.35 14.85 -27.03
C LEU H 258 43.06 14.76 -25.67
N ALA H 259 42.27 14.54 -24.59
CA ALA H 259 42.75 14.40 -23.22
C ALA H 259 43.67 13.19 -23.11
N GLU H 260 43.35 12.08 -23.81
CA GLU H 260 44.17 10.87 -23.81
C GLU H 260 45.58 11.16 -24.34
N SER H 261 45.66 11.89 -25.48
CA SER H 261 46.93 12.29 -26.09
C SER H 261 47.77 13.19 -25.20
N ILE H 262 47.10 14.10 -24.49
CA ILE H 262 47.76 15.04 -23.57
C ILE H 262 48.25 14.32 -22.31
N MET H 263 47.34 13.61 -21.59
CA MET H 263 47.64 12.91 -20.34
C MET H 263 48.66 11.79 -20.48
N LYS H 264 48.66 11.09 -21.63
CA LYS H 264 49.55 9.95 -21.89
C LYS H 264 50.74 10.31 -22.76
N ASN H 265 50.88 11.62 -23.15
CA ASN H 265 51.97 12.15 -23.98
C ASN H 265 52.16 11.31 -25.28
N LEU H 266 51.06 11.00 -25.93
CA LEU H 266 51.05 10.12 -27.10
C LEU H 266 51.73 10.68 -28.34
N ARG H 267 51.68 12.00 -28.55
CA ARG H 267 52.25 12.65 -29.74
C ARG H 267 51.54 12.17 -31.00
N ARG H 268 50.19 12.02 -30.88
CA ARG H 268 49.30 11.72 -31.97
C ARG H 268 48.96 13.09 -32.61
N VAL H 269 48.55 13.03 -33.87
CA VAL H 269 48.22 14.19 -34.68
C VAL H 269 46.71 14.35 -34.69
N HIS H 270 46.24 15.53 -34.25
CA HIS H 270 44.82 15.86 -34.16
C HIS H 270 44.54 17.20 -34.80
N PRO H 271 43.37 17.40 -35.47
CA PRO H 271 43.04 18.73 -35.97
C PRO H 271 42.44 19.55 -34.81
N VAL H 272 43.23 20.43 -34.20
CA VAL H 272 42.80 21.24 -33.04
C VAL H 272 43.06 22.73 -33.26
N SER H 273 42.32 23.63 -32.57
CA SER H 273 42.50 25.08 -32.69
C SER H 273 43.81 25.50 -32.03
N THR H 274 44.66 26.13 -32.82
CA THR H 274 45.96 26.62 -32.40
C THR H 274 46.30 27.88 -33.17
N MET H 275 47.36 28.58 -32.72
CA MET H 275 47.90 29.71 -33.46
C MET H 275 48.74 29.13 -34.58
N ILE H 276 48.43 29.55 -35.80
CA ILE H 276 49.07 29.04 -37.01
C ILE H 276 50.13 30.02 -37.58
N LYS H 277 50.49 31.04 -36.75
CA LYS H 277 51.52 32.07 -37.01
C LYS H 277 52.81 31.39 -37.53
N GLY H 278 53.06 31.54 -38.82
CA GLY H 278 54.20 30.95 -39.52
C GLY H 278 53.77 30.29 -40.82
N LEU H 279 52.75 29.42 -40.72
CA LEU H 279 52.18 28.68 -41.85
C LEU H 279 51.25 29.52 -42.74
N TYR H 280 51.31 29.24 -44.07
CA TYR H 280 50.48 29.82 -45.15
C TYR H 280 50.54 31.35 -45.28
N GLY H 281 51.64 31.94 -44.77
CA GLY H 281 51.90 33.38 -44.79
C GLY H 281 51.18 34.20 -43.73
N ILE H 282 50.59 33.53 -42.71
CA ILE H 282 49.87 34.24 -41.65
C ILE H 282 50.85 34.61 -40.52
N LYS H 283 50.79 35.86 -40.08
CA LYS H 283 51.64 36.41 -39.02
C LYS H 283 50.81 37.00 -37.88
N ASP H 284 49.47 36.85 -37.99
CA ASP H 284 48.51 37.29 -36.98
C ASP H 284 48.38 36.17 -35.93
N ASP H 285 47.97 36.50 -34.70
CA ASP H 285 47.81 35.52 -33.63
C ASP H 285 46.44 34.78 -33.75
N VAL H 286 46.07 34.36 -34.99
CA VAL H 286 44.83 33.67 -35.37
C VAL H 286 44.79 32.23 -34.84
N PHE H 287 43.64 31.83 -34.28
CA PHE H 287 43.45 30.46 -33.84
C PHE H 287 42.45 29.74 -34.71
N LEU H 288 42.86 28.62 -35.31
CA LEU H 288 42.00 27.73 -36.08
C LEU H 288 42.63 26.36 -36.17
N SER H 289 41.85 25.37 -36.64
CA SER H 289 42.29 23.98 -36.72
C SER H 289 43.20 23.65 -37.88
N VAL H 290 44.34 23.08 -37.50
CA VAL H 290 45.40 22.56 -38.37
C VAL H 290 45.87 21.26 -37.67
N PRO H 291 46.44 20.23 -38.35
CA PRO H 291 46.86 19.03 -37.62
C PRO H 291 48.06 19.31 -36.71
N CYS H 292 47.91 19.02 -35.41
CA CYS H 292 48.93 19.28 -34.39
C CYS H 292 49.36 18.01 -33.69
N ILE H 293 50.63 18.00 -33.23
CA ILE H 293 51.20 16.92 -32.43
C ILE H 293 50.91 17.28 -30.97
N LEU H 294 50.06 16.46 -30.32
CA LEU H 294 49.54 16.62 -28.95
C LEU H 294 50.19 15.70 -27.96
N GLY H 295 50.69 16.27 -26.87
CA GLY H 295 51.35 15.51 -25.81
C GLY H 295 51.29 16.21 -24.48
N GLN H 296 52.20 15.81 -23.55
CA GLN H 296 52.26 16.35 -22.18
C GLN H 296 52.48 17.86 -22.10
N ASN H 297 52.93 18.51 -23.21
CA ASN H 297 53.15 19.96 -23.23
C ASN H 297 52.18 20.64 -24.18
N GLY H 298 51.10 19.95 -24.54
CA GLY H 298 50.09 20.43 -25.47
C GLY H 298 50.55 20.34 -26.90
N ILE H 299 50.40 21.41 -27.64
CA ILE H 299 50.80 21.46 -29.04
C ILE H 299 52.30 21.76 -29.14
N SER H 300 53.10 20.76 -29.54
CA SER H 300 54.55 20.91 -29.65
C SER H 300 54.96 21.25 -31.08
N ASP H 301 54.18 20.76 -32.04
CA ASP H 301 54.46 20.88 -33.47
C ASP H 301 53.15 20.98 -34.25
N LEU H 302 53.28 21.45 -35.50
CA LEU H 302 52.20 21.69 -36.47
C LEU H 302 52.54 20.99 -37.76
N VAL H 303 51.58 20.26 -38.35
CA VAL H 303 51.81 19.57 -39.62
C VAL H 303 51.51 20.57 -40.73
N LYS H 304 52.49 20.75 -41.65
CA LYS H 304 52.39 21.65 -42.80
C LYS H 304 51.68 20.92 -43.95
N VAL H 305 50.35 21.11 -44.02
CA VAL H 305 49.55 20.45 -45.04
C VAL H 305 49.70 21.16 -46.39
N THR H 306 49.96 20.39 -47.43
CA THR H 306 50.06 20.90 -48.79
C THR H 306 48.64 21.02 -49.30
N LEU H 307 48.22 22.26 -49.59
CA LEU H 307 46.87 22.56 -50.05
C LEU H 307 46.84 23.00 -51.49
N THR H 308 45.72 22.76 -52.19
CA THR H 308 45.53 23.25 -53.56
C THR H 308 45.23 24.74 -53.44
N SER H 309 45.35 25.50 -54.56
CA SER H 309 45.06 26.93 -54.59
C SER H 309 43.66 27.23 -54.06
N GLU H 310 42.67 26.37 -54.43
CA GLU H 310 41.29 26.46 -53.97
C GLU H 310 41.20 26.22 -52.44
N GLU H 311 41.84 25.14 -51.93
CA GLU H 311 41.88 24.78 -50.51
C GLU H 311 42.51 25.87 -49.66
N GLU H 312 43.65 26.44 -50.12
CA GLU H 312 44.35 27.51 -49.43
C GLU H 312 43.48 28.78 -49.35
N ALA H 313 42.74 29.09 -50.46
CA ALA H 313 41.83 30.24 -50.55
C ALA H 313 40.67 30.08 -49.56
N ARG H 314 40.13 28.84 -49.43
CA ARG H 314 39.05 28.45 -48.51
C ARG H 314 39.48 28.63 -47.05
N LEU H 315 40.73 28.25 -46.72
CA LEU H 315 41.27 28.39 -45.38
C LEU H 315 41.68 29.85 -45.12
N LYS H 316 42.02 30.60 -46.21
CA LYS H 316 42.38 32.02 -46.10
C LYS H 316 41.12 32.76 -45.63
N LYS H 317 39.98 32.46 -46.30
CA LYS H 317 38.64 33.00 -46.03
C LYS H 317 38.29 32.75 -44.57
N SER H 318 38.50 31.50 -44.10
CA SER H 318 38.25 31.03 -42.74
C SER H 318 39.07 31.84 -41.73
N ALA H 319 40.40 31.95 -41.97
CA ALA H 319 41.34 32.70 -41.14
C ALA H 319 40.97 34.18 -41.09
N ASP H 320 40.56 34.75 -42.23
CA ASP H 320 40.15 36.15 -42.34
C ASP H 320 38.88 36.42 -41.53
N THR H 321 37.81 35.60 -41.74
CA THR H 321 36.53 35.68 -40.98
C THR H 321 36.84 35.61 -39.46
N LEU H 322 37.66 34.63 -39.04
CA LEU H 322 38.04 34.41 -37.64
C LEU H 322 38.92 35.50 -37.03
N TRP H 323 39.85 36.08 -37.80
CA TRP H 323 40.71 37.12 -37.27
C TRP H 323 39.96 38.41 -37.08
N GLY H 324 39.02 38.70 -37.98
CA GLY H 324 38.15 39.86 -37.91
C GLY H 324 37.54 40.00 -36.52
N ILE H 325 37.14 38.86 -35.92
CA ILE H 325 36.56 38.88 -34.59
C ILE H 325 37.65 38.89 -33.52
N GLN H 326 38.62 37.96 -33.60
CA GLN H 326 39.76 37.84 -32.67
C GLN H 326 40.54 39.15 -32.50
N LYS H 327 40.82 39.86 -33.61
CA LYS H 327 41.47 41.18 -33.66
C LYS H 327 40.88 42.14 -32.62
N GLU H 328 39.53 42.25 -32.59
CA GLU H 328 38.74 43.09 -31.69
C GLU H 328 38.85 42.72 -30.21
N LEU H 329 39.13 41.45 -29.91
CA LEU H 329 39.23 40.99 -28.53
C LEU H 329 40.66 41.08 -28.00
N GLN H 330 41.21 42.31 -28.01
CA GLN H 330 42.54 42.66 -27.53
C GLN H 330 42.43 43.49 -26.23
N PHE H 331 41.31 43.30 -25.49
CA PHE H 331 41.00 44.00 -24.24
C PHE H 331 40.48 43.04 -23.13
PA NAD I . -16.40 -12.89 33.48
O1A NAD I . -15.17 -13.64 33.92
O2A NAD I . -16.81 -13.40 32.11
O5B NAD I . -16.08 -11.35 33.41
C5B NAD I . -15.40 -10.66 34.39
C4B NAD I . -14.70 -9.51 33.89
O4B NAD I . -14.23 -8.72 34.93
C3B NAD I . -13.53 -9.95 33.09
O3B NAD I . -13.66 -9.44 31.80
C2B NAD I . -12.42 -9.48 33.83
O2B NAD I . -11.29 -9.12 33.13
C1B NAD I . -13.00 -8.27 34.49
N9A NAD I . -12.19 -7.76 35.58
C8A NAD I . -11.55 -8.48 36.53
N7A NAD I . -10.89 -7.65 37.34
C5A NAD I . -11.12 -6.37 36.94
C6A NAD I . -10.74 -5.09 37.38
N6A NAD I . -9.87 -4.94 38.54
N1A NAD I . -11.16 -3.99 36.70
C2A NAD I . -11.96 -4.13 35.59
N3A NAD I . -12.35 -5.33 35.14
C4A NAD I . -11.95 -6.45 35.78
O3 NAD I . -17.51 -13.14 34.64
PN NAD I . -19.06 -12.73 34.45
O1N NAD I . -19.18 -11.48 33.54
O2N NAD I . -19.84 -13.88 33.88
O5D NAD I . -19.62 -12.35 35.87
C5D NAD I . -19.08 -11.31 36.60
C4D NAD I . -19.60 -11.09 37.92
O4D NAD I . -21.05 -10.92 37.89
C3D NAD I . -19.35 -12.21 38.84
O3D NAD I . -18.95 -11.72 40.08
C2D NAD I . -20.63 -12.95 38.88
O2D NAD I . -20.78 -13.77 39.96
C1D NAD I . -21.61 -11.82 38.81
N1N NAD I . -22.99 -12.20 38.51
C2N NAD I . -23.95 -11.59 39.25
C3N NAD I . -25.32 -11.83 39.03
C7N NAD I . -26.35 -11.20 39.89
O7N NAD I . -27.54 -11.50 39.79
N7N NAD I . -25.98 -10.22 40.85
C4N NAD I . -25.68 -12.71 37.98
C5N NAD I . -24.68 -13.29 37.19
C6N NAD I . -23.33 -13.04 37.48
S SO4 J . -44.40 -5.14 39.83
O1 SO4 J . -45.05 -5.20 38.52
O2 SO4 J . -44.69 -3.88 40.51
O3 SO4 J . -44.86 -6.24 40.69
O4 SO4 J . -42.94 -5.23 39.65
C LAC K . -27.39 -15.58 39.28
CA LAC K . -25.98 -15.75 39.89
CB LAC K . -24.88 -16.19 38.93
O LAC K . -28.34 -15.44 40.09
OHN LAC K . -25.56 -14.58 40.60
OXT LAC K . -27.61 -15.65 38.05
PA NAD L . -19.98 -20.66 17.80
O1A NAD L . -20.14 -19.75 18.99
O2A NAD L . -18.87 -21.64 18.06
O5B NAD L . -21.39 -21.33 17.65
C5B NAD L . -21.77 -22.27 16.72
C4B NAD L . -22.85 -23.10 17.18
O4B NAD L . -23.32 -23.91 16.14
C3B NAD L . -22.38 -24.00 18.28
O3B NAD L . -23.15 -23.80 19.43
C2B NAD L . -22.50 -25.29 17.73
O2B NAD L . -22.78 -26.30 18.63
C1B NAD L . -23.60 -25.12 16.76
N9A NAD L . -23.71 -26.18 15.79
C8A NAD L . -22.71 -26.80 15.14
N7A NAD L . -23.21 -27.76 14.34
C5A NAD L . -24.56 -27.73 14.45
C6A NAD L . -25.64 -28.44 13.87
N6A NAD L . -25.38 -29.49 12.89
N1A NAD L . -26.91 -28.14 14.25
C2A NAD L . -27.19 -27.17 15.17
N3A NAD L . -26.20 -26.46 15.72
C4A NAD L . -24.88 -26.72 15.39
O3 NAD L . -19.71 -19.76 16.48
PN NAD L . -20.38 -18.32 16.26
O1N NAD L . -21.77 -18.29 16.92
O2N NAD L . -19.51 -17.24 16.82
O5D NAD L . -20.56 -18.10 14.70
C5D NAD L . -21.31 -18.98 13.94
C4D NAD L . -21.32 -18.75 12.51
O4D NAD L . -21.75 -17.40 12.19
C3D NAD L . -19.99 -18.94 11.88
O3D NAD L . -20.12 -19.63 10.67
C2D NAD L . -19.49 -17.55 11.71
O2D NAD L . -18.49 -17.44 10.79
C1D NAD L . -20.76 -16.83 11.36
N1N NAD L . -20.71 -15.37 11.39
C2N NAD L . -21.33 -14.70 10.37
C3N NAD L . -21.37 -13.28 10.32
C7N NAD L . -21.96 -12.55 9.16
O7N NAD L . -22.60 -13.14 8.27
N7N NAD L . -21.76 -11.15 9.06
C4N NAD L . -20.81 -12.58 11.39
C5N NAD L . -20.25 -13.29 12.47
C6N NAD L . -20.20 -14.69 12.45
S SO4 M . -28.03 -0.63 5.40
O1 SO4 M . -28.97 -0.94 4.31
O2 SO4 M . -28.80 0.05 6.44
O3 SO4 M . -27.45 -1.83 5.98
O4 SO4 M . -26.93 0.22 4.89
C LAC N . -18.10 -10.71 10.41
CA LAC N . -17.52 -12.09 10.23
CB LAC N . -17.13 -12.86 11.47
O LAC N . -18.60 -10.35 11.51
OHN LAC N . -18.38 -12.84 9.39
OXT LAC N . -18.05 -9.98 9.39
PA NAD O . -67.04 11.00 18.14
O1A NAD O . -68.41 11.61 17.87
O2A NAD O . -65.96 12.06 18.07
O5B NAD O . -66.79 9.87 17.09
C5B NAD O . -67.75 8.97 16.71
C4B NAD O . -67.54 8.46 15.39
O4B NAD O . -68.36 7.36 15.14
C3B NAD O . -67.88 9.51 14.41
O3B NAD O . -66.77 9.77 13.61
C2B NAD O . -68.99 8.98 13.74
O2B NAD O . -69.17 9.37 12.42
C1B NAD O . -68.75 7.52 13.82
N9A NAD O . -69.90 6.71 13.54
C8A NAD O . -71.17 6.94 13.90
N7A NAD O . -71.96 5.97 13.39
C5A NAD O . -71.19 5.13 12.69
C6A NAD O . -71.42 3.95 11.95
N6A NAD O . -72.76 3.40 11.84
N1A NAD O . -70.36 3.35 11.35
C2A NAD O . -69.11 3.84 11.44
N3A NAD O . -68.85 4.96 12.15
C4A NAD O . -69.86 5.61 12.76
O3 NAD O . -67.13 10.30 19.59
PN NAD O . -65.86 9.75 20.39
O1N NAD O . -64.83 9.17 19.39
O2N NAD O . -65.24 10.83 21.27
O5D NAD O . -66.38 8.57 21.28
C5D NAD O . -67.01 7.47 20.72
C4D NAD O . -67.53 6.47 21.61
O4D NAD O . -66.51 6.00 22.54
C3D NAD O . -68.65 6.98 22.45
O3D NAD O . -69.64 6.02 22.51
C2D NAD O . -68.01 7.26 23.75
O2D NAD O . -68.88 7.32 24.78
C1D NAD O . -67.02 6.13 23.84
N1N NAD O . -65.98 6.27 24.86
C2N NAD O . -65.70 5.15 25.59
C3N NAD O . -64.70 5.13 26.57
C7N NAD O . -64.46 3.91 27.42
O7N NAD O . -65.01 2.81 27.16
N7N NAD O . -63.61 4.00 28.54
C4N NAD O . -63.95 6.31 26.78
C5N NAD O . -64.20 7.43 25.97
C6N NAD O . -65.24 7.40 25.02
C LAC P . -64.60 7.63 29.86
CA LAC P . -66.02 7.65 29.35
CB LAC P . -66.33 8.66 28.25
O LAC P . -63.71 8.34 29.34
OHN LAC P . -66.41 6.33 28.98
OXT LAC P . -64.35 6.89 30.85
PA NAD Q . -55.31 25.48 17.09
O1A NAD Q . -56.06 26.78 16.84
O2A NAD Q . -56.20 24.25 17.23
O5B NAD Q . -54.44 25.62 18.38
C5B NAD Q . -53.83 26.78 18.73
C4B NAD Q . -53.68 26.89 20.16
O4B NAD Q . -52.84 27.96 20.47
C3B NAD Q . -55.00 27.14 20.80
O3B NAD Q . -55.27 26.15 21.75
C2B NAD Q . -54.88 28.44 21.32
O2B NAD Q . -55.63 28.74 22.44
C1B NAD Q . -53.41 28.53 21.59
N9A NAD Q . -52.93 29.85 21.81
C8A NAD Q . -53.29 30.97 21.16
N7A NAD Q . -52.60 32.02 21.69
C5A NAD Q . -51.82 31.56 22.70
C6A NAD Q . -50.92 32.13 23.61
N6A NAD Q . -50.65 33.56 23.60
N1A NAD Q . -50.28 31.37 24.52
C2A NAD Q . -50.51 30.04 24.55
N3A NAD Q . -51.37 29.46 23.70
C4A NAD Q . -52.04 30.19 22.77
O3 NAD Q . -54.35 25.36 15.82
PN NAD Q . -53.44 24.07 15.46
O1N NAD Q . -52.95 23.37 16.77
O2N NAD Q . -54.20 23.12 14.55
O5D NAD Q . -52.17 24.66 14.78
C5D NAD Q . -51.37 25.61 15.41
C4D NAD Q . -50.33 26.23 14.64
O4D NAD Q . -49.48 25.20 14.02
C3D NAD Q . -50.86 27.05 13.52
O3D NAD Q . -50.12 28.21 13.44
C2D NAD Q . -50.69 26.19 12.33
O2D NAD Q . -50.68 26.87 11.17
C1D NAD Q . -49.42 25.46 12.65
N1N NAD Q . -49.15 24.28 11.82
C2N NAD Q . -47.87 24.16 11.38
C3N NAD Q . -47.49 23.03 10.63
C7N NAD Q . -46.08 22.99 10.10
O7N NAD Q . -45.78 22.10 9.28
N7N NAD Q . -45.10 23.96 10.48
C4N NAD Q . -48.45 22.01 10.37
C5N NAD Q . -49.77 22.11 10.87
C6N NAD Q . -50.08 23.28 11.60
S SO4 R . -32.46 9.99 5.56
O1 SO4 R . -32.58 10.31 4.13
O2 SO4 R . -33.68 10.38 6.26
O3 SO4 R . -32.30 8.53 5.74
O4 SO4 R . -31.30 10.71 6.14
S SO4 S . -31.30 3.40 4.21
O1 SO4 S . -32.02 2.62 3.20
O2 SO4 S . -32.17 4.44 4.77
O3 SO4 S . -30.87 2.52 5.28
O4 SO4 S . -30.13 4.05 3.60
S SO4 T . -26.41 34.84 16.19
O1 SO4 T . -27.70 34.22 15.96
O2 SO4 T . -26.53 35.81 17.30
O3 SO4 T . -25.44 33.82 16.56
O4 SO4 T . -26.00 35.52 14.96
C4 D4J U . -54.17 28.60 6.23
C14 D4J U . -50.60 21.92 6.64
C5 D4J U . -55.05 27.51 3.82
C6 D4J U . -55.50 26.98 5.03
C11 D4J U . -52.97 24.48 7.92
C7 D4J U . -55.05 27.52 6.25
C9 D4J U . -54.74 25.99 8.07
C12 D4J U . -51.82 24.01 7.04
C3 D4J U . -53.73 29.15 5.02
F1 D4J U . -53.74 29.14 2.64
C2 D4J U . -54.17 28.60 3.81
O8 D4J U . -55.46 26.98 7.45
N10 D4J U . -53.71 25.45 7.43
N13 D4J U . -51.77 22.53 6.96
C15 D4J U . -49.37 22.69 6.47
S16 D4J U . -47.98 21.96 5.66
C17 D4J U . -47.99 22.49 3.97
C18 D4J U . -47.16 21.87 3.01
C19 D4J U . -47.20 22.28 1.67
C20 D4J U . -48.08 23.29 1.28
C21 D4J U . -48.88 23.93 2.22
C22 D4J U . -48.83 23.54 3.55
CL23 D4J U . -46.09 20.57 3.43
C24 D4J U . -49.32 23.94 7.02
O25 D4J U . -48.24 24.74 6.96
C26 D4J U . -50.54 24.53 7.69
O27 D4J U . -50.55 20.70 6.53
C28 D4J U . -51.99 24.49 5.59
C29 D4J U . -51.40 25.60 5.08
S30 D4J U . -51.80 25.75 3.36
C31 D4J U . -52.76 24.27 3.41
C32 D4J U . -52.72 23.77 4.65
C33 D4J U . -53.20 23.99 9.20
C34 D4J U . -54.28 24.50 9.92
C35 D4J U . -55.06 25.51 9.35
PA NAD V . 64.64 -15.86 -14.64
O1A NAD V . 65.91 -16.59 -14.26
O2A NAD V . 64.00 -16.33 -15.96
O5B NAD V . 64.92 -14.33 -14.78
C5B NAD V . 65.76 -13.64 -13.96
C4B NAD V . 66.35 -12.49 -14.61
O4B NAD V . 67.04 -11.74 -13.64
C3B NAD V . 67.34 -12.91 -15.62
O3B NAD V . 66.97 -12.40 -16.87
C2B NAD V . 68.59 -12.48 -15.10
O2B NAD V . 69.58 -12.13 -16.01
C1B NAD V . 68.18 -11.31 -14.30
N9A NAD V . 69.17 -10.82 -13.38
C8A NAD V . 69.97 -11.55 -12.59
N7A NAD V . 70.77 -10.74 -11.90
C5A NAD V . 70.48 -9.46 -12.23
C6A NAD V . 70.96 -8.17 -11.84
N6A NAD V . 72.04 -8.03 -10.86
N1A NAD V . 70.41 -7.06 -12.39
C2A NAD V . 69.43 -7.17 -13.33
N3A NAD V . 68.95 -8.38 -13.73
C4A NAD V . 69.46 -9.52 -13.19
O3 NAD V . 63.62 -16.07 -13.44
PN NAD V . 62.06 -15.69 -13.44
O1N NAD V . 61.81 -14.44 -14.30
O2N NAD V . 61.18 -16.84 -13.92
O5D NAD V . 61.71 -15.31 -11.95
C5D NAD V . 62.46 -14.35 -11.25
C4D NAD V . 62.24 -14.20 -9.85
O4D NAD V . 60.80 -14.04 -9.58
C3D NAD V . 62.68 -15.38 -9.08
O3D NAD V . 63.33 -14.96 -7.92
C2D NAD V . 61.42 -16.13 -8.80
O2D NAD V . 61.49 -16.99 -7.77
C1D NAD V . 60.44 -15.01 -8.62
N1N NAD V . 59.02 -15.41 -8.67
C2N NAD V . 58.23 -14.83 -7.73
C3N NAD V . 56.84 -15.10 -7.71
C7N NAD V . 56.03 -14.49 -6.60
O7N NAD V . 54.84 -14.85 -6.46
N7N NAD V . 56.60 -13.54 -5.67
C4N NAD V . 56.28 -15.92 -8.72
C5N NAD V . 57.10 -16.48 -9.74
C6N NAD V . 58.48 -16.18 -9.68
C4 D4J W . 62.68 -23.53 -7.01
C14 D4J W . 55.52 -19.97 -8.02
C5 D4J W . 60.86 -25.62 -6.70
C6 D4J W . 60.89 -24.89 -7.89
C11 D4J W . 59.11 -20.74 -8.85
C7 D4J W . 61.79 -23.83 -8.05
C9 D4J W . 61.00 -22.02 -9.44
C12 D4J W . 57.94 -20.54 -7.87
C3 D4J W . 62.66 -24.26 -5.82
F1 D4J W . 61.72 -26.03 -4.52
C2 D4J W . 61.74 -25.31 -5.67
O8 D4J W . 61.82 -23.09 -9.21
N10 D4J W . 59.95 -21.76 -8.66
N13 D4J W . 56.62 -20.56 -8.57
C15 D4J W . 55.62 -19.25 -6.75
S16 D4J W . 54.15 -18.87 -5.84
C17 D4J W . 53.86 -20.12 -4.61
C18 D4J W . 52.60 -20.24 -3.96
C19 D4J W . 52.42 -21.26 -3.02
C20 D4J W . 53.43 -22.16 -2.75
C21 D4J W . 54.67 -22.06 -3.39
C22 D4J W . 54.88 -21.03 -4.29
CL23 D4J W . 51.28 -19.14 -4.25
C24 D4J W . 56.86 -18.85 -6.35
O25 D4J W . 57.07 -18.21 -5.19
C26 D4J W . 58.09 -19.18 -7.17
O27 D4J W . 54.44 -20.04 -8.58
C28 D4J W . 57.89 -21.67 -6.84
C29 D4J W . 58.41 -21.58 -5.60
S30 D4J W . 58.09 -23.06 -4.71
C31 D4J W . 57.26 -23.76 -6.08
C32 D4J W . 57.26 -22.89 -7.09
C33 D4J W . 59.33 -19.87 -9.92
C34 D4J W . 60.42 -20.11 -10.78
C35 D4J W . 61.26 -21.19 -10.54
PA NAD X . 57.78 -22.71 -30.40
O1A NAD X . 58.77 -23.81 -30.75
O2A NAD X . 58.14 -22.04 -29.10
O5B NAD X . 56.35 -23.33 -30.28
C5B NAD X . 55.82 -24.20 -31.21
C4B NAD X . 54.79 -25.02 -30.64
O4B NAD X . 54.11 -25.73 -31.62
C3B NAD X . 55.42 -26.00 -29.71
O3B NAD X . 54.86 -25.85 -28.43
C2B NAD X . 55.16 -27.25 -30.31
O2B NAD X . 54.99 -28.34 -29.47
C1B NAD X . 53.90 -26.98 -31.05
N9A NAD X . 53.56 -27.97 -32.04
C8A NAD X . 54.40 -28.56 -32.91
N7A NAD X . 53.72 -29.46 -33.65
C5A NAD X . 52.43 -29.42 -33.25
C6A NAD X . 51.26 -30.07 -33.63
N6A NAD X . 51.32 -31.06 -34.70
N1A NAD X . 50.08 -29.78 -33.01
C2A NAD X . 50.03 -28.87 -32.00
N3A NAD X . 51.14 -28.22 -31.62
C4A NAD X . 52.33 -28.47 -32.21
O3 NAD X . 57.83 -21.70 -31.69
PN NAD X . 57.18 -20.23 -31.69
O1N NAD X . 55.91 -20.21 -30.82
O2N NAD X . 58.17 -19.19 -31.23
O5D NAD X . 56.75 -19.93 -33.17
C5D NAD X . 55.88 -20.75 -33.85
C4D NAD X . 55.63 -20.43 -35.23
O4D NAD X . 55.19 -19.04 -35.37
C3D NAD X . 56.82 -20.60 -36.09
O3D NAD X . 56.45 -21.22 -37.28
C2D NAD X . 57.30 -19.23 -36.27
O2D NAD X . 58.11 -19.08 -37.34
C1D NAD X . 56.03 -18.46 -36.35
N1N NAD X . 56.14 -17.00 -36.23
C2N NAD X . 55.39 -16.25 -37.09
C3N NAD X . 55.38 -14.85 -37.03
C7N NAD X . 54.59 -14.03 -38.02
O7N NAD X . 53.78 -14.57 -38.80
N7N NAD X . 54.79 -12.62 -38.08
C4N NAD X . 56.13 -14.21 -36.04
C5N NAD X . 56.85 -14.99 -35.11
C6N NAD X . 56.85 -16.39 -35.22
S SO4 Y . 45.27 2.59 -40.51
O1 SO4 Y . 44.05 2.41 -41.34
O2 SO4 Y . 45.02 3.58 -39.45
O3 SO4 Y . 46.41 3.06 -41.32
O4 SO4 Y . 45.59 1.31 -39.89
C LAC Z . 58.61 -12.35 -37.48
CA LAC Z . 59.05 -13.72 -37.94
CB LAC Z . 59.56 -14.68 -36.87
O LAC Z . 58.39 -11.49 -38.37
OHN LAC Z . 58.03 -14.33 -38.74
OXT LAC Z . 58.53 -12.11 -36.25
PA NAD AA . 12.68 10.12 -18.87
O1A NAD AA . 11.27 10.65 -18.74
O2A NAD AA . 13.73 11.21 -19.07
O5B NAD AA . 12.73 9.12 -20.07
C5B NAD AA . 11.74 8.25 -20.38
C4B NAD AA . 11.71 7.91 -21.78
O4B NAD AA . 10.82 6.85 -22.00
C3B NAD AA . 11.23 9.08 -22.56
O3B NAD AA . 12.19 9.43 -23.51
C2B NAD AA . 9.99 8.65 -23.07
O2B NAD AA . 9.61 9.18 -24.30
C1B NAD AA . 10.18 7.18 -23.19
N9A NAD AA . 8.97 6.42 -23.37
C8A NAD AA . 7.78 6.63 -22.77
N7A NAD AA . 6.89 5.73 -23.23
C5A NAD AA . 7.51 4.95 -24.14
C6A NAD AA . 7.12 3.86 -24.96
N6A NAD AA . 5.78 3.33 -24.93
N1A NAD AA . 8.03 3.27 -25.79
C2A NAD AA . 9.31 3.75 -25.84
N3A NAD AA . 9.71 4.79 -25.07
C4A NAD AA . 8.84 5.40 -24.22
O3 NAD AA . 12.92 9.27 -17.53
PN NAD AA . 14.33 8.68 -17.02
O1N NAD AA . 14.87 9.74 -16.06
O2N NAD AA . 15.31 8.34 -18.13
O5D NAD AA . 14.02 7.38 -16.23
C5D NAD AA . 13.24 6.37 -16.78
C4D NAD AA . 12.80 5.32 -15.90
O4D NAD AA . 13.95 4.77 -15.17
C3D NAD AA . 11.85 5.80 -14.86
O3D NAD AA . 10.84 4.86 -14.70
C2D NAD AA . 12.69 5.93 -13.64
O2D NAD AA . 11.99 5.90 -12.48
C1D NAD AA . 13.66 4.80 -13.80
N1N NAD AA . 14.84 4.85 -12.93
C2N NAD AA . 15.19 3.67 -12.37
C3N NAD AA . 16.34 3.58 -11.56
C7N NAD AA . 16.64 2.27 -10.88
O7N NAD AA . 16.00 1.21 -11.16
N7N NAD AA . 17.64 2.24 -9.88
C4N NAD AA . 17.17 4.72 -11.40
C5N NAD AA . 16.83 5.95 -12.04
C6N NAD AA . 15.66 5.95 -12.83
C4 D4J BA . 9.59 10.07 -8.20
C14 D4J BA . 16.59 7.09 -8.05
C5 D4J BA . 10.25 12.05 -6.33
C6 D4J BA . 10.76 12.11 -7.64
C11 D4J BA . 13.73 8.85 -9.69
C7 D4J BA . 10.44 11.12 -8.59
C9 D4J BA . 12.07 10.46 -10.24
C12 D4J BA . 14.32 7.90 -8.63
C3 D4J BA . 9.09 10.00 -6.91
F1 D4J BA . 8.91 10.93 -4.72
C2 D4J BA . 9.41 10.99 -5.97
O8 D4J BA . 10.96 11.18 -9.86
N10 D4J BA . 12.67 9.60 -9.39
N13 D4J BA . 15.78 8.09 -8.51
C15 D4J BA . 16.04 5.77 -7.74
S16 D4J BA . 17.00 4.66 -6.74
C17 D4J BA . 16.46 4.86 -5.06
C18 D4J BA . 17.22 4.33 -3.99
C19 D4J BA . 16.79 4.51 -2.67
C20 D4J BA . 15.63 5.24 -2.41
C21 D4J BA . 14.86 5.74 -3.45
C22 D4J BA . 15.25 5.55 -4.77
CL23 D4J BA . 18.70 3.44 -4.30
C24 D4J BA . 14.83 5.44 -8.24
O25 D4J BA . 14.26 4.26 -7.98
C26 D4J BA . 14.04 6.45 -9.06
O27 D4J BA . 17.78 7.27 -7.91
C28 D4J BA . 13.75 8.17 -7.23
C29 D4J BA . 12.76 7.46 -6.64
S30 D4J BA . 12.42 8.07 -5.02
C31 D4J BA . 13.66 9.30 -5.20
C32 D4J BA . 14.23 9.19 -6.42
C33 D4J BA . 14.28 8.95 -10.98
C34 D4J BA . 13.71 9.84 -11.89
C35 D4J BA . 12.60 10.60 -11.52
PA NAD CA . 24.74 24.05 -21.01
O1A NAD CA . 23.87 25.31 -20.92
O2A NAD CA . 23.91 22.80 -20.80
O5B NAD CA . 25.85 24.14 -19.89
C5B NAD CA . 26.58 25.28 -19.63
C4B NAD CA . 27.08 25.33 -18.28
O4B NAD CA . 28.00 26.37 -18.12
C3B NAD CA . 25.94 25.58 -17.36
O3B NAD CA . 25.85 24.55 -16.41
C2B NAD CA . 26.23 26.85 -16.80
O2B NAD CA . 25.79 27.09 -15.52
C1B NAD CA . 27.71 26.87 -16.86
N9A NAD CA . 28.28 28.18 -16.68
C8A NAD CA . 27.85 29.33 -17.21
N7A NAD CA . 28.64 30.34 -16.79
C5A NAD CA . 29.60 29.82 -16.00
C6A NAD CA . 30.69 30.33 -15.29
N6A NAD CA . 30.97 31.76 -15.34
N1A NAD CA . 31.48 29.49 -14.56
C2A NAD CA . 31.22 28.16 -14.51
N3A NAD CA . 30.18 27.63 -15.18
C4A NAD CA . 29.36 28.43 -15.92
O3 NAD CA . 25.46 24.11 -22.44
PN NAD CA . 26.27 22.88 -23.09
O1N NAD CA . 27.00 22.09 -21.98
O2N NAD CA . 25.35 21.99 -23.88
O5D NAD CA . 27.35 23.52 -24.03
C5D NAD CA . 28.29 24.40 -23.52
C4D NAD CA . 29.20 24.99 -24.46
O4D NAD CA . 29.89 23.97 -25.27
C3D NAD CA . 28.51 25.89 -25.41
O3D NAD CA . 29.28 27.02 -25.60
C2D NAD CA . 28.40 25.07 -26.64
O2D NAD CA . 28.20 25.79 -27.76
C1D NAD CA . 29.69 24.31 -26.61
N1N NAD CA . 29.79 23.18 -27.54
C2N NAD CA . 30.95 23.03 -28.23
C3N NAD CA . 31.17 21.96 -29.09
C7N NAD CA . 32.45 21.86 -29.90
O7N NAD CA . 32.55 20.98 -30.77
N7N NAD CA . 33.51 22.76 -29.67
C4N NAD CA . 30.18 20.98 -29.21
C5N NAD CA . 29.01 21.11 -28.44
C6N NAD CA . 28.82 22.22 -27.61
C LAC DA . 29.01 20.92 -32.57
CA LAC DA . 28.62 22.30 -32.07
CB LAC DA . 27.45 22.36 -31.06
O LAC DA . 28.71 19.88 -31.91
OHN LAC DA . 29.75 23.00 -31.58
OXT LAC DA . 29.60 20.86 -33.68
#